data_1L1P
#
_entry.id   1L1P
#
_entity_poly.entity_id   1
_entity_poly.type   'polypeptide(L)'
_entity_poly.pdbx_seq_one_letter_code
;GSHMQATWKEKDGAVEAEDRVTIDFTGSVDGEEFEGGKASDFVLAMGQGRMIPGFEDGIKGHKAGEEFTIDVTFPEEYHA
ENLKGKAAKFAINLKKVEERELPELT
;
_entity_poly.pdbx_strand_id   A
#
# COMPACT_ATOMS: atom_id res chain seq x y z
N GLY A 1 -2.19 -19.08 -17.35
CA GLY A 1 -3.41 -18.58 -16.65
C GLY A 1 -3.78 -17.17 -17.07
N SER A 2 -4.23 -17.02 -18.31
CA SER A 2 -4.61 -15.72 -18.83
C SER A 2 -6.08 -15.43 -18.55
N HIS A 3 -6.32 -14.43 -17.69
CA HIS A 3 -7.69 -14.05 -17.33
C HIS A 3 -7.75 -12.59 -16.91
N MET A 4 -7.00 -12.24 -15.87
CA MET A 4 -6.96 -10.87 -15.37
C MET A 4 -8.36 -10.42 -14.93
N GLN A 5 -8.65 -10.60 -13.65
CA GLN A 5 -9.95 -10.21 -13.11
C GLN A 5 -10.07 -8.70 -13.00
N ALA A 6 -9.15 -8.09 -12.25
CA ALA A 6 -9.15 -6.64 -12.06
C ALA A 6 -8.65 -5.92 -13.31
N THR A 7 -9.13 -4.69 -13.50
CA THR A 7 -8.72 -3.89 -14.65
C THR A 7 -7.75 -2.80 -14.24
N TRP A 8 -6.67 -2.64 -15.01
CA TRP A 8 -5.66 -1.64 -14.72
C TRP A 8 -5.15 -0.98 -16.00
N LYS A 9 -4.71 0.27 -15.88
CA LYS A 9 -4.18 1.03 -17.01
C LYS A 9 -3.10 1.99 -16.53
N GLU A 10 -2.33 1.55 -15.53
CA GLU A 10 -1.28 2.39 -14.97
C GLU A 10 -0.07 2.49 -15.91
N LYS A 11 0.42 3.72 -16.07
CA LYS A 11 1.57 3.99 -16.92
C LYS A 11 2.85 3.41 -16.31
N ASP A 12 4.02 3.99 -16.62
CA ASP A 12 5.28 3.51 -16.09
C ASP A 12 6.11 4.63 -15.46
N GLY A 13 5.43 5.68 -15.01
CA GLY A 13 6.13 6.80 -14.40
C GLY A 13 6.01 6.85 -12.90
N ALA A 14 6.21 8.04 -12.33
CA ALA A 14 6.15 8.23 -10.88
C ALA A 14 4.72 8.13 -10.35
N VAL A 15 4.56 8.40 -9.05
CA VAL A 15 3.25 8.41 -8.41
C VAL A 15 2.39 9.56 -8.92
N GLU A 16 1.08 9.36 -8.94
CA GLU A 16 0.15 10.40 -9.35
C GLU A 16 -1.04 10.45 -8.40
N ALA A 17 -1.78 11.55 -8.45
CA ALA A 17 -2.93 11.77 -7.56
C ALA A 17 -3.47 10.47 -6.96
N GLU A 18 -4.16 9.65 -7.76
CA GLU A 18 -4.73 8.41 -7.26
C GLU A 18 -4.15 7.17 -7.96
N ASP A 19 -2.89 6.87 -7.65
CA ASP A 19 -2.18 5.74 -8.26
C ASP A 19 -2.14 4.51 -7.35
N ARG A 20 -1.39 3.49 -7.80
CA ARG A 20 -1.22 2.25 -7.04
C ARG A 20 0.22 1.75 -7.15
N VAL A 21 0.94 1.78 -6.03
CA VAL A 21 2.32 1.32 -5.98
C VAL A 21 2.43 -0.15 -5.55
N THR A 22 3.62 -0.73 -5.74
CA THR A 22 3.88 -2.09 -5.32
C THR A 22 4.99 -2.08 -4.28
N ILE A 23 4.66 -2.42 -3.04
CA ILE A 23 5.65 -2.39 -1.96
C ILE A 23 5.70 -3.67 -1.15
N ASP A 24 6.88 -3.97 -0.62
CA ASP A 24 7.11 -5.13 0.24
C ASP A 24 7.60 -4.63 1.59
N PHE A 25 6.93 -5.02 2.68
CA PHE A 25 7.34 -4.54 4.00
C PHE A 25 7.23 -5.61 5.07
N THR A 26 7.79 -5.30 6.24
CA THR A 26 7.77 -6.20 7.38
C THR A 26 7.83 -5.42 8.69
N GLY A 27 6.77 -5.51 9.48
CA GLY A 27 6.74 -4.79 10.74
C GLY A 27 5.80 -5.41 11.76
N SER A 28 5.86 -4.88 12.98
CA SER A 28 5.03 -5.37 14.09
C SER A 28 3.98 -4.34 14.48
N VAL A 29 3.17 -4.68 15.47
CA VAL A 29 2.13 -3.80 15.98
C VAL A 29 2.46 -3.35 17.40
N ASP A 30 2.14 -4.16 18.40
CA ASP A 30 2.45 -3.84 19.78
C ASP A 30 3.76 -4.50 20.18
N GLY A 31 4.72 -4.50 19.25
CA GLY A 31 6.01 -5.11 19.49
C GLY A 31 6.10 -6.53 18.93
N GLU A 32 4.99 -7.03 18.38
CA GLU A 32 4.95 -8.37 17.81
C GLU A 32 4.23 -8.37 16.46
N GLU A 33 4.97 -8.70 15.40
CA GLU A 33 4.42 -8.75 14.05
C GLU A 33 3.26 -9.72 13.96
N PHE A 34 2.11 -9.19 13.63
CA PHE A 34 0.87 -9.97 13.52
C PHE A 34 0.74 -10.65 12.16
N GLU A 35 -0.45 -10.54 11.57
CA GLU A 35 -0.74 -11.13 10.26
C GLU A 35 0.00 -10.39 9.16
N GLY A 36 -0.31 -9.09 9.02
CA GLY A 36 0.32 -8.29 7.99
C GLY A 36 1.70 -7.81 8.36
N GLY A 37 2.28 -8.38 9.41
CA GLY A 37 3.61 -7.99 9.83
C GLY A 37 4.64 -8.20 8.74
N LYS A 38 4.25 -8.83 7.63
CA LYS A 38 5.16 -9.07 6.52
C LYS A 38 4.41 -9.11 5.19
N ALA A 39 4.80 -8.22 4.29
CA ALA A 39 4.19 -8.13 2.98
C ALA A 39 5.25 -8.05 1.89
N SER A 40 4.98 -8.63 0.74
CA SER A 40 5.93 -8.62 -0.35
C SER A 40 5.39 -7.83 -1.55
N ASP A 41 4.26 -8.28 -2.08
CA ASP A 41 3.60 -7.60 -3.17
C ASP A 41 2.42 -6.84 -2.61
N PHE A 42 2.68 -5.77 -1.88
CA PHE A 42 1.60 -4.98 -1.30
C PHE A 42 1.21 -3.86 -2.25
N VAL A 43 0.04 -4.01 -2.86
CA VAL A 43 -0.45 -3.03 -3.81
C VAL A 43 -1.16 -1.88 -3.09
N LEU A 44 -0.45 -0.77 -2.93
CA LEU A 44 -1.00 0.39 -2.26
C LEU A 44 -1.60 1.39 -3.24
N ALA A 45 -2.77 1.91 -2.89
CA ALA A 45 -3.46 2.89 -3.72
C ALA A 45 -3.19 4.30 -3.20
N MET A 46 -2.32 5.03 -3.90
CA MET A 46 -1.97 6.39 -3.50
C MET A 46 -3.16 7.34 -3.59
N GLY A 47 -3.88 7.49 -2.48
CA GLY A 47 -5.02 8.38 -2.43
C GLY A 47 -6.33 7.65 -2.66
N GLN A 48 -6.36 6.37 -2.36
CA GLN A 48 -7.57 5.56 -2.53
C GLN A 48 -7.86 4.77 -1.27
N GLY A 49 -6.90 3.96 -0.84
CA GLY A 49 -7.08 3.17 0.36
C GLY A 49 -6.66 3.93 1.60
N ARG A 50 -7.26 5.12 1.78
CA ARG A 50 -6.97 5.97 2.92
C ARG A 50 -5.47 6.01 3.23
N MET A 51 -4.68 6.36 2.22
CA MET A 51 -3.22 6.45 2.39
C MET A 51 -2.91 7.32 3.60
N ILE A 52 -2.72 6.67 4.74
CA ILE A 52 -2.44 7.37 6.00
C ILE A 52 -1.06 8.03 6.01
N PRO A 53 -0.79 8.91 6.99
CA PRO A 53 0.48 9.61 7.11
C PRO A 53 1.67 8.65 7.03
N GLY A 54 1.41 7.39 7.35
CA GLY A 54 2.46 6.39 7.30
C GLY A 54 2.79 5.97 5.89
N PHE A 55 1.78 5.45 5.17
CA PHE A 55 1.99 5.02 3.81
C PHE A 55 2.24 6.19 2.88
N GLU A 56 1.48 7.26 3.05
CA GLU A 56 1.64 8.44 2.22
C GLU A 56 3.05 9.01 2.34
N ASP A 57 3.76 8.62 3.41
CA ASP A 57 5.12 9.08 3.64
C ASP A 57 6.13 8.32 2.78
N GLY A 58 6.45 7.10 3.19
CA GLY A 58 7.42 6.31 2.47
C GLY A 58 6.92 5.87 1.12
N ILE A 59 5.74 5.25 1.13
CA ILE A 59 5.12 4.76 -0.08
C ILE A 59 4.46 5.89 -0.84
N LYS A 60 5.18 7.00 -0.87
CA LYS A 60 4.74 8.15 -1.65
C LYS A 60 4.43 7.63 -3.04
N GLY A 61 5.44 6.96 -3.58
CA GLY A 61 5.37 6.40 -4.91
C GLY A 61 6.30 7.18 -5.82
N HIS A 62 7.48 7.44 -5.28
CA HIS A 62 8.51 8.21 -5.99
C HIS A 62 9.84 7.46 -6.08
N LYS A 63 10.02 6.45 -5.24
CA LYS A 63 11.27 5.69 -5.25
C LYS A 63 11.03 4.22 -5.59
N ALA A 64 10.88 3.93 -6.88
CA ALA A 64 10.68 2.57 -7.34
C ALA A 64 11.86 1.67 -6.95
N GLY A 65 11.71 0.94 -5.85
CA GLY A 65 12.77 0.05 -5.40
C GLY A 65 13.54 0.61 -4.21
N GLU A 66 12.84 1.33 -3.36
CA GLU A 66 13.44 1.93 -2.18
C GLU A 66 13.19 1.09 -0.94
N GLU A 67 13.96 1.34 0.12
CA GLU A 67 13.81 0.62 1.38
C GLU A 67 13.72 1.60 2.53
N PHE A 68 12.50 1.76 3.07
CA PHE A 68 12.27 2.71 4.16
C PHE A 68 11.37 2.12 5.24
N THR A 69 11.32 2.79 6.38
CA THR A 69 10.51 2.33 7.51
C THR A 69 9.58 3.43 8.00
N ILE A 70 8.27 3.15 8.04
CA ILE A 70 7.31 4.14 8.50
C ILE A 70 6.33 3.54 9.48
N ASP A 71 5.59 4.40 10.17
CA ASP A 71 4.58 3.95 11.11
C ASP A 71 3.23 3.92 10.41
N VAL A 72 2.36 2.99 10.79
CA VAL A 72 1.04 2.92 10.18
C VAL A 72 -0.02 2.46 11.18
N THR A 73 -1.14 3.16 11.20
CA THR A 73 -2.25 2.82 12.08
C THR A 73 -3.55 3.17 11.36
N PHE A 74 -4.44 2.20 11.24
CA PHE A 74 -5.71 2.43 10.56
C PHE A 74 -6.75 3.02 11.50
N PRO A 75 -7.54 4.00 11.01
CA PRO A 75 -8.58 4.66 11.82
C PRO A 75 -9.72 3.71 12.19
N GLU A 76 -10.74 4.28 12.86
CA GLU A 76 -11.89 3.51 13.28
C GLU A 76 -12.84 3.22 12.12
N GLU A 77 -12.70 4.00 11.05
CA GLU A 77 -13.55 3.81 9.88
C GLU A 77 -12.94 2.75 8.96
N TYR A 78 -11.61 2.76 8.86
CA TYR A 78 -10.90 1.78 8.05
C TYR A 78 -10.85 0.44 8.76
N HIS A 79 -12.01 -0.12 9.07
CA HIS A 79 -12.05 -1.40 9.75
C HIS A 79 -12.31 -2.54 8.79
N ALA A 80 -11.29 -2.93 8.05
CA ALA A 80 -11.40 -4.02 7.09
C ALA A 80 -11.29 -5.36 7.80
N GLU A 81 -12.14 -6.29 7.43
CA GLU A 81 -12.14 -7.62 8.04
C GLU A 81 -10.75 -8.26 8.05
N ASN A 82 -9.85 -7.76 7.21
CA ASN A 82 -8.50 -8.31 7.13
C ASN A 82 -7.50 -7.59 8.03
N LEU A 83 -7.55 -6.26 8.06
CA LEU A 83 -6.59 -5.51 8.87
C LEU A 83 -7.23 -4.38 9.69
N LYS A 84 -8.55 -4.40 9.80
CA LYS A 84 -9.30 -3.38 10.55
C LYS A 84 -8.56 -2.88 11.79
N GLY A 85 -8.59 -1.56 11.99
CA GLY A 85 -7.94 -0.93 13.15
C GLY A 85 -6.55 -1.48 13.44
N LYS A 86 -5.70 -1.52 12.43
CA LYS A 86 -4.34 -2.04 12.58
C LYS A 86 -3.33 -0.95 12.96
N ALA A 87 -3.24 -0.68 14.26
CA ALA A 87 -2.27 0.30 14.76
C ALA A 87 -0.92 -0.38 14.92
N ALA A 88 -0.09 -0.32 13.88
CA ALA A 88 1.21 -0.99 13.93
C ALA A 88 2.36 -0.15 13.36
N LYS A 89 3.47 -0.84 13.16
CA LYS A 89 4.69 -0.26 12.61
C LYS A 89 5.15 -1.14 11.46
N PHE A 90 5.66 -0.53 10.38
CA PHE A 90 6.14 -1.32 9.23
C PHE A 90 7.46 -0.79 8.70
N ALA A 91 8.21 -1.66 8.03
CA ALA A 91 9.44 -1.29 7.38
C ALA A 91 9.25 -1.71 5.94
N ILE A 92 8.98 -0.74 5.09
CA ILE A 92 8.64 -1.00 3.70
C ILE A 92 9.75 -0.75 2.69
N ASN A 93 9.56 -1.34 1.51
CA ASN A 93 10.46 -1.20 0.39
C ASN A 93 9.64 -0.97 -0.88
N LEU A 94 9.61 0.28 -1.35
CA LEU A 94 8.83 0.63 -2.55
C LEU A 94 9.38 -0.03 -3.80
N LYS A 95 8.51 -0.19 -4.82
CA LYS A 95 8.93 -0.81 -6.06
C LYS A 95 8.13 -0.25 -7.26
N LYS A 96 7.21 -1.04 -7.80
CA LYS A 96 6.44 -0.61 -8.97
C LYS A 96 5.40 0.43 -8.63
N VAL A 97 5.69 1.69 -8.96
CA VAL A 97 4.78 2.80 -8.75
C VAL A 97 4.29 3.32 -10.10
N GLU A 98 3.03 3.07 -10.42
CA GLU A 98 2.45 3.52 -11.69
C GLU A 98 1.18 4.33 -11.47
N GLU A 99 0.58 4.79 -12.57
CA GLU A 99 -0.65 5.61 -12.48
C GLU A 99 -1.89 4.80 -12.82
N ARG A 100 -2.43 4.11 -11.82
CA ARG A 100 -3.64 3.32 -12.00
C ARG A 100 -4.86 4.22 -12.18
N GLU A 101 -5.78 3.79 -13.03
CA GLU A 101 -7.00 4.55 -13.28
C GLU A 101 -8.15 3.60 -13.63
N LEU A 102 -8.77 3.01 -12.62
CA LEU A 102 -9.87 2.09 -12.84
C LEU A 102 -11.14 2.84 -13.24
N PRO A 103 -11.58 3.81 -12.42
CA PRO A 103 -12.77 4.59 -12.70
C PRO A 103 -12.52 5.68 -13.74
N GLU A 104 -13.47 5.87 -14.64
CA GLU A 104 -13.34 6.88 -15.68
C GLU A 104 -13.42 8.28 -15.09
N LEU A 105 -12.36 9.06 -15.29
CA LEU A 105 -12.31 10.42 -14.78
C LEU A 105 -12.57 11.44 -15.88
N THR A 106 -13.78 11.99 -15.89
CA THR A 106 -14.16 12.97 -16.90
C THR A 106 -13.92 14.39 -16.38
N GLY A 1 -16.20 -18.98 -4.97
CA GLY A 1 -15.59 -18.44 -6.20
C GLY A 1 -14.20 -19.02 -6.47
N SER A 2 -13.55 -18.52 -7.51
CA SER A 2 -12.21 -19.00 -7.86
C SER A 2 -11.53 -18.03 -8.83
N HIS A 3 -10.24 -17.82 -8.63
CA HIS A 3 -9.47 -16.92 -9.48
C HIS A 3 -10.03 -15.50 -9.40
N MET A 4 -9.20 -14.53 -9.80
CA MET A 4 -9.62 -13.13 -9.77
C MET A 4 -8.77 -12.29 -10.72
N GLN A 5 -9.27 -12.10 -11.94
CA GLN A 5 -8.56 -11.33 -12.95
C GLN A 5 -8.95 -9.85 -12.88
N ALA A 6 -8.10 -9.04 -12.27
CA ALA A 6 -8.35 -7.61 -12.14
C ALA A 6 -7.88 -6.85 -13.38
N THR A 7 -8.37 -5.63 -13.53
CA THR A 7 -7.99 -4.79 -14.68
C THR A 7 -7.21 -3.56 -14.23
N TRP A 8 -6.15 -3.25 -14.96
CA TRP A 8 -5.32 -2.09 -14.64
C TRP A 8 -4.83 -1.40 -15.91
N LYS A 9 -4.42 -0.14 -15.76
CA LYS A 9 -3.90 0.64 -16.87
C LYS A 9 -2.83 1.60 -16.37
N GLU A 10 -2.01 1.13 -15.44
CA GLU A 10 -0.96 1.96 -14.85
C GLU A 10 0.19 2.20 -15.83
N LYS A 11 0.59 3.47 -15.93
CA LYS A 11 1.69 3.86 -16.81
C LYS A 11 3.01 3.33 -16.26
N ASP A 12 4.13 3.96 -16.63
CA ASP A 12 5.44 3.53 -16.15
C ASP A 12 6.22 4.69 -15.53
N GLY A 13 5.50 5.74 -15.13
CA GLY A 13 6.15 6.89 -14.53
C GLY A 13 6.07 6.89 -13.02
N ALA A 14 6.29 8.04 -12.41
CA ALA A 14 6.24 8.18 -10.96
C ALA A 14 4.82 8.03 -10.42
N VAL A 15 4.65 8.29 -9.13
CA VAL A 15 3.34 8.25 -8.50
C VAL A 15 2.46 9.38 -9.01
N GLU A 16 1.14 9.17 -9.01
CA GLU A 16 0.21 10.20 -9.43
C GLU A 16 -0.97 10.27 -8.46
N ALA A 17 -1.70 11.38 -8.52
CA ALA A 17 -2.83 11.64 -7.62
C ALA A 17 -3.38 10.35 -6.99
N GLU A 18 -4.08 9.53 -7.77
CA GLU A 18 -4.66 8.30 -7.23
C GLU A 18 -4.08 7.05 -7.92
N ASP A 19 -2.82 6.75 -7.60
CA ASP A 19 -2.12 5.61 -8.21
C ASP A 19 -2.10 4.38 -7.29
N ARG A 20 -1.33 3.37 -7.72
CA ARG A 20 -1.16 2.12 -6.98
C ARG A 20 0.27 1.60 -7.15
N VAL A 21 1.07 1.66 -6.08
CA VAL A 21 2.46 1.18 -6.13
C VAL A 21 2.56 -0.27 -5.65
N THR A 22 3.77 -0.84 -5.78
CA THR A 22 4.03 -2.21 -5.32
C THR A 22 5.13 -2.17 -4.26
N ILE A 23 4.80 -2.53 -3.03
CA ILE A 23 5.78 -2.48 -1.96
C ILE A 23 5.86 -3.77 -1.15
N ASP A 24 7.03 -3.99 -0.56
CA ASP A 24 7.29 -5.13 0.30
C ASP A 24 7.74 -4.61 1.66
N PHE A 25 7.08 -5.02 2.74
CA PHE A 25 7.44 -4.51 4.06
C PHE A 25 7.35 -5.57 5.15
N THR A 26 7.94 -5.24 6.30
CA THR A 26 7.94 -6.12 7.46
C THR A 26 7.91 -5.33 8.76
N GLY A 27 6.85 -5.52 9.55
CA GLY A 27 6.73 -4.80 10.81
C GLY A 27 5.72 -5.41 11.76
N SER A 28 5.79 -5.02 13.02
CA SER A 28 4.89 -5.54 14.06
C SER A 28 3.90 -4.47 14.51
N VAL A 29 2.89 -4.89 15.28
CA VAL A 29 1.88 -3.99 15.79
C VAL A 29 2.16 -3.64 17.26
N ASP A 30 1.78 -4.52 18.19
CA ASP A 30 2.03 -4.28 19.60
C ASP A 30 3.32 -4.96 20.05
N GLY A 31 4.32 -4.94 19.17
CA GLY A 31 5.60 -5.57 19.50
C GLY A 31 5.70 -6.98 18.95
N GLU A 32 4.61 -7.47 18.35
CA GLU A 32 4.58 -8.80 17.78
C GLU A 32 3.93 -8.77 16.39
N GLU A 33 4.74 -9.01 15.37
CA GLU A 33 4.27 -9.00 14.00
C GLU A 33 3.13 -9.97 13.81
N PHE A 34 1.97 -9.43 13.46
CA PHE A 34 0.76 -10.23 13.27
C PHE A 34 0.70 -10.88 11.90
N GLU A 35 -0.47 -10.82 11.27
CA GLU A 35 -0.68 -11.39 9.95
C GLU A 35 0.07 -10.57 8.89
N GLY A 36 -0.24 -9.28 8.84
CA GLY A 36 0.42 -8.39 7.88
C GLY A 36 1.79 -7.95 8.32
N GLY A 37 2.34 -8.62 9.33
CA GLY A 37 3.66 -8.27 9.81
C GLY A 37 4.73 -8.42 8.75
N LYS A 38 4.38 -9.03 7.62
CA LYS A 38 5.30 -9.23 6.53
C LYS A 38 4.57 -9.21 5.20
N ALA A 39 5.02 -8.34 4.31
CA ALA A 39 4.42 -8.21 2.99
C ALA A 39 5.50 -8.10 1.93
N SER A 40 5.25 -8.67 0.76
CA SER A 40 6.21 -8.63 -0.33
C SER A 40 5.66 -7.85 -1.52
N ASP A 41 4.57 -8.33 -2.08
CA ASP A 41 3.90 -7.65 -3.17
C ASP A 41 2.68 -6.94 -2.63
N PHE A 42 2.89 -5.89 -1.86
CA PHE A 42 1.77 -5.15 -1.29
C PHE A 42 1.37 -4.00 -2.22
N VAL A 43 0.25 -4.15 -2.88
CA VAL A 43 -0.25 -3.14 -3.80
C VAL A 43 -0.95 -2.02 -3.04
N LEU A 44 -0.24 -0.91 -2.86
CA LEU A 44 -0.78 0.24 -2.14
C LEU A 44 -1.44 1.22 -3.10
N ALA A 45 -2.61 1.69 -2.74
CA ALA A 45 -3.34 2.65 -3.56
C ALA A 45 -3.11 4.07 -3.09
N MET A 46 -2.29 4.81 -3.83
CA MET A 46 -1.98 6.19 -3.48
C MET A 46 -3.20 7.09 -3.59
N GLY A 47 -4.00 7.13 -2.53
CA GLY A 47 -5.19 7.95 -2.51
C GLY A 47 -6.43 7.24 -3.02
N GLN A 48 -6.85 6.21 -2.29
CA GLN A 48 -8.04 5.45 -2.67
C GLN A 48 -9.07 5.49 -1.54
N GLY A 49 -8.70 4.94 -0.40
CA GLY A 49 -9.58 4.93 0.74
C GLY A 49 -9.26 6.04 1.71
N ARG A 50 -8.00 6.10 2.14
CA ARG A 50 -7.54 7.14 3.07
C ARG A 50 -6.09 6.93 3.46
N MET A 51 -5.20 7.10 2.48
CA MET A 51 -3.76 6.92 2.73
C MET A 51 -3.33 7.68 3.98
N ILE A 52 -3.00 6.93 5.03
CA ILE A 52 -2.56 7.52 6.29
C ILE A 52 -1.19 8.15 6.12
N PRO A 53 -0.80 9.06 7.02
CA PRO A 53 0.51 9.72 6.97
C PRO A 53 1.64 8.70 6.92
N GLY A 54 1.35 7.50 7.39
CA GLY A 54 2.35 6.44 7.40
C GLY A 54 2.70 5.97 5.99
N PHE A 55 1.72 5.39 5.30
CA PHE A 55 1.94 4.90 3.96
C PHE A 55 2.11 6.07 3.01
N GLU A 56 1.23 7.06 3.14
CA GLU A 56 1.26 8.23 2.28
C GLU A 56 2.65 8.87 2.29
N ASP A 57 3.41 8.64 3.35
CA ASP A 57 4.75 9.20 3.47
C ASP A 57 5.77 8.39 2.68
N GLY A 58 6.13 7.21 3.20
CA GLY A 58 7.11 6.37 2.53
C GLY A 58 6.66 5.90 1.18
N ILE A 59 5.55 5.19 1.16
CA ILE A 59 4.97 4.67 -0.07
C ILE A 59 4.31 5.77 -0.87
N LYS A 60 4.97 6.91 -0.85
CA LYS A 60 4.51 8.04 -1.64
C LYS A 60 4.30 7.53 -3.05
N GLY A 61 5.36 6.89 -3.54
CA GLY A 61 5.40 6.35 -4.89
C GLY A 61 6.33 7.15 -5.74
N HIS A 62 7.42 7.59 -5.12
CA HIS A 62 8.43 8.40 -5.80
C HIS A 62 9.82 7.79 -5.71
N LYS A 63 9.88 6.50 -5.37
CA LYS A 63 11.14 5.79 -5.27
C LYS A 63 10.98 4.33 -5.70
N ALA A 64 10.94 4.10 -7.00
CA ALA A 64 10.81 2.74 -7.53
C ALA A 64 11.97 1.85 -7.09
N GLY A 65 11.74 1.06 -6.04
CA GLY A 65 12.78 0.15 -5.56
C GLY A 65 13.54 0.71 -4.38
N GLU A 66 12.84 1.44 -3.51
CA GLU A 66 13.46 2.02 -2.32
C GLU A 66 13.20 1.17 -1.08
N GLU A 67 13.98 1.41 -0.03
CA GLU A 67 13.82 0.70 1.23
C GLU A 67 13.71 1.69 2.38
N PHE A 68 12.49 1.87 2.90
CA PHE A 68 12.24 2.81 3.98
C PHE A 68 11.35 2.21 5.06
N THR A 69 11.28 2.87 6.20
CA THR A 69 10.45 2.42 7.30
C THR A 69 9.53 3.52 7.78
N ILE A 70 8.23 3.23 7.89
CA ILE A 70 7.27 4.22 8.34
C ILE A 70 6.33 3.65 9.37
N ASP A 71 5.58 4.53 10.02
CA ASP A 71 4.61 4.11 11.01
C ASP A 71 3.27 3.94 10.33
N VAL A 72 2.46 3.01 10.78
CA VAL A 72 1.14 2.80 10.18
C VAL A 72 0.12 2.38 11.22
N THR A 73 -1.01 3.06 11.23
CA THR A 73 -2.10 2.76 12.15
C THR A 73 -3.41 3.11 11.48
N PHE A 74 -4.29 2.13 11.37
CA PHE A 74 -5.58 2.33 10.72
C PHE A 74 -6.61 2.89 11.71
N PRO A 75 -7.35 3.95 11.31
CA PRO A 75 -8.36 4.57 12.15
C PRO A 75 -9.56 3.66 12.41
N GLU A 76 -10.47 4.13 13.26
CA GLU A 76 -11.67 3.37 13.58
C GLU A 76 -12.65 3.35 12.40
N GLU A 77 -12.41 4.21 11.43
CA GLU A 77 -13.27 4.30 10.25
C GLU A 77 -12.83 3.33 9.16
N TYR A 78 -11.52 3.09 9.07
CA TYR A 78 -10.98 2.17 8.06
C TYR A 78 -11.47 0.75 8.36
N HIS A 79 -10.95 0.19 9.44
CA HIS A 79 -11.31 -1.15 9.88
C HIS A 79 -11.54 -2.14 8.73
N ALA A 80 -10.45 -2.60 8.11
CA ALA A 80 -10.53 -3.54 7.02
C ALA A 80 -10.69 -4.96 7.56
N GLU A 81 -11.37 -5.82 6.79
CA GLU A 81 -11.62 -7.20 7.21
C GLU A 81 -10.33 -7.95 7.59
N ASN A 82 -9.21 -7.55 6.99
CA ASN A 82 -7.95 -8.24 7.26
C ASN A 82 -7.09 -7.58 8.35
N LEU A 83 -7.10 -6.25 8.42
CA LEU A 83 -6.28 -5.55 9.40
C LEU A 83 -7.01 -4.42 10.12
N LYS A 84 -8.33 -4.46 10.08
CA LYS A 84 -9.15 -3.43 10.73
C LYS A 84 -8.50 -2.85 12.00
N GLY A 85 -8.41 -1.52 12.05
CA GLY A 85 -7.84 -0.83 13.19
C GLY A 85 -6.54 -1.44 13.68
N LYS A 86 -5.57 -1.58 12.76
CA LYS A 86 -4.28 -2.16 13.11
C LYS A 86 -3.22 -1.09 13.34
N ALA A 87 -3.05 -0.68 14.59
CA ALA A 87 -2.03 0.31 14.93
C ALA A 87 -0.68 -0.39 15.03
N ALA A 88 0.14 -0.29 13.99
CA ALA A 88 1.42 -0.98 13.99
C ALA A 88 2.57 -0.16 13.39
N LYS A 89 3.70 -0.83 13.26
CA LYS A 89 4.91 -0.27 12.69
C LYS A 89 5.31 -1.13 11.50
N PHE A 90 5.77 -0.50 10.42
CA PHE A 90 6.21 -1.26 9.24
C PHE A 90 7.50 -0.71 8.67
N ALA A 91 8.25 -1.57 8.00
CA ALA A 91 9.47 -1.18 7.33
C ALA A 91 9.29 -1.63 5.88
N ILE A 92 9.00 -0.67 5.02
CA ILE A 92 8.66 -0.95 3.64
C ILE A 92 9.78 -0.69 2.62
N ASN A 93 9.61 -1.30 1.46
CA ASN A 93 10.51 -1.15 0.33
C ASN A 93 9.69 -0.94 -0.94
N LEU A 94 9.65 0.31 -1.42
CA LEU A 94 8.87 0.64 -2.61
C LEU A 94 9.44 -0.01 -3.86
N LYS A 95 8.59 -0.21 -4.87
CA LYS A 95 9.02 -0.82 -6.11
C LYS A 95 8.23 -0.26 -7.31
N LYS A 96 7.36 -1.06 -7.90
CA LYS A 96 6.62 -0.64 -9.06
C LYS A 96 5.55 0.39 -8.73
N VAL A 97 5.84 1.65 -9.04
CA VAL A 97 4.91 2.76 -8.81
C VAL A 97 4.42 3.29 -10.15
N GLU A 98 3.16 2.99 -10.49
CA GLU A 98 2.57 3.43 -11.74
C GLU A 98 1.26 4.19 -11.48
N GLU A 99 0.55 4.56 -12.55
CA GLU A 99 -0.70 5.29 -12.41
C GLU A 99 -1.93 4.45 -12.76
N ARG A 100 -2.45 3.77 -11.76
CA ARG A 100 -3.63 2.93 -11.94
C ARG A 100 -4.84 3.78 -12.32
N GLU A 101 -5.88 3.12 -12.82
CA GLU A 101 -7.10 3.80 -13.22
C GLU A 101 -8.22 2.79 -13.42
N LEU A 102 -9.09 2.68 -12.43
CA LEU A 102 -10.21 1.74 -12.48
C LEU A 102 -11.30 2.26 -13.43
N PRO A 103 -11.57 1.53 -14.52
CA PRO A 103 -12.60 1.93 -15.50
C PRO A 103 -13.92 2.31 -14.84
N GLU A 104 -14.34 3.54 -15.05
CA GLU A 104 -15.60 4.03 -14.48
C GLU A 104 -16.80 3.45 -15.22
N LEU A 105 -16.63 3.25 -16.52
CA LEU A 105 -17.71 2.70 -17.35
C LEU A 105 -17.46 1.22 -17.64
N THR A 106 -18.36 0.61 -18.41
CA THR A 106 -18.24 -0.80 -18.76
C THR A 106 -19.25 -1.18 -19.84
N GLY A 1 -4.19 -22.74 -10.59
CA GLY A 1 -4.99 -21.99 -9.58
C GLY A 1 -5.36 -20.60 -10.03
N SER A 2 -5.77 -20.46 -11.29
CA SER A 2 -6.17 -19.18 -11.83
C SER A 2 -7.69 -19.07 -11.91
N HIS A 3 -8.28 -18.36 -10.97
CA HIS A 3 -9.73 -18.20 -10.93
C HIS A 3 -10.16 -16.91 -11.63
N MET A 4 -9.34 -15.87 -11.49
CA MET A 4 -9.64 -14.58 -12.10
C MET A 4 -8.37 -13.79 -12.36
N GLN A 5 -8.03 -13.62 -13.63
CA GLN A 5 -6.83 -12.88 -14.01
C GLN A 5 -7.00 -11.39 -13.74
N ALA A 6 -6.09 -10.82 -12.97
CA ALA A 6 -6.14 -9.39 -12.64
C ALA A 6 -5.47 -8.55 -13.72
N THR A 7 -6.05 -7.40 -14.01
CA THR A 7 -5.50 -6.51 -15.02
C THR A 7 -5.40 -5.08 -14.50
N TRP A 8 -4.52 -4.30 -15.09
CA TRP A 8 -4.32 -2.91 -14.69
C TRP A 8 -4.15 -2.00 -15.91
N LYS A 9 -4.04 -0.71 -15.64
CA LYS A 9 -3.86 0.29 -16.68
C LYS A 9 -2.86 1.36 -16.23
N GLU A 10 -2.11 1.04 -15.18
CA GLU A 10 -1.14 1.97 -14.63
C GLU A 10 0.03 2.20 -15.58
N LYS A 11 0.40 3.47 -15.74
CA LYS A 11 1.50 3.86 -16.61
C LYS A 11 2.82 3.28 -16.09
N ASP A 12 3.94 3.98 -16.34
CA ASP A 12 5.24 3.51 -15.90
C ASP A 12 6.06 4.66 -15.30
N GLY A 13 5.37 5.72 -14.87
CA GLY A 13 6.06 6.86 -14.29
C GLY A 13 5.97 6.90 -12.77
N ALA A 14 6.18 8.09 -12.21
CA ALA A 14 6.13 8.25 -10.76
C ALA A 14 4.71 8.10 -10.22
N VAL A 15 4.55 8.36 -8.92
CA VAL A 15 3.23 8.32 -8.30
C VAL A 15 2.34 9.44 -8.82
N GLU A 16 1.04 9.21 -8.85
CA GLU A 16 0.10 10.22 -9.29
C GLU A 16 -1.12 10.26 -8.36
N ALA A 17 -1.90 11.33 -8.47
CA ALA A 17 -3.08 11.54 -7.62
C ALA A 17 -3.59 10.22 -7.00
N GLU A 18 -4.24 9.38 -7.79
CA GLU A 18 -4.77 8.12 -7.27
C GLU A 18 -4.14 6.90 -7.94
N ASP A 19 -2.87 6.65 -7.61
CA ASP A 19 -2.12 5.53 -8.19
C ASP A 19 -2.05 4.31 -7.28
N ARG A 20 -1.23 3.33 -7.70
CA ARG A 20 -1.03 2.10 -6.95
C ARG A 20 0.43 1.65 -7.05
N VAL A 21 1.13 1.69 -5.91
CA VAL A 21 2.53 1.27 -5.85
C VAL A 21 2.68 -0.20 -5.44
N THR A 22 3.88 -0.75 -5.64
CA THR A 22 4.17 -2.12 -5.24
C THR A 22 5.30 -2.09 -4.23
N ILE A 23 5.00 -2.47 -2.99
CA ILE A 23 6.01 -2.44 -1.94
C ILE A 23 6.09 -3.74 -1.14
N ASP A 24 7.24 -3.96 -0.52
CA ASP A 24 7.47 -5.12 0.33
C ASP A 24 7.93 -4.63 1.70
N PHE A 25 7.26 -5.03 2.77
CA PHE A 25 7.62 -4.54 4.10
C PHE A 25 7.52 -5.60 5.18
N THR A 26 8.09 -5.28 6.34
CA THR A 26 8.08 -6.18 7.49
C THR A 26 8.01 -5.39 8.79
N GLY A 27 6.92 -5.57 9.55
CA GLY A 27 6.77 -4.86 10.80
C GLY A 27 5.72 -5.47 11.72
N SER A 28 5.74 -5.05 12.98
CA SER A 28 4.80 -5.55 13.98
C SER A 28 3.80 -4.48 14.39
N VAL A 29 2.85 -4.88 15.23
CA VAL A 29 1.83 -3.95 15.73
C VAL A 29 2.01 -3.73 17.23
N ASP A 30 1.66 -4.72 18.05
CA ASP A 30 1.82 -4.60 19.48
C ASP A 30 3.14 -5.22 19.93
N GLY A 31 4.15 -5.12 19.08
CA GLY A 31 5.44 -5.69 19.39
C GLY A 31 5.63 -7.07 18.77
N GLU A 32 4.55 -7.60 18.19
CA GLU A 32 4.60 -8.91 17.56
C GLU A 32 3.94 -8.85 16.19
N GLU A 33 4.75 -9.06 15.15
CA GLU A 33 4.28 -9.02 13.78
C GLU A 33 3.15 -10.01 13.58
N PHE A 34 1.99 -9.48 13.21
CA PHE A 34 0.78 -10.28 13.01
C PHE A 34 0.73 -10.93 11.63
N GLU A 35 -0.42 -10.87 10.99
CA GLU A 35 -0.61 -11.44 9.66
C GLU A 35 0.15 -10.62 8.63
N GLY A 36 -0.15 -9.33 8.57
CA GLY A 36 0.51 -8.44 7.63
C GLY A 36 1.88 -8.00 8.10
N GLY A 37 2.38 -8.65 9.16
CA GLY A 37 3.69 -8.31 9.68
C GLY A 37 4.79 -8.45 8.65
N LYS A 38 4.47 -9.07 7.52
CA LYS A 38 5.45 -9.25 6.46
C LYS A 38 4.76 -9.27 5.10
N ALA A 39 5.16 -8.35 4.23
CA ALA A 39 4.59 -8.25 2.90
C ALA A 39 5.68 -8.11 1.85
N SER A 40 5.45 -8.70 0.69
CA SER A 40 6.43 -8.63 -0.39
C SER A 40 5.87 -7.85 -1.58
N ASP A 41 4.75 -8.32 -2.11
CA ASP A 41 4.07 -7.65 -3.19
C ASP A 41 2.86 -6.90 -2.64
N PHE A 42 3.11 -5.84 -1.90
CA PHE A 42 2.02 -5.06 -1.32
C PHE A 42 1.59 -3.98 -2.29
N VAL A 43 0.42 -4.15 -2.89
CA VAL A 43 -0.09 -3.19 -3.83
C VAL A 43 -0.86 -2.09 -3.12
N LEU A 44 -0.18 -0.98 -2.85
CA LEU A 44 -0.79 0.14 -2.16
C LEU A 44 -1.43 1.11 -3.14
N ALA A 45 -2.65 1.53 -2.83
CA ALA A 45 -3.38 2.47 -3.68
C ALA A 45 -3.20 3.90 -3.16
N MET A 46 -2.37 4.69 -3.84
CA MET A 46 -2.12 6.06 -3.43
C MET A 46 -3.37 6.92 -3.61
N GLY A 47 -4.27 6.84 -2.65
CA GLY A 47 -5.49 7.62 -2.71
C GLY A 47 -6.70 6.81 -3.16
N GLN A 48 -7.23 5.99 -2.25
CA GLN A 48 -8.39 5.17 -2.56
C GLN A 48 -9.43 5.28 -1.45
N GLY A 49 -9.06 4.80 -0.26
CA GLY A 49 -9.96 4.85 0.87
C GLY A 49 -9.62 6.00 1.80
N ARG A 50 -8.37 6.02 2.28
CA ARG A 50 -7.88 7.05 3.17
C ARG A 50 -6.42 6.81 3.53
N MET A 51 -5.56 6.95 2.55
CA MET A 51 -4.13 6.74 2.75
C MET A 51 -3.63 7.48 4.00
N ILE A 52 -3.25 6.72 5.01
CA ILE A 52 -2.76 7.31 6.25
C ILE A 52 -1.41 7.99 6.03
N PRO A 53 -1.03 8.92 6.91
CA PRO A 53 0.24 9.64 6.80
C PRO A 53 1.42 8.68 6.80
N GLY A 54 1.20 7.48 7.34
CA GLY A 54 2.26 6.49 7.40
C GLY A 54 2.69 6.01 6.03
N PHE A 55 1.75 5.42 5.30
CA PHE A 55 2.05 4.91 3.97
C PHE A 55 2.28 6.07 3.01
N GLU A 56 1.42 7.08 3.10
CA GLU A 56 1.52 8.24 2.23
C GLU A 56 2.90 8.88 2.34
N ASP A 57 3.61 8.59 3.42
CA ASP A 57 4.95 9.15 3.61
C ASP A 57 5.99 8.36 2.81
N GLY A 58 6.33 7.16 3.30
CA GLY A 58 7.33 6.35 2.62
C GLY A 58 6.86 5.89 1.26
N ILE A 59 5.72 5.23 1.25
CA ILE A 59 5.12 4.72 0.03
C ILE A 59 4.44 5.83 -0.74
N LYS A 60 5.13 6.96 -0.74
CA LYS A 60 4.67 8.11 -1.51
C LYS A 60 4.40 7.61 -2.92
N GLY A 61 5.44 6.99 -3.46
CA GLY A 61 5.41 6.47 -4.81
C GLY A 61 6.32 7.29 -5.67
N HIS A 62 7.50 7.55 -5.12
CA HIS A 62 8.50 8.36 -5.81
C HIS A 62 9.84 7.64 -5.95
N LYS A 63 10.04 6.58 -5.17
CA LYS A 63 11.28 5.84 -5.22
C LYS A 63 11.02 4.39 -5.63
N ALA A 64 10.89 4.17 -6.94
CA ALA A 64 10.67 2.83 -7.48
C ALA A 64 11.82 1.89 -7.11
N GLY A 65 11.63 1.10 -6.06
CA GLY A 65 12.67 0.17 -5.64
C GLY A 65 13.45 0.69 -4.46
N GLU A 66 12.77 1.38 -3.56
CA GLU A 66 13.40 1.96 -2.37
C GLU A 66 13.22 1.08 -1.14
N GLU A 67 13.93 1.43 -0.08
CA GLU A 67 13.86 0.71 1.19
C GLU A 67 13.78 1.69 2.34
N PHE A 68 12.58 1.86 2.89
CA PHE A 68 12.35 2.81 3.98
C PHE A 68 11.47 2.20 5.08
N THR A 69 11.43 2.88 6.22
CA THR A 69 10.62 2.41 7.34
C THR A 69 9.68 3.52 7.80
N ILE A 70 8.37 3.22 7.85
CA ILE A 70 7.40 4.20 8.28
C ILE A 70 6.44 3.60 9.29
N ASP A 71 5.68 4.46 9.94
CA ASP A 71 4.70 4.01 10.91
C ASP A 71 3.35 3.90 10.23
N VAL A 72 2.51 3.00 10.69
CA VAL A 72 1.19 2.84 10.10
C VAL A 72 0.17 2.47 11.16
N THR A 73 -0.97 3.15 11.14
CA THR A 73 -2.04 2.89 12.08
C THR A 73 -3.36 3.22 11.41
N PHE A 74 -4.25 2.25 11.32
CA PHE A 74 -5.54 2.45 10.67
C PHE A 74 -6.57 3.03 11.65
N PRO A 75 -7.26 4.11 11.24
CA PRO A 75 -8.28 4.78 12.07
C PRO A 75 -9.52 3.92 12.30
N GLU A 76 -10.49 4.47 13.02
CA GLU A 76 -11.73 3.77 13.31
C GLU A 76 -12.67 3.78 12.09
N GLU A 77 -12.32 4.56 11.08
CA GLU A 77 -13.14 4.64 9.87
C GLU A 77 -12.73 3.60 8.84
N TYR A 78 -11.43 3.28 8.82
CA TYR A 78 -10.92 2.28 7.88
C TYR A 78 -11.46 0.90 8.25
N HIS A 79 -11.00 0.38 9.38
CA HIS A 79 -11.43 -0.92 9.88
C HIS A 79 -11.68 -1.94 8.77
N ALA A 80 -10.60 -2.41 8.13
CA ALA A 80 -10.73 -3.40 7.08
C ALA A 80 -10.88 -4.80 7.68
N GLU A 81 -11.63 -5.65 7.00
CA GLU A 81 -11.87 -7.01 7.48
C GLU A 81 -10.58 -7.77 7.78
N ASN A 82 -9.48 -7.38 7.13
CA ASN A 82 -8.21 -8.07 7.33
C ASN A 82 -7.30 -7.42 8.38
N LEU A 83 -7.28 -6.08 8.44
CA LEU A 83 -6.41 -5.40 9.40
C LEU A 83 -7.11 -4.25 10.13
N LYS A 84 -8.43 -4.25 10.11
CA LYS A 84 -9.23 -3.21 10.78
C LYS A 84 -8.55 -2.64 12.03
N GLY A 85 -8.43 -1.31 12.07
CA GLY A 85 -7.82 -0.63 13.20
C GLY A 85 -6.52 -1.26 13.66
N LYS A 86 -5.59 -1.43 12.74
CA LYS A 86 -4.30 -2.03 13.07
C LYS A 86 -3.20 -0.99 13.28
N ALA A 87 -3.02 -0.57 14.53
CA ALA A 87 -1.99 0.41 14.86
C ALA A 87 -0.63 -0.30 14.97
N ALA A 88 0.18 -0.21 13.91
CA ALA A 88 1.46 -0.90 13.91
C ALA A 88 2.62 -0.09 13.34
N LYS A 89 3.74 -0.77 13.21
CA LYS A 89 4.97 -0.22 12.65
C LYS A 89 5.39 -1.10 11.49
N PHE A 90 5.86 -0.50 10.41
CA PHE A 90 6.31 -1.28 9.25
C PHE A 90 7.62 -0.74 8.68
N ALA A 91 8.38 -1.60 8.04
CA ALA A 91 9.61 -1.21 7.37
C ALA A 91 9.43 -1.68 5.94
N ILE A 92 9.15 -0.71 5.08
CA ILE A 92 8.82 -1.00 3.69
C ILE A 92 9.93 -0.74 2.68
N ASN A 93 9.75 -1.33 1.51
CA ASN A 93 10.66 -1.17 0.39
C ASN A 93 9.85 -0.94 -0.88
N LEU A 94 9.81 0.31 -1.35
CA LEU A 94 9.05 0.66 -2.54
C LEU A 94 9.57 -0.06 -3.79
N LYS A 95 8.70 -0.19 -4.79
CA LYS A 95 9.09 -0.84 -6.04
C LYS A 95 8.29 -0.27 -7.21
N LYS A 96 7.39 -1.07 -7.78
CA LYS A 96 6.62 -0.64 -8.94
C LYS A 96 5.55 0.38 -8.58
N VAL A 97 5.83 1.64 -8.90
CA VAL A 97 4.89 2.73 -8.66
C VAL A 97 4.37 3.27 -9.98
N GLU A 98 3.12 2.94 -10.31
CA GLU A 98 2.51 3.36 -11.57
C GLU A 98 1.16 4.04 -11.35
N GLU A 99 0.62 4.65 -12.40
CA GLU A 99 -0.67 5.36 -12.31
C GLU A 99 -1.85 4.47 -12.67
N ARG A 100 -2.33 3.72 -11.69
CA ARG A 100 -3.47 2.84 -11.88
C ARG A 100 -4.73 3.62 -12.24
N GLU A 101 -5.52 3.09 -13.16
CA GLU A 101 -6.76 3.74 -13.57
C GLU A 101 -7.78 2.71 -14.05
N LEU A 102 -8.28 1.90 -13.11
CA LEU A 102 -9.26 0.87 -13.44
C LEU A 102 -10.64 1.48 -13.68
N PRO A 103 -11.20 2.20 -12.69
CA PRO A 103 -12.53 2.81 -12.82
C PRO A 103 -12.55 3.92 -13.88
N GLU A 104 -13.59 3.94 -14.70
CA GLU A 104 -13.73 4.93 -15.74
C GLU A 104 -14.57 6.12 -15.27
N LEU A 105 -13.95 7.29 -15.21
CA LEU A 105 -14.63 8.49 -14.76
C LEU A 105 -14.91 9.43 -15.94
N THR A 106 -16.08 10.07 -15.93
CA THR A 106 -16.47 10.98 -16.99
C THR A 106 -16.56 10.25 -18.33
N GLY A 1 -6.61 -23.92 -14.39
CA GLY A 1 -5.94 -22.63 -14.77
C GLY A 1 -6.68 -21.42 -14.25
N SER A 2 -6.04 -20.67 -13.35
CA SER A 2 -6.65 -19.48 -12.78
C SER A 2 -6.55 -18.30 -13.75
N HIS A 3 -7.63 -17.53 -13.84
CA HIS A 3 -7.67 -16.38 -14.72
C HIS A 3 -7.82 -15.08 -13.93
N MET A 4 -7.11 -14.06 -14.36
CA MET A 4 -7.16 -12.75 -13.68
C MET A 4 -8.34 -11.94 -14.19
N GLN A 5 -9.23 -11.57 -13.28
CA GLN A 5 -10.41 -10.78 -13.64
C GLN A 5 -10.14 -9.29 -13.46
N ALA A 6 -9.22 -8.96 -12.55
CA ALA A 6 -8.88 -7.57 -12.29
C ALA A 6 -8.32 -6.89 -13.53
N THR A 7 -8.59 -5.59 -13.65
CA THR A 7 -8.11 -4.82 -14.79
C THR A 7 -7.35 -3.59 -14.32
N TRP A 8 -6.24 -3.31 -14.98
CA TRP A 8 -5.42 -2.16 -14.64
C TRP A 8 -4.95 -1.43 -15.89
N LYS A 9 -4.56 -0.18 -15.72
CA LYS A 9 -4.08 0.65 -16.82
C LYS A 9 -3.02 1.61 -16.32
N GLU A 10 -2.20 1.10 -15.39
CA GLU A 10 -1.16 1.91 -14.79
C GLU A 10 0.01 2.18 -15.75
N LYS A 11 0.41 3.45 -15.81
CA LYS A 11 1.50 3.89 -16.66
C LYS A 11 2.84 3.34 -16.15
N ASP A 12 3.93 4.08 -16.40
CA ASP A 12 5.25 3.66 -15.95
C ASP A 12 6.03 4.81 -15.32
N GLY A 13 5.31 5.85 -14.92
CA GLY A 13 5.96 7.00 -14.31
C GLY A 13 5.87 6.99 -12.79
N ALA A 14 6.11 8.14 -12.18
CA ALA A 14 6.08 8.26 -10.73
C ALA A 14 4.66 8.11 -10.19
N VAL A 15 4.50 8.37 -8.89
CA VAL A 15 3.18 8.33 -8.26
C VAL A 15 2.29 9.44 -8.80
N GLU A 16 0.99 9.20 -8.85
CA GLU A 16 0.05 10.21 -9.31
C GLU A 16 -1.18 10.25 -8.40
N ALA A 17 -1.96 11.31 -8.54
CA ALA A 17 -3.16 11.53 -7.70
C ALA A 17 -3.66 10.22 -7.08
N GLU A 18 -4.29 9.36 -7.88
CA GLU A 18 -4.81 8.10 -7.37
C GLU A 18 -4.15 6.89 -8.04
N ASP A 19 -2.87 6.68 -7.73
CA ASP A 19 -2.10 5.59 -8.31
C ASP A 19 -1.99 4.39 -7.37
N ARG A 20 -1.22 3.38 -7.78
CA ARG A 20 -1.01 2.19 -6.97
C ARG A 20 0.44 1.71 -7.10
N VAL A 21 1.18 1.74 -5.99
CA VAL A 21 2.57 1.29 -5.96
C VAL A 21 2.70 -0.17 -5.54
N THR A 22 3.90 -0.73 -5.71
CA THR A 22 4.16 -2.10 -5.30
C THR A 22 5.27 -2.09 -4.26
N ILE A 23 4.95 -2.46 -3.02
CA ILE A 23 5.95 -2.44 -1.96
C ILE A 23 6.03 -3.77 -1.21
N ASP A 24 7.18 -3.98 -0.57
CA ASP A 24 7.43 -5.16 0.25
C ASP A 24 7.89 -4.68 1.63
N PHE A 25 7.22 -5.09 2.69
CA PHE A 25 7.60 -4.61 4.02
C PHE A 25 7.49 -5.67 5.10
N THR A 26 8.04 -5.35 6.26
CA THR A 26 8.03 -6.25 7.42
C THR A 26 7.98 -5.45 8.72
N GLY A 27 6.91 -5.61 9.49
CA GLY A 27 6.79 -4.89 10.74
C GLY A 27 5.81 -5.53 11.72
N SER A 28 5.80 -5.01 12.94
CA SER A 28 4.92 -5.52 13.99
C SER A 28 3.81 -4.53 14.34
N VAL A 29 2.93 -4.94 15.25
CA VAL A 29 1.83 -4.10 15.70
C VAL A 29 1.95 -3.81 17.19
N ASP A 30 1.64 -4.78 18.03
CA ASP A 30 1.75 -4.59 19.48
C ASP A 30 3.08 -5.13 19.97
N GLY A 31 4.13 -4.92 19.18
CA GLY A 31 5.45 -5.40 19.53
C GLY A 31 5.76 -6.73 18.87
N GLU A 32 4.73 -7.37 18.33
CA GLU A 32 4.90 -8.66 17.66
C GLU A 32 4.19 -8.66 16.31
N GLU A 33 4.95 -8.93 15.25
CA GLU A 33 4.42 -8.95 13.91
C GLU A 33 3.28 -9.93 13.78
N PHE A 34 2.12 -9.43 13.41
CA PHE A 34 0.91 -10.22 13.26
C PHE A 34 0.83 -10.93 11.91
N GLU A 35 -0.33 -10.89 11.29
CA GLU A 35 -0.54 -11.51 9.99
C GLU A 35 0.19 -10.73 8.90
N GLY A 36 -0.07 -9.42 8.84
CA GLY A 36 0.55 -8.56 7.85
C GLY A 36 1.96 -8.14 8.24
N GLY A 37 2.51 -8.77 9.27
CA GLY A 37 3.85 -8.43 9.71
C GLY A 37 4.89 -8.57 8.63
N LYS A 38 4.51 -9.16 7.50
CA LYS A 38 5.43 -9.34 6.38
C LYS A 38 4.71 -9.32 5.05
N ALA A 39 5.11 -8.40 4.19
CA ALA A 39 4.51 -8.26 2.86
C ALA A 39 5.60 -8.13 1.81
N SER A 40 5.36 -8.71 0.65
CA SER A 40 6.32 -8.66 -0.44
C SER A 40 5.77 -7.86 -1.61
N ASP A 41 4.67 -8.31 -2.16
CA ASP A 41 4.00 -7.62 -3.24
C ASP A 41 2.78 -6.90 -2.68
N PHE A 42 3.02 -5.85 -1.92
CA PHE A 42 1.91 -5.10 -1.34
C PHE A 42 1.52 -3.98 -2.27
N VAL A 43 0.39 -4.14 -2.94
CA VAL A 43 -0.11 -3.15 -3.87
C VAL A 43 -0.79 -2.01 -3.12
N LEU A 44 -0.05 -0.93 -2.92
CA LEU A 44 -0.60 0.22 -2.20
C LEU A 44 -1.24 1.21 -3.16
N ALA A 45 -2.46 1.62 -2.83
CA ALA A 45 -3.20 2.57 -3.65
C ALA A 45 -3.03 4.00 -3.14
N MET A 46 -2.23 4.79 -3.83
CA MET A 46 -1.99 6.17 -3.44
C MET A 46 -3.22 7.04 -3.66
N GLY A 47 -4.13 6.99 -2.69
CA GLY A 47 -5.35 7.78 -2.77
C GLY A 47 -6.55 6.97 -3.24
N GLN A 48 -6.97 6.01 -2.42
CA GLN A 48 -8.11 5.18 -2.73
C GLN A 48 -9.18 5.28 -1.65
N GLY A 49 -8.86 4.79 -0.46
CA GLY A 49 -9.79 4.85 0.64
C GLY A 49 -9.49 6.00 1.58
N ARG A 50 -8.26 6.03 2.09
CA ARG A 50 -7.81 7.07 3.00
C ARG A 50 -6.37 6.83 3.42
N MET A 51 -5.46 6.95 2.46
CA MET A 51 -4.04 6.74 2.72
C MET A 51 -3.61 7.44 4.01
N ILE A 52 -3.23 6.65 5.00
CA ILE A 52 -2.80 7.19 6.29
C ILE A 52 -1.45 7.90 6.14
N PRO A 53 -1.08 8.74 7.11
CA PRO A 53 0.19 9.47 7.08
C PRO A 53 1.39 8.52 7.06
N GLY A 54 1.14 7.27 7.44
CA GLY A 54 2.20 6.28 7.46
C GLY A 54 2.62 5.84 6.07
N PHE A 55 1.66 5.30 5.32
CA PHE A 55 1.94 4.84 3.98
C PHE A 55 2.15 6.01 3.03
N GLU A 56 1.23 6.97 3.06
CA GLU A 56 1.30 8.15 2.21
C GLU A 56 2.69 8.80 2.31
N ASP A 57 3.39 8.54 3.40
CA ASP A 57 4.71 9.11 3.61
C ASP A 57 5.78 8.33 2.84
N GLY A 58 6.16 7.16 3.34
CA GLY A 58 7.19 6.37 2.69
C GLY A 58 6.78 5.91 1.31
N ILE A 59 5.62 5.28 1.25
CA ILE A 59 5.06 4.76 0.02
C ILE A 59 4.37 5.85 -0.76
N LYS A 60 4.97 7.03 -0.73
CA LYS A 60 4.45 8.14 -1.50
C LYS A 60 4.29 7.64 -2.92
N GLY A 61 5.36 7.04 -3.42
CA GLY A 61 5.39 6.52 -4.77
C GLY A 61 6.30 7.36 -5.62
N HIS A 62 7.49 7.61 -5.09
CA HIS A 62 8.48 8.44 -5.78
C HIS A 62 9.82 7.74 -5.98
N LYS A 63 10.02 6.61 -5.31
CA LYS A 63 11.28 5.89 -5.43
C LYS A 63 11.06 4.42 -5.79
N ALA A 64 10.98 4.15 -7.09
CA ALA A 64 10.80 2.79 -7.58
C ALA A 64 11.96 1.89 -7.15
N GLY A 65 11.79 1.15 -6.06
CA GLY A 65 12.84 0.26 -5.58
C GLY A 65 13.57 0.82 -4.39
N GLU A 66 12.84 1.49 -3.50
CA GLU A 66 13.43 2.09 -2.31
C GLU A 66 13.24 1.20 -1.08
N GLU A 67 14.00 1.49 -0.03
CA GLU A 67 13.92 0.76 1.22
C GLU A 67 13.82 1.74 2.39
N PHE A 68 12.61 1.87 2.95
CA PHE A 68 12.38 2.81 4.03
C PHE A 68 11.49 2.20 5.12
N THR A 69 11.42 2.86 6.26
CA THR A 69 10.60 2.37 7.37
C THR A 69 9.66 3.47 7.85
N ILE A 70 8.36 3.17 7.92
CA ILE A 70 7.39 4.15 8.37
C ILE A 70 6.44 3.54 9.38
N ASP A 71 5.67 4.41 10.03
CA ASP A 71 4.69 3.96 11.01
C ASP A 71 3.35 3.80 10.31
N VAL A 72 2.53 2.89 10.79
CA VAL A 72 1.22 2.68 10.18
C VAL A 72 0.20 2.28 11.22
N THR A 73 -0.93 2.97 11.23
CA THR A 73 -2.03 2.69 12.15
C THR A 73 -3.34 3.03 11.47
N PHE A 74 -4.23 2.07 11.38
CA PHE A 74 -5.52 2.28 10.73
C PHE A 74 -6.55 2.89 11.68
N PRO A 75 -7.22 3.98 11.24
CA PRO A 75 -8.22 4.67 12.06
C PRO A 75 -9.52 3.88 12.21
N GLU A 76 -10.48 4.48 12.91
CA GLU A 76 -11.78 3.85 13.14
C GLU A 76 -12.65 3.93 11.88
N GLU A 77 -12.22 4.71 10.90
CA GLU A 77 -12.96 4.86 9.65
C GLU A 77 -12.58 3.75 8.67
N TYR A 78 -11.30 3.37 8.67
CA TYR A 78 -10.81 2.32 7.80
C TYR A 78 -11.40 0.98 8.21
N HIS A 79 -10.97 0.49 9.36
CA HIS A 79 -11.45 -0.77 9.92
C HIS A 79 -11.78 -1.81 8.85
N ALA A 80 -10.74 -2.38 8.23
CA ALA A 80 -10.93 -3.41 7.20
C ALA A 80 -11.06 -4.78 7.84
N GLU A 81 -11.97 -5.59 7.31
CA GLU A 81 -12.21 -6.94 7.84
C GLU A 81 -10.93 -7.73 8.11
N ASN A 82 -9.83 -7.39 7.43
CA ASN A 82 -8.58 -8.14 7.62
C ASN A 82 -7.63 -7.50 8.64
N LEU A 83 -7.53 -6.17 8.65
CA LEU A 83 -6.61 -5.51 9.59
C LEU A 83 -7.24 -4.30 10.29
N LYS A 84 -8.56 -4.23 10.25
CA LYS A 84 -9.30 -3.12 10.88
C LYS A 84 -8.64 -2.61 12.16
N GLY A 85 -8.49 -1.30 12.25
CA GLY A 85 -7.89 -0.66 13.42
C GLY A 85 -6.60 -1.32 13.87
N LYS A 86 -5.69 -1.55 12.93
CA LYS A 86 -4.41 -2.17 13.25
C LYS A 86 -3.29 -1.14 13.38
N ALA A 87 -3.02 -0.72 14.60
CA ALA A 87 -1.94 0.25 14.87
C ALA A 87 -0.61 -0.48 14.94
N ALA A 88 0.21 -0.35 13.89
CA ALA A 88 1.50 -1.05 13.86
C ALA A 88 2.64 -0.20 13.34
N LYS A 89 3.76 -0.88 13.14
CA LYS A 89 4.98 -0.30 12.60
C LYS A 89 5.42 -1.17 11.44
N PHE A 90 5.88 -0.57 10.36
CA PHE A 90 6.36 -1.35 9.21
C PHE A 90 7.66 -0.79 8.65
N ALA A 91 8.43 -1.64 8.00
CA ALA A 91 9.64 -1.23 7.33
C ALA A 91 9.47 -1.69 5.89
N ILE A 92 9.16 -0.72 5.04
CA ILE A 92 8.83 -1.00 3.66
C ILE A 92 9.94 -0.74 2.65
N ASN A 93 9.76 -1.33 1.48
CA ASN A 93 10.67 -1.19 0.35
C ASN A 93 9.87 -0.96 -0.92
N LEU A 94 9.83 0.28 -1.41
CA LEU A 94 9.08 0.63 -2.60
C LEU A 94 9.64 -0.04 -3.86
N LYS A 95 8.78 -0.19 -4.87
CA LYS A 95 9.19 -0.80 -6.12
C LYS A 95 8.38 -0.24 -7.31
N LYS A 96 7.45 -1.04 -7.83
CA LYS A 96 6.68 -0.62 -8.99
C LYS A 96 5.61 0.41 -8.64
N VAL A 97 5.89 1.67 -8.96
CA VAL A 97 4.97 2.77 -8.73
C VAL A 97 4.45 3.30 -10.07
N GLU A 98 3.21 2.98 -10.39
CA GLU A 98 2.62 3.41 -11.66
C GLU A 98 1.30 4.15 -11.44
N GLU A 99 0.63 4.53 -12.52
CA GLU A 99 -0.64 5.27 -12.42
C GLU A 99 -1.85 4.41 -12.80
N ARG A 100 -2.41 3.73 -11.80
CA ARG A 100 -3.57 2.87 -12.00
C ARG A 100 -4.84 3.68 -12.23
N GLU A 101 -5.93 2.97 -12.49
CA GLU A 101 -7.23 3.58 -12.72
C GLU A 101 -8.29 2.53 -13.04
N LEU A 102 -8.67 1.77 -12.02
CA LEU A 102 -9.67 0.72 -12.18
C LEU A 102 -11.01 1.18 -11.59
N PRO A 103 -11.89 1.77 -12.41
CA PRO A 103 -13.19 2.26 -11.95
C PRO A 103 -14.14 1.13 -11.57
N GLU A 104 -14.44 1.03 -10.28
CA GLU A 104 -15.34 0.00 -9.78
C GLU A 104 -16.74 0.56 -9.56
N LEU A 105 -17.74 -0.20 -9.97
CA LEU A 105 -19.14 0.21 -9.83
C LEU A 105 -19.84 -0.60 -8.74
N THR A 106 -19.70 -0.16 -7.50
CA THR A 106 -20.32 -0.85 -6.37
C THR A 106 -21.78 -0.45 -6.23
N GLY A 1 -14.93 -23.02 -7.34
CA GLY A 1 -15.84 -21.93 -7.77
C GLY A 1 -15.41 -21.30 -9.08
N SER A 2 -14.68 -20.19 -8.99
CA SER A 2 -14.22 -19.49 -10.18
C SER A 2 -13.12 -18.48 -9.82
N HIS A 3 -12.60 -17.79 -10.82
CA HIS A 3 -11.55 -16.80 -10.62
C HIS A 3 -11.96 -15.44 -11.20
N MET A 4 -11.47 -14.37 -10.60
CA MET A 4 -11.78 -13.02 -11.07
C MET A 4 -10.53 -12.16 -11.12
N GLN A 5 -9.91 -12.08 -12.29
CA GLN A 5 -8.70 -11.30 -12.47
C GLN A 5 -9.01 -9.81 -12.44
N ALA A 6 -8.15 -9.05 -11.77
CA ALA A 6 -8.34 -7.60 -11.66
C ALA A 6 -7.80 -6.90 -12.89
N THR A 7 -8.39 -5.74 -13.21
CA THR A 7 -7.98 -4.97 -14.37
C THR A 7 -7.18 -3.74 -13.97
N TRP A 8 -6.10 -3.46 -14.71
CA TRP A 8 -5.26 -2.31 -14.43
C TRP A 8 -4.83 -1.60 -15.72
N LYS A 9 -4.49 -0.33 -15.58
CA LYS A 9 -4.04 0.48 -16.71
C LYS A 9 -3.01 1.51 -16.25
N GLU A 10 -2.24 1.14 -15.23
CA GLU A 10 -1.24 2.03 -14.66
C GLU A 10 -0.05 2.23 -15.60
N LYS A 11 0.39 3.48 -15.72
CA LYS A 11 1.51 3.85 -16.58
C LYS A 11 2.82 3.22 -16.07
N ASP A 12 3.95 3.78 -16.47
CA ASP A 12 5.25 3.26 -16.06
C ASP A 12 6.14 4.36 -15.47
N GLY A 13 5.52 5.40 -14.95
CA GLY A 13 6.27 6.50 -14.37
C GLY A 13 6.13 6.58 -12.86
N ALA A 14 6.31 7.78 -12.31
CA ALA A 14 6.22 8.00 -10.87
C ALA A 14 4.79 7.84 -10.35
N VAL A 15 4.61 8.16 -9.08
CA VAL A 15 3.28 8.12 -8.45
C VAL A 15 2.38 9.17 -9.08
N GLU A 16 1.07 8.95 -9.02
CA GLU A 16 0.11 9.91 -9.54
C GLU A 16 -1.03 10.10 -8.56
N ALA A 17 -1.73 11.22 -8.69
CA ALA A 17 -2.84 11.57 -7.79
C ALA A 17 -3.41 10.35 -7.07
N GLU A 18 -4.16 9.51 -7.80
CA GLU A 18 -4.75 8.32 -7.21
C GLU A 18 -4.22 7.06 -7.89
N ASP A 19 -2.92 6.81 -7.67
CA ASP A 19 -2.25 5.65 -8.28
C ASP A 19 -2.11 4.47 -7.31
N ARG A 20 -1.35 3.46 -7.72
CA ARG A 20 -1.11 2.29 -6.89
C ARG A 20 0.33 1.82 -7.00
N VAL A 21 1.04 1.85 -5.89
CA VAL A 21 2.44 1.43 -5.83
C VAL A 21 2.58 -0.05 -5.41
N THR A 22 3.77 -0.62 -5.63
CA THR A 22 4.04 -1.98 -5.23
C THR A 22 5.19 -2.00 -4.24
N ILE A 23 4.91 -2.36 -3.00
CA ILE A 23 5.93 -2.37 -1.96
C ILE A 23 5.96 -3.68 -1.17
N ASP A 24 7.12 -3.97 -0.58
CA ASP A 24 7.33 -5.14 0.26
C ASP A 24 7.78 -4.66 1.63
N PHE A 25 7.12 -5.08 2.70
CA PHE A 25 7.51 -4.60 4.03
C PHE A 25 7.42 -5.68 5.10
N THR A 26 8.01 -5.36 6.25
CA THR A 26 8.03 -6.28 7.39
C THR A 26 8.03 -5.50 8.70
N GLY A 27 6.94 -5.63 9.48
CA GLY A 27 6.87 -4.92 10.74
C GLY A 27 5.91 -5.54 11.74
N SER A 28 5.93 -5.01 12.95
CA SER A 28 5.07 -5.50 14.02
C SER A 28 4.00 -4.47 14.38
N VAL A 29 3.14 -4.85 15.33
CA VAL A 29 2.08 -3.98 15.80
C VAL A 29 2.30 -3.57 17.26
N ASP A 30 1.94 -4.45 18.19
CA ASP A 30 2.13 -4.17 19.60
C ASP A 30 3.44 -4.78 20.09
N GLY A 31 4.47 -4.66 19.26
CA GLY A 31 5.77 -5.21 19.61
C GLY A 31 5.99 -6.58 18.99
N GLU A 32 4.93 -7.17 18.44
CA GLU A 32 5.01 -8.47 17.81
C GLU A 32 4.29 -8.49 16.47
N GLU A 33 5.04 -8.80 15.42
CA GLU A 33 4.49 -8.83 14.07
C GLU A 33 3.34 -9.82 13.98
N PHE A 34 2.19 -9.30 13.61
CA PHE A 34 0.96 -10.07 13.49
C PHE A 34 0.87 -10.80 12.15
N GLU A 35 -0.30 -10.75 11.55
CA GLU A 35 -0.57 -11.36 10.25
C GLU A 35 0.16 -10.61 9.13
N GLY A 36 -0.16 -9.33 9.00
CA GLY A 36 0.46 -8.51 7.96
C GLY A 36 1.84 -8.02 8.32
N GLY A 37 2.44 -8.62 9.35
CA GLY A 37 3.77 -8.23 9.76
C GLY A 37 4.80 -8.43 8.65
N LYS A 38 4.39 -9.06 7.56
CA LYS A 38 5.30 -9.30 6.45
C LYS A 38 4.57 -9.24 5.11
N ALA A 39 5.02 -8.35 4.23
CA ALA A 39 4.42 -8.20 2.91
C ALA A 39 5.50 -8.11 1.85
N SER A 40 5.23 -8.68 0.69
CA SER A 40 6.18 -8.66 -0.41
C SER A 40 5.64 -7.86 -1.58
N ASP A 41 4.51 -8.29 -2.11
CA ASP A 41 3.83 -7.60 -3.19
C ASP A 41 2.65 -6.85 -2.61
N PHE A 42 2.91 -5.80 -1.87
CA PHE A 42 1.84 -5.01 -1.28
C PHE A 42 1.42 -3.90 -2.23
N VAL A 43 0.22 -4.02 -2.80
CA VAL A 43 -0.29 -3.04 -3.73
C VAL A 43 -0.98 -1.89 -3.00
N LEU A 44 -0.24 -0.80 -2.82
CA LEU A 44 -0.78 0.36 -2.13
C LEU A 44 -1.42 1.33 -3.11
N ALA A 45 -2.60 1.81 -2.76
CA ALA A 45 -3.33 2.76 -3.60
C ALA A 45 -3.15 4.19 -3.08
N MET A 46 -2.33 4.95 -3.79
CA MET A 46 -2.05 6.33 -3.42
C MET A 46 -3.28 7.21 -3.63
N GLY A 47 -4.17 7.22 -2.64
CA GLY A 47 -5.37 8.02 -2.71
C GLY A 47 -6.58 7.23 -3.19
N GLN A 48 -7.03 6.29 -2.37
CA GLN A 48 -8.19 5.47 -2.70
C GLN A 48 -9.21 5.52 -1.57
N GLY A 49 -8.83 4.99 -0.41
CA GLY A 49 -9.72 5.00 0.73
C GLY A 49 -9.39 6.11 1.70
N ARG A 50 -8.15 6.12 2.18
CA ARG A 50 -7.69 7.14 3.11
C ARG A 50 -6.23 6.89 3.51
N MET A 51 -5.32 7.06 2.55
CA MET A 51 -3.90 6.85 2.79
C MET A 51 -3.45 7.51 4.09
N ILE A 52 -3.09 6.69 5.06
CA ILE A 52 -2.63 7.19 6.36
C ILE A 52 -1.28 7.90 6.23
N PRO A 53 -0.91 8.73 7.22
CA PRO A 53 0.35 9.47 7.21
C PRO A 53 1.56 8.55 7.13
N GLY A 54 1.37 7.30 7.52
CA GLY A 54 2.45 6.34 7.49
C GLY A 54 2.81 5.89 6.09
N PHE A 55 1.83 5.37 5.37
CA PHE A 55 2.05 4.91 4.01
C PHE A 55 2.25 6.10 3.10
N GLU A 56 1.44 7.13 3.29
CA GLU A 56 1.54 8.35 2.49
C GLU A 56 2.92 8.97 2.63
N ASP A 57 3.65 8.56 3.67
CA ASP A 57 4.99 9.07 3.92
C ASP A 57 6.01 8.39 3.02
N GLY A 58 6.39 7.16 3.36
CA GLY A 58 7.40 6.46 2.58
C GLY A 58 6.90 6.00 1.23
N ILE A 59 5.76 5.33 1.23
CA ILE A 59 5.15 4.83 0.02
C ILE A 59 4.47 5.93 -0.77
N LYS A 60 5.10 7.09 -0.73
CA LYS A 60 4.63 8.23 -1.50
C LYS A 60 4.38 7.72 -2.91
N GLY A 61 5.43 7.10 -3.43
CA GLY A 61 5.43 6.56 -4.78
C GLY A 61 6.33 7.37 -5.66
N HIS A 62 7.50 7.66 -5.12
CA HIS A 62 8.50 8.46 -5.83
C HIS A 62 9.84 7.74 -5.95
N LYS A 63 10.00 6.62 -5.24
CA LYS A 63 11.24 5.86 -5.28
C LYS A 63 10.98 4.42 -5.71
N ALA A 64 10.85 4.22 -7.01
CA ALA A 64 10.64 2.88 -7.55
C ALA A 64 11.78 1.95 -7.18
N GLY A 65 11.63 1.22 -6.08
CA GLY A 65 12.67 0.31 -5.65
C GLY A 65 13.41 0.81 -4.42
N GLU A 66 12.68 1.44 -3.50
CA GLU A 66 13.27 1.98 -2.28
C GLU A 66 13.12 1.04 -1.09
N GLU A 67 13.86 1.37 -0.02
CA GLU A 67 13.81 0.60 1.22
C GLU A 67 13.75 1.55 2.41
N PHE A 68 12.55 1.74 2.96
CA PHE A 68 12.35 2.66 4.08
C PHE A 68 11.46 2.07 5.16
N THR A 69 11.42 2.70 6.33
CA THR A 69 10.60 2.23 7.43
C THR A 69 9.66 3.35 7.93
N ILE A 70 8.36 3.05 8.01
CA ILE A 70 7.40 4.04 8.49
C ILE A 70 6.43 3.39 9.47
N ASP A 71 5.71 4.24 10.20
CA ASP A 71 4.71 3.76 11.13
C ASP A 71 3.37 3.74 10.44
N VAL A 72 2.47 2.85 10.84
CA VAL A 72 1.15 2.80 10.21
C VAL A 72 0.08 2.38 11.23
N THR A 73 -1.03 3.09 11.22
CA THR A 73 -2.14 2.78 12.13
C THR A 73 -3.44 3.09 11.40
N PHE A 74 -4.31 2.11 11.29
CA PHE A 74 -5.58 2.28 10.60
C PHE A 74 -6.64 2.87 11.52
N PRO A 75 -7.30 3.97 11.09
CA PRO A 75 -8.35 4.62 11.88
C PRO A 75 -9.61 3.78 12.01
N GLU A 76 -10.57 4.29 12.79
CA GLU A 76 -11.83 3.60 13.01
C GLU A 76 -12.71 3.62 11.74
N GLU A 77 -12.33 4.45 10.78
CA GLU A 77 -13.11 4.55 9.53
C GLU A 77 -12.65 3.50 8.53
N TYR A 78 -11.36 3.16 8.54
CA TYR A 78 -10.82 2.15 7.64
C TYR A 78 -11.39 0.78 7.98
N HIS A 79 -10.94 0.25 9.11
CA HIS A 79 -11.39 -1.06 9.61
C HIS A 79 -11.66 -2.06 8.47
N ALA A 80 -10.59 -2.56 7.86
CA ALA A 80 -10.71 -3.55 6.79
C ALA A 80 -10.84 -4.95 7.37
N GLU A 81 -11.52 -5.82 6.63
CA GLU A 81 -11.75 -7.19 7.06
C GLU A 81 -10.47 -7.94 7.43
N ASN A 82 -9.34 -7.55 6.83
CA ASN A 82 -8.08 -8.24 7.08
C ASN A 82 -7.22 -7.58 8.17
N LEU A 83 -7.21 -6.25 8.25
CA LEU A 83 -6.38 -5.57 9.24
C LEU A 83 -7.10 -4.44 9.96
N LYS A 84 -8.43 -4.42 9.89
CA LYS A 84 -9.23 -3.38 10.53
C LYS A 84 -8.61 -2.83 11.82
N GLY A 85 -8.44 -1.51 11.86
CA GLY A 85 -7.88 -0.85 13.03
C GLY A 85 -6.58 -1.47 13.52
N LYS A 86 -5.62 -1.62 12.62
CA LYS A 86 -4.33 -2.21 12.99
C LYS A 86 -3.26 -1.15 13.22
N ALA A 87 -3.12 -0.71 14.47
CA ALA A 87 -2.09 0.25 14.82
C ALA A 87 -0.76 -0.45 14.93
N ALA A 88 0.05 -0.38 13.86
CA ALA A 88 1.33 -1.08 13.87
C ALA A 88 2.49 -0.27 13.30
N LYS A 89 3.61 -0.95 13.15
CA LYS A 89 4.83 -0.39 12.61
C LYS A 89 5.28 -1.27 11.46
N PHE A 90 5.76 -0.67 10.37
CA PHE A 90 6.23 -1.45 9.22
C PHE A 90 7.54 -0.89 8.67
N ALA A 91 8.29 -1.74 7.99
CA ALA A 91 9.52 -1.34 7.33
C ALA A 91 9.34 -1.76 5.89
N ILE A 92 9.04 -0.78 5.04
CA ILE A 92 8.71 -1.05 3.65
C ILE A 92 9.84 -0.80 2.64
N ASN A 93 9.63 -1.37 1.45
CA ASN A 93 10.55 -1.23 0.33
C ASN A 93 9.74 -0.96 -0.94
N LEU A 94 9.76 0.28 -1.40
CA LEU A 94 9.00 0.67 -2.60
C LEU A 94 9.54 -0.01 -3.86
N LYS A 95 8.67 -0.13 -4.86
CA LYS A 95 9.06 -0.76 -6.13
C LYS A 95 8.23 -0.20 -7.29
N LYS A 96 7.27 -0.98 -7.79
CA LYS A 96 6.47 -0.56 -8.94
C LYS A 96 5.42 0.48 -8.55
N VAL A 97 5.69 1.73 -8.89
CA VAL A 97 4.77 2.83 -8.63
C VAL A 97 4.20 3.35 -9.96
N GLU A 98 2.94 3.04 -10.23
CA GLU A 98 2.29 3.48 -11.47
C GLU A 98 0.90 4.07 -11.20
N GLU A 99 0.32 4.71 -12.23
CA GLU A 99 -1.00 5.33 -12.08
C GLU A 99 -2.14 4.41 -12.49
N ARG A 100 -2.68 3.68 -11.52
CA ARG A 100 -3.79 2.78 -11.76
C ARG A 100 -5.06 3.56 -12.09
N GLU A 101 -6.07 2.84 -12.56
CA GLU A 101 -7.36 3.43 -12.88
C GLU A 101 -8.43 2.35 -13.06
N LEU A 102 -9.29 2.23 -12.06
CA LEU A 102 -10.35 1.23 -12.08
C LEU A 102 -11.47 1.63 -13.05
N PRO A 103 -12.18 0.65 -13.62
CA PRO A 103 -13.28 0.91 -14.55
C PRO A 103 -14.32 1.85 -13.96
N GLU A 104 -14.72 2.86 -14.73
CA GLU A 104 -15.72 3.82 -14.27
C GLU A 104 -17.10 3.45 -14.80
N LEU A 105 -17.29 3.61 -16.11
CA LEU A 105 -18.57 3.30 -16.74
C LEU A 105 -18.63 1.82 -17.13
N THR A 106 -19.47 1.07 -16.42
CA THR A 106 -19.62 -0.35 -16.68
C THR A 106 -20.58 -0.59 -17.85
N GLY A 1 -4.33 -20.86 -23.55
CA GLY A 1 -3.09 -20.04 -23.60
C GLY A 1 -2.74 -19.43 -22.26
N SER A 2 -2.40 -18.14 -22.27
CA SER A 2 -2.05 -17.43 -21.04
C SER A 2 -3.29 -16.94 -20.32
N HIS A 3 -3.23 -16.90 -19.00
CA HIS A 3 -4.35 -16.46 -18.18
C HIS A 3 -3.88 -15.64 -16.98
N MET A 4 -4.64 -14.60 -16.64
CA MET A 4 -4.29 -13.74 -15.51
C MET A 4 -5.51 -13.49 -14.63
N GLN A 5 -5.26 -13.11 -13.38
CA GLN A 5 -6.34 -12.84 -12.44
C GLN A 5 -6.65 -11.34 -12.39
N ALA A 6 -5.75 -10.57 -11.79
CA ALA A 6 -5.93 -9.13 -11.69
C ALA A 6 -5.47 -8.42 -12.95
N THR A 7 -6.04 -7.23 -13.20
CA THR A 7 -5.69 -6.46 -14.38
C THR A 7 -5.33 -5.03 -14.00
N TRP A 8 -4.46 -4.42 -14.80
CA TRP A 8 -4.04 -3.04 -14.55
C TRP A 8 -3.83 -2.26 -15.84
N LYS A 9 -3.71 -0.95 -15.71
CA LYS A 9 -3.49 -0.07 -16.86
C LYS A 9 -2.56 1.08 -16.46
N GLU A 10 -1.86 0.91 -15.35
CA GLU A 10 -0.97 1.94 -14.85
C GLU A 10 0.22 2.16 -15.78
N LYS A 11 0.60 3.44 -15.93
CA LYS A 11 1.71 3.83 -16.77
C LYS A 11 3.03 3.29 -16.20
N ASP A 12 4.13 4.00 -16.44
CA ASP A 12 5.43 3.56 -15.94
C ASP A 12 6.19 4.72 -15.30
N GLY A 13 5.47 5.76 -14.92
CA GLY A 13 6.10 6.91 -14.30
C GLY A 13 5.98 6.91 -12.79
N ALA A 14 6.17 8.08 -12.19
CA ALA A 14 6.09 8.22 -10.73
C ALA A 14 4.66 8.04 -10.22
N VAL A 15 4.46 8.32 -8.94
CA VAL A 15 3.13 8.25 -8.33
C VAL A 15 2.23 9.36 -8.89
N GLU A 16 0.93 9.13 -8.91
CA GLU A 16 -0.01 10.14 -9.38
C GLU A 16 -1.21 10.21 -8.43
N ALA A 17 -1.98 11.29 -8.54
CA ALA A 17 -3.14 11.53 -7.68
C ALA A 17 -3.66 10.24 -7.03
N GLU A 18 -4.34 9.40 -7.80
CA GLU A 18 -4.90 8.17 -7.25
C GLU A 18 -4.28 6.93 -7.92
N ASP A 19 -3.01 6.69 -7.64
CA ASP A 19 -2.28 5.57 -8.21
C ASP A 19 -2.19 4.38 -7.26
N ARG A 20 -1.38 3.38 -7.64
CA ARG A 20 -1.17 2.20 -6.81
C ARG A 20 0.28 1.71 -6.97
N VAL A 21 1.03 1.75 -5.88
CA VAL A 21 2.43 1.32 -5.85
C VAL A 21 2.58 -0.14 -5.45
N THR A 22 3.79 -0.69 -5.61
CA THR A 22 4.08 -2.06 -5.21
C THR A 22 5.22 -2.06 -4.21
N ILE A 23 4.95 -2.46 -2.98
CA ILE A 23 5.98 -2.44 -1.94
C ILE A 23 6.02 -3.71 -1.10
N ASP A 24 7.20 -3.99 -0.54
CA ASP A 24 7.42 -5.13 0.33
C ASP A 24 7.87 -4.62 1.69
N PHE A 25 7.23 -5.06 2.76
CA PHE A 25 7.60 -4.58 4.09
C PHE A 25 7.49 -5.65 5.18
N THR A 26 8.07 -5.34 6.33
CA THR A 26 8.05 -6.26 7.46
C THR A 26 8.03 -5.48 8.78
N GLY A 27 6.94 -5.60 9.53
CA GLY A 27 6.81 -4.89 10.78
C GLY A 27 5.82 -5.52 11.74
N SER A 28 5.83 -5.05 12.98
CA SER A 28 4.93 -5.56 14.00
C SER A 28 3.86 -4.54 14.38
N VAL A 29 2.95 -4.94 15.25
CA VAL A 29 1.87 -4.08 15.72
C VAL A 29 2.10 -3.68 17.17
N ASP A 30 1.73 -4.56 18.09
CA ASP A 30 1.91 -4.29 19.52
C ASP A 30 3.22 -4.92 20.00
N GLY A 31 4.25 -4.82 19.19
CA GLY A 31 5.53 -5.39 19.53
C GLY A 31 5.74 -6.75 18.90
N GLU A 32 4.65 -7.34 18.39
CA GLU A 32 4.70 -8.65 17.75
C GLU A 32 4.01 -8.60 16.39
N GLU A 33 4.76 -8.92 15.34
CA GLU A 33 4.24 -8.89 13.99
C GLU A 33 3.13 -9.90 13.81
N PHE A 34 1.98 -9.38 13.40
CA PHE A 34 0.78 -10.20 13.21
C PHE A 34 0.76 -10.90 11.85
N GLU A 35 -0.39 -10.89 11.20
CA GLU A 35 -0.55 -11.51 9.88
C GLU A 35 0.20 -10.70 8.82
N GLY A 36 -0.10 -9.40 8.76
CA GLY A 36 0.53 -8.53 7.80
C GLY A 36 1.92 -8.09 8.22
N GLY A 37 2.47 -8.74 9.24
CA GLY A 37 3.79 -8.39 9.71
C GLY A 37 4.85 -8.51 8.65
N LYS A 38 4.51 -9.09 7.51
CA LYS A 38 5.46 -9.24 6.41
C LYS A 38 4.75 -9.27 5.07
N ALA A 39 5.14 -8.35 4.19
CA ALA A 39 4.55 -8.25 2.86
C ALA A 39 5.65 -8.11 1.82
N SER A 40 5.44 -8.71 0.66
CA SER A 40 6.42 -8.64 -0.42
C SER A 40 5.87 -7.87 -1.60
N ASP A 41 4.74 -8.33 -2.13
CA ASP A 41 4.06 -7.67 -3.22
C ASP A 41 2.87 -6.90 -2.67
N PHE A 42 3.12 -5.84 -1.94
CA PHE A 42 2.03 -5.05 -1.39
C PHE A 42 1.59 -4.00 -2.41
N VAL A 43 0.36 -4.10 -2.85
CA VAL A 43 -0.17 -3.15 -3.82
C VAL A 43 -0.90 -2.02 -3.10
N LEU A 44 -0.20 -0.92 -2.86
CA LEU A 44 -0.77 0.21 -2.17
C LEU A 44 -1.43 1.17 -3.14
N ALA A 45 -2.56 1.72 -2.73
CA ALA A 45 -3.29 2.65 -3.56
C ALA A 45 -3.11 4.09 -3.08
N MET A 46 -2.30 4.87 -3.79
CA MET A 46 -2.06 6.26 -3.41
C MET A 46 -3.31 7.10 -3.62
N GLY A 47 -4.24 6.99 -2.68
CA GLY A 47 -5.49 7.74 -2.75
C GLY A 47 -6.67 6.87 -3.14
N GLN A 48 -7.13 6.04 -2.22
CA GLN A 48 -8.26 5.16 -2.46
C GLN A 48 -9.29 5.28 -1.34
N GLY A 49 -8.90 4.81 -0.15
CA GLY A 49 -9.79 4.88 1.00
C GLY A 49 -9.45 6.03 1.91
N ARG A 50 -8.21 6.06 2.39
CA ARG A 50 -7.74 7.11 3.28
C ARG A 50 -6.28 6.86 3.65
N MET A 51 -5.40 6.94 2.65
CA MET A 51 -3.97 6.71 2.87
C MET A 51 -3.47 7.47 4.09
N ILE A 52 -3.08 6.72 5.11
CA ILE A 52 -2.58 7.31 6.35
C ILE A 52 -1.22 7.98 6.12
N PRO A 53 -0.80 8.88 7.03
CA PRO A 53 0.47 9.56 6.91
C PRO A 53 1.65 8.58 6.91
N GLY A 54 1.37 7.36 7.35
CA GLY A 54 2.41 6.35 7.38
C GLY A 54 2.82 5.90 6.00
N PHE A 55 1.85 5.35 5.26
CA PHE A 55 2.11 4.89 3.91
C PHE A 55 2.32 6.06 2.96
N GLU A 56 1.45 7.05 3.06
CA GLU A 56 1.54 8.23 2.21
C GLU A 56 2.93 8.87 2.30
N ASP A 57 3.65 8.57 3.39
CA ASP A 57 4.98 9.11 3.60
C ASP A 57 6.02 8.33 2.80
N GLY A 58 6.38 7.13 3.28
CA GLY A 58 7.38 6.34 2.60
C GLY A 58 6.91 5.87 1.24
N ILE A 59 5.76 5.21 1.22
CA ILE A 59 5.18 4.69 -0.01
C ILE A 59 4.45 5.79 -0.77
N LYS A 60 5.07 6.96 -0.74
CA LYS A 60 4.55 8.09 -1.49
C LYS A 60 4.34 7.59 -2.92
N GLY A 61 5.41 7.01 -3.44
CA GLY A 61 5.43 6.50 -4.80
C GLY A 61 6.31 7.37 -5.65
N HIS A 62 7.56 7.49 -5.21
CA HIS A 62 8.52 8.35 -5.91
C HIS A 62 9.78 7.61 -6.35
N LYS A 63 10.27 6.69 -5.52
CA LYS A 63 11.46 5.95 -5.86
C LYS A 63 11.16 4.46 -6.02
N ALA A 64 10.94 4.04 -7.26
CA ALA A 64 10.66 2.66 -7.57
C ALA A 64 11.82 1.77 -7.14
N GLY A 65 11.67 1.06 -6.03
CA GLY A 65 12.73 0.20 -5.55
C GLY A 65 13.41 0.76 -4.33
N GLU A 66 12.64 1.42 -3.47
CA GLU A 66 13.18 2.03 -2.26
C GLU A 66 13.06 1.11 -1.04
N GLU A 67 13.78 1.45 0.01
CA GLU A 67 13.76 0.70 1.27
C GLU A 67 13.66 1.67 2.44
N PHE A 68 12.48 1.80 3.03
CA PHE A 68 12.27 2.73 4.13
C PHE A 68 11.39 2.12 5.21
N THR A 69 11.36 2.76 6.37
CA THR A 69 10.55 2.30 7.48
C THR A 69 9.60 3.39 7.96
N ILE A 70 8.31 3.11 7.96
CA ILE A 70 7.34 4.10 8.41
C ILE A 70 6.37 3.50 9.41
N ASP A 71 5.64 4.35 10.09
CA ASP A 71 4.64 3.90 11.05
C ASP A 71 3.30 3.85 10.36
N VAL A 72 2.43 2.94 10.76
CA VAL A 72 1.11 2.85 10.16
C VAL A 72 0.08 2.42 11.18
N THR A 73 -1.05 3.12 11.20
CA THR A 73 -2.12 2.82 12.12
C THR A 73 -3.45 3.15 11.44
N PHE A 74 -4.32 2.17 11.32
CA PHE A 74 -5.59 2.41 10.66
C PHE A 74 -6.63 2.96 11.63
N PRO A 75 -7.28 4.08 11.26
CA PRO A 75 -8.30 4.73 12.10
C PRO A 75 -9.54 3.86 12.29
N GLU A 76 -10.46 4.36 13.12
CA GLU A 76 -11.70 3.65 13.41
C GLU A 76 -12.65 3.66 12.20
N GLU A 77 -12.34 4.51 11.23
CA GLU A 77 -13.17 4.62 10.03
C GLU A 77 -12.73 3.61 8.96
N TYR A 78 -11.43 3.35 8.90
CA TYR A 78 -10.90 2.39 7.94
C TYR A 78 -11.39 0.99 8.23
N HIS A 79 -10.89 0.43 9.33
CA HIS A 79 -11.27 -0.89 9.80
C HIS A 79 -11.58 -1.87 8.65
N ALA A 80 -10.54 -2.42 8.04
CA ALA A 80 -10.72 -3.39 6.95
C ALA A 80 -10.86 -4.80 7.51
N GLU A 81 -11.61 -5.63 6.81
CA GLU A 81 -11.87 -7.01 7.24
C GLU A 81 -10.58 -7.78 7.58
N ASN A 82 -9.47 -7.39 6.97
CA ASN A 82 -8.21 -8.10 7.20
C ASN A 82 -7.33 -7.47 8.29
N LEU A 83 -7.25 -6.14 8.32
CA LEU A 83 -6.38 -5.47 9.29
C LEU A 83 -7.07 -4.32 10.02
N LYS A 84 -8.39 -4.30 9.99
CA LYS A 84 -9.19 -3.26 10.64
C LYS A 84 -8.56 -2.73 11.93
N GLY A 85 -8.43 -1.41 12.01
CA GLY A 85 -7.86 -0.76 13.19
C GLY A 85 -6.55 -1.37 13.63
N LYS A 86 -5.60 -1.49 12.70
CA LYS A 86 -4.30 -2.05 13.02
C LYS A 86 -3.25 -0.96 13.27
N ALA A 87 -3.03 -0.64 14.54
CA ALA A 87 -2.03 0.35 14.93
C ALA A 87 -0.67 -0.33 15.02
N ALA A 88 0.04 -0.41 13.90
CA ALA A 88 1.33 -1.10 13.88
C ALA A 88 2.48 -0.27 13.31
N LYS A 89 3.62 -0.95 13.23
CA LYS A 89 4.85 -0.39 12.69
C LYS A 89 5.28 -1.25 11.51
N PHE A 90 5.76 -0.63 10.43
CA PHE A 90 6.22 -1.38 9.27
C PHE A 90 7.52 -0.83 8.71
N ALA A 91 8.28 -1.69 8.05
CA ALA A 91 9.51 -1.31 7.38
C ALA A 91 9.34 -1.76 5.94
N ILE A 92 9.07 -0.79 5.08
CA ILE A 92 8.75 -1.08 3.69
C ILE A 92 9.85 -0.79 2.68
N ASN A 93 9.66 -1.35 1.50
CA ASN A 93 10.57 -1.16 0.37
C ASN A 93 9.77 -0.88 -0.90
N LEU A 94 9.75 0.37 -1.33
CA LEU A 94 9.00 0.77 -2.53
C LEU A 94 9.52 0.07 -3.77
N LYS A 95 8.63 -0.12 -4.77
CA LYS A 95 9.01 -0.77 -6.01
C LYS A 95 8.20 -0.19 -7.19
N LYS A 96 7.29 -1.00 -7.75
CA LYS A 96 6.52 -0.56 -8.91
C LYS A 96 5.47 0.48 -8.56
N VAL A 97 5.76 1.73 -8.88
CA VAL A 97 4.84 2.85 -8.66
C VAL A 97 4.37 3.38 -10.01
N GLU A 98 3.10 3.15 -10.33
CA GLU A 98 2.55 3.59 -11.61
C GLU A 98 1.17 4.22 -11.44
N GLU A 99 0.57 4.68 -12.54
CA GLU A 99 -0.75 5.32 -12.49
C GLU A 99 -1.87 4.38 -12.91
N ARG A 100 -2.36 3.60 -11.96
CA ARG A 100 -3.45 2.68 -12.23
C ARG A 100 -4.72 3.42 -12.65
N GLU A 101 -5.42 2.88 -13.63
CA GLU A 101 -6.64 3.50 -14.12
C GLU A 101 -7.45 2.52 -14.97
N LEU A 102 -8.24 1.68 -14.31
CA LEU A 102 -9.06 0.70 -15.00
C LEU A 102 -10.25 1.34 -15.69
N PRO A 103 -11.14 2.03 -14.94
CA PRO A 103 -12.30 2.70 -15.52
C PRO A 103 -11.91 3.72 -16.58
N GLU A 104 -12.75 3.85 -17.61
CA GLU A 104 -12.48 4.80 -18.68
C GLU A 104 -12.81 6.22 -18.24
N LEU A 105 -11.82 7.10 -18.34
CA LEU A 105 -12.00 8.50 -17.93
C LEU A 105 -12.21 9.39 -19.16
N THR A 106 -13.29 10.15 -19.15
CA THR A 106 -13.62 11.04 -20.25
C THR A 106 -13.86 12.46 -19.75
N GLY A 1 4.10 -17.96 -18.44
CA GLY A 1 3.14 -19.08 -18.33
C GLY A 1 1.95 -18.73 -17.45
N SER A 2 2.19 -17.97 -16.39
CA SER A 2 1.12 -17.57 -15.47
C SER A 2 0.63 -16.16 -15.80
N HIS A 3 -0.47 -15.78 -15.18
CA HIS A 3 -1.06 -14.46 -15.39
C HIS A 3 -1.63 -13.89 -14.10
N MET A 4 -2.23 -12.71 -14.19
CA MET A 4 -2.82 -12.06 -13.03
C MET A 4 -4.34 -12.20 -13.05
N GLN A 5 -4.96 -12.00 -11.88
CA GLN A 5 -6.41 -12.12 -11.76
C GLN A 5 -7.08 -10.77 -12.03
N ALA A 6 -6.66 -9.75 -11.29
CA ALA A 6 -7.22 -8.40 -11.44
C ALA A 6 -6.62 -7.71 -12.66
N THR A 7 -7.32 -6.69 -13.16
CA THR A 7 -6.85 -5.94 -14.32
C THR A 7 -6.32 -4.58 -13.91
N TRP A 8 -5.36 -4.07 -14.70
CA TRP A 8 -4.77 -2.76 -14.43
C TRP A 8 -4.42 -2.04 -15.73
N LYS A 9 -4.14 -0.75 -15.62
CA LYS A 9 -3.76 0.06 -16.76
C LYS A 9 -2.79 1.15 -16.32
N GLU A 10 -2.05 0.87 -15.25
CA GLU A 10 -1.09 1.83 -14.72
C GLU A 10 -0.01 2.19 -15.73
N LYS A 11 0.35 3.47 -15.78
CA LYS A 11 1.38 3.95 -16.68
C LYS A 11 2.74 3.41 -16.23
N ASP A 12 3.82 4.07 -16.61
CA ASP A 12 5.16 3.62 -16.24
C ASP A 12 5.97 4.75 -15.60
N GLY A 13 5.28 5.78 -15.11
CA GLY A 13 5.96 6.90 -14.49
C GLY A 13 5.90 6.85 -12.97
N ALA A 14 6.13 8.01 -12.34
CA ALA A 14 6.11 8.11 -10.88
C ALA A 14 4.69 7.97 -10.33
N VAL A 15 4.55 8.26 -9.04
CA VAL A 15 3.23 8.24 -8.40
C VAL A 15 2.35 9.36 -8.93
N GLU A 16 1.04 9.14 -8.95
CA GLU A 16 0.10 10.15 -9.39
C GLU A 16 -1.10 10.22 -8.44
N ALA A 17 -1.87 11.30 -8.55
CA ALA A 17 -3.03 11.54 -7.68
C ALA A 17 -3.54 10.25 -7.02
N GLU A 18 -4.21 9.40 -7.78
CA GLU A 18 -4.76 8.16 -7.24
C GLU A 18 -4.15 6.92 -7.90
N ASP A 19 -2.88 6.66 -7.60
CA ASP A 19 -2.16 5.53 -8.18
C ASP A 19 -2.08 4.32 -7.25
N ARG A 20 -1.30 3.32 -7.67
CA ARG A 20 -1.10 2.10 -6.89
C ARG A 20 0.34 1.62 -7.02
N VAL A 21 1.10 1.67 -5.93
CA VAL A 21 2.49 1.23 -5.90
C VAL A 21 2.62 -0.23 -5.48
N THR A 22 3.83 -0.80 -5.67
CA THR A 22 4.10 -2.17 -5.26
C THR A 22 5.22 -2.14 -4.22
N ILE A 23 4.92 -2.50 -2.99
CA ILE A 23 5.92 -2.45 -1.93
C ILE A 23 6.01 -3.76 -1.14
N ASP A 24 7.18 -3.97 -0.54
CA ASP A 24 7.46 -5.14 0.31
C ASP A 24 7.92 -4.63 1.68
N PHE A 25 7.23 -5.03 2.75
CA PHE A 25 7.61 -4.54 4.08
C PHE A 25 7.49 -5.61 5.16
N THR A 26 8.01 -5.27 6.33
CA THR A 26 7.97 -6.18 7.48
C THR A 26 7.95 -5.40 8.80
N GLY A 27 6.89 -5.56 9.58
CA GLY A 27 6.78 -4.85 10.84
C GLY A 27 5.79 -5.49 11.81
N SER A 28 5.78 -5.00 13.04
CA SER A 28 4.88 -5.50 14.08
C SER A 28 3.80 -4.50 14.44
N VAL A 29 2.80 -4.95 15.18
CA VAL A 29 1.70 -4.08 15.62
C VAL A 29 1.69 -3.94 17.14
N ASP A 30 1.43 -5.02 17.86
CA ASP A 30 1.42 -4.99 19.31
C ASP A 30 2.77 -5.45 19.84
N GLY A 31 3.83 -5.09 19.13
CA GLY A 31 5.16 -5.48 19.53
C GLY A 31 5.62 -6.73 18.80
N GLU A 32 4.67 -7.42 18.16
CA GLU A 32 4.98 -8.64 17.42
C GLU A 32 4.28 -8.64 16.07
N GLU A 33 5.04 -8.94 15.02
CA GLU A 33 4.51 -8.98 13.67
C GLU A 33 3.35 -9.95 13.58
N PHE A 34 2.18 -9.42 13.26
CA PHE A 34 0.95 -10.21 13.16
C PHE A 34 0.82 -10.89 11.79
N GLU A 35 -0.35 -10.83 11.20
CA GLU A 35 -0.59 -11.43 9.88
C GLU A 35 0.12 -10.63 8.79
N GLY A 36 -0.10 -9.31 8.79
CA GLY A 36 0.51 -8.44 7.80
C GLY A 36 1.89 -7.96 8.23
N GLY A 37 2.43 -8.59 9.27
CA GLY A 37 3.75 -8.21 9.77
C GLY A 37 4.83 -8.36 8.72
N LYS A 38 4.51 -8.98 7.58
CA LYS A 38 5.47 -9.16 6.51
C LYS A 38 4.77 -9.23 5.16
N ALA A 39 5.14 -8.31 4.28
CA ALA A 39 4.54 -8.25 2.94
C ALA A 39 5.63 -8.09 1.89
N SER A 40 5.39 -8.68 0.71
CA SER A 40 6.36 -8.61 -0.37
C SER A 40 5.80 -7.83 -1.55
N ASP A 41 4.68 -8.30 -2.09
CA ASP A 41 4.00 -7.63 -3.17
C ASP A 41 2.79 -6.90 -2.62
N PHE A 42 3.03 -5.83 -1.88
CA PHE A 42 1.92 -5.06 -1.31
C PHE A 42 1.49 -3.97 -2.26
N VAL A 43 0.32 -4.14 -2.87
CA VAL A 43 -0.19 -3.16 -3.81
C VAL A 43 -0.93 -2.05 -3.08
N LEU A 44 -0.22 -0.96 -2.83
CA LEU A 44 -0.81 0.17 -2.14
C LEU A 44 -1.45 1.15 -3.10
N ALA A 45 -2.61 1.65 -2.73
CA ALA A 45 -3.33 2.60 -3.56
C ALA A 45 -3.10 4.03 -3.06
N MET A 46 -2.27 4.77 -3.78
CA MET A 46 -1.97 6.14 -3.39
C MET A 46 -3.18 7.05 -3.58
N GLY A 47 -4.08 6.99 -2.59
CA GLY A 47 -5.28 7.81 -2.63
C GLY A 47 -6.51 7.02 -3.08
N GLN A 48 -6.96 6.12 -2.22
CA GLN A 48 -8.14 5.30 -2.51
C GLN A 48 -9.16 5.40 -1.39
N GLY A 49 -8.80 4.87 -0.23
CA GLY A 49 -9.69 4.91 0.91
C GLY A 49 -9.33 6.04 1.87
N ARG A 50 -8.08 6.06 2.30
CA ARG A 50 -7.59 7.10 3.21
C ARG A 50 -6.12 6.86 3.56
N MET A 51 -5.25 7.01 2.57
CA MET A 51 -3.82 6.80 2.79
C MET A 51 -3.36 7.53 4.04
N ILE A 52 -3.00 6.78 5.07
CA ILE A 52 -2.54 7.36 6.32
C ILE A 52 -1.18 8.01 6.13
N PRO A 53 -0.83 8.98 6.99
CA PRO A 53 0.45 9.67 6.91
C PRO A 53 1.62 8.69 6.87
N GLY A 54 1.39 7.49 7.39
CA GLY A 54 2.41 6.47 7.41
C GLY A 54 2.79 5.99 6.03
N PHE A 55 1.84 5.42 5.32
CA PHE A 55 2.09 4.92 3.97
C PHE A 55 2.30 6.08 3.01
N GLU A 56 1.47 7.11 3.15
CA GLU A 56 1.57 8.28 2.28
C GLU A 56 2.97 8.89 2.32
N ASP A 57 3.71 8.61 3.39
CA ASP A 57 5.06 9.13 3.54
C ASP A 57 6.07 8.30 2.74
N GLY A 58 6.39 7.12 3.24
CA GLY A 58 7.37 6.28 2.57
C GLY A 58 6.89 5.82 1.21
N ILE A 59 5.72 5.21 1.20
CA ILE A 59 5.11 4.70 -0.01
C ILE A 59 4.41 5.81 -0.78
N LYS A 60 5.04 6.96 -0.78
CA LYS A 60 4.54 8.09 -1.54
C LYS A 60 4.32 7.57 -2.96
N GLY A 61 5.38 6.94 -3.47
CA GLY A 61 5.38 6.40 -4.81
C GLY A 61 6.30 7.21 -5.70
N HIS A 62 7.42 7.59 -5.11
CA HIS A 62 8.42 8.40 -5.81
C HIS A 62 9.80 7.75 -5.79
N LYS A 63 9.85 6.47 -5.44
CA LYS A 63 11.12 5.75 -5.38
C LYS A 63 10.96 4.28 -5.76
N ALA A 64 10.92 4.01 -7.06
CA ALA A 64 10.79 2.64 -7.54
C ALA A 64 11.96 1.77 -7.09
N GLY A 65 11.78 1.03 -6.00
CA GLY A 65 12.84 0.17 -5.50
C GLY A 65 13.59 0.75 -4.33
N GLU A 66 12.88 1.47 -3.47
CA GLU A 66 13.49 2.09 -2.30
C GLU A 66 13.23 1.26 -1.05
N GLU A 67 14.04 1.46 -0.01
CA GLU A 67 13.89 0.76 1.25
C GLU A 67 13.76 1.77 2.40
N PHE A 68 12.57 1.88 2.95
CA PHE A 68 12.32 2.84 4.03
C PHE A 68 11.44 2.24 5.12
N THR A 69 11.37 2.92 6.25
CA THR A 69 10.57 2.45 7.37
C THR A 69 9.61 3.54 7.84
N ILE A 70 8.33 3.19 8.00
CA ILE A 70 7.36 4.17 8.44
C ILE A 70 6.40 3.57 9.45
N ASP A 71 5.66 4.42 10.13
CA ASP A 71 4.66 3.98 11.09
C ASP A 71 3.32 3.92 10.39
N VAL A 72 2.46 3.00 10.79
CA VAL A 72 1.14 2.91 10.18
C VAL A 72 0.11 2.48 11.22
N THR A 73 -1.04 3.15 11.22
CA THR A 73 -2.11 2.84 12.14
C THR A 73 -3.44 3.15 11.46
N PHE A 74 -4.31 2.17 11.36
CA PHE A 74 -5.59 2.36 10.71
C PHE A 74 -6.64 2.92 11.67
N PRO A 75 -7.34 3.99 11.27
CA PRO A 75 -8.36 4.64 12.10
C PRO A 75 -9.62 3.80 12.28
N GLU A 76 -10.61 4.39 12.95
CA GLU A 76 -11.88 3.73 13.20
C GLU A 76 -12.78 3.69 11.96
N GLU A 77 -12.44 4.48 10.95
CA GLU A 77 -13.23 4.52 9.73
C GLU A 77 -12.78 3.45 8.75
N TYR A 78 -11.49 3.13 8.75
CA TYR A 78 -10.94 2.10 7.87
C TYR A 78 -11.49 0.74 8.27
N HIS A 79 -11.04 0.27 9.42
CA HIS A 79 -11.46 -1.02 9.97
C HIS A 79 -11.72 -2.06 8.87
N ALA A 80 -10.68 -2.41 8.12
CA ALA A 80 -10.82 -3.40 7.06
C ALA A 80 -10.94 -4.81 7.65
N GLU A 81 -11.69 -5.66 6.97
CA GLU A 81 -11.92 -7.01 7.43
C GLU A 81 -10.64 -7.78 7.73
N ASN A 82 -9.52 -7.41 7.10
CA ASN A 82 -8.27 -8.12 7.31
C ASN A 82 -7.35 -7.50 8.37
N LEU A 83 -7.29 -6.17 8.43
CA LEU A 83 -6.42 -5.51 9.42
C LEU A 83 -7.11 -4.37 10.16
N LYS A 84 -8.43 -4.37 10.12
CA LYS A 84 -9.22 -3.33 10.79
C LYS A 84 -8.55 -2.75 12.04
N GLY A 85 -8.40 -1.42 12.05
CA GLY A 85 -7.80 -0.73 13.19
C GLY A 85 -6.49 -1.33 13.67
N LYS A 86 -5.53 -1.49 12.77
CA LYS A 86 -4.24 -2.06 13.14
C LYS A 86 -3.17 -0.98 13.34
N ALA A 87 -3.01 -0.54 14.59
CA ALA A 87 -1.99 0.46 14.92
C ALA A 87 -0.63 -0.24 15.02
N ALA A 88 0.08 -0.30 13.90
CA ALA A 88 1.37 -1.00 13.86
C ALA A 88 2.52 -0.16 13.33
N LYS A 89 3.65 -0.84 13.18
CA LYS A 89 4.88 -0.25 12.66
C LYS A 89 5.34 -1.13 11.51
N PHE A 90 5.82 -0.52 10.42
CA PHE A 90 6.32 -1.30 9.27
C PHE A 90 7.60 -0.73 8.71
N ALA A 91 8.37 -1.58 8.04
CA ALA A 91 9.58 -1.18 7.36
C ALA A 91 9.40 -1.62 5.93
N ILE A 92 9.10 -0.66 5.06
CA ILE A 92 8.76 -0.96 3.68
C ILE A 92 9.87 -0.68 2.67
N ASN A 93 9.70 -1.29 1.50
CA ASN A 93 10.60 -1.12 0.37
C ASN A 93 9.78 -0.92 -0.91
N LEU A 94 9.71 0.33 -1.39
CA LEU A 94 8.93 0.63 -2.58
C LEU A 94 9.50 -0.02 -3.83
N LYS A 95 8.64 -0.20 -4.85
CA LYS A 95 9.06 -0.82 -6.10
C LYS A 95 8.26 -0.25 -7.28
N LYS A 96 7.37 -1.06 -7.85
CA LYS A 96 6.60 -0.63 -9.01
C LYS A 96 5.53 0.40 -8.66
N VAL A 97 5.82 1.65 -8.98
CA VAL A 97 4.89 2.75 -8.74
C VAL A 97 4.38 3.28 -10.08
N GLU A 98 3.13 2.96 -10.41
CA GLU A 98 2.55 3.40 -11.67
C GLU A 98 1.27 4.21 -11.43
N GLU A 99 0.51 4.46 -12.50
CA GLU A 99 -0.74 5.24 -12.38
C GLU A 99 -1.96 4.41 -12.77
N ARG A 100 -2.54 3.74 -11.78
CA ARG A 100 -3.73 2.91 -12.01
C ARG A 100 -4.95 3.76 -12.35
N GLU A 101 -5.99 3.10 -12.84
CA GLU A 101 -7.24 3.77 -13.20
C GLU A 101 -8.30 2.74 -13.54
N LEU A 102 -8.64 1.91 -12.55
CA LEU A 102 -9.64 0.86 -12.74
C LEU A 102 -11.05 1.44 -12.79
N PRO A 103 -11.96 0.81 -13.56
CA PRO A 103 -13.35 1.25 -13.69
C PRO A 103 -14.13 1.05 -12.39
N GLU A 104 -14.67 2.16 -11.86
CA GLU A 104 -15.44 2.11 -10.63
C GLU A 104 -16.84 1.58 -10.88
N LEU A 105 -17.03 0.28 -10.64
CA LEU A 105 -18.33 -0.35 -10.83
C LEU A 105 -19.15 -0.32 -9.56
N THR A 106 -20.09 0.63 -9.48
CA THR A 106 -20.94 0.76 -8.30
C THR A 106 -22.39 0.97 -8.70
N GLY A 1 -19.40 -16.00 -16.79
CA GLY A 1 -18.10 -15.39 -16.43
C GLY A 1 -17.65 -14.34 -17.42
N SER A 2 -16.78 -13.44 -16.99
CA SER A 2 -16.28 -12.37 -17.84
C SER A 2 -14.80 -12.16 -17.61
N HIS A 3 -14.42 -12.05 -16.33
CA HIS A 3 -13.01 -11.85 -15.98
C HIS A 3 -12.62 -12.75 -14.81
N MET A 4 -11.32 -12.96 -14.64
CA MET A 4 -10.81 -13.80 -13.56
C MET A 4 -9.89 -13.02 -12.64
N GLN A 5 -8.87 -12.39 -13.22
CA GLN A 5 -7.92 -11.59 -12.44
C GLN A 5 -8.32 -10.13 -12.44
N ALA A 6 -7.50 -9.30 -11.81
CA ALA A 6 -7.77 -7.87 -11.74
C ALA A 6 -7.28 -7.14 -12.97
N THR A 7 -7.91 -6.00 -13.28
CA THR A 7 -7.53 -5.21 -14.46
C THR A 7 -6.75 -3.97 -14.06
N TRP A 8 -5.72 -3.64 -14.84
CA TRP A 8 -4.90 -2.48 -14.57
C TRP A 8 -4.52 -1.74 -15.85
N LYS A 9 -4.20 -0.46 -15.70
CA LYS A 9 -3.80 0.38 -16.82
C LYS A 9 -2.78 1.42 -16.38
N GLU A 10 -2.01 1.07 -15.36
CA GLU A 10 -1.02 1.97 -14.81
C GLU A 10 0.17 2.14 -15.74
N LYS A 11 0.60 3.40 -15.91
CA LYS A 11 1.72 3.74 -16.76
C LYS A 11 3.03 3.21 -16.17
N ASP A 12 4.12 3.96 -16.34
CA ASP A 12 5.42 3.55 -15.81
C ASP A 12 6.17 4.72 -15.21
N GLY A 13 5.44 5.78 -14.86
CA GLY A 13 6.07 6.96 -14.28
C GLY A 13 5.96 6.99 -12.76
N ALA A 14 6.16 8.17 -12.18
CA ALA A 14 6.09 8.33 -10.73
C ALA A 14 4.68 8.15 -10.20
N VAL A 15 4.50 8.41 -8.90
CA VAL A 15 3.18 8.34 -8.29
C VAL A 15 2.28 9.46 -8.81
N GLU A 16 0.98 9.21 -8.87
CA GLU A 16 0.04 10.23 -9.32
C GLU A 16 -1.18 10.25 -8.40
N ALA A 17 -1.96 11.32 -8.51
CA ALA A 17 -3.14 11.53 -7.66
C ALA A 17 -3.64 10.22 -7.03
N GLU A 18 -4.28 9.37 -7.81
CA GLU A 18 -4.80 8.10 -7.29
C GLU A 18 -4.17 6.88 -7.95
N ASP A 19 -2.89 6.63 -7.63
CA ASP A 19 -2.15 5.51 -8.22
C ASP A 19 -2.07 4.30 -7.30
N ARG A 20 -1.25 3.31 -7.69
CA ARG A 20 -1.05 2.10 -6.91
C ARG A 20 0.39 1.60 -7.09
N VAL A 21 1.19 1.67 -6.03
CA VAL A 21 2.58 1.21 -6.09
C VAL A 21 2.71 -0.25 -5.61
N THR A 22 3.90 -0.81 -5.78
CA THR A 22 4.18 -2.17 -5.33
C THR A 22 5.28 -2.13 -4.28
N ILE A 23 4.94 -2.46 -3.03
CA ILE A 23 5.91 -2.41 -1.96
C ILE A 23 5.98 -3.72 -1.17
N ASP A 24 7.16 -3.97 -0.58
CA ASP A 24 7.40 -5.13 0.26
C ASP A 24 7.85 -4.63 1.63
N PHE A 25 7.18 -5.05 2.70
CA PHE A 25 7.56 -4.56 4.03
C PHE A 25 7.45 -5.62 5.11
N THR A 26 8.02 -5.29 6.28
CA THR A 26 8.02 -6.19 7.42
C THR A 26 7.99 -5.41 8.73
N GLY A 27 6.93 -5.58 9.52
CA GLY A 27 6.83 -4.86 10.78
C GLY A 27 5.84 -5.50 11.76
N SER A 28 5.83 -4.98 12.99
CA SER A 28 4.94 -5.50 14.03
C SER A 28 3.83 -4.50 14.38
N VAL A 29 2.83 -4.99 15.12
CA VAL A 29 1.71 -4.16 15.55
C VAL A 29 1.77 -3.90 17.05
N ASP A 30 1.51 -4.92 17.86
CA ASP A 30 1.57 -4.78 19.31
C ASP A 30 2.93 -5.22 19.84
N GLY A 31 3.98 -4.92 19.07
CA GLY A 31 5.31 -5.31 19.46
C GLY A 31 5.74 -6.60 18.78
N GLU A 32 4.78 -7.28 18.16
CA GLU A 32 5.04 -8.54 17.48
C GLU A 32 4.35 -8.56 16.11
N GLU A 33 5.12 -8.90 15.07
CA GLU A 33 4.59 -8.97 13.72
C GLU A 33 3.43 -9.94 13.64
N PHE A 34 2.27 -9.40 13.31
CA PHE A 34 1.04 -10.20 13.21
C PHE A 34 0.93 -10.89 11.85
N GLU A 35 -0.24 -10.83 11.26
CA GLU A 35 -0.50 -11.43 9.96
C GLU A 35 0.22 -10.64 8.86
N GLY A 36 -0.09 -9.35 8.77
CA GLY A 36 0.52 -8.51 7.75
C GLY A 36 1.88 -7.98 8.17
N GLY A 37 2.46 -8.54 9.22
CA GLY A 37 3.76 -8.09 9.67
C GLY A 37 4.84 -8.31 8.62
N LYS A 38 4.49 -8.99 7.53
CA LYS A 38 5.42 -9.25 6.44
C LYS A 38 4.70 -9.22 5.09
N ALA A 39 5.12 -8.32 4.22
CA ALA A 39 4.53 -8.19 2.90
C ALA A 39 5.62 -8.08 1.83
N SER A 40 5.35 -8.67 0.67
CA SER A 40 6.31 -8.63 -0.42
C SER A 40 5.76 -7.86 -1.60
N ASP A 41 4.64 -8.33 -2.14
CA ASP A 41 3.96 -7.66 -3.23
C ASP A 41 2.76 -6.93 -2.67
N PHE A 42 2.98 -5.87 -1.92
CA PHE A 42 1.88 -5.11 -1.35
C PHE A 42 1.49 -3.97 -2.29
N VAL A 43 0.36 -4.14 -2.97
CA VAL A 43 -0.13 -3.14 -3.90
C VAL A 43 -0.90 -2.04 -3.18
N LEU A 44 -0.23 -0.95 -2.89
CA LEU A 44 -0.84 0.18 -2.20
C LEU A 44 -1.46 1.14 -3.18
N ALA A 45 -2.57 1.74 -2.80
CA ALA A 45 -3.28 2.69 -3.65
C ALA A 45 -3.08 4.12 -3.15
N MET A 46 -2.24 4.88 -3.84
CA MET A 46 -2.00 6.26 -3.46
C MET A 46 -3.26 7.10 -3.62
N GLY A 47 -4.17 6.98 -2.65
CA GLY A 47 -5.41 7.73 -2.68
C GLY A 47 -6.60 6.87 -3.06
N GLN A 48 -6.87 5.84 -2.27
CA GLN A 48 -8.01 4.97 -2.53
C GLN A 48 -9.09 5.17 -1.47
N GLY A 49 -8.80 4.71 -0.26
CA GLY A 49 -9.75 4.87 0.83
C GLY A 49 -9.40 6.02 1.75
N ARG A 50 -8.16 6.03 2.22
CA ARG A 50 -7.68 7.08 3.11
C ARG A 50 -6.22 6.86 3.48
N MET A 51 -5.34 7.03 2.49
CA MET A 51 -3.91 6.84 2.72
C MET A 51 -3.46 7.57 3.99
N ILE A 52 -3.13 6.79 5.01
CA ILE A 52 -2.69 7.35 6.28
C ILE A 52 -1.32 8.01 6.13
N PRO A 53 -0.96 8.93 7.05
CA PRO A 53 0.33 9.59 7.01
C PRO A 53 1.49 8.60 6.99
N GLY A 54 1.19 7.37 7.41
CA GLY A 54 2.20 6.34 7.44
C GLY A 54 2.61 5.89 6.06
N PHE A 55 1.67 5.32 5.31
CA PHE A 55 1.95 4.85 3.98
C PHE A 55 2.16 6.01 3.01
N GLU A 56 1.26 6.98 3.07
CA GLU A 56 1.33 8.16 2.21
C GLU A 56 2.73 8.78 2.25
N ASP A 57 3.43 8.59 3.36
CA ASP A 57 4.77 9.15 3.51
C ASP A 57 5.81 8.30 2.76
N GLY A 58 6.17 7.14 3.31
CA GLY A 58 7.16 6.30 2.68
C GLY A 58 6.75 5.86 1.30
N ILE A 59 5.59 5.21 1.24
CA ILE A 59 5.04 4.71 0.00
C ILE A 59 4.35 5.82 -0.79
N LYS A 60 4.98 6.98 -0.76
CA LYS A 60 4.50 8.10 -1.52
C LYS A 60 4.30 7.60 -2.95
N GLY A 61 5.37 6.98 -3.46
CA GLY A 61 5.38 6.45 -4.80
C GLY A 61 6.31 7.28 -5.67
N HIS A 62 7.49 7.53 -5.13
CA HIS A 62 8.48 8.34 -5.85
C HIS A 62 9.83 7.62 -6.02
N LYS A 63 10.07 6.58 -5.24
CA LYS A 63 11.33 5.86 -5.34
C LYS A 63 11.12 4.39 -5.73
N ALA A 64 11.03 4.15 -7.03
CA ALA A 64 10.87 2.80 -7.54
C ALA A 64 12.04 1.90 -7.14
N GLY A 65 11.89 1.15 -6.04
CA GLY A 65 12.96 0.27 -5.59
C GLY A 65 13.70 0.81 -4.39
N GLU A 66 12.98 1.50 -3.51
CA GLU A 66 13.57 2.08 -2.30
C GLU A 66 13.31 1.22 -1.07
N GLU A 67 14.10 1.44 -0.02
CA GLU A 67 13.95 0.72 1.24
C GLU A 67 13.84 1.71 2.39
N PHE A 68 12.62 1.85 2.93
CA PHE A 68 12.38 2.80 4.03
C PHE A 68 11.48 2.19 5.10
N THR A 69 11.41 2.84 6.25
CA THR A 69 10.58 2.37 7.35
C THR A 69 9.63 3.47 7.84
N ILE A 70 8.35 3.16 7.92
CA ILE A 70 7.37 4.14 8.37
C ILE A 70 6.40 3.54 9.37
N ASP A 71 5.66 4.39 10.04
CA ASP A 71 4.67 3.95 11.01
C ASP A 71 3.31 3.85 10.32
N VAL A 72 2.48 2.92 10.75
CA VAL A 72 1.15 2.76 10.15
C VAL A 72 0.12 2.35 11.19
N THR A 73 -1.00 3.04 11.20
CA THR A 73 -2.08 2.73 12.12
C THR A 73 -3.41 3.08 11.46
N PHE A 74 -4.30 2.12 11.36
CA PHE A 74 -5.58 2.34 10.72
C PHE A 74 -6.60 2.94 11.69
N PRO A 75 -7.22 4.08 11.31
CA PRO A 75 -8.21 4.75 12.16
C PRO A 75 -9.46 3.92 12.37
N GLU A 76 -10.41 4.48 13.13
CA GLU A 76 -11.67 3.80 13.41
C GLU A 76 -12.61 3.87 12.21
N GLU A 77 -12.24 4.67 11.21
CA GLU A 77 -13.06 4.81 10.02
C GLU A 77 -12.73 3.73 9.00
N TYR A 78 -11.47 3.29 9.00
CA TYR A 78 -11.03 2.24 8.09
C TYR A 78 -11.64 0.90 8.50
N HIS A 79 -11.16 0.36 9.62
CA HIS A 79 -11.63 -0.91 10.16
C HIS A 79 -12.03 -1.91 9.09
N ALA A 80 -11.03 -2.48 8.41
CA ALA A 80 -11.28 -3.47 7.37
C ALA A 80 -11.31 -4.88 7.96
N GLU A 81 -12.16 -5.73 7.42
CA GLU A 81 -12.29 -7.11 7.90
C GLU A 81 -10.95 -7.85 7.93
N ASN A 82 -9.94 -7.30 7.26
CA ASN A 82 -8.63 -7.94 7.21
C ASN A 82 -7.67 -7.42 8.29
N LEU A 83 -7.56 -6.11 8.43
CA LEU A 83 -6.64 -5.53 9.41
C LEU A 83 -7.28 -4.38 10.19
N LYS A 84 -8.60 -4.31 10.19
CA LYS A 84 -9.33 -3.25 10.89
C LYS A 84 -8.61 -2.72 12.14
N GLY A 85 -8.43 -1.40 12.15
CA GLY A 85 -7.79 -0.73 13.28
C GLY A 85 -6.48 -1.37 13.73
N LYS A 86 -5.55 -1.55 12.79
CA LYS A 86 -4.26 -2.14 13.13
C LYS A 86 -3.18 -1.08 13.33
N ALA A 87 -3.02 -0.61 14.56
CA ALA A 87 -2.00 0.38 14.87
C ALA A 87 -0.65 -0.33 14.97
N ALA A 88 0.07 -0.38 13.85
CA ALA A 88 1.35 -1.08 13.81
C ALA A 88 2.51 -0.24 13.28
N LYS A 89 3.63 -0.92 13.09
CA LYS A 89 4.85 -0.33 12.57
C LYS A 89 5.32 -1.19 11.42
N PHE A 90 5.82 -0.59 10.34
CA PHE A 90 6.33 -1.36 9.20
C PHE A 90 7.63 -0.80 8.66
N ALA A 91 8.39 -1.65 7.98
CA ALA A 91 9.61 -1.25 7.31
C ALA A 91 9.43 -1.68 5.87
N ILE A 92 9.14 -0.70 5.01
CA ILE A 92 8.80 -0.98 3.63
C ILE A 92 9.91 -0.72 2.62
N ASN A 93 9.72 -1.32 1.44
CA ASN A 93 10.64 -1.17 0.31
C ASN A 93 9.84 -0.93 -0.98
N LEU A 94 9.85 0.31 -1.45
CA LEU A 94 9.09 0.67 -2.66
C LEU A 94 9.67 0.02 -3.91
N LYS A 95 8.81 -0.19 -4.92
CA LYS A 95 9.24 -0.79 -6.17
C LYS A 95 8.41 -0.23 -7.34
N LYS A 96 7.48 -1.03 -7.88
CA LYS A 96 6.69 -0.60 -9.03
C LYS A 96 5.64 0.42 -8.66
N VAL A 97 5.92 1.69 -8.98
CA VAL A 97 5.00 2.79 -8.74
C VAL A 97 4.49 3.34 -10.09
N GLU A 98 3.24 3.02 -10.43
CA GLU A 98 2.66 3.47 -11.70
C GLU A 98 1.34 4.21 -11.47
N GLU A 99 0.63 4.52 -12.56
CA GLU A 99 -0.64 5.25 -12.47
C GLU A 99 -1.84 4.35 -12.78
N ARG A 100 -2.28 3.61 -11.78
CA ARG A 100 -3.43 2.71 -11.94
C ARG A 100 -4.70 3.50 -12.20
N GLU A 101 -5.78 2.79 -12.49
CA GLU A 101 -7.07 3.40 -12.75
C GLU A 101 -8.08 2.34 -13.20
N LEU A 102 -8.82 1.77 -12.24
CA LEU A 102 -9.82 0.75 -12.53
C LEU A 102 -11.06 1.35 -13.18
N PRO A 103 -11.68 0.62 -14.14
CA PRO A 103 -12.89 1.10 -14.83
C PRO A 103 -14.09 1.18 -13.90
N GLU A 104 -14.84 2.28 -14.00
CA GLU A 104 -16.02 2.48 -13.17
C GLU A 104 -17.26 1.89 -13.84
N LEU A 105 -17.42 2.16 -15.13
CA LEU A 105 -18.56 1.66 -15.88
C LEU A 105 -18.17 0.47 -16.76
N THR A 106 -18.36 -0.73 -16.22
CA THR A 106 -18.02 -1.94 -16.95
C THR A 106 -19.00 -2.17 -18.11
N GLY A 1 -1.17 -23.26 -20.06
CA GLY A 1 -1.00 -21.87 -20.58
C GLY A 1 -0.89 -20.85 -19.46
N SER A 2 -1.45 -19.66 -19.69
CA SER A 2 -1.41 -18.59 -18.70
C SER A 2 -2.73 -17.82 -18.68
N HIS A 3 -2.93 -17.04 -17.63
CA HIS A 3 -4.15 -16.25 -17.49
C HIS A 3 -4.03 -15.25 -16.34
N MET A 4 -4.33 -13.99 -16.63
CA MET A 4 -4.25 -12.94 -15.61
C MET A 4 -5.62 -12.66 -15.03
N GLN A 5 -5.71 -12.65 -13.70
CA GLN A 5 -6.96 -12.39 -13.01
C GLN A 5 -7.26 -10.89 -12.96
N ALA A 6 -6.46 -10.17 -12.21
CA ALA A 6 -6.63 -8.72 -12.07
C ALA A 6 -6.13 -8.00 -13.32
N THR A 7 -6.69 -6.81 -13.58
CA THR A 7 -6.30 -6.02 -14.74
C THR A 7 -5.86 -4.62 -14.32
N TRP A 8 -4.93 -4.05 -15.10
CA TRP A 8 -4.42 -2.72 -14.82
C TRP A 8 -4.13 -1.95 -16.10
N LYS A 9 -3.92 -0.65 -15.97
CA LYS A 9 -3.60 0.21 -17.10
C LYS A 9 -2.65 1.32 -16.68
N GLU A 10 -1.97 1.11 -15.56
CA GLU A 10 -1.04 2.08 -15.02
C GLU A 10 0.19 2.27 -15.89
N LYS A 11 0.62 3.52 -16.04
CA LYS A 11 1.79 3.85 -16.86
C LYS A 11 3.06 3.32 -16.21
N ASP A 12 4.20 3.96 -16.50
CA ASP A 12 5.47 3.54 -15.94
C ASP A 12 6.21 4.71 -15.29
N GLY A 13 5.47 5.76 -14.96
CA GLY A 13 6.08 6.92 -14.34
C GLY A 13 5.98 6.92 -12.82
N ALA A 14 6.21 8.06 -12.20
CA ALA A 14 6.16 8.19 -10.76
C ALA A 14 4.72 8.07 -10.23
N VAL A 15 4.54 8.36 -8.95
CA VAL A 15 3.22 8.34 -8.33
C VAL A 15 2.35 9.46 -8.90
N GLU A 16 1.04 9.23 -8.95
CA GLU A 16 0.12 10.25 -9.42
C GLU A 16 -1.10 10.31 -8.51
N ALA A 17 -1.87 11.40 -8.63
CA ALA A 17 -3.05 11.63 -7.79
C ALA A 17 -3.58 10.32 -7.18
N GLU A 18 -4.22 9.48 -7.98
CA GLU A 18 -4.79 8.23 -7.47
C GLU A 18 -4.14 7.00 -8.12
N ASP A 19 -2.88 6.73 -7.79
CA ASP A 19 -2.13 5.61 -8.35
C ASP A 19 -2.08 4.40 -7.40
N ARG A 20 -1.26 3.42 -7.77
CA ARG A 20 -1.07 2.21 -6.97
C ARG A 20 0.38 1.72 -7.08
N VAL A 21 1.10 1.75 -5.96
CA VAL A 21 2.50 1.31 -5.93
C VAL A 21 2.63 -0.16 -5.52
N THR A 22 3.83 -0.72 -5.71
CA THR A 22 4.11 -2.10 -5.31
C THR A 22 5.22 -2.08 -4.27
N ILE A 23 4.90 -2.45 -3.04
CA ILE A 23 5.88 -2.42 -1.97
C ILE A 23 5.94 -3.72 -1.16
N ASP A 24 7.10 -3.97 -0.58
CA ASP A 24 7.33 -5.13 0.27
C ASP A 24 7.79 -4.64 1.65
N PHE A 25 7.11 -5.03 2.72
CA PHE A 25 7.49 -4.54 4.04
C PHE A 25 7.35 -5.62 5.12
N THR A 26 7.88 -5.30 6.30
CA THR A 26 7.84 -6.21 7.44
C THR A 26 7.83 -5.43 8.75
N GLY A 27 6.74 -5.56 9.51
CA GLY A 27 6.65 -4.84 10.78
C GLY A 27 5.65 -5.45 11.75
N SER A 28 5.71 -5.02 13.00
CA SER A 28 4.82 -5.51 14.04
C SER A 28 3.83 -4.45 14.49
N VAL A 29 2.81 -4.88 15.24
CA VAL A 29 1.80 -3.96 15.76
C VAL A 29 2.04 -3.65 17.23
N ASP A 30 1.65 -4.55 18.13
CA ASP A 30 1.85 -4.35 19.56
C ASP A 30 3.14 -5.03 20.01
N GLY A 31 4.16 -4.96 19.16
CA GLY A 31 5.44 -5.58 19.49
C GLY A 31 5.57 -6.96 18.87
N GLU A 32 4.49 -7.45 18.27
CA GLU A 32 4.50 -8.75 17.64
C GLU A 32 3.83 -8.70 16.27
N GLU A 33 4.62 -8.93 15.22
CA GLU A 33 4.13 -8.89 13.86
C GLU A 33 2.98 -9.85 13.67
N PHE A 34 1.84 -9.29 13.30
CA PHE A 34 0.62 -10.08 13.11
C PHE A 34 0.56 -10.75 11.74
N GLU A 35 -0.60 -10.69 11.10
CA GLU A 35 -0.79 -11.27 9.78
C GLU A 35 -0.03 -10.47 8.72
N GLY A 36 -0.29 -9.17 8.69
CA GLY A 36 0.36 -8.30 7.72
C GLY A 36 1.74 -7.87 8.16
N GLY A 37 2.26 -8.51 9.21
CA GLY A 37 3.58 -8.18 9.70
C GLY A 37 4.66 -8.34 8.64
N LYS A 38 4.31 -8.93 7.51
CA LYS A 38 5.25 -9.13 6.41
C LYS A 38 4.53 -9.15 5.07
N ALA A 39 4.94 -8.24 4.19
CA ALA A 39 4.35 -8.15 2.85
C ALA A 39 5.43 -8.03 1.80
N SER A 40 5.19 -8.62 0.64
CA SER A 40 6.15 -8.58 -0.45
C SER A 40 5.61 -7.77 -1.62
N ASP A 41 4.48 -8.21 -2.16
CA ASP A 41 3.83 -7.52 -3.25
C ASP A 41 2.63 -6.78 -2.68
N PHE A 42 2.89 -5.72 -1.94
CA PHE A 42 1.80 -4.93 -1.35
C PHE A 42 1.39 -3.83 -2.31
N VAL A 43 0.22 -3.99 -2.93
CA VAL A 43 -0.28 -3.02 -3.88
C VAL A 43 -1.01 -1.89 -3.16
N LEU A 44 -0.30 -0.80 -2.93
CA LEU A 44 -0.87 0.35 -2.24
C LEU A 44 -1.51 1.32 -3.23
N ALA A 45 -2.70 1.78 -2.90
CA ALA A 45 -3.42 2.72 -3.75
C ALA A 45 -3.24 4.16 -3.27
N MET A 46 -2.42 4.91 -4.01
CA MET A 46 -2.15 6.30 -3.67
C MET A 46 -3.38 7.16 -3.81
N GLY A 47 -4.17 7.23 -2.75
CA GLY A 47 -5.38 8.04 -2.76
C GLY A 47 -6.62 7.23 -3.12
N GLN A 48 -6.86 6.17 -2.37
CA GLN A 48 -8.02 5.32 -2.60
C GLN A 48 -8.72 5.00 -1.29
N GLY A 49 -8.06 4.24 -0.44
CA GLY A 49 -8.63 3.87 0.85
C GLY A 49 -8.07 4.73 1.97
N ARG A 50 -8.39 6.02 1.93
CA ARG A 50 -7.91 6.96 2.95
C ARG A 50 -6.46 6.68 3.36
N MET A 51 -5.56 6.77 2.40
CA MET A 51 -4.14 6.53 2.65
C MET A 51 -3.66 7.31 3.87
N ILE A 52 -3.29 6.59 4.91
CA ILE A 52 -2.79 7.23 6.14
C ILE A 52 -1.45 7.90 5.90
N PRO A 53 -1.05 8.83 6.79
CA PRO A 53 0.23 9.53 6.67
C PRO A 53 1.40 8.57 6.64
N GLY A 54 1.25 7.45 7.34
CA GLY A 54 2.29 6.45 7.38
C GLY A 54 2.72 5.98 6.01
N PHE A 55 1.76 5.42 5.27
CA PHE A 55 2.05 4.95 3.93
C PHE A 55 2.33 6.12 3.00
N GLU A 56 1.50 7.15 3.11
CA GLU A 56 1.66 8.35 2.27
C GLU A 56 3.06 8.94 2.43
N ASP A 57 3.74 8.57 3.51
CA ASP A 57 5.09 9.07 3.77
C ASP A 57 6.11 8.31 2.93
N GLY A 58 6.42 7.08 3.33
CA GLY A 58 7.40 6.30 2.62
C GLY A 58 6.92 5.85 1.26
N ILE A 59 5.76 5.22 1.24
CA ILE A 59 5.15 4.73 0.01
C ILE A 59 4.46 5.86 -0.75
N LYS A 60 5.10 7.00 -0.72
CA LYS A 60 4.61 8.15 -1.46
C LYS A 60 4.37 7.65 -2.88
N GLY A 61 5.40 7.01 -3.42
CA GLY A 61 5.37 6.50 -4.78
C GLY A 61 6.28 7.31 -5.65
N HIS A 62 7.48 7.57 -5.12
CA HIS A 62 8.47 8.37 -5.82
C HIS A 62 9.81 7.64 -5.98
N LYS A 63 10.01 6.57 -5.21
CA LYS A 63 11.25 5.81 -5.29
C LYS A 63 11.00 4.37 -5.70
N ALA A 64 10.90 4.14 -7.00
CA ALA A 64 10.69 2.79 -7.52
C ALA A 64 11.84 1.86 -7.13
N GLY A 65 11.66 1.10 -6.06
CA GLY A 65 12.71 0.18 -5.61
C GLY A 65 13.48 0.70 -4.42
N GLU A 66 12.78 1.40 -3.53
CA GLU A 66 13.41 1.97 -2.33
C GLU A 66 13.19 1.09 -1.10
N GLU A 67 13.95 1.38 -0.04
CA GLU A 67 13.84 0.66 1.23
C GLU A 67 13.75 1.66 2.37
N PHE A 68 12.55 1.81 2.95
CA PHE A 68 12.34 2.76 4.03
C PHE A 68 11.45 2.16 5.12
N THR A 69 11.42 2.83 6.26
CA THR A 69 10.61 2.36 7.39
C THR A 69 9.68 3.47 7.87
N ILE A 70 8.38 3.18 7.92
CA ILE A 70 7.42 4.18 8.37
C ILE A 70 6.46 3.59 9.37
N ASP A 71 5.70 4.45 10.03
CA ASP A 71 4.71 4.02 10.99
C ASP A 71 3.37 3.90 10.29
N VAL A 72 2.53 2.99 10.76
CA VAL A 72 1.21 2.82 10.16
C VAL A 72 0.18 2.46 11.20
N THR A 73 -0.94 3.16 11.20
CA THR A 73 -2.02 2.92 12.13
C THR A 73 -3.33 3.29 11.44
N PHE A 74 -4.24 2.34 11.35
CA PHE A 74 -5.51 2.59 10.70
C PHE A 74 -6.54 3.23 11.63
N PRO A 75 -7.27 4.25 11.14
CA PRO A 75 -8.29 4.94 11.94
C PRO A 75 -9.44 4.03 12.35
N GLU A 76 -10.45 4.62 12.99
CA GLU A 76 -11.61 3.86 13.43
C GLU A 76 -12.56 3.55 12.28
N GLU A 77 -12.41 4.28 11.18
CA GLU A 77 -13.25 4.05 10.01
C GLU A 77 -12.67 2.96 9.15
N TYR A 78 -11.35 2.94 9.03
CA TYR A 78 -10.66 1.92 8.25
C TYR A 78 -10.61 0.61 9.00
N HIS A 79 -11.76 -0.05 9.10
CA HIS A 79 -11.83 -1.32 9.82
C HIS A 79 -12.07 -2.48 8.87
N ALA A 80 -11.01 -2.92 8.20
CA ALA A 80 -11.10 -4.04 7.27
C ALA A 80 -11.02 -5.37 8.01
N GLU A 81 -11.82 -6.34 7.60
CA GLU A 81 -11.84 -7.66 8.23
C GLU A 81 -10.43 -8.25 8.38
N ASN A 82 -9.48 -7.74 7.59
CA ASN A 82 -8.12 -8.27 7.64
C ASN A 82 -7.22 -7.50 8.61
N LEU A 83 -7.27 -6.17 8.59
CA LEU A 83 -6.41 -5.37 9.46
C LEU A 83 -7.15 -4.21 10.15
N LYS A 84 -8.46 -4.27 10.17
CA LYS A 84 -9.28 -3.23 10.80
C LYS A 84 -8.62 -2.61 12.03
N GLY A 85 -8.52 -1.28 12.04
CA GLY A 85 -7.91 -0.57 13.15
C GLY A 85 -6.61 -1.18 13.62
N LYS A 86 -5.67 -1.35 12.69
CA LYS A 86 -4.38 -1.95 13.02
C LYS A 86 -3.29 -0.89 13.24
N ALA A 87 -3.07 -0.53 14.49
CA ALA A 87 -2.03 0.44 14.83
C ALA A 87 -0.69 -0.28 14.96
N ALA A 88 0.12 -0.23 13.90
CA ALA A 88 1.40 -0.94 13.92
C ALA A 88 2.57 -0.14 13.34
N LYS A 89 3.69 -0.84 13.24
CA LYS A 89 4.92 -0.29 12.69
C LYS A 89 5.33 -1.15 11.50
N PHE A 90 5.80 -0.53 10.43
CA PHE A 90 6.24 -1.28 9.25
C PHE A 90 7.55 -0.75 8.69
N ALA A 91 8.31 -1.62 8.05
CA ALA A 91 9.55 -1.23 7.39
C ALA A 91 9.37 -1.69 5.94
N ILE A 92 9.10 -0.73 5.08
CA ILE A 92 8.78 -1.03 3.69
C ILE A 92 9.90 -0.80 2.68
N ASN A 93 9.68 -1.38 1.49
CA ASN A 93 10.58 -1.26 0.36
C ASN A 93 9.77 -0.97 -0.90
N LEU A 94 9.78 0.27 -1.37
CA LEU A 94 9.01 0.64 -2.56
C LEU A 94 9.55 -0.04 -3.81
N LYS A 95 8.69 -0.18 -4.82
CA LYS A 95 9.09 -0.81 -6.07
C LYS A 95 8.30 -0.26 -7.26
N LYS A 96 7.38 -1.06 -7.81
CA LYS A 96 6.63 -0.63 -8.97
C LYS A 96 5.55 0.40 -8.65
N VAL A 97 5.85 1.66 -8.96
CA VAL A 97 4.91 2.76 -8.75
C VAL A 97 4.45 3.30 -10.11
N GLU A 98 3.20 3.02 -10.46
CA GLU A 98 2.65 3.47 -11.74
C GLU A 98 1.40 4.31 -11.54
N GLU A 99 0.68 4.58 -12.64
CA GLU A 99 -0.55 5.39 -12.57
C GLU A 99 -1.78 4.58 -12.94
N ARG A 100 -2.37 3.92 -11.94
CA ARG A 100 -3.57 3.13 -12.15
C ARG A 100 -4.79 4.02 -12.34
N GLU A 101 -5.72 3.57 -13.18
CA GLU A 101 -6.93 4.31 -13.44
C GLU A 101 -8.05 3.37 -13.91
N LEU A 102 -8.41 2.44 -13.04
CA LEU A 102 -9.45 1.47 -13.35
C LEU A 102 -10.84 2.10 -13.28
N PRO A 103 -11.16 2.79 -12.17
CA PRO A 103 -12.46 3.44 -11.99
C PRO A 103 -12.66 4.59 -12.98
N GLU A 104 -13.81 4.60 -13.65
CA GLU A 104 -14.11 5.65 -14.61
C GLU A 104 -14.89 6.78 -13.96
N LEU A 105 -14.52 7.10 -12.72
CA LEU A 105 -15.18 8.17 -11.98
C LEU A 105 -14.41 9.48 -12.11
N THR A 106 -14.87 10.51 -11.40
CA THR A 106 -14.22 11.81 -11.44
C THR A 106 -14.27 12.40 -12.84
N GLY A 1 -19.89 -13.61 -13.44
CA GLY A 1 -19.07 -14.84 -13.56
C GLY A 1 -18.65 -15.39 -12.21
N SER A 2 -17.71 -16.34 -12.23
CA SER A 2 -17.22 -16.95 -11.00
C SER A 2 -15.95 -16.25 -10.51
N HIS A 3 -15.09 -15.89 -11.45
CA HIS A 3 -13.84 -15.23 -11.12
C HIS A 3 -13.88 -13.74 -11.50
N MET A 4 -13.27 -12.90 -10.69
CA MET A 4 -13.25 -11.47 -10.94
C MET A 4 -11.90 -11.05 -11.52
N GLN A 5 -11.88 -10.83 -12.83
CA GLN A 5 -10.65 -10.42 -13.51
C GLN A 5 -10.39 -8.93 -13.32
N ALA A 6 -9.22 -8.61 -12.75
CA ALA A 6 -8.85 -7.23 -12.51
C ALA A 6 -8.32 -6.57 -13.77
N THR A 7 -8.40 -5.25 -13.85
CA THR A 7 -7.92 -4.51 -15.00
C THR A 7 -7.06 -3.34 -14.57
N TRP A 8 -5.96 -3.12 -15.29
CA TRP A 8 -5.05 -2.02 -14.98
C TRP A 8 -4.57 -1.32 -16.24
N LYS A 9 -4.24 -0.05 -16.10
CA LYS A 9 -3.74 0.76 -17.21
C LYS A 9 -2.74 1.79 -16.72
N GLU A 10 -2.02 1.44 -15.66
CA GLU A 10 -1.05 2.36 -15.07
C GLU A 10 0.14 2.62 -15.99
N LYS A 11 0.60 3.87 -15.98
CA LYS A 11 1.73 4.28 -16.80
C LYS A 11 3.03 3.65 -16.29
N ASP A 12 4.16 4.23 -16.68
CA ASP A 12 5.46 3.71 -16.24
C ASP A 12 6.29 4.79 -15.56
N GLY A 13 5.62 5.80 -15.02
CA GLY A 13 6.31 6.89 -14.36
C GLY A 13 6.18 6.84 -12.85
N ALA A 14 6.34 7.99 -12.21
CA ALA A 14 6.26 8.10 -10.75
C ALA A 14 4.83 7.94 -10.24
N VAL A 15 4.64 8.23 -8.95
CA VAL A 15 3.32 8.16 -8.33
C VAL A 15 2.41 9.24 -8.91
N GLU A 16 1.11 8.99 -8.91
CA GLU A 16 0.16 9.97 -9.40
C GLU A 16 -1.02 10.08 -8.44
N ALA A 17 -1.75 11.18 -8.54
CA ALA A 17 -2.90 11.47 -7.65
C ALA A 17 -3.45 10.19 -7.01
N GLU A 18 -4.13 9.36 -7.78
CA GLU A 18 -4.70 8.11 -7.25
C GLU A 18 -4.10 6.90 -7.96
N ASP A 19 -2.81 6.66 -7.72
CA ASP A 19 -2.10 5.55 -8.35
C ASP A 19 -1.94 4.33 -7.44
N ARG A 20 -1.14 3.35 -7.88
CA ARG A 20 -0.91 2.13 -7.12
C ARG A 20 0.55 1.69 -7.20
N VAL A 21 1.25 1.73 -6.08
CA VAL A 21 2.65 1.31 -6.01
C VAL A 21 2.79 -0.15 -5.57
N THR A 22 3.98 -0.72 -5.78
CA THR A 22 4.25 -2.09 -5.35
C THR A 22 5.35 -2.06 -4.30
N ILE A 23 5.00 -2.43 -3.07
CA ILE A 23 5.98 -2.38 -1.98
C ILE A 23 6.04 -3.68 -1.18
N ASP A 24 7.22 -3.93 -0.60
CA ASP A 24 7.45 -5.10 0.24
C ASP A 24 7.88 -4.61 1.62
N PHE A 25 7.19 -5.03 2.67
CA PHE A 25 7.52 -4.55 4.02
C PHE A 25 7.39 -5.62 5.09
N THR A 26 7.91 -5.30 6.27
CA THR A 26 7.87 -6.21 7.41
C THR A 26 7.83 -5.42 8.71
N GLY A 27 6.76 -5.56 9.47
CA GLY A 27 6.64 -4.84 10.73
C GLY A 27 5.61 -5.45 11.67
N SER A 28 5.64 -5.02 12.93
CA SER A 28 4.72 -5.51 13.94
C SER A 28 3.72 -4.44 14.36
N VAL A 29 2.74 -4.85 15.16
CA VAL A 29 1.72 -3.95 15.66
C VAL A 29 1.87 -3.72 17.16
N ASP A 30 1.54 -4.73 17.96
CA ASP A 30 1.67 -4.61 19.41
C ASP A 30 3.00 -5.19 19.89
N GLY A 31 4.03 -5.04 19.06
CA GLY A 31 5.34 -5.57 19.39
C GLY A 31 5.58 -6.93 18.77
N GLU A 32 4.53 -7.49 18.17
CA GLU A 32 4.64 -8.80 17.53
C GLU A 32 3.95 -8.77 16.17
N GLU A 33 4.74 -8.99 15.12
CA GLU A 33 4.24 -8.98 13.76
C GLU A 33 3.12 -9.98 13.60
N PHE A 34 1.95 -9.48 13.21
CA PHE A 34 0.77 -10.31 13.04
C PHE A 34 0.73 -11.00 11.68
N GLU A 35 -0.42 -10.97 11.03
CA GLU A 35 -0.58 -11.57 9.71
C GLU A 35 0.16 -10.76 8.65
N GLY A 36 -0.14 -9.47 8.57
CA GLY A 36 0.50 -8.60 7.61
C GLY A 36 1.87 -8.15 8.06
N GLY A 37 2.38 -8.75 9.13
CA GLY A 37 3.69 -8.38 9.64
C GLY A 37 4.78 -8.51 8.60
N LYS A 38 4.47 -9.11 7.46
CA LYS A 38 5.44 -9.29 6.39
C LYS A 38 4.74 -9.34 5.03
N ALA A 39 5.12 -8.40 4.17
CA ALA A 39 4.56 -8.32 2.83
C ALA A 39 5.66 -8.14 1.79
N SER A 40 5.47 -8.73 0.63
CA SER A 40 6.46 -8.65 -0.44
C SER A 40 5.92 -7.86 -1.61
N ASP A 41 4.82 -8.33 -2.18
CA ASP A 41 4.17 -7.64 -3.27
C ASP A 41 2.93 -6.94 -2.73
N PHE A 42 3.14 -5.88 -1.97
CA PHE A 42 2.02 -5.13 -1.41
C PHE A 42 1.63 -4.01 -2.37
N VAL A 43 0.51 -4.19 -3.03
CA VAL A 43 0.02 -3.20 -3.98
C VAL A 43 -0.74 -2.10 -3.27
N LEU A 44 -0.05 -0.98 -3.04
CA LEU A 44 -0.64 0.15 -2.35
C LEU A 44 -1.31 1.11 -3.32
N ALA A 45 -2.51 1.54 -2.99
CA ALA A 45 -3.25 2.48 -3.82
C ALA A 45 -3.13 3.89 -3.26
N MET A 46 -2.32 4.71 -3.90
CA MET A 46 -2.12 6.08 -3.43
C MET A 46 -3.35 6.93 -3.70
N GLY A 47 -4.27 6.90 -2.74
CA GLY A 47 -5.50 7.68 -2.86
C GLY A 47 -6.71 6.82 -3.20
N GLN A 48 -6.94 5.79 -2.39
CA GLN A 48 -8.08 4.90 -2.59
C GLN A 48 -8.82 4.72 -1.28
N GLY A 49 -8.20 4.01 -0.34
CA GLY A 49 -8.81 3.80 0.95
C GLY A 49 -8.22 4.74 1.99
N ARG A 50 -8.51 6.03 1.83
CA ARG A 50 -7.99 7.06 2.74
C ARG A 50 -6.56 6.77 3.17
N MET A 51 -5.63 6.86 2.23
CA MET A 51 -4.22 6.62 2.51
C MET A 51 -3.77 7.37 3.76
N ILE A 52 -3.41 6.61 4.79
CA ILE A 52 -2.96 7.19 6.05
C ILE A 52 -1.59 7.86 5.86
N PRO A 53 -1.24 8.79 6.77
CA PRO A 53 0.05 9.49 6.71
C PRO A 53 1.22 8.52 6.75
N GLY A 54 0.95 7.30 7.23
CA GLY A 54 1.99 6.30 7.32
C GLY A 54 2.47 5.82 5.96
N PHE A 55 1.57 5.23 5.18
CA PHE A 55 1.90 4.74 3.87
C PHE A 55 2.10 5.90 2.90
N GLU A 56 1.19 6.86 2.96
CA GLU A 56 1.25 8.03 2.09
C GLU A 56 2.60 8.71 2.19
N ASP A 57 3.30 8.50 3.30
CA ASP A 57 4.61 9.10 3.52
C ASP A 57 5.70 8.33 2.78
N GLY A 58 6.09 7.17 3.32
CA GLY A 58 7.14 6.39 2.69
C GLY A 58 6.75 5.91 1.32
N ILE A 59 5.62 5.21 1.24
CA ILE A 59 5.10 4.69 0.01
C ILE A 59 4.42 5.78 -0.80
N LYS A 60 5.07 6.94 -0.75
CA LYS A 60 4.61 8.08 -1.53
C LYS A 60 4.40 7.56 -2.95
N GLY A 61 5.46 6.96 -3.47
CA GLY A 61 5.50 6.44 -4.80
C GLY A 61 6.40 7.28 -5.65
N HIS A 62 7.57 7.55 -5.11
CA HIS A 62 8.56 8.39 -5.80
C HIS A 62 9.90 7.68 -5.99
N LYS A 63 10.15 6.64 -5.20
CA LYS A 63 11.40 5.90 -5.30
C LYS A 63 11.16 4.45 -5.71
N ALA A 64 11.05 4.21 -7.01
CA ALA A 64 10.85 2.86 -7.53
C ALA A 64 12.03 1.95 -7.15
N GLY A 65 11.86 1.18 -6.07
CA GLY A 65 12.92 0.29 -5.63
C GLY A 65 13.67 0.84 -4.43
N GLU A 66 12.95 1.53 -3.55
CA GLU A 66 13.54 2.11 -2.36
C GLU A 66 13.31 1.23 -1.12
N GLU A 67 14.05 1.53 -0.06
CA GLU A 67 13.92 0.79 1.20
C GLU A 67 13.81 1.78 2.36
N PHE A 68 12.62 1.89 2.93
CA PHE A 68 12.38 2.84 4.02
C PHE A 68 11.48 2.23 5.09
N THR A 69 11.42 2.89 6.24
CA THR A 69 10.58 2.42 7.33
C THR A 69 9.64 3.52 7.80
N ILE A 70 8.34 3.22 7.83
CA ILE A 70 7.37 4.21 8.26
C ILE A 70 6.40 3.61 9.25
N ASP A 71 5.63 4.47 9.91
CA ASP A 71 4.65 4.01 10.87
C ASP A 71 3.31 3.88 10.18
N VAL A 72 2.46 2.98 10.67
CA VAL A 72 1.15 2.80 10.09
C VAL A 72 0.13 2.44 11.15
N THR A 73 -1.01 3.12 11.15
CA THR A 73 -2.07 2.86 12.10
C THR A 73 -3.41 3.23 11.48
N PHE A 74 -4.33 2.28 11.41
CA PHE A 74 -5.63 2.53 10.81
C PHE A 74 -6.60 3.14 11.82
N PRO A 75 -7.28 4.23 11.44
CA PRO A 75 -8.24 4.92 12.32
C PRO A 75 -9.44 4.05 12.67
N GLU A 76 -10.32 4.57 13.51
CA GLU A 76 -11.51 3.86 13.93
C GLU A 76 -12.57 3.86 12.83
N GLU A 77 -12.32 4.60 11.76
CA GLU A 77 -13.25 4.68 10.64
C GLU A 77 -12.93 3.64 9.57
N TYR A 78 -11.65 3.33 9.42
CA TYR A 78 -11.21 2.34 8.43
C TYR A 78 -11.75 0.97 8.79
N HIS A 79 -11.24 0.41 9.89
CA HIS A 79 -11.65 -0.90 10.39
C HIS A 79 -12.01 -1.89 9.28
N ALA A 80 -11.00 -2.43 8.60
CA ALA A 80 -11.21 -3.40 7.54
C ALA A 80 -11.28 -4.82 8.11
N GLU A 81 -12.01 -5.68 7.43
CA GLU A 81 -12.19 -7.06 7.86
C GLU A 81 -10.87 -7.78 8.18
N ASN A 82 -9.79 -7.41 7.51
CA ASN A 82 -8.51 -8.08 7.72
C ASN A 82 -7.59 -7.39 8.74
N LEU A 83 -7.57 -6.06 8.77
CA LEU A 83 -6.68 -5.35 9.70
C LEU A 83 -7.35 -4.19 10.43
N LYS A 84 -8.68 -4.18 10.43
CA LYS A 84 -9.44 -3.13 11.11
C LYS A 84 -8.72 -2.55 12.33
N GLY A 85 -8.54 -1.23 12.32
CA GLY A 85 -7.88 -0.53 13.42
C GLY A 85 -6.56 -1.17 13.84
N LYS A 86 -5.66 -1.36 12.89
CA LYS A 86 -4.37 -1.96 13.19
C LYS A 86 -3.26 -0.93 13.35
N ALA A 87 -3.06 -0.45 14.58
CA ALA A 87 -2.01 0.51 14.86
C ALA A 87 -0.67 -0.22 14.94
N ALA A 88 0.13 -0.13 13.89
CA ALA A 88 1.40 -0.86 13.86
C ALA A 88 2.56 -0.04 13.29
N LYS A 89 3.68 -0.74 13.13
CA LYS A 89 4.91 -0.17 12.57
C LYS A 89 5.36 -1.05 11.43
N PHE A 90 5.84 -0.46 10.34
CA PHE A 90 6.32 -1.24 9.20
C PHE A 90 7.63 -0.69 8.65
N ALA A 91 8.40 -1.56 8.00
CA ALA A 91 9.63 -1.18 7.34
C ALA A 91 9.47 -1.64 5.90
N ILE A 92 9.18 -0.70 5.02
CA ILE A 92 8.86 -1.00 3.63
C ILE A 92 9.98 -0.74 2.63
N ASN A 93 9.79 -1.31 1.44
CA ASN A 93 10.72 -1.15 0.32
C ASN A 93 9.91 -0.90 -0.95
N LEU A 94 9.91 0.35 -1.42
CA LEU A 94 9.15 0.72 -2.62
C LEU A 94 9.66 0.01 -3.86
N LYS A 95 8.78 -0.15 -4.85
CA LYS A 95 9.14 -0.80 -6.10
C LYS A 95 8.36 -0.20 -7.29
N LYS A 96 7.49 -1.00 -7.90
CA LYS A 96 6.73 -0.54 -9.06
C LYS A 96 5.65 0.47 -8.69
N VAL A 97 5.93 1.74 -8.98
CA VAL A 97 4.99 2.82 -8.73
C VAL A 97 4.46 3.37 -10.05
N GLU A 98 3.18 3.11 -10.33
CA GLU A 98 2.56 3.57 -11.57
C GLU A 98 1.17 4.18 -11.32
N GLU A 99 0.63 4.87 -12.32
CA GLU A 99 -0.69 5.52 -12.19
C GLU A 99 -1.84 4.64 -12.66
N ARG A 100 -2.47 3.94 -11.71
CA ARG A 100 -3.60 3.08 -12.01
C ARG A 100 -4.85 3.90 -12.32
N GLU A 101 -5.88 3.23 -12.82
CA GLU A 101 -7.14 3.90 -13.15
C GLU A 101 -8.17 2.91 -13.69
N LEU A 102 -9.23 2.69 -12.92
CA LEU A 102 -10.29 1.77 -13.31
C LEU A 102 -11.20 2.35 -14.40
N PRO A 103 -11.74 3.57 -14.20
CA PRO A 103 -12.63 4.21 -15.18
C PRO A 103 -11.90 4.59 -16.47
N GLU A 104 -12.50 4.24 -17.61
CA GLU A 104 -11.91 4.54 -18.91
C GLU A 104 -12.27 5.96 -19.35
N LEU A 105 -13.55 6.26 -19.37
CA LEU A 105 -14.02 7.58 -19.78
C LEU A 105 -14.53 8.37 -18.59
N THR A 106 -13.63 9.10 -17.94
CA THR A 106 -14.00 9.91 -16.78
C THR A 106 -14.56 9.04 -15.66
N GLY A 1 -1.69 -21.66 -11.79
CA GLY A 1 -1.05 -20.33 -11.81
C GLY A 1 -1.29 -19.58 -13.11
N SER A 2 -0.84 -18.33 -13.17
CA SER A 2 -1.01 -17.51 -14.36
C SER A 2 -2.48 -17.32 -14.69
N HIS A 3 -3.05 -16.20 -14.25
CA HIS A 3 -4.44 -15.90 -14.50
C HIS A 3 -4.65 -14.42 -14.81
N MET A 4 -5.90 -14.04 -15.07
CA MET A 4 -6.22 -12.65 -15.37
C MET A 4 -7.54 -12.25 -14.73
N GLN A 5 -7.52 -12.03 -13.42
CA GLN A 5 -8.72 -11.64 -12.69
C GLN A 5 -8.79 -10.12 -12.53
N ALA A 6 -7.71 -9.54 -12.01
CA ALA A 6 -7.65 -8.10 -11.80
C ALA A 6 -7.21 -7.37 -13.07
N THR A 7 -7.72 -6.16 -13.25
CA THR A 7 -7.38 -5.35 -14.41
C THR A 7 -6.67 -4.07 -14.00
N TRP A 8 -5.66 -3.68 -14.77
CA TRP A 8 -4.89 -2.48 -14.48
C TRP A 8 -4.48 -1.75 -15.76
N LYS A 9 -4.17 -0.47 -15.62
CA LYS A 9 -3.74 0.35 -16.75
C LYS A 9 -2.73 1.39 -16.28
N GLU A 10 -1.99 1.04 -15.25
CA GLU A 10 -1.00 1.95 -14.66
C GLU A 10 0.09 2.32 -15.67
N LYS A 11 0.44 3.61 -15.68
CA LYS A 11 1.49 4.10 -16.57
C LYS A 11 2.84 3.55 -16.14
N ASP A 12 3.93 4.22 -16.50
CA ASP A 12 5.26 3.77 -16.14
C ASP A 12 6.08 4.88 -15.48
N GLY A 13 5.39 5.90 -15.00
CA GLY A 13 6.07 7.01 -14.35
C GLY A 13 5.97 6.96 -12.84
N ALA A 14 6.20 8.11 -12.19
CA ALA A 14 6.15 8.20 -10.74
C ALA A 14 4.73 8.05 -10.20
N VAL A 15 4.56 8.31 -8.91
CA VAL A 15 3.24 8.27 -8.28
C VAL A 15 2.36 9.40 -8.79
N GLU A 16 1.05 9.17 -8.82
CA GLU A 16 0.12 10.20 -9.25
C GLU A 16 -1.08 10.24 -8.31
N ALA A 17 -1.84 11.34 -8.39
CA ALA A 17 -3.01 11.56 -7.53
C ALA A 17 -3.54 10.26 -6.92
N GLU A 18 -4.20 9.43 -7.73
CA GLU A 18 -4.77 8.17 -7.22
C GLU A 18 -4.15 6.96 -7.91
N ASP A 19 -2.87 6.70 -7.60
CA ASP A 19 -2.13 5.59 -8.20
C ASP A 19 -2.05 4.36 -7.29
N ARG A 20 -1.24 3.38 -7.72
CA ARG A 20 -1.03 2.16 -6.94
C ARG A 20 0.42 1.69 -7.06
N VAL A 21 1.15 1.72 -5.95
CA VAL A 21 2.55 1.29 -5.92
C VAL A 21 2.68 -0.18 -5.51
N THR A 22 3.89 -0.73 -5.67
CA THR A 22 4.16 -2.10 -5.27
C THR A 22 5.31 -2.10 -4.27
N ILE A 23 5.02 -2.48 -3.03
CA ILE A 23 6.05 -2.46 -1.98
C ILE A 23 6.10 -3.76 -1.17
N ASP A 24 7.28 -4.02 -0.60
CA ASP A 24 7.52 -5.18 0.25
C ASP A 24 7.96 -4.68 1.63
N PHE A 25 7.27 -5.09 2.70
CA PHE A 25 7.63 -4.61 4.03
C PHE A 25 7.51 -5.67 5.10
N THR A 26 8.04 -5.35 6.28
CA THR A 26 8.01 -6.26 7.42
C THR A 26 8.02 -5.48 8.74
N GLY A 27 6.93 -5.58 9.50
CA GLY A 27 6.84 -4.87 10.77
C GLY A 27 5.85 -5.49 11.73
N SER A 28 5.87 -5.03 12.98
CA SER A 28 4.98 -5.55 14.01
C SER A 28 3.93 -4.50 14.40
N VAL A 29 2.93 -4.94 15.14
CA VAL A 29 1.86 -4.07 15.59
C VAL A 29 2.10 -3.59 17.02
N ASP A 30 1.72 -4.38 18.00
CA ASP A 30 1.93 -4.03 19.39
C ASP A 30 3.21 -4.67 19.90
N GLY A 31 4.26 -4.58 19.08
CA GLY A 31 5.53 -5.16 19.44
C GLY A 31 5.70 -6.54 18.82
N GLU A 32 4.62 -7.07 18.28
CA GLU A 32 4.64 -8.38 17.64
C GLU A 32 4.05 -8.31 16.24
N GLU A 33 4.75 -8.89 15.28
CA GLU A 33 4.32 -8.90 13.91
C GLU A 33 3.15 -9.86 13.73
N PHE A 34 2.01 -9.31 13.35
CA PHE A 34 0.79 -10.09 13.17
C PHE A 34 0.72 -10.77 11.81
N GLU A 35 -0.43 -10.72 11.18
CA GLU A 35 -0.62 -11.32 9.86
C GLU A 35 0.13 -10.53 8.80
N GLY A 36 -0.14 -9.23 8.73
CA GLY A 36 0.52 -8.38 7.75
C GLY A 36 1.90 -7.95 8.20
N GLY A 37 2.43 -8.61 9.23
CA GLY A 37 3.74 -8.26 9.72
C GLY A 37 4.82 -8.41 8.67
N LYS A 38 4.48 -9.01 7.52
CA LYS A 38 5.43 -9.19 6.45
C LYS A 38 4.73 -9.25 5.09
N ALA A 39 5.13 -8.35 4.20
CA ALA A 39 4.55 -8.29 2.86
C ALA A 39 5.66 -8.17 1.83
N SER A 40 5.44 -8.75 0.65
CA SER A 40 6.42 -8.70 -0.42
C SER A 40 5.88 -7.91 -1.61
N ASP A 41 4.76 -8.36 -2.14
CA ASP A 41 4.10 -7.68 -3.24
C ASP A 41 2.90 -6.91 -2.69
N PHE A 42 3.15 -5.85 -1.96
CA PHE A 42 2.07 -5.05 -1.40
C PHE A 42 1.64 -3.97 -2.40
N VAL A 43 0.42 -4.12 -2.92
CA VAL A 43 -0.10 -3.16 -3.87
C VAL A 43 -0.84 -2.04 -3.15
N LEU A 44 -0.14 -0.94 -2.91
CA LEU A 44 -0.72 0.20 -2.22
C LEU A 44 -1.38 1.15 -3.19
N ALA A 45 -2.58 1.60 -2.82
CA ALA A 45 -3.32 2.53 -3.66
C ALA A 45 -3.15 3.95 -3.13
N MET A 46 -2.34 4.74 -3.82
CA MET A 46 -2.11 6.12 -3.41
C MET A 46 -3.35 6.97 -3.61
N GLY A 47 -4.29 6.83 -2.68
CA GLY A 47 -5.54 7.58 -2.76
C GLY A 47 -6.72 6.74 -3.19
N GLN A 48 -7.19 5.89 -2.29
CA GLN A 48 -8.34 5.04 -2.58
C GLN A 48 -9.37 5.16 -1.47
N GLY A 49 -9.01 4.69 -0.28
CA GLY A 49 -9.91 4.77 0.85
C GLY A 49 -9.56 5.93 1.76
N ARG A 50 -8.32 5.96 2.22
CA ARG A 50 -7.83 7.03 3.09
C ARG A 50 -6.38 6.78 3.49
N MET A 51 -5.48 6.90 2.51
CA MET A 51 -4.06 6.68 2.75
C MET A 51 -3.59 7.42 4.00
N ILE A 52 -3.22 6.65 5.03
CA ILE A 52 -2.74 7.23 6.27
C ILE A 52 -1.38 7.90 6.07
N PRO A 53 -0.99 8.82 6.97
CA PRO A 53 0.29 9.51 6.88
C PRO A 53 1.46 8.54 6.91
N GLY A 54 1.20 7.31 7.33
CA GLY A 54 2.24 6.31 7.39
C GLY A 54 2.68 5.84 6.02
N PHE A 55 1.75 5.27 5.26
CA PHE A 55 2.05 4.78 3.94
C PHE A 55 2.27 5.94 2.98
N GLU A 56 1.40 6.94 3.08
CA GLU A 56 1.49 8.12 2.23
C GLU A 56 2.86 8.77 2.33
N ASP A 57 3.57 8.49 3.42
CA ASP A 57 4.90 9.04 3.63
C ASP A 57 5.95 8.26 2.85
N GLY A 58 6.31 7.08 3.33
CA GLY A 58 7.32 6.28 2.67
C GLY A 58 6.89 5.82 1.30
N ILE A 59 5.72 5.19 1.25
CA ILE A 59 5.15 4.69 0.02
C ILE A 59 4.46 5.79 -0.75
N LYS A 60 5.08 6.96 -0.72
CA LYS A 60 4.58 8.10 -1.47
C LYS A 60 4.38 7.60 -2.89
N GLY A 61 5.44 6.98 -3.41
CA GLY A 61 5.45 6.45 -4.75
C GLY A 61 6.35 7.26 -5.63
N HIS A 62 7.54 7.53 -5.12
CA HIS A 62 8.52 8.33 -5.85
C HIS A 62 9.86 7.62 -6.02
N LYS A 63 10.08 6.55 -5.27
CA LYS A 63 11.32 5.80 -5.37
C LYS A 63 11.07 4.35 -5.77
N ALA A 64 10.97 4.11 -7.07
CA ALA A 64 10.76 2.77 -7.59
C ALA A 64 11.94 1.86 -7.19
N GLY A 65 11.78 1.12 -6.10
CA GLY A 65 12.83 0.23 -5.65
C GLY A 65 13.57 0.76 -4.44
N GLU A 66 12.83 1.41 -3.54
CA GLU A 66 13.42 1.99 -2.33
C GLU A 66 13.24 1.08 -1.12
N GLU A 67 13.94 1.41 -0.04
CA GLU A 67 13.86 0.67 1.21
C GLU A 67 13.76 1.64 2.37
N PHE A 68 12.58 1.76 2.97
CA PHE A 68 12.35 2.69 4.07
C PHE A 68 11.46 2.08 5.15
N THR A 69 11.41 2.73 6.30
CA THR A 69 10.60 2.26 7.41
C THR A 69 9.65 3.36 7.88
N ILE A 70 8.35 3.06 7.92
CA ILE A 70 7.37 4.04 8.36
C ILE A 70 6.39 3.43 9.33
N ASP A 71 5.64 4.28 10.01
CA ASP A 71 4.64 3.83 10.95
C ASP A 71 3.30 3.74 10.25
N VAL A 72 2.44 2.84 10.68
CA VAL A 72 1.13 2.71 10.07
C VAL A 72 0.09 2.33 11.11
N THR A 73 -1.03 3.04 11.11
CA THR A 73 -2.10 2.76 12.05
C THR A 73 -3.42 3.15 11.40
N PHE A 74 -4.33 2.19 11.29
CA PHE A 74 -5.63 2.44 10.67
C PHE A 74 -6.62 3.02 11.67
N PRO A 75 -7.31 4.11 11.29
CA PRO A 75 -8.30 4.76 12.16
C PRO A 75 -9.53 3.90 12.40
N GLU A 76 -10.47 4.44 13.17
CA GLU A 76 -11.71 3.73 13.49
C GLU A 76 -12.69 3.76 12.31
N GLU A 77 -12.36 4.55 11.29
CA GLU A 77 -13.22 4.65 10.11
C GLU A 77 -12.83 3.62 9.06
N TYR A 78 -11.55 3.24 9.04
CA TYR A 78 -11.06 2.26 8.07
C TYR A 78 -11.60 0.87 8.43
N HIS A 79 -11.11 0.33 9.52
CA HIS A 79 -11.52 -0.99 10.03
C HIS A 79 -11.83 -1.99 8.91
N ALA A 80 -10.78 -2.44 8.22
CA ALA A 80 -10.94 -3.42 7.15
C ALA A 80 -11.06 -4.83 7.71
N GLU A 81 -11.77 -5.69 7.00
CA GLU A 81 -11.99 -7.08 7.44
C GLU A 81 -10.69 -7.81 7.79
N ASN A 82 -9.58 -7.45 7.15
CA ASN A 82 -8.31 -8.14 7.41
C ASN A 82 -7.41 -7.46 8.44
N LEU A 83 -7.40 -6.12 8.48
CA LEU A 83 -6.53 -5.42 9.43
C LEU A 83 -7.23 -4.26 10.14
N LYS A 84 -8.55 -4.29 10.15
CA LYS A 84 -9.34 -3.23 10.79
C LYS A 84 -8.66 -2.67 12.05
N GLY A 85 -8.53 -1.35 12.08
CA GLY A 85 -7.90 -0.67 13.22
C GLY A 85 -6.60 -1.31 13.65
N LYS A 86 -5.67 -1.46 12.71
CA LYS A 86 -4.37 -2.06 13.00
C LYS A 86 -3.28 -1.01 13.23
N ALA A 87 -3.09 -0.61 14.47
CA ALA A 87 -2.04 0.36 14.81
C ALA A 87 -0.71 -0.36 14.93
N ALA A 88 0.06 -0.37 13.85
CA ALA A 88 1.35 -1.07 13.85
C ALA A 88 2.51 -0.26 13.28
N LYS A 89 3.64 -0.95 13.19
CA LYS A 89 4.87 -0.39 12.63
C LYS A 89 5.30 -1.24 11.46
N PHE A 90 5.78 -0.63 10.38
CA PHE A 90 6.22 -1.38 9.21
C PHE A 90 7.54 -0.84 8.65
N ALA A 91 8.30 -1.72 8.00
CA ALA A 91 9.54 -1.34 7.35
C ALA A 91 9.39 -1.79 5.90
N ILE A 92 9.14 -0.83 5.03
CA ILE A 92 8.84 -1.11 3.63
C ILE A 92 9.95 -0.83 2.64
N ASN A 93 9.77 -1.39 1.45
CA ASN A 93 10.69 -1.21 0.33
C ASN A 93 9.88 -0.94 -0.94
N LEU A 94 9.86 0.31 -1.38
CA LEU A 94 9.10 0.70 -2.58
C LEU A 94 9.65 0.02 -3.84
N LYS A 95 8.78 -0.17 -4.83
CA LYS A 95 9.17 -0.79 -6.09
C LYS A 95 8.37 -0.22 -7.26
N LYS A 96 7.44 -1.01 -7.80
CA LYS A 96 6.67 -0.58 -8.95
C LYS A 96 5.59 0.44 -8.60
N VAL A 97 5.87 1.71 -8.92
CA VAL A 97 4.94 2.80 -8.68
C VAL A 97 4.42 3.33 -10.02
N GLU A 98 3.17 3.02 -10.35
CA GLU A 98 2.58 3.46 -11.61
C GLU A 98 1.26 4.20 -11.38
N GLU A 99 0.58 4.60 -12.45
CA GLU A 99 -0.68 5.32 -12.34
C GLU A 99 -1.89 4.48 -12.72
N ARG A 100 -2.42 3.76 -11.72
CA ARG A 100 -3.58 2.92 -11.92
C ARG A 100 -4.84 3.73 -12.24
N GLU A 101 -5.88 3.02 -12.67
CA GLU A 101 -7.15 3.65 -13.00
C GLU A 101 -8.23 2.60 -13.22
N LEU A 102 -8.51 1.84 -12.18
CA LEU A 102 -9.52 0.78 -12.25
C LEU A 102 -10.92 1.36 -12.24
N PRO A 103 -11.84 0.81 -13.05
CA PRO A 103 -13.22 1.29 -13.14
C PRO A 103 -14.00 1.00 -11.85
N GLU A 104 -14.36 2.06 -11.14
CA GLU A 104 -15.11 1.92 -9.90
C GLU A 104 -16.61 1.80 -10.16
N LEU A 105 -17.16 2.80 -10.83
CA LEU A 105 -18.59 2.80 -11.15
C LEU A 105 -18.83 2.24 -12.55
N THR A 106 -19.73 1.26 -12.64
CA THR A 106 -20.04 0.63 -13.91
C THR A 106 -21.30 1.27 -14.52
N GLY A 1 -12.13 -20.59 -18.44
CA GLY A 1 -12.27 -19.82 -17.17
C GLY A 1 -11.91 -20.65 -15.95
N SER A 2 -10.65 -21.09 -15.90
CA SER A 2 -10.18 -21.90 -14.79
C SER A 2 -9.38 -21.05 -13.80
N HIS A 3 -8.42 -20.29 -14.32
CA HIS A 3 -7.59 -19.43 -13.49
C HIS A 3 -7.15 -18.19 -14.26
N MET A 4 -7.80 -17.06 -13.99
CA MET A 4 -7.47 -15.81 -14.65
C MET A 4 -6.77 -14.85 -13.71
N GLN A 5 -5.57 -14.42 -14.09
CA GLN A 5 -4.78 -13.50 -13.28
C GLN A 5 -5.34 -12.08 -13.35
N ALA A 6 -4.84 -11.21 -12.49
CA ALA A 6 -5.29 -9.83 -12.46
C ALA A 6 -4.53 -8.97 -13.47
N THR A 7 -5.17 -7.91 -13.95
CA THR A 7 -4.55 -7.00 -14.91
C THR A 7 -4.69 -5.56 -14.47
N TRP A 8 -3.83 -4.69 -15.00
CA TRP A 8 -3.86 -3.28 -14.65
C TRP A 8 -3.70 -2.40 -15.90
N LYS A 9 -3.75 -1.10 -15.69
CA LYS A 9 -3.61 -0.13 -16.77
C LYS A 9 -2.68 1.00 -16.35
N GLU A 10 -1.99 0.79 -15.23
CA GLU A 10 -1.07 1.80 -14.70
C GLU A 10 0.10 2.04 -15.64
N LYS A 11 0.42 3.33 -15.82
CA LYS A 11 1.52 3.74 -16.68
C LYS A 11 2.86 3.22 -16.13
N ASP A 12 3.94 3.95 -16.40
CA ASP A 12 5.26 3.53 -15.94
C ASP A 12 6.04 4.70 -15.34
N GLY A 13 5.32 5.75 -14.95
CA GLY A 13 5.96 6.92 -14.37
C GLY A 13 5.89 6.96 -12.85
N ALA A 14 6.09 8.14 -12.27
CA ALA A 14 6.06 8.30 -10.83
C ALA A 14 4.65 8.15 -10.28
N VAL A 15 4.49 8.45 -8.99
CA VAL A 15 3.17 8.41 -8.36
C VAL A 15 2.28 9.52 -8.90
N GLU A 16 0.98 9.26 -8.96
CA GLU A 16 0.03 10.27 -9.42
C GLU A 16 -1.18 10.29 -8.50
N ALA A 17 -1.98 11.36 -8.62
CA ALA A 17 -3.17 11.56 -7.77
C ALA A 17 -3.66 10.24 -7.14
N GLU A 18 -4.30 9.38 -7.92
CA GLU A 18 -4.82 8.13 -7.39
C GLU A 18 -4.18 6.91 -8.06
N ASP A 19 -2.90 6.67 -7.75
CA ASP A 19 -2.16 5.56 -8.33
C ASP A 19 -2.06 4.35 -7.38
N ARG A 20 -1.26 3.35 -7.79
CA ARG A 20 -1.05 2.15 -7.01
C ARG A 20 0.42 1.69 -7.12
N VAL A 21 1.15 1.76 -6.02
CA VAL A 21 2.55 1.35 -5.99
C VAL A 21 2.71 -0.11 -5.54
N THR A 22 3.90 -0.68 -5.75
CA THR A 22 4.19 -2.04 -5.31
C THR A 22 5.28 -1.99 -4.26
N ILE A 23 4.95 -2.36 -3.02
CA ILE A 23 5.92 -2.31 -1.94
C ILE A 23 6.02 -3.61 -1.14
N ASP A 24 7.21 -3.86 -0.60
CA ASP A 24 7.47 -5.04 0.23
C ASP A 24 7.91 -4.56 1.61
N PHE A 25 7.25 -5.03 2.67
CA PHE A 25 7.60 -4.58 4.02
C PHE A 25 7.49 -5.68 5.07
N THR A 26 8.00 -5.37 6.25
CA THR A 26 7.97 -6.31 7.38
C THR A 26 7.95 -5.57 8.72
N GLY A 27 6.89 -5.75 9.50
CA GLY A 27 6.80 -5.10 10.80
C GLY A 27 5.76 -5.69 11.73
N SER A 28 5.73 -5.18 12.96
CA SER A 28 4.79 -5.66 13.98
C SER A 28 3.73 -4.60 14.30
N VAL A 29 2.77 -4.99 15.12
CA VAL A 29 1.69 -4.09 15.54
C VAL A 29 1.86 -3.69 17.00
N ASP A 30 1.44 -4.55 17.93
CA ASP A 30 1.57 -4.25 19.34
C ASP A 30 2.84 -4.88 19.90
N GLY A 31 3.93 -4.78 19.13
CA GLY A 31 5.19 -5.35 19.55
C GLY A 31 5.41 -6.73 18.95
N GLU A 32 4.36 -7.28 18.34
CA GLU A 32 4.44 -8.60 17.72
C GLU A 32 3.87 -8.56 16.30
N GLU A 33 4.65 -9.04 15.35
CA GLU A 33 4.23 -9.07 13.95
C GLU A 33 3.09 -10.03 13.75
N PHE A 34 1.94 -9.51 13.35
CA PHE A 34 0.74 -10.31 13.15
C PHE A 34 0.71 -10.99 11.78
N GLU A 35 -0.44 -10.95 11.13
CA GLU A 35 -0.62 -11.55 9.81
C GLU A 35 0.14 -10.76 8.76
N GLY A 36 -0.14 -9.46 8.68
CA GLY A 36 0.51 -8.60 7.70
C GLY A 36 1.89 -8.16 8.16
N GLY A 37 2.42 -8.80 9.19
CA GLY A 37 3.73 -8.43 9.69
C GLY A 37 4.81 -8.56 8.64
N LYS A 38 4.50 -9.17 7.50
CA LYS A 38 5.46 -9.33 6.43
C LYS A 38 4.76 -9.34 5.07
N ALA A 39 5.17 -8.41 4.22
CA ALA A 39 4.59 -8.30 2.88
C ALA A 39 5.70 -8.12 1.85
N SER A 40 5.50 -8.70 0.68
CA SER A 40 6.49 -8.60 -0.39
C SER A 40 5.92 -7.85 -1.58
N ASP A 41 4.81 -8.32 -2.11
CA ASP A 41 4.12 -7.66 -3.20
C ASP A 41 2.91 -6.93 -2.65
N PHE A 42 3.13 -5.85 -1.92
CA PHE A 42 2.03 -5.09 -1.36
C PHE A 42 1.64 -3.97 -2.31
N VAL A 43 0.50 -4.14 -2.98
CA VAL A 43 0.02 -3.15 -3.92
C VAL A 43 -0.77 -2.07 -3.19
N LEU A 44 -0.10 -0.96 -2.90
CA LEU A 44 -0.72 0.15 -2.21
C LEU A 44 -1.38 1.10 -3.19
N ALA A 45 -2.55 1.60 -2.82
CA ALA A 45 -3.28 2.53 -3.66
C ALA A 45 -3.08 3.97 -3.18
N MET A 46 -2.27 4.72 -3.90
CA MET A 46 -2.01 6.10 -3.54
C MET A 46 -3.24 6.98 -3.72
N GLY A 47 -4.16 6.88 -2.76
CA GLY A 47 -5.38 7.65 -2.80
C GLY A 47 -6.59 6.82 -3.20
N GLN A 48 -7.00 5.93 -2.33
CA GLN A 48 -8.16 5.06 -2.58
C GLN A 48 -9.16 5.18 -1.44
N GLY A 49 -8.76 4.70 -0.26
CA GLY A 49 -9.63 4.76 0.89
C GLY A 49 -9.28 5.92 1.80
N ARG A 50 -8.01 5.99 2.21
CA ARG A 50 -7.54 7.05 3.08
C ARG A 50 -6.08 6.81 3.49
N MET A 51 -5.18 6.96 2.53
CA MET A 51 -3.75 6.76 2.79
C MET A 51 -3.31 7.54 4.03
N ILE A 52 -2.97 6.82 5.08
CA ILE A 52 -2.52 7.45 6.33
C ILE A 52 -1.17 8.12 6.14
N PRO A 53 -0.76 9.01 7.07
CA PRO A 53 0.52 9.70 6.99
C PRO A 53 1.69 8.73 7.01
N GLY A 54 1.43 7.49 7.42
CA GLY A 54 2.46 6.48 7.47
C GLY A 54 2.84 5.97 6.09
N PHE A 55 1.88 5.33 5.42
CA PHE A 55 2.12 4.82 4.09
C PHE A 55 2.35 5.98 3.13
N GLU A 56 1.46 6.96 3.20
CA GLU A 56 1.55 8.15 2.35
C GLU A 56 2.93 8.79 2.48
N ASP A 57 3.61 8.52 3.60
CA ASP A 57 4.93 9.07 3.83
C ASP A 57 5.96 8.43 2.90
N GLY A 58 6.34 7.20 3.21
CA GLY A 58 7.34 6.51 2.40
C GLY A 58 6.80 6.03 1.07
N ILE A 59 5.66 5.36 1.11
CA ILE A 59 5.02 4.83 -0.09
C ILE A 59 4.31 5.91 -0.86
N LYS A 60 4.92 7.08 -0.85
CA LYS A 60 4.41 8.20 -1.62
C LYS A 60 4.23 7.69 -3.04
N GLY A 61 5.31 7.10 -3.54
CA GLY A 61 5.36 6.57 -4.88
C GLY A 61 6.28 7.41 -5.74
N HIS A 62 7.47 7.65 -5.19
CA HIS A 62 8.47 8.46 -5.87
C HIS A 62 9.80 7.73 -6.04
N LYS A 63 10.03 6.70 -5.24
CA LYS A 63 11.28 5.94 -5.32
C LYS A 63 11.03 4.49 -5.74
N ALA A 64 10.92 4.26 -7.04
CA ALA A 64 10.71 2.92 -7.56
C ALA A 64 11.86 2.00 -7.15
N GLY A 65 11.67 1.24 -6.08
CA GLY A 65 12.71 0.33 -5.61
C GLY A 65 13.45 0.87 -4.41
N GLU A 66 12.72 1.51 -3.50
CA GLU A 66 13.31 2.09 -2.30
C GLU A 66 13.17 1.17 -1.08
N GLU A 67 13.91 1.51 -0.02
CA GLU A 67 13.89 0.75 1.23
C GLU A 67 13.83 1.73 2.41
N PHE A 68 12.64 1.90 2.98
CA PHE A 68 12.46 2.84 4.09
C PHE A 68 11.63 2.24 5.22
N THR A 69 11.63 2.91 6.37
CA THR A 69 10.87 2.45 7.53
C THR A 69 9.91 3.53 8.04
N ILE A 70 8.60 3.24 7.97
CA ILE A 70 7.60 4.20 8.42
C ILE A 70 6.59 3.53 9.35
N ASP A 71 5.81 4.33 10.06
CA ASP A 71 4.78 3.82 10.95
C ASP A 71 3.44 3.83 10.23
N VAL A 72 2.55 2.92 10.58
CA VAL A 72 1.23 2.87 9.98
C VAL A 72 0.20 2.41 11.00
N THR A 73 -0.92 3.12 11.11
CA THR A 73 -1.99 2.78 12.03
C THR A 73 -3.33 3.13 11.40
N PHE A 74 -4.21 2.16 11.29
CA PHE A 74 -5.52 2.39 10.68
C PHE A 74 -6.51 2.97 11.68
N PRO A 75 -7.22 4.04 11.29
CA PRO A 75 -8.22 4.69 12.17
C PRO A 75 -9.44 3.82 12.45
N GLU A 76 -10.34 4.34 13.25
CA GLU A 76 -11.57 3.63 13.60
C GLU A 76 -12.56 3.63 12.44
N GLU A 77 -12.32 4.50 11.46
CA GLU A 77 -13.20 4.60 10.30
C GLU A 77 -12.81 3.59 9.23
N TYR A 78 -11.51 3.30 9.11
CA TYR A 78 -11.04 2.34 8.11
C TYR A 78 -11.61 0.95 8.42
N HIS A 79 -11.13 0.39 9.52
CA HIS A 79 -11.57 -0.92 10.00
C HIS A 79 -11.88 -1.91 8.87
N ALA A 80 -10.84 -2.44 8.25
CA ALA A 80 -10.99 -3.41 7.18
C ALA A 80 -11.13 -4.82 7.75
N GLU A 81 -11.91 -5.65 7.09
CA GLU A 81 -12.15 -7.01 7.54
C GLU A 81 -10.87 -7.78 7.86
N ASN A 82 -9.76 -7.44 7.21
CA ASN A 82 -8.50 -8.15 7.42
C ASN A 82 -7.57 -7.50 8.45
N LEU A 83 -7.52 -6.17 8.49
CA LEU A 83 -6.63 -5.48 9.43
C LEU A 83 -7.28 -4.32 10.15
N LYS A 84 -8.61 -4.29 10.14
CA LYS A 84 -9.36 -3.22 10.80
C LYS A 84 -8.68 -2.67 12.05
N GLY A 85 -8.45 -1.35 12.06
CA GLY A 85 -7.84 -0.68 13.19
C GLY A 85 -6.55 -1.34 13.64
N LYS A 86 -5.60 -1.52 12.72
CA LYS A 86 -4.32 -2.12 13.05
C LYS A 86 -3.24 -1.07 13.25
N ALA A 87 -3.10 -0.58 14.47
CA ALA A 87 -2.07 0.40 14.78
C ALA A 87 -0.73 -0.34 14.89
N ALA A 88 0.01 -0.36 13.79
CA ALA A 88 1.27 -1.08 13.76
C ALA A 88 2.44 -0.25 13.24
N LYS A 89 3.56 -0.95 13.04
CA LYS A 89 4.77 -0.36 12.53
C LYS A 89 5.34 -1.29 11.45
N PHE A 90 5.84 -0.72 10.36
CA PHE A 90 6.45 -1.53 9.32
C PHE A 90 7.71 -0.90 8.78
N ALA A 91 8.50 -1.69 8.06
CA ALA A 91 9.70 -1.23 7.40
C ALA A 91 9.51 -1.64 5.95
N ILE A 92 9.17 -0.67 5.12
CA ILE A 92 8.81 -0.94 3.74
C ILE A 92 9.92 -0.67 2.71
N ASN A 93 9.71 -1.25 1.52
CA ASN A 93 10.61 -1.07 0.39
C ASN A 93 9.80 -0.81 -0.89
N LEU A 94 9.78 0.43 -1.36
CA LEU A 94 9.02 0.80 -2.55
C LEU A 94 9.56 0.10 -3.79
N LYS A 95 8.71 -0.06 -4.81
CA LYS A 95 9.12 -0.70 -6.05
C LYS A 95 8.31 -0.15 -7.24
N LYS A 96 7.44 -0.97 -7.82
CA LYS A 96 6.68 -0.53 -8.98
C LYS A 96 5.59 0.48 -8.64
N VAL A 97 5.87 1.74 -8.96
CA VAL A 97 4.92 2.83 -8.73
C VAL A 97 4.36 3.31 -10.07
N GLU A 98 3.11 2.95 -10.36
CA GLU A 98 2.48 3.34 -11.61
C GLU A 98 1.09 3.92 -11.37
N GLU A 99 0.52 4.54 -12.42
CA GLU A 99 -0.80 5.18 -12.32
C GLU A 99 -1.94 4.23 -12.71
N ARG A 100 -2.44 3.49 -11.73
CA ARG A 100 -3.54 2.55 -11.97
C ARG A 100 -4.79 3.25 -12.47
N GLU A 101 -5.59 2.51 -13.22
CA GLU A 101 -6.84 3.03 -13.77
C GLU A 101 -7.56 1.94 -14.57
N LEU A 102 -8.08 0.93 -13.85
CA LEU A 102 -8.79 -0.17 -14.48
C LEU A 102 -10.18 0.26 -14.95
N PRO A 103 -10.87 -0.59 -15.74
CA PRO A 103 -12.19 -0.26 -16.26
C PRO A 103 -13.29 -0.41 -15.20
N GLU A 104 -14.13 0.61 -15.09
CA GLU A 104 -15.22 0.61 -14.11
C GLU A 104 -16.48 0.01 -14.72
N LEU A 105 -17.14 -0.87 -13.96
CA LEU A 105 -18.36 -1.52 -14.42
C LEU A 105 -19.58 -0.88 -13.75
N THR A 106 -20.76 -1.26 -14.22
CA THR A 106 -22.01 -0.72 -13.67
C THR A 106 -23.17 -1.67 -13.91
N GLY A 1 -19.94 -13.33 -15.94
CA GLY A 1 -18.65 -14.04 -16.14
C GLY A 1 -18.16 -14.72 -14.88
N SER A 2 -16.97 -14.33 -14.42
CA SER A 2 -16.39 -14.90 -13.21
C SER A 2 -15.31 -13.99 -12.64
N HIS A 3 -14.46 -13.47 -13.52
CA HIS A 3 -13.38 -12.58 -13.10
C HIS A 3 -12.38 -13.30 -12.20
N MET A 4 -11.17 -13.51 -12.72
CA MET A 4 -10.13 -14.19 -11.97
C MET A 4 -8.99 -13.24 -11.64
N GLN A 5 -8.32 -12.74 -12.68
CA GLN A 5 -7.21 -11.82 -12.49
C GLN A 5 -7.68 -10.37 -12.58
N ALA A 6 -7.06 -9.50 -11.79
CA ALA A 6 -7.42 -8.09 -11.77
C ALA A 6 -6.91 -7.37 -13.02
N THR A 7 -7.55 -6.27 -13.35
CA THR A 7 -7.17 -5.49 -14.53
C THR A 7 -6.53 -4.16 -14.12
N TRP A 8 -5.55 -3.72 -14.91
CA TRP A 8 -4.86 -2.46 -14.63
C TRP A 8 -4.51 -1.73 -15.91
N LYS A 9 -4.23 -0.44 -15.78
CA LYS A 9 -3.85 0.41 -16.90
C LYS A 9 -2.86 1.47 -16.44
N GLU A 10 -2.13 1.16 -15.38
CA GLU A 10 -1.17 2.09 -14.80
C GLU A 10 0.04 2.30 -15.71
N LYS A 11 0.41 3.57 -15.87
CA LYS A 11 1.56 3.94 -16.70
C LYS A 11 2.85 3.38 -16.12
N ASP A 12 3.98 4.03 -16.39
CA ASP A 12 5.27 3.57 -15.88
C ASP A 12 6.07 4.72 -15.28
N GLY A 13 5.38 5.78 -14.88
CA GLY A 13 6.05 6.92 -14.30
C GLY A 13 5.95 6.95 -12.78
N ALA A 14 6.18 8.12 -12.20
CA ALA A 14 6.13 8.27 -10.74
C ALA A 14 4.70 8.13 -10.21
N VAL A 15 4.53 8.38 -8.92
CA VAL A 15 3.21 8.33 -8.30
C VAL A 15 2.35 9.47 -8.82
N GLU A 16 1.03 9.25 -8.86
CA GLU A 16 0.11 10.28 -9.30
C GLU A 16 -1.11 10.33 -8.39
N ALA A 17 -1.88 11.40 -8.50
CA ALA A 17 -3.07 11.62 -7.67
C ALA A 17 -3.59 10.32 -7.06
N GLU A 18 -4.24 9.47 -7.86
CA GLU A 18 -4.79 8.21 -7.35
C GLU A 18 -4.14 6.99 -8.02
N ASP A 19 -2.88 6.73 -7.68
CA ASP A 19 -2.13 5.61 -8.26
C ASP A 19 -2.07 4.39 -7.35
N ARG A 20 -1.28 3.40 -7.77
CA ARG A 20 -1.08 2.15 -7.00
C ARG A 20 0.37 1.70 -7.08
N VAL A 21 1.08 1.73 -5.96
CA VAL A 21 2.47 1.29 -5.89
C VAL A 21 2.59 -0.18 -5.48
N THR A 22 3.78 -0.76 -5.66
CA THR A 22 4.04 -2.13 -5.25
C THR A 22 5.16 -2.13 -4.23
N ILE A 23 4.86 -2.53 -3.00
CA ILE A 23 5.87 -2.50 -1.95
C ILE A 23 5.92 -3.78 -1.11
N ASP A 24 7.10 -4.04 -0.55
CA ASP A 24 7.33 -5.20 0.32
C ASP A 24 7.80 -4.69 1.68
N PHE A 25 7.14 -5.09 2.77
CA PHE A 25 7.53 -4.61 4.09
C PHE A 25 7.41 -5.66 5.18
N THR A 26 7.97 -5.34 6.33
CA THR A 26 7.95 -6.24 7.49
C THR A 26 7.94 -5.45 8.79
N GLY A 27 6.85 -5.57 9.57
CA GLY A 27 6.76 -4.85 10.82
C GLY A 27 5.77 -5.48 11.80
N SER A 28 5.83 -5.01 13.05
CA SER A 28 4.94 -5.51 14.09
C SER A 28 3.91 -4.46 14.51
N VAL A 29 2.95 -4.88 15.33
CA VAL A 29 1.91 -3.99 15.83
C VAL A 29 2.11 -3.71 17.32
N ASP A 30 1.78 -4.67 18.17
CA ASP A 30 1.95 -4.49 19.61
C ASP A 30 3.28 -5.09 20.06
N GLY A 31 4.31 -4.88 19.25
CA GLY A 31 5.62 -5.43 19.57
C GLY A 31 5.88 -6.75 18.88
N GLU A 32 4.82 -7.32 18.31
CA GLU A 32 4.92 -8.59 17.60
C GLU A 32 4.21 -8.52 16.26
N GLU A 33 4.91 -8.89 15.19
CA GLU A 33 4.35 -8.87 13.85
C GLU A 33 3.21 -9.84 13.74
N PHE A 34 2.05 -9.31 13.39
CA PHE A 34 0.82 -10.10 13.25
C PHE A 34 0.73 -10.79 11.88
N GLU A 35 -0.44 -10.71 11.28
CA GLU A 35 -0.68 -11.29 9.96
C GLU A 35 0.07 -10.52 8.88
N GLY A 36 -0.22 -9.23 8.80
CA GLY A 36 0.43 -8.37 7.81
C GLY A 36 1.81 -7.94 8.24
N GLY A 37 2.33 -8.54 9.31
CA GLY A 37 3.64 -8.20 9.78
C GLY A 37 4.73 -8.36 8.73
N LYS A 38 4.38 -8.96 7.60
CA LYS A 38 5.33 -9.16 6.51
C LYS A 38 4.61 -9.22 5.17
N ALA A 39 4.98 -8.31 4.27
CA ALA A 39 4.39 -8.24 2.95
C ALA A 39 5.47 -8.13 1.89
N SER A 40 5.23 -8.72 0.73
CA SER A 40 6.20 -8.66 -0.37
C SER A 40 5.65 -7.89 -1.54
N ASP A 41 4.50 -8.34 -2.07
CA ASP A 41 3.84 -7.67 -3.15
C ASP A 41 2.65 -6.89 -2.62
N PHE A 42 2.92 -5.81 -1.90
CA PHE A 42 1.85 -4.99 -1.33
C PHE A 42 1.45 -3.91 -2.32
N VAL A 43 0.28 -4.06 -2.92
CA VAL A 43 -0.22 -3.09 -3.89
C VAL A 43 -0.97 -1.97 -3.18
N LEU A 44 -0.27 -0.87 -2.92
CA LEU A 44 -0.85 0.27 -2.25
C LEU A 44 -1.47 1.24 -3.23
N ALA A 45 -2.65 1.76 -2.89
CA ALA A 45 -3.35 2.71 -3.75
C ALA A 45 -3.20 4.13 -3.21
N MET A 46 -2.35 4.93 -3.86
CA MET A 46 -2.13 6.30 -3.44
C MET A 46 -3.38 7.14 -3.67
N GLY A 47 -4.32 7.04 -2.73
CA GLY A 47 -5.56 7.78 -2.82
C GLY A 47 -6.73 6.91 -3.22
N GLN A 48 -7.08 5.97 -2.37
CA GLN A 48 -8.20 5.06 -2.62
C GLN A 48 -9.24 5.19 -1.53
N GLY A 49 -8.90 4.71 -0.34
CA GLY A 49 -9.81 4.78 0.78
C GLY A 49 -9.48 5.93 1.72
N ARG A 50 -8.23 5.97 2.17
CA ARG A 50 -7.77 7.03 3.05
C ARG A 50 -6.31 6.81 3.43
N MET A 51 -5.42 7.00 2.45
CA MET A 51 -4.00 6.82 2.67
C MET A 51 -3.53 7.55 3.92
N ILE A 52 -3.17 6.78 4.94
CA ILE A 52 -2.69 7.35 6.20
C ILE A 52 -1.34 8.00 6.01
N PRO A 53 -0.94 8.89 6.94
CA PRO A 53 0.36 9.57 6.87
C PRO A 53 1.50 8.58 6.87
N GLY A 54 1.24 7.37 7.34
CA GLY A 54 2.26 6.35 7.39
C GLY A 54 2.70 5.91 6.00
N PHE A 55 1.76 5.39 5.22
CA PHE A 55 2.07 4.93 3.88
C PHE A 55 2.30 6.12 2.95
N GLU A 56 1.41 7.10 3.01
CA GLU A 56 1.52 8.29 2.17
C GLU A 56 2.92 8.89 2.24
N ASP A 57 3.62 8.65 3.34
CA ASP A 57 4.97 9.17 3.51
C ASP A 57 5.98 8.30 2.76
N GLY A 58 6.30 7.14 3.31
CA GLY A 58 7.27 6.26 2.69
C GLY A 58 6.82 5.82 1.31
N ILE A 59 5.66 5.19 1.25
CA ILE A 59 5.10 4.72 0.01
C ILE A 59 4.40 5.84 -0.73
N LYS A 60 5.06 6.98 -0.69
CA LYS A 60 4.59 8.13 -1.43
C LYS A 60 4.35 7.66 -2.86
N GLY A 61 5.39 7.01 -3.39
CA GLY A 61 5.38 6.49 -4.74
C GLY A 61 6.30 7.28 -5.64
N HIS A 62 7.51 7.50 -5.16
CA HIS A 62 8.50 8.26 -5.92
C HIS A 62 9.82 7.51 -6.09
N LYS A 63 10.05 6.51 -5.25
CA LYS A 63 11.30 5.75 -5.34
C LYS A 63 11.04 4.29 -5.70
N ALA A 64 10.93 4.03 -7.00
CA ALA A 64 10.73 2.67 -7.48
C ALA A 64 11.90 1.77 -7.07
N GLY A 65 11.75 1.04 -5.96
CA GLY A 65 12.81 0.15 -5.51
C GLY A 65 13.56 0.70 -4.31
N GLU A 66 12.85 1.39 -3.42
CA GLU A 66 13.47 1.96 -2.23
C GLU A 66 13.25 1.07 -1.01
N GLU A 67 14.02 1.33 0.05
CA GLU A 67 13.91 0.58 1.29
C GLU A 67 13.82 1.56 2.46
N PHE A 68 12.61 1.77 2.96
CA PHE A 68 12.37 2.71 4.04
C PHE A 68 11.48 2.11 5.14
N THR A 69 11.43 2.78 6.28
CA THR A 69 10.61 2.32 7.40
C THR A 69 9.67 3.42 7.88
N ILE A 70 8.37 3.12 7.95
CA ILE A 70 7.41 4.13 8.39
C ILE A 70 6.44 3.54 9.40
N ASP A 71 5.70 4.41 10.07
CA ASP A 71 4.72 3.98 11.04
C ASP A 71 3.37 3.90 10.35
N VAL A 72 2.52 2.98 10.79
CA VAL A 72 1.20 2.85 10.18
C VAL A 72 0.16 2.44 11.22
N THR A 73 -0.97 3.14 11.23
CA THR A 73 -2.05 2.84 12.14
C THR A 73 -3.36 3.17 11.45
N PHE A 74 -4.24 2.19 11.34
CA PHE A 74 -5.51 2.40 10.66
C PHE A 74 -6.56 2.95 11.62
N PRO A 75 -7.27 4.02 11.20
CA PRO A 75 -8.30 4.66 12.02
C PRO A 75 -9.52 3.78 12.23
N GLU A 76 -10.48 4.28 13.02
CA GLU A 76 -11.71 3.56 13.29
C GLU A 76 -12.65 3.57 12.08
N GLU A 77 -12.31 4.38 11.07
CA GLU A 77 -13.13 4.48 9.88
C GLU A 77 -12.71 3.44 8.85
N TYR A 78 -11.41 3.14 8.79
CA TYR A 78 -10.89 2.15 7.86
C TYR A 78 -11.43 0.77 8.20
N HIS A 79 -10.96 0.23 9.32
CA HIS A 79 -11.38 -1.08 9.81
C HIS A 79 -11.65 -2.08 8.69
N ALA A 80 -10.59 -2.57 8.06
CA ALA A 80 -10.71 -3.56 7.00
C ALA A 80 -10.79 -4.97 7.57
N GLU A 81 -11.51 -5.85 6.88
CA GLU A 81 -11.69 -7.22 7.32
C GLU A 81 -10.38 -7.93 7.65
N ASN A 82 -9.28 -7.52 7.02
CA ASN A 82 -8.00 -8.19 7.24
C ASN A 82 -7.12 -7.50 8.31
N LEU A 83 -7.12 -6.17 8.36
CA LEU A 83 -6.28 -5.46 9.32
C LEU A 83 -7.02 -4.33 10.05
N LYS A 84 -8.33 -4.36 10.02
CA LYS A 84 -9.15 -3.33 10.66
C LYS A 84 -8.50 -2.76 11.93
N GLY A 85 -8.36 -1.43 11.95
CA GLY A 85 -7.79 -0.73 13.09
C GLY A 85 -6.50 -1.35 13.59
N LYS A 86 -5.53 -1.51 12.70
CA LYS A 86 -4.24 -2.10 13.07
C LYS A 86 -3.17 -1.04 13.30
N ALA A 87 -3.04 -0.59 14.54
CA ALA A 87 -2.00 0.39 14.89
C ALA A 87 -0.67 -0.33 15.01
N ALA A 88 0.13 -0.28 13.95
CA ALA A 88 1.40 -0.99 13.94
C ALA A 88 2.57 -0.18 13.38
N LYS A 89 3.68 -0.88 13.21
CA LYS A 89 4.91 -0.33 12.67
C LYS A 89 5.33 -1.18 11.49
N PHE A 90 5.81 -0.57 10.42
CA PHE A 90 6.27 -1.34 9.24
C PHE A 90 7.57 -0.79 8.69
N ALA A 91 8.33 -1.67 8.03
CA ALA A 91 9.55 -1.27 7.35
C ALA A 91 9.36 -1.72 5.92
N ILE A 92 9.09 -0.75 5.06
CA ILE A 92 8.75 -1.02 3.67
C ILE A 92 9.86 -0.78 2.66
N ASN A 93 9.67 -1.38 1.49
CA ASN A 93 10.59 -1.23 0.36
C ASN A 93 9.78 -0.97 -0.90
N LEU A 94 9.76 0.28 -1.37
CA LEU A 94 8.99 0.65 -2.56
C LEU A 94 9.53 -0.04 -3.80
N LYS A 95 8.65 -0.24 -4.79
CA LYS A 95 9.04 -0.88 -6.04
C LYS A 95 8.25 -0.32 -7.22
N LYS A 96 7.33 -1.11 -7.77
CA LYS A 96 6.58 -0.69 -8.93
C LYS A 96 5.52 0.35 -8.60
N VAL A 97 5.82 1.61 -8.93
CA VAL A 97 4.90 2.71 -8.72
C VAL A 97 4.42 3.24 -10.07
N GLU A 98 3.15 2.99 -10.40
CA GLU A 98 2.60 3.44 -11.67
C GLU A 98 1.36 4.30 -11.48
N GLU A 99 0.59 4.50 -12.54
CA GLU A 99 -0.62 5.34 -12.47
C GLU A 99 -1.88 4.55 -12.76
N ARG A 100 -2.40 3.88 -11.73
CA ARG A 100 -3.63 3.10 -11.87
C ARG A 100 -4.84 4.00 -12.05
N GLU A 101 -5.52 3.87 -13.19
CA GLU A 101 -6.70 4.66 -13.49
C GLU A 101 -7.88 3.77 -13.81
N LEU A 102 -8.40 3.08 -12.79
CA LEU A 102 -9.52 2.18 -12.96
C LEU A 102 -10.83 2.94 -13.14
N PRO A 103 -11.85 2.30 -13.73
CA PRO A 103 -13.15 2.92 -13.96
C PRO A 103 -13.95 3.10 -12.67
N GLU A 104 -14.59 4.25 -12.53
CA GLU A 104 -15.37 4.56 -11.35
C GLU A 104 -16.81 4.06 -11.49
N LEU A 105 -17.07 2.85 -10.98
CA LEU A 105 -18.41 2.26 -11.06
C LEU A 105 -19.07 2.25 -9.69
N THR A 106 -20.34 2.63 -9.65
CA THR A 106 -21.09 2.66 -8.40
C THR A 106 -21.34 1.24 -7.88
N GLY A 1 -9.46 -15.05 -8.75
CA GLY A 1 -9.01 -15.45 -7.38
C GLY A 1 -10.11 -15.32 -6.35
N SER A 2 -10.80 -14.18 -6.37
CA SER A 2 -11.88 -13.93 -5.42
C SER A 2 -13.20 -13.66 -6.16
N HIS A 3 -13.16 -12.70 -7.09
CA HIS A 3 -14.34 -12.35 -7.86
C HIS A 3 -13.95 -11.65 -9.16
N MET A 4 -14.01 -12.38 -10.26
CA MET A 4 -13.66 -11.83 -11.56
C MET A 4 -12.19 -11.37 -11.58
N GLN A 5 -11.61 -11.34 -12.77
CA GLN A 5 -10.22 -10.92 -12.93
C GLN A 5 -10.08 -9.41 -12.71
N ALA A 6 -9.00 -9.02 -12.04
CA ALA A 6 -8.74 -7.61 -11.78
C ALA A 6 -8.31 -6.89 -13.05
N THR A 7 -8.63 -5.60 -13.14
CA THR A 7 -8.26 -4.81 -14.30
C THR A 7 -7.40 -3.61 -13.91
N TRP A 8 -6.32 -3.41 -14.66
CA TRP A 8 -5.40 -2.31 -14.39
C TRP A 8 -4.96 -1.61 -15.68
N LYS A 9 -4.60 -0.34 -15.57
CA LYS A 9 -4.15 0.45 -16.71
C LYS A 9 -3.10 1.46 -16.27
N GLU A 10 -2.29 1.08 -15.28
CA GLU A 10 -1.26 1.97 -14.75
C GLU A 10 -0.08 2.11 -15.71
N LYS A 11 0.40 3.35 -15.85
CA LYS A 11 1.52 3.65 -16.73
C LYS A 11 2.82 3.08 -16.17
N ASP A 12 3.96 3.67 -16.56
CA ASP A 12 5.26 3.20 -16.09
C ASP A 12 6.09 4.34 -15.50
N GLY A 13 5.41 5.40 -15.07
CA GLY A 13 6.09 6.53 -14.48
C GLY A 13 5.98 6.57 -12.97
N ALA A 14 6.14 7.75 -12.38
CA ALA A 14 6.07 7.90 -10.92
C ALA A 14 4.64 7.73 -10.40
N VAL A 15 4.45 8.05 -9.12
CA VAL A 15 3.14 7.98 -8.49
C VAL A 15 2.20 9.03 -9.09
N GLU A 16 0.90 8.79 -9.02
CA GLU A 16 -0.07 9.74 -9.54
C GLU A 16 -1.21 9.93 -8.55
N ALA A 17 -1.93 11.04 -8.68
CA ALA A 17 -3.04 11.38 -7.79
C ALA A 17 -3.58 10.15 -7.04
N GLU A 18 -4.34 9.30 -7.74
CA GLU A 18 -4.90 8.11 -7.12
C GLU A 18 -4.37 6.84 -7.80
N ASP A 19 -3.08 6.56 -7.58
CA ASP A 19 -2.43 5.40 -8.19
C ASP A 19 -2.31 4.21 -7.23
N ARG A 20 -1.48 3.24 -7.62
CA ARG A 20 -1.23 2.05 -6.81
C ARG A 20 0.23 1.59 -6.98
N VAL A 21 1.00 1.65 -5.91
CA VAL A 21 2.40 1.23 -5.94
C VAL A 21 2.55 -0.23 -5.52
N THR A 22 3.76 -0.77 -5.66
CA THR A 22 4.05 -2.13 -5.25
C THR A 22 5.16 -2.10 -4.22
N ILE A 23 4.85 -2.48 -2.99
CA ILE A 23 5.84 -2.44 -1.93
C ILE A 23 5.96 -3.76 -1.16
N ASP A 24 7.12 -3.93 -0.54
CA ASP A 24 7.43 -5.08 0.29
C ASP A 24 7.83 -4.56 1.67
N PHE A 25 7.18 -5.02 2.73
CA PHE A 25 7.50 -4.50 4.06
C PHE A 25 7.48 -5.57 5.15
N THR A 26 8.09 -5.21 6.26
CA THR A 26 8.18 -6.11 7.41
C THR A 26 8.14 -5.32 8.72
N GLY A 27 7.07 -5.52 9.50
CA GLY A 27 6.95 -4.82 10.77
C GLY A 27 5.94 -5.46 11.70
N SER A 28 5.95 -5.01 12.95
CA SER A 28 5.05 -5.53 13.98
C SER A 28 3.99 -4.51 14.38
N VAL A 29 3.06 -4.95 15.22
CA VAL A 29 1.98 -4.10 15.72
C VAL A 29 2.20 -3.79 17.20
N ASP A 30 1.84 -4.72 18.08
CA ASP A 30 2.02 -4.52 19.51
C ASP A 30 3.34 -5.12 19.98
N GLY A 31 4.38 -4.95 19.16
CA GLY A 31 5.68 -5.50 19.50
C GLY A 31 5.93 -6.84 18.84
N GLU A 32 4.87 -7.42 18.26
CA GLU A 32 4.98 -8.71 17.59
C GLU A 32 4.26 -8.68 16.25
N GLU A 33 5.00 -8.91 15.18
CA GLU A 33 4.44 -8.90 13.83
C GLU A 33 3.30 -9.88 13.72
N PHE A 34 2.14 -9.35 13.37
CA PHE A 34 0.92 -10.14 13.25
C PHE A 34 0.82 -10.85 11.89
N GLU A 35 -0.37 -10.83 11.31
CA GLU A 35 -0.60 -11.43 10.00
C GLU A 35 0.09 -10.62 8.91
N GLY A 36 -0.28 -9.34 8.83
CA GLY A 36 0.29 -8.46 7.82
C GLY A 36 1.57 -7.82 8.26
N GLY A 37 2.26 -8.43 9.22
CA GLY A 37 3.52 -7.87 9.68
C GLY A 37 4.50 -7.68 8.54
N LYS A 38 4.67 -8.72 7.74
CA LYS A 38 5.58 -8.65 6.60
C LYS A 38 4.86 -8.96 5.29
N ALA A 39 5.10 -8.13 4.29
CA ALA A 39 4.50 -8.29 2.97
C ALA A 39 5.55 -8.12 1.89
N SER A 40 5.29 -8.69 0.72
CA SER A 40 6.24 -8.60 -0.38
C SER A 40 5.67 -7.79 -1.54
N ASP A 41 4.54 -8.24 -2.06
CA ASP A 41 3.85 -7.56 -3.13
C ASP A 41 2.65 -6.81 -2.54
N PHE A 42 2.92 -5.75 -1.81
CA PHE A 42 1.84 -4.96 -1.21
C PHE A 42 1.43 -3.84 -2.15
N VAL A 43 0.29 -4.01 -2.80
CA VAL A 43 -0.21 -3.02 -3.74
C VAL A 43 -0.93 -1.89 -3.00
N LEU A 44 -0.22 -0.80 -2.77
CA LEU A 44 -0.78 0.35 -2.07
C LEU A 44 -1.43 1.32 -3.04
N ALA A 45 -2.58 1.86 -2.65
CA ALA A 45 -3.31 2.81 -3.49
C ALA A 45 -3.10 4.24 -2.99
N MET A 46 -2.27 5.00 -3.68
CA MET A 46 -2.00 6.37 -3.29
C MET A 46 -3.21 7.26 -3.51
N GLY A 47 -4.02 7.39 -2.46
CA GLY A 47 -5.22 8.21 -2.51
C GLY A 47 -6.44 7.44 -3.01
N GLN A 48 -6.86 6.46 -2.22
CA GLN A 48 -8.02 5.65 -2.56
C GLN A 48 -9.06 5.69 -1.45
N GLY A 49 -8.70 5.16 -0.29
CA GLY A 49 -9.59 5.16 0.85
C GLY A 49 -9.26 6.27 1.82
N ARG A 50 -8.04 6.25 2.34
CA ARG A 50 -7.58 7.27 3.28
C ARG A 50 -6.13 7.00 3.67
N MET A 51 -5.23 7.12 2.70
CA MET A 51 -3.80 6.89 2.94
C MET A 51 -3.33 7.58 4.22
N ILE A 52 -2.94 6.76 5.19
CA ILE A 52 -2.46 7.29 6.47
C ILE A 52 -1.11 7.99 6.31
N PRO A 53 -0.74 8.86 7.25
CA PRO A 53 0.53 9.60 7.22
C PRO A 53 1.73 8.67 7.10
N GLY A 54 1.55 7.42 7.51
CA GLY A 54 2.62 6.46 7.45
C GLY A 54 2.99 6.05 6.04
N PHE A 55 1.99 5.54 5.30
CA PHE A 55 2.23 5.10 3.94
C PHE A 55 2.50 6.27 3.00
N GLU A 56 1.68 7.32 3.08
CA GLU A 56 1.85 8.48 2.23
C GLU A 56 3.27 9.02 2.32
N ASP A 57 3.95 8.71 3.43
CA ASP A 57 5.32 9.17 3.63
C ASP A 57 6.30 8.35 2.81
N GLY A 58 6.60 7.14 3.27
CA GLY A 58 7.55 6.29 2.56
C GLY A 58 7.03 5.83 1.22
N ILE A 59 5.84 5.26 1.23
CA ILE A 59 5.21 4.75 0.03
C ILE A 59 4.51 5.85 -0.74
N LYS A 60 5.16 6.99 -0.78
CA LYS A 60 4.66 8.11 -1.55
C LYS A 60 4.38 7.57 -2.95
N GLY A 61 5.40 6.94 -3.50
CA GLY A 61 5.34 6.38 -4.84
C GLY A 61 6.24 7.19 -5.75
N HIS A 62 7.43 7.47 -5.25
CA HIS A 62 8.40 8.26 -5.99
C HIS A 62 9.73 7.55 -6.15
N LYS A 63 10.00 6.56 -5.31
CA LYS A 63 11.26 5.82 -5.39
C LYS A 63 11.02 4.34 -5.70
N ALA A 64 10.88 4.04 -6.99
CA ALA A 64 10.70 2.65 -7.42
C ALA A 64 11.89 1.79 -7.01
N GLY A 65 11.78 1.09 -5.88
CA GLY A 65 12.85 0.24 -5.42
C GLY A 65 13.57 0.81 -4.21
N GLU A 66 12.84 1.49 -3.35
CA GLU A 66 13.41 2.10 -2.15
C GLU A 66 13.17 1.23 -0.92
N GLU A 67 13.96 1.47 0.13
CA GLU A 67 13.83 0.74 1.38
C GLU A 67 13.75 1.73 2.54
N PHE A 68 12.58 1.83 3.15
CA PHE A 68 12.35 2.77 4.23
C PHE A 68 11.45 2.17 5.31
N THR A 69 11.40 2.83 6.47
CA THR A 69 10.56 2.36 7.57
C THR A 69 9.62 3.46 8.04
N ILE A 70 8.33 3.15 8.14
CA ILE A 70 7.35 4.14 8.58
C ILE A 70 6.40 3.55 9.60
N ASP A 71 5.68 4.42 10.29
CA ASP A 71 4.69 3.99 11.27
C ASP A 71 3.33 3.95 10.57
N VAL A 72 2.48 3.00 10.95
CA VAL A 72 1.16 2.92 10.34
C VAL A 72 0.12 2.42 11.33
N THR A 73 -1.04 3.08 11.34
CA THR A 73 -2.13 2.69 12.22
C THR A 73 -3.44 3.03 11.52
N PHE A 74 -4.31 2.04 11.35
CA PHE A 74 -5.57 2.25 10.66
C PHE A 74 -6.64 2.77 11.62
N PRO A 75 -7.32 3.87 11.24
CA PRO A 75 -8.37 4.48 12.07
C PRO A 75 -9.62 3.61 12.19
N GLU A 76 -10.60 4.12 12.93
CA GLU A 76 -11.85 3.40 13.13
C GLU A 76 -12.74 3.48 11.88
N GLU A 77 -12.37 4.35 10.94
CA GLU A 77 -13.14 4.51 9.71
C GLU A 77 -12.69 3.51 8.64
N TYR A 78 -11.41 3.16 8.67
CA TYR A 78 -10.86 2.21 7.70
C TYR A 78 -11.38 0.82 7.98
N HIS A 79 -10.94 0.24 9.09
CA HIS A 79 -11.36 -1.08 9.52
C HIS A 79 -11.58 -2.06 8.36
N ALA A 80 -10.49 -2.55 7.78
CA ALA A 80 -10.56 -3.51 6.68
C ALA A 80 -10.69 -4.93 7.21
N GLU A 81 -11.50 -5.73 6.52
CA GLU A 81 -11.74 -7.12 6.93
C GLU A 81 -10.45 -7.87 7.29
N ASN A 82 -9.32 -7.47 6.71
CA ASN A 82 -8.06 -8.17 6.96
C ASN A 82 -7.21 -7.52 8.05
N LEU A 83 -7.19 -6.19 8.12
CA LEU A 83 -6.36 -5.51 9.12
C LEU A 83 -7.09 -4.37 9.84
N LYS A 84 -8.42 -4.40 9.79
CA LYS A 84 -9.24 -3.38 10.42
C LYS A 84 -8.65 -2.87 11.75
N GLY A 85 -8.58 -1.55 11.88
CA GLY A 85 -8.05 -0.94 13.10
C GLY A 85 -6.74 -1.54 13.56
N LYS A 86 -5.79 -1.68 12.63
CA LYS A 86 -4.50 -2.26 12.95
C LYS A 86 -3.43 -1.18 13.17
N ALA A 87 -3.19 -0.87 14.43
CA ALA A 87 -2.16 0.11 14.79
C ALA A 87 -0.82 -0.60 14.92
N ALA A 88 0.05 -0.41 13.92
CA ALA A 88 1.34 -1.10 13.94
C ALA A 88 2.49 -0.26 13.38
N LYS A 89 3.61 -0.94 13.18
CA LYS A 89 4.82 -0.36 12.64
C LYS A 89 5.26 -1.22 11.46
N PHE A 90 5.72 -0.60 10.38
CA PHE A 90 6.21 -1.38 9.23
C PHE A 90 7.46 -0.78 8.66
N ALA A 91 8.21 -1.60 7.93
CA ALA A 91 9.37 -1.16 7.21
C ALA A 91 9.13 -1.58 5.78
N ILE A 92 8.75 -0.61 4.96
CA ILE A 92 8.39 -0.86 3.58
C ILE A 92 9.54 -0.61 2.61
N ASN A 93 9.47 -1.30 1.47
CA ASN A 93 10.44 -1.17 0.40
C ASN A 93 9.69 -0.91 -0.90
N LEU A 94 9.70 0.35 -1.36
CA LEU A 94 8.98 0.73 -2.57
C LEU A 94 9.51 0.03 -3.80
N LYS A 95 8.63 -0.15 -4.81
CA LYS A 95 9.02 -0.79 -6.05
C LYS A 95 8.20 -0.23 -7.23
N LYS A 96 7.30 -1.04 -7.78
CA LYS A 96 6.51 -0.62 -8.93
C LYS A 96 5.43 0.40 -8.57
N VAL A 97 5.71 1.67 -8.91
CA VAL A 97 4.77 2.75 -8.66
C VAL A 97 4.24 3.28 -10.00
N GLU A 98 2.97 3.01 -10.29
CA GLU A 98 2.35 3.45 -11.53
C GLU A 98 0.98 4.06 -11.27
N GLU A 99 0.40 4.74 -12.28
CA GLU A 99 -0.90 5.40 -12.11
C GLU A 99 -2.06 4.48 -12.52
N ARG A 100 -2.60 3.76 -11.56
CA ARG A 100 -3.72 2.85 -11.81
C ARG A 100 -4.99 3.64 -12.08
N GLU A 101 -5.99 2.95 -12.60
CA GLU A 101 -7.29 3.56 -12.91
C GLU A 101 -8.32 2.48 -13.22
N LEU A 102 -8.88 1.89 -12.16
CA LEU A 102 -9.86 0.83 -12.31
C LEU A 102 -11.22 1.39 -12.75
N PRO A 103 -11.87 0.75 -13.74
CA PRO A 103 -13.18 1.19 -14.23
C PRO A 103 -14.17 1.41 -13.09
N GLU A 104 -14.99 2.45 -13.21
CA GLU A 104 -15.98 2.75 -12.19
C GLU A 104 -17.28 1.98 -12.43
N LEU A 105 -17.75 2.02 -13.67
CA LEU A 105 -18.98 1.32 -14.04
C LEU A 105 -18.67 0.05 -14.82
N THR A 106 -18.73 -1.09 -14.13
CA THR A 106 -18.46 -2.38 -14.77
C THR A 106 -17.03 -2.43 -15.30
N GLY A 1 -21.66 -16.37 -7.24
CA GLY A 1 -20.44 -16.87 -6.54
C GLY A 1 -19.33 -17.22 -7.50
N SER A 2 -18.69 -16.20 -8.06
CA SER A 2 -17.59 -16.41 -8.99
C SER A 2 -16.51 -15.35 -8.80
N HIS A 3 -15.37 -15.55 -9.47
CA HIS A 3 -14.26 -14.61 -9.37
C HIS A 3 -13.97 -13.97 -10.73
N MET A 4 -13.79 -12.66 -10.72
CA MET A 4 -13.51 -11.92 -11.96
C MET A 4 -12.10 -11.32 -11.92
N GLN A 5 -11.46 -11.29 -13.09
CA GLN A 5 -10.11 -10.74 -13.19
C GLN A 5 -10.13 -9.23 -12.99
N ALA A 6 -9.08 -8.70 -12.37
CA ALA A 6 -8.98 -7.27 -12.13
C ALA A 6 -8.46 -6.54 -13.35
N THR A 7 -8.83 -5.26 -13.48
CA THR A 7 -8.41 -4.45 -14.61
C THR A 7 -7.55 -3.28 -14.14
N TRP A 8 -6.44 -3.05 -14.84
CA TRP A 8 -5.54 -1.96 -14.49
C TRP A 8 -5.01 -1.26 -15.73
N LYS A 9 -4.61 -0.01 -15.57
CA LYS A 9 -4.05 0.79 -16.65
C LYS A 9 -3.01 1.75 -16.10
N GLU A 10 -2.24 1.25 -15.13
CA GLU A 10 -1.20 2.04 -14.49
C GLU A 10 -0.17 2.54 -15.49
N LYS A 11 0.28 3.78 -15.30
CA LYS A 11 1.28 4.39 -16.18
C LYS A 11 2.62 3.69 -16.02
N ASP A 12 3.69 4.37 -16.42
CA ASP A 12 5.04 3.82 -16.32
C ASP A 12 6.00 4.81 -15.67
N GLY A 13 5.46 5.78 -14.95
CA GLY A 13 6.28 6.78 -14.28
C GLY A 13 6.17 6.74 -12.77
N ALA A 14 6.35 7.89 -12.14
CA ALA A 14 6.28 8.00 -10.68
C ALA A 14 4.86 7.84 -10.16
N VAL A 15 4.67 8.14 -8.88
CA VAL A 15 3.35 8.10 -8.26
C VAL A 15 2.45 9.19 -8.83
N GLU A 16 1.15 8.96 -8.82
CA GLU A 16 0.21 9.95 -9.32
C GLU A 16 -0.97 10.09 -8.35
N ALA A 17 -1.70 11.21 -8.47
CA ALA A 17 -2.84 11.51 -7.60
C ALA A 17 -3.40 10.26 -6.94
N GLU A 18 -4.12 9.43 -7.69
CA GLU A 18 -4.70 8.21 -7.15
C GLU A 18 -4.14 6.97 -7.83
N ASP A 19 -2.85 6.70 -7.57
CA ASP A 19 -2.18 5.55 -8.18
C ASP A 19 -2.07 4.35 -7.23
N ARG A 20 -1.28 3.36 -7.65
CA ARG A 20 -1.05 2.16 -6.85
C ARG A 20 0.39 1.68 -6.99
N VAL A 21 1.13 1.73 -5.89
CA VAL A 21 2.53 1.29 -5.87
C VAL A 21 2.65 -0.17 -5.44
N THR A 22 3.84 -0.75 -5.65
CA THR A 22 4.10 -2.12 -5.24
C THR A 22 5.23 -2.11 -4.21
N ILE A 23 4.91 -2.48 -2.98
CA ILE A 23 5.91 -2.45 -1.92
C ILE A 23 5.97 -3.76 -1.12
N ASP A 24 7.15 -4.00 -0.53
CA ASP A 24 7.39 -5.17 0.32
C ASP A 24 7.85 -4.68 1.69
N PHE A 25 7.19 -5.09 2.77
CA PHE A 25 7.57 -4.61 4.09
C PHE A 25 7.43 -5.68 5.18
N THR A 26 7.96 -5.35 6.36
CA THR A 26 7.92 -6.24 7.51
C THR A 26 7.91 -5.44 8.81
N GLY A 27 6.83 -5.56 9.58
CA GLY A 27 6.75 -4.82 10.84
C GLY A 27 5.79 -5.44 11.83
N SER A 28 5.81 -4.93 13.06
CA SER A 28 4.95 -5.42 14.13
C SER A 28 3.88 -4.41 14.51
N VAL A 29 2.92 -4.86 15.33
CA VAL A 29 1.84 -4.00 15.80
C VAL A 29 1.99 -3.73 17.31
N ASP A 30 1.71 -4.73 18.13
CA ASP A 30 1.85 -4.58 19.57
C ASP A 30 3.20 -5.11 20.03
N GLY A 31 4.23 -4.87 19.21
CA GLY A 31 5.56 -5.35 19.52
C GLY A 31 5.88 -6.66 18.84
N GLU A 32 4.85 -7.30 18.29
CA GLU A 32 5.01 -8.57 17.60
C GLU A 32 4.26 -8.56 16.27
N GLU A 33 4.98 -8.80 15.19
CA GLU A 33 4.42 -8.80 13.85
C GLU A 33 3.28 -9.80 13.75
N PHE A 34 2.12 -9.29 13.40
CA PHE A 34 0.90 -10.10 13.28
C PHE A 34 0.82 -10.80 11.92
N GLU A 35 -0.34 -10.75 11.30
CA GLU A 35 -0.56 -11.35 9.99
C GLU A 35 0.19 -10.55 8.92
N GLY A 36 -0.15 -9.27 8.82
CA GLY A 36 0.47 -8.40 7.84
C GLY A 36 1.86 -7.94 8.26
N GLY A 37 2.39 -8.52 9.32
CA GLY A 37 3.71 -8.15 9.79
C GLY A 37 4.78 -8.31 8.73
N LYS A 38 4.44 -8.94 7.60
CA LYS A 38 5.37 -9.13 6.51
C LYS A 38 4.65 -9.19 5.17
N ALA A 39 5.03 -8.29 4.27
CA ALA A 39 4.43 -8.23 2.94
C ALA A 39 5.51 -8.10 1.89
N SER A 40 5.27 -8.68 0.72
CA SER A 40 6.23 -8.63 -0.37
C SER A 40 5.68 -7.83 -1.54
N ASP A 41 4.55 -8.29 -2.08
CA ASP A 41 3.88 -7.61 -3.15
C ASP A 41 2.68 -6.86 -2.59
N PHE A 42 2.94 -5.80 -1.85
CA PHE A 42 1.85 -5.01 -1.27
C PHE A 42 1.45 -3.90 -2.22
N VAL A 43 0.34 -4.08 -2.92
CA VAL A 43 -0.15 -3.10 -3.86
C VAL A 43 -0.91 -1.98 -3.14
N LEU A 44 -0.21 -0.88 -2.89
CA LEU A 44 -0.80 0.25 -2.20
C LEU A 44 -1.44 1.22 -3.18
N ALA A 45 -2.59 1.76 -2.79
CA ALA A 45 -3.31 2.72 -3.62
C ALA A 45 -3.15 4.14 -3.08
N MET A 46 -2.33 4.96 -3.73
CA MET A 46 -2.12 6.32 -3.28
C MET A 46 -3.34 7.19 -3.55
N GLY A 47 -4.27 7.17 -2.60
CA GLY A 47 -5.48 7.95 -2.72
C GLY A 47 -6.66 7.12 -3.21
N GLN A 48 -7.05 6.14 -2.41
CA GLN A 48 -8.17 5.27 -2.76
C GLN A 48 -9.24 5.32 -1.68
N GLY A 49 -8.91 4.78 -0.51
CA GLY A 49 -9.86 4.78 0.60
C GLY A 49 -9.56 5.90 1.58
N ARG A 50 -8.33 5.94 2.08
CA ARG A 50 -7.91 6.97 3.03
C ARG A 50 -6.46 6.74 3.43
N MET A 51 -5.57 6.83 2.44
CA MET A 51 -4.14 6.64 2.69
C MET A 51 -3.67 7.38 3.94
N ILE A 52 -3.27 6.61 4.95
CA ILE A 52 -2.80 7.21 6.20
C ILE A 52 -1.46 7.91 5.99
N PRO A 53 -1.08 8.82 6.91
CA PRO A 53 0.18 9.55 6.81
C PRO A 53 1.38 8.60 6.84
N GLY A 54 1.16 7.40 7.35
CA GLY A 54 2.22 6.41 7.42
C GLY A 54 2.65 5.94 6.05
N PHE A 55 1.72 5.37 5.30
CA PHE A 55 2.00 4.88 3.97
C PHE A 55 2.22 6.03 3.01
N GLU A 56 1.33 7.02 3.07
CA GLU A 56 1.43 8.19 2.22
C GLU A 56 2.81 8.83 2.32
N ASP A 57 3.52 8.54 3.41
CA ASP A 57 4.84 9.08 3.62
C ASP A 57 5.90 8.29 2.85
N GLY A 58 6.29 7.14 3.37
CA GLY A 58 7.31 6.34 2.71
C GLY A 58 6.86 5.85 1.35
N ILE A 59 5.72 5.20 1.32
CA ILE A 59 5.14 4.66 0.11
C ILE A 59 4.43 5.75 -0.69
N LYS A 60 5.02 6.93 -0.66
CA LYS A 60 4.49 8.04 -1.44
C LYS A 60 4.35 7.52 -2.86
N GLY A 61 5.45 6.93 -3.34
CA GLY A 61 5.51 6.40 -4.68
C GLY A 61 6.42 7.23 -5.54
N HIS A 62 7.58 7.54 -4.98
CA HIS A 62 8.56 8.38 -5.68
C HIS A 62 9.93 7.68 -5.80
N LYS A 63 10.00 6.41 -5.40
CA LYS A 63 11.25 5.67 -5.47
C LYS A 63 11.02 4.22 -5.87
N ALA A 64 10.94 3.98 -7.17
CA ALA A 64 10.75 2.61 -7.67
C ALA A 64 11.89 1.70 -7.24
N GLY A 65 11.69 0.96 -6.16
CA GLY A 65 12.72 0.05 -5.68
C GLY A 65 13.49 0.62 -4.49
N GLU A 66 12.77 1.31 -3.61
CA GLU A 66 13.38 1.91 -2.43
C GLU A 66 13.18 1.06 -1.19
N GLU A 67 13.91 1.40 -0.12
CA GLU A 67 13.81 0.69 1.15
C GLU A 67 13.71 1.70 2.29
N PHE A 68 12.53 1.81 2.90
CA PHE A 68 12.31 2.76 3.98
C PHE A 68 11.44 2.16 5.08
N THR A 69 11.40 2.84 6.22
CA THR A 69 10.59 2.37 7.34
C THR A 69 9.64 3.48 7.80
N ILE A 70 8.35 3.16 7.92
CA ILE A 70 7.38 4.16 8.35
C ILE A 70 6.43 3.57 9.38
N ASP A 71 5.67 4.44 10.02
CA ASP A 71 4.70 4.01 11.00
C ASP A 71 3.35 3.88 10.30
N VAL A 72 2.52 2.97 10.77
CA VAL A 72 1.20 2.79 10.16
C VAL A 72 0.16 2.42 11.20
N THR A 73 -0.97 3.10 11.16
CA THR A 73 -2.06 2.84 12.08
C THR A 73 -3.37 3.15 11.37
N PHE A 74 -4.24 2.16 11.26
CA PHE A 74 -5.50 2.34 10.57
C PHE A 74 -6.57 2.93 11.49
N PRO A 75 -7.25 4.01 11.05
CA PRO A 75 -8.29 4.67 11.85
C PRO A 75 -9.54 3.82 12.00
N GLU A 76 -10.47 4.30 12.83
CA GLU A 76 -11.73 3.60 13.07
C GLU A 76 -12.63 3.65 11.84
N GLU A 77 -12.27 4.48 10.87
CA GLU A 77 -13.04 4.61 9.64
C GLU A 77 -12.61 3.56 8.62
N TYR A 78 -11.33 3.26 8.60
CA TYR A 78 -10.78 2.26 7.68
C TYR A 78 -11.30 0.87 8.04
N HIS A 79 -10.82 0.36 9.18
CA HIS A 79 -11.20 -0.95 9.68
C HIS A 79 -11.49 -1.96 8.57
N ALA A 80 -10.43 -2.49 7.97
CA ALA A 80 -10.56 -3.49 6.91
C ALA A 80 -10.74 -4.89 7.49
N GLU A 81 -11.48 -5.73 6.78
CA GLU A 81 -11.76 -7.09 7.24
C GLU A 81 -10.48 -7.86 7.59
N ASN A 82 -9.36 -7.48 6.98
CA ASN A 82 -8.11 -8.19 7.22
C ASN A 82 -7.23 -7.54 8.30
N LEU A 83 -7.19 -6.21 8.34
CA LEU A 83 -6.35 -5.52 9.32
C LEU A 83 -7.05 -4.36 10.02
N LYS A 84 -8.37 -4.36 9.98
CA LYS A 84 -9.16 -3.30 10.62
C LYS A 84 -8.52 -2.75 11.90
N GLY A 85 -8.33 -1.43 11.93
CA GLY A 85 -7.75 -0.77 13.09
C GLY A 85 -6.46 -1.39 13.56
N LYS A 86 -5.49 -1.53 12.66
CA LYS A 86 -4.20 -2.12 13.01
C LYS A 86 -3.14 -1.05 13.27
N ALA A 87 -3.02 -0.63 14.52
CA ALA A 87 -2.00 0.34 14.89
C ALA A 87 -0.65 -0.34 14.99
N ALA A 88 0.13 -0.29 13.92
CA ALA A 88 1.41 -0.99 13.91
C ALA A 88 2.56 -0.15 13.35
N LYS A 89 3.69 -0.84 13.20
CA LYS A 89 4.91 -0.26 12.65
C LYS A 89 5.35 -1.13 11.49
N PHE A 90 5.82 -0.53 10.40
CA PHE A 90 6.28 -1.30 9.24
C PHE A 90 7.58 -0.76 8.69
N ALA A 91 8.34 -1.63 8.04
CA ALA A 91 9.57 -1.24 7.36
C ALA A 91 9.39 -1.71 5.93
N ILE A 92 9.11 -0.76 5.06
CA ILE A 92 8.79 -1.08 3.67
C ILE A 92 9.91 -0.82 2.67
N ASN A 93 9.73 -1.42 1.49
CA ASN A 93 10.65 -1.26 0.37
C ASN A 93 9.84 -1.02 -0.91
N LEU A 94 9.81 0.23 -1.38
CA LEU A 94 9.05 0.59 -2.57
C LEU A 94 9.57 -0.11 -3.81
N LYS A 95 8.69 -0.25 -4.81
CA LYS A 95 9.05 -0.89 -6.07
C LYS A 95 8.23 -0.31 -7.23
N LYS A 96 7.32 -1.10 -7.79
CA LYS A 96 6.54 -0.66 -8.93
C LYS A 96 5.49 0.38 -8.56
N VAL A 97 5.78 1.64 -8.88
CA VAL A 97 4.87 2.75 -8.62
C VAL A 97 4.31 3.30 -9.93
N GLU A 98 3.02 3.07 -10.17
CA GLU A 98 2.38 3.54 -11.40
C GLU A 98 0.98 4.09 -11.12
N GLU A 99 0.42 4.85 -12.06
CA GLU A 99 -0.91 5.45 -11.88
C GLU A 99 -2.03 4.58 -12.42
N ARG A 100 -2.64 3.83 -11.52
CA ARG A 100 -3.76 2.95 -11.86
C ARG A 100 -5.02 3.75 -12.13
N GLU A 101 -6.03 3.09 -12.66
CA GLU A 101 -7.30 3.73 -12.95
C GLU A 101 -8.33 2.69 -13.40
N LEU A 102 -9.28 2.39 -12.53
CA LEU A 102 -10.31 1.41 -12.83
C LEU A 102 -11.34 1.99 -13.80
N PRO A 103 -11.89 1.15 -14.71
CA PRO A 103 -12.88 1.60 -15.68
C PRO A 103 -14.08 2.29 -15.02
N GLU A 104 -14.62 3.29 -15.71
CA GLU A 104 -15.76 4.04 -15.20
C GLU A 104 -17.07 3.37 -15.62
N LEU A 105 -17.66 2.61 -14.71
CA LEU A 105 -18.91 1.91 -14.98
C LEU A 105 -20.11 2.79 -14.60
N THR A 106 -20.79 3.33 -15.61
CA THR A 106 -21.95 4.17 -15.39
C THR A 106 -23.24 3.44 -15.77
N GLY A 1 -13.46 -17.94 -10.55
CA GLY A 1 -14.14 -16.68 -10.16
C GLY A 1 -14.03 -15.60 -11.22
N SER A 2 -14.63 -14.45 -10.96
CA SER A 2 -14.60 -13.34 -11.91
C SER A 2 -13.17 -12.82 -12.09
N HIS A 3 -12.64 -12.97 -13.29
CA HIS A 3 -11.28 -12.52 -13.60
C HIS A 3 -10.26 -13.25 -12.74
N MET A 4 -9.74 -14.35 -13.26
CA MET A 4 -8.75 -15.15 -12.55
C MET A 4 -7.46 -14.35 -12.33
N GLN A 5 -6.87 -13.89 -13.43
CA GLN A 5 -5.63 -13.12 -13.37
C GLN A 5 -5.92 -11.62 -13.31
N ALA A 6 -5.35 -10.96 -12.31
CA ALA A 6 -5.54 -9.52 -12.14
C ALA A 6 -4.85 -8.74 -13.25
N THR A 7 -5.46 -7.63 -13.66
CA THR A 7 -4.92 -6.77 -14.71
C THR A 7 -4.91 -5.31 -14.28
N TRP A 8 -4.07 -4.51 -14.92
CA TRP A 8 -3.97 -3.10 -14.61
C TRP A 8 -3.81 -2.26 -15.87
N LYS A 9 -3.77 -0.95 -15.70
CA LYS A 9 -3.59 -0.02 -16.83
C LYS A 9 -2.65 1.10 -16.44
N GLU A 10 -1.94 0.92 -15.33
CA GLU A 10 -1.02 1.94 -14.84
C GLU A 10 0.21 2.07 -15.75
N LYS A 11 0.60 3.32 -16.00
CA LYS A 11 1.75 3.61 -16.84
C LYS A 11 3.04 3.10 -16.18
N ASP A 12 4.12 3.86 -16.30
CA ASP A 12 5.40 3.45 -15.70
C ASP A 12 6.14 4.65 -15.11
N GLY A 13 5.40 5.72 -14.81
CA GLY A 13 6.02 6.91 -14.25
C GLY A 13 5.94 6.95 -12.74
N ALA A 14 6.17 8.14 -12.17
CA ALA A 14 6.14 8.32 -10.72
C ALA A 14 4.72 8.18 -10.16
N VAL A 15 4.57 8.46 -8.88
CA VAL A 15 3.26 8.43 -8.23
C VAL A 15 2.38 9.55 -8.77
N GLU A 16 1.08 9.31 -8.84
CA GLU A 16 0.15 10.33 -9.31
C GLU A 16 -1.08 10.37 -8.40
N ALA A 17 -1.84 11.45 -8.51
CA ALA A 17 -3.03 11.67 -7.66
C ALA A 17 -3.54 10.37 -7.03
N GLU A 18 -4.17 9.51 -7.83
CA GLU A 18 -4.70 8.25 -7.31
C GLU A 18 -4.03 7.04 -7.97
N ASP A 19 -2.77 6.80 -7.63
CA ASP A 19 -2.00 5.69 -8.22
C ASP A 19 -1.93 4.47 -7.31
N ARG A 20 -1.16 3.46 -7.75
CA ARG A 20 -0.96 2.24 -6.97
C ARG A 20 0.47 1.74 -7.12
N VAL A 21 1.23 1.80 -6.04
CA VAL A 21 2.62 1.33 -6.04
C VAL A 21 2.74 -0.12 -5.57
N THR A 22 3.92 -0.71 -5.76
CA THR A 22 4.17 -2.08 -5.32
C THR A 22 5.28 -2.06 -4.27
N ILE A 23 4.94 -2.45 -3.04
CA ILE A 23 5.92 -2.44 -1.95
C ILE A 23 6.01 -3.77 -1.22
N ASP A 24 7.16 -3.99 -0.59
CA ASP A 24 7.42 -5.16 0.23
C ASP A 24 7.89 -4.68 1.60
N PHE A 25 7.20 -5.07 2.67
CA PHE A 25 7.59 -4.58 3.99
C PHE A 25 7.46 -5.63 5.08
N THR A 26 7.97 -5.30 6.26
CA THR A 26 7.95 -6.19 7.41
C THR A 26 7.93 -5.41 8.72
N GLY A 27 6.87 -5.56 9.50
CA GLY A 27 6.77 -4.85 10.76
C GLY A 27 5.76 -5.47 11.71
N SER A 28 5.78 -5.02 12.97
CA SER A 28 4.87 -5.53 14.00
C SER A 28 3.82 -4.49 14.39
N VAL A 29 2.92 -4.88 15.28
CA VAL A 29 1.88 -4.01 15.77
C VAL A 29 2.04 -3.74 17.26
N ASP A 30 1.74 -4.72 18.10
CA ASP A 30 1.87 -4.55 19.54
C ASP A 30 3.22 -5.12 19.99
N GLY A 31 4.24 -4.91 19.17
CA GLY A 31 5.57 -5.43 19.48
C GLY A 31 5.82 -6.76 18.81
N GLU A 32 4.76 -7.34 18.25
CA GLU A 32 4.88 -8.63 17.56
C GLU A 32 4.19 -8.59 16.20
N GLU A 33 4.93 -9.00 15.17
CA GLU A 33 4.42 -9.02 13.80
C GLU A 33 3.27 -9.98 13.69
N PHE A 34 2.11 -9.45 13.34
CA PHE A 34 0.89 -10.24 13.20
C PHE A 34 0.79 -10.92 11.82
N GLU A 35 -0.36 -10.83 11.21
CA GLU A 35 -0.59 -11.40 9.89
C GLU A 35 0.16 -10.61 8.83
N GLY A 36 -0.13 -9.31 8.76
CA GLY A 36 0.52 -8.44 7.78
C GLY A 36 1.88 -7.95 8.24
N GLY A 37 2.45 -8.62 9.23
CA GLY A 37 3.76 -8.22 9.72
C GLY A 37 4.84 -8.38 8.67
N LYS A 38 4.50 -8.99 7.54
CA LYS A 38 5.46 -9.20 6.46
C LYS A 38 4.74 -9.25 5.12
N ALA A 39 5.12 -8.34 4.23
CA ALA A 39 4.51 -8.26 2.91
C ALA A 39 5.60 -8.13 1.84
N SER A 40 5.35 -8.70 0.68
CA SER A 40 6.31 -8.64 -0.42
C SER A 40 5.74 -7.87 -1.59
N ASP A 41 4.64 -8.33 -2.14
CA ASP A 41 3.96 -7.66 -3.22
C ASP A 41 2.74 -6.93 -2.69
N PHE A 42 2.97 -5.87 -1.92
CA PHE A 42 1.86 -5.12 -1.37
C PHE A 42 1.50 -3.96 -2.29
N VAL A 43 0.40 -4.11 -3.01
CA VAL A 43 -0.06 -3.09 -3.93
C VAL A 43 -0.79 -1.98 -3.19
N LEU A 44 -0.09 -0.89 -2.92
CA LEU A 44 -0.68 0.24 -2.22
C LEU A 44 -1.31 1.22 -3.18
N ALA A 45 -2.50 1.70 -2.83
CA ALA A 45 -3.22 2.65 -3.66
C ALA A 45 -3.04 4.08 -3.13
N MET A 46 -2.21 4.86 -3.81
CA MET A 46 -1.99 6.24 -3.39
C MET A 46 -3.24 7.08 -3.59
N GLY A 47 -4.19 6.94 -2.67
CA GLY A 47 -5.43 7.68 -2.76
C GLY A 47 -6.62 6.84 -3.21
N GLN A 48 -6.97 5.85 -2.40
CA GLN A 48 -8.10 4.98 -2.70
C GLN A 48 -9.18 5.14 -1.64
N GLY A 49 -8.90 4.62 -0.45
CA GLY A 49 -9.84 4.73 0.65
C GLY A 49 -9.50 5.87 1.58
N ARG A 50 -8.27 5.86 2.10
CA ARG A 50 -7.82 6.91 3.01
C ARG A 50 -6.37 6.66 3.43
N MET A 51 -5.45 6.82 2.48
CA MET A 51 -4.02 6.61 2.75
C MET A 51 -3.60 7.33 4.03
N ILE A 52 -3.23 6.56 5.04
CA ILE A 52 -2.79 7.13 6.31
C ILE A 52 -1.45 7.83 6.16
N PRO A 53 -1.13 8.77 7.07
CA PRO A 53 0.13 9.52 7.04
C PRO A 53 1.37 8.62 6.99
N GLY A 54 1.19 7.36 7.37
CA GLY A 54 2.29 6.41 7.37
C GLY A 54 2.65 5.90 5.99
N PHE A 55 1.69 5.30 5.31
CA PHE A 55 1.92 4.77 3.99
C PHE A 55 2.14 5.90 3.00
N GLU A 56 1.31 6.93 3.10
CA GLU A 56 1.43 8.09 2.21
C GLU A 56 2.79 8.76 2.40
N ASP A 57 3.50 8.38 3.47
CA ASP A 57 4.82 8.94 3.77
C ASP A 57 5.89 8.26 2.91
N GLY A 58 6.28 7.05 3.30
CA GLY A 58 7.31 6.34 2.57
C GLY A 58 6.85 5.89 1.21
N ILE A 59 5.69 5.27 1.18
CA ILE A 59 5.09 4.77 -0.02
C ILE A 59 4.40 5.89 -0.81
N LYS A 60 5.05 7.04 -0.78
CA LYS A 60 4.58 8.17 -1.55
C LYS A 60 4.37 7.67 -2.97
N GLY A 61 5.44 7.06 -3.47
CA GLY A 61 5.48 6.53 -4.82
C GLY A 61 6.39 7.39 -5.65
N HIS A 62 7.52 7.73 -5.05
CA HIS A 62 8.52 8.57 -5.71
C HIS A 62 9.89 7.92 -5.76
N LYS A 63 9.97 6.64 -5.42
CA LYS A 63 11.24 5.93 -5.45
C LYS A 63 11.05 4.46 -5.84
N ALA A 64 10.99 4.22 -7.15
CA ALA A 64 10.82 2.87 -7.67
C ALA A 64 11.96 1.95 -7.24
N GLY A 65 11.72 1.16 -6.20
CA GLY A 65 12.75 0.24 -5.72
C GLY A 65 13.50 0.77 -4.52
N GLU A 66 12.78 1.43 -3.62
CA GLU A 66 13.38 2.01 -2.43
C GLU A 66 13.20 1.10 -1.20
N GLU A 67 13.94 1.41 -0.15
CA GLU A 67 13.87 0.66 1.10
C GLU A 67 13.79 1.64 2.28
N PHE A 68 12.59 1.83 2.81
CA PHE A 68 12.37 2.77 3.92
C PHE A 68 11.48 2.16 5.00
N THR A 69 11.42 2.81 6.16
CA THR A 69 10.60 2.34 7.26
C THR A 69 9.66 3.42 7.77
N ILE A 70 8.38 3.09 7.93
CA ILE A 70 7.42 4.07 8.43
C ILE A 70 6.45 3.45 9.42
N ASP A 71 5.67 4.30 10.04
CA ASP A 71 4.66 3.88 11.00
C ASP A 71 3.33 3.74 10.27
N VAL A 72 2.49 2.85 10.75
CA VAL A 72 1.17 2.66 10.14
C VAL A 72 0.13 2.32 11.18
N THR A 73 -1.00 3.00 11.13
CA THR A 73 -2.09 2.75 12.06
C THR A 73 -3.41 3.09 11.38
N PHE A 74 -4.31 2.12 11.33
CA PHE A 74 -5.59 2.32 10.68
C PHE A 74 -6.61 2.95 11.63
N PRO A 75 -7.27 4.06 11.21
CA PRO A 75 -8.27 4.77 12.02
C PRO A 75 -9.51 3.94 12.30
N GLU A 76 -10.45 4.54 13.03
CA GLU A 76 -11.71 3.88 13.37
C GLU A 76 -12.68 3.88 12.19
N GLU A 77 -12.34 4.61 11.13
CA GLU A 77 -13.20 4.67 9.95
C GLU A 77 -12.80 3.60 8.93
N TYR A 78 -11.52 3.26 8.90
CA TYR A 78 -11.03 2.24 7.98
C TYR A 78 -11.60 0.88 8.36
N HIS A 79 -11.15 0.37 9.51
CA HIS A 79 -11.60 -0.91 10.04
C HIS A 79 -11.90 -1.94 8.96
N ALA A 80 -10.85 -2.50 8.35
CA ALA A 80 -11.01 -3.52 7.33
C ALA A 80 -11.17 -4.90 7.95
N GLU A 81 -11.94 -5.75 7.29
CA GLU A 81 -12.20 -7.10 7.79
C GLU A 81 -10.91 -7.87 8.14
N ASN A 82 -9.81 -7.53 7.48
CA ASN A 82 -8.55 -8.25 7.72
C ASN A 82 -7.63 -7.58 8.74
N LEU A 83 -7.58 -6.24 8.76
CA LEU A 83 -6.69 -5.55 9.70
C LEU A 83 -7.35 -4.37 10.40
N LYS A 84 -8.67 -4.33 10.37
CA LYS A 84 -9.43 -3.23 11.00
C LYS A 84 -8.74 -2.66 12.24
N GLY A 85 -8.44 -1.35 12.18
CA GLY A 85 -7.82 -0.66 13.30
C GLY A 85 -6.53 -1.31 13.77
N LYS A 86 -5.59 -1.52 12.86
CA LYS A 86 -4.31 -2.13 13.21
C LYS A 86 -3.22 -1.09 13.38
N ALA A 87 -3.03 -0.61 14.61
CA ALA A 87 -1.99 0.37 14.89
C ALA A 87 -0.65 -0.35 14.98
N ALA A 88 0.13 -0.29 13.91
CA ALA A 88 1.42 -1.00 13.87
C ALA A 88 2.57 -0.17 13.33
N LYS A 89 3.69 -0.86 13.15
CA LYS A 89 4.91 -0.29 12.62
C LYS A 89 5.36 -1.15 11.45
N PHE A 90 5.83 -0.55 10.37
CA PHE A 90 6.31 -1.31 9.21
C PHE A 90 7.60 -0.76 8.64
N ALA A 91 8.37 -1.61 7.98
CA ALA A 91 9.59 -1.21 7.31
C ALA A 91 9.40 -1.64 5.87
N ILE A 92 9.10 -0.67 5.02
CA ILE A 92 8.76 -0.95 3.65
C ILE A 92 9.85 -0.68 2.61
N ASN A 93 9.64 -1.27 1.43
CA ASN A 93 10.54 -1.12 0.30
C ASN A 93 9.73 -0.87 -0.97
N LEU A 94 9.73 0.37 -1.45
CA LEU A 94 8.96 0.72 -2.65
C LEU A 94 9.54 0.05 -3.90
N LYS A 95 8.68 -0.19 -4.89
CA LYS A 95 9.13 -0.82 -6.13
C LYS A 95 8.36 -0.27 -7.33
N LYS A 96 7.46 -1.07 -7.90
CA LYS A 96 6.72 -0.65 -9.08
C LYS A 96 5.65 0.39 -8.75
N VAL A 97 5.95 1.64 -9.08
CA VAL A 97 5.02 2.75 -8.86
C VAL A 97 4.51 3.23 -10.22
N GLU A 98 3.20 3.13 -10.44
CA GLU A 98 2.62 3.54 -11.71
C GLU A 98 1.28 4.26 -11.50
N GLU A 99 0.64 4.64 -12.60
CA GLU A 99 -0.65 5.36 -12.53
C GLU A 99 -1.82 4.46 -12.89
N ARG A 100 -2.36 3.75 -11.91
CA ARG A 100 -3.49 2.86 -12.12
C ARG A 100 -4.74 3.63 -12.53
N GLU A 101 -5.45 3.09 -13.52
CA GLU A 101 -6.67 3.71 -14.03
C GLU A 101 -7.47 2.72 -14.85
N LEU A 102 -8.15 1.80 -14.16
CA LEU A 102 -8.95 0.78 -14.82
C LEU A 102 -10.24 1.37 -15.40
N PRO A 103 -11.07 2.04 -14.57
CA PRO A 103 -12.33 2.63 -15.02
C PRO A 103 -12.10 3.81 -15.97
N GLU A 104 -12.62 3.68 -17.19
CA GLU A 104 -12.49 4.74 -18.18
C GLU A 104 -13.66 5.71 -18.11
N LEU A 105 -14.86 5.17 -17.93
CA LEU A 105 -16.06 5.98 -17.83
C LEU A 105 -16.55 6.08 -16.39
N THR A 106 -17.65 6.78 -16.19
CA THR A 106 -18.22 6.95 -14.85
C THR A 106 -19.61 6.34 -14.78
N GLY A 1 3.36 -22.65 -12.05
CA GLY A 1 2.26 -21.86 -12.65
C GLY A 1 2.52 -20.37 -12.60
N SER A 2 2.10 -19.73 -11.50
CA SER A 2 2.29 -18.29 -11.34
C SER A 2 1.67 -17.52 -12.50
N HIS A 3 0.45 -17.05 -12.29
CA HIS A 3 -0.26 -16.29 -13.31
C HIS A 3 -0.90 -15.05 -12.71
N MET A 4 -1.22 -14.07 -13.55
CA MET A 4 -1.84 -12.84 -13.09
C MET A 4 -3.17 -12.60 -13.80
N GLN A 5 -4.26 -12.89 -13.10
CA GLN A 5 -5.60 -12.71 -13.66
C GLN A 5 -5.98 -11.23 -13.67
N ALA A 6 -5.73 -10.55 -12.56
CA ALA A 6 -6.04 -9.13 -12.46
C ALA A 6 -5.31 -8.32 -13.52
N THR A 7 -5.92 -7.23 -13.97
CA THR A 7 -5.32 -6.38 -14.99
C THR A 7 -5.21 -4.94 -14.50
N TRP A 8 -4.33 -4.18 -15.13
CA TRP A 8 -4.13 -2.78 -14.76
C TRP A 8 -3.94 -1.91 -15.99
N LYS A 9 -3.85 -0.60 -15.77
CA LYS A 9 -3.67 0.36 -16.86
C LYS A 9 -2.69 1.45 -16.45
N GLU A 10 -1.99 1.22 -15.35
CA GLU A 10 -1.03 2.18 -14.84
C GLU A 10 0.18 2.34 -15.76
N LYS A 11 0.57 3.59 -15.98
CA LYS A 11 1.70 3.92 -16.84
C LYS A 11 3.00 3.38 -16.23
N ASP A 12 4.12 4.05 -16.50
CA ASP A 12 5.41 3.62 -15.96
C ASP A 12 6.16 4.78 -15.32
N GLY A 13 5.44 5.85 -14.99
CA GLY A 13 6.06 7.01 -14.38
C GLY A 13 5.96 6.99 -12.86
N ALA A 14 6.19 8.15 -12.25
CA ALA A 14 6.14 8.25 -10.79
C ALA A 14 4.71 8.09 -10.26
N VAL A 15 4.55 8.34 -8.96
CA VAL A 15 3.23 8.29 -8.34
C VAL A 15 2.35 9.41 -8.85
N GLU A 16 1.04 9.20 -8.85
CA GLU A 16 0.11 10.22 -9.29
C GLU A 16 -1.08 10.28 -8.32
N ALA A 17 -1.83 11.38 -8.39
CA ALA A 17 -2.98 11.62 -7.51
C ALA A 17 -3.52 10.31 -6.89
N GLU A 18 -4.21 9.50 -7.68
CA GLU A 18 -4.76 8.25 -7.16
C GLU A 18 -4.17 7.02 -7.86
N ASP A 19 -2.90 6.74 -7.54
CA ASP A 19 -2.18 5.62 -8.15
C ASP A 19 -2.14 4.38 -7.25
N ARG A 20 -1.29 3.41 -7.64
CA ARG A 20 -1.10 2.18 -6.90
C ARG A 20 0.34 1.67 -7.06
N VAL A 21 1.10 1.69 -5.98
CA VAL A 21 2.50 1.23 -5.99
C VAL A 21 2.62 -0.23 -5.58
N THR A 22 3.81 -0.79 -5.73
CA THR A 22 4.09 -2.15 -5.32
C THR A 22 5.22 -2.14 -4.30
N ILE A 23 4.91 -2.49 -3.06
CA ILE A 23 5.91 -2.45 -2.00
C ILE A 23 6.00 -3.76 -1.21
N ASP A 24 7.16 -3.99 -0.61
CA ASP A 24 7.42 -5.16 0.23
C ASP A 24 7.88 -4.67 1.60
N PHE A 25 7.20 -5.08 2.68
CA PHE A 25 7.58 -4.61 4.01
C PHE A 25 7.46 -5.68 5.09
N THR A 26 8.02 -5.37 6.26
CA THR A 26 8.00 -6.26 7.41
C THR A 26 7.99 -5.46 8.71
N GLY A 27 6.89 -5.58 9.48
CA GLY A 27 6.79 -4.84 10.72
C GLY A 27 5.82 -5.46 11.71
N SER A 28 5.84 -4.96 12.94
CA SER A 28 4.98 -5.45 14.01
C SER A 28 3.92 -4.44 14.39
N VAL A 29 2.96 -4.89 15.20
CA VAL A 29 1.88 -4.02 15.67
C VAL A 29 2.08 -3.66 17.15
N ASP A 30 1.75 -4.57 18.05
CA ASP A 30 1.92 -4.32 19.48
C ASP A 30 3.25 -4.91 19.95
N GLY A 31 4.28 -4.74 19.13
CA GLY A 31 5.58 -5.27 19.47
C GLY A 31 5.85 -6.61 18.81
N GLU A 32 4.79 -7.21 18.26
CA GLU A 32 4.90 -8.50 17.59
C GLU A 32 4.16 -8.50 16.25
N GLU A 33 4.89 -8.77 15.18
CA GLU A 33 4.32 -8.79 13.84
C GLU A 33 3.17 -9.77 13.75
N PHE A 34 2.01 -9.24 13.40
CA PHE A 34 0.77 -10.01 13.29
C PHE A 34 0.67 -10.71 11.92
N GLU A 35 -0.50 -10.61 11.32
CA GLU A 35 -0.75 -11.21 10.01
C GLU A 35 0.00 -10.45 8.92
N GLY A 36 -0.24 -9.14 8.84
CA GLY A 36 0.40 -8.31 7.86
C GLY A 36 1.82 -7.92 8.24
N GLY A 37 2.35 -8.54 9.29
CA GLY A 37 3.69 -8.25 9.75
C GLY A 37 4.74 -8.42 8.67
N LYS A 38 4.35 -9.04 7.55
CA LYS A 38 5.28 -9.25 6.45
C LYS A 38 4.55 -9.21 5.11
N ALA A 39 5.06 -8.39 4.21
CA ALA A 39 4.49 -8.26 2.88
C ALA A 39 5.58 -8.14 1.83
N SER A 40 5.34 -8.69 0.66
CA SER A 40 6.31 -8.63 -0.42
C SER A 40 5.74 -7.87 -1.61
N ASP A 41 4.63 -8.34 -2.14
CA ASP A 41 3.95 -7.67 -3.23
C ASP A 41 2.74 -6.93 -2.69
N PHE A 42 2.98 -5.87 -1.93
CA PHE A 42 1.88 -5.10 -1.37
C PHE A 42 1.47 -3.99 -2.32
N VAL A 43 0.31 -4.16 -2.94
CA VAL A 43 -0.20 -3.18 -3.88
C VAL A 43 -0.93 -2.06 -3.16
N LEU A 44 -0.22 -0.98 -2.91
CA LEU A 44 -0.78 0.17 -2.21
C LEU A 44 -1.41 1.15 -3.20
N ALA A 45 -2.56 1.71 -2.82
CA ALA A 45 -3.27 2.65 -3.67
C ALA A 45 -3.16 4.09 -3.13
N MET A 46 -2.34 4.91 -3.78
CA MET A 46 -2.16 6.30 -3.37
C MET A 46 -3.43 7.11 -3.56
N GLY A 47 -4.34 6.99 -2.60
CA GLY A 47 -5.59 7.72 -2.67
C GLY A 47 -6.77 6.86 -3.06
N GLN A 48 -7.01 5.81 -2.26
CA GLN A 48 -8.12 4.90 -2.52
C GLN A 48 -9.19 5.08 -1.46
N GLY A 49 -8.90 4.61 -0.25
CA GLY A 49 -9.85 4.74 0.85
C GLY A 49 -9.50 5.90 1.76
N ARG A 50 -8.26 5.93 2.22
CA ARG A 50 -7.77 6.98 3.10
C ARG A 50 -6.32 6.75 3.46
N MET A 51 -5.43 6.89 2.49
CA MET A 51 -4.00 6.68 2.70
C MET A 51 -3.52 7.39 3.96
N ILE A 52 -3.16 6.62 4.98
CA ILE A 52 -2.68 7.18 6.24
C ILE A 52 -1.31 7.86 6.05
N PRO A 53 -0.94 8.75 6.97
CA PRO A 53 0.35 9.46 6.91
C PRO A 53 1.52 8.49 6.88
N GLY A 54 1.28 7.27 7.35
CA GLY A 54 2.32 6.27 7.37
C GLY A 54 2.72 5.82 5.98
N PHE A 55 1.76 5.28 5.24
CA PHE A 55 2.03 4.81 3.90
C PHE A 55 2.24 5.97 2.95
N GLU A 56 1.36 6.96 3.04
CA GLU A 56 1.45 8.14 2.19
C GLU A 56 2.84 8.77 2.27
N ASP A 57 3.56 8.49 3.35
CA ASP A 57 4.89 9.04 3.54
C ASP A 57 5.93 8.25 2.75
N GLY A 58 6.29 7.06 3.24
CA GLY A 58 7.29 6.25 2.56
C GLY A 58 6.83 5.79 1.20
N ILE A 59 5.68 5.15 1.17
CA ILE A 59 5.09 4.65 -0.05
C ILE A 59 4.41 5.76 -0.82
N LYS A 60 5.05 6.90 -0.80
CA LYS A 60 4.56 8.05 -1.55
C LYS A 60 4.35 7.56 -2.98
N GLY A 61 5.40 6.95 -3.51
CA GLY A 61 5.40 6.45 -4.86
C GLY A 61 6.33 7.30 -5.70
N HIS A 62 7.50 7.55 -5.14
CA HIS A 62 8.50 8.40 -5.79
C HIS A 62 9.88 7.75 -5.83
N LYS A 63 9.98 6.50 -5.40
CA LYS A 63 11.26 5.80 -5.40
C LYS A 63 11.07 4.31 -5.67
N ALA A 64 10.99 3.97 -6.96
CA ALA A 64 10.83 2.57 -7.37
C ALA A 64 12.02 1.72 -6.92
N GLY A 65 11.84 0.98 -5.82
CA GLY A 65 12.90 0.13 -5.32
C GLY A 65 13.64 0.73 -4.15
N GLU A 66 12.94 1.52 -3.35
CA GLU A 66 13.53 2.15 -2.17
C GLU A 66 13.19 1.39 -0.90
N GLU A 67 14.13 1.31 0.04
CA GLU A 67 13.89 0.63 1.30
C GLU A 67 13.79 1.64 2.44
N PHE A 68 12.59 1.79 2.98
CA PHE A 68 12.36 2.75 4.07
C PHE A 68 11.48 2.14 5.15
N THR A 69 11.43 2.81 6.31
CA THR A 69 10.63 2.33 7.43
C THR A 69 9.68 3.42 7.90
N ILE A 70 8.38 3.12 7.91
CA ILE A 70 7.40 4.10 8.36
C ILE A 70 6.43 3.49 9.36
N ASP A 71 5.70 4.34 10.06
CA ASP A 71 4.72 3.88 11.02
C ASP A 71 3.36 3.81 10.33
N VAL A 72 2.51 2.91 10.76
CA VAL A 72 1.19 2.79 10.16
C VAL A 72 0.15 2.40 11.20
N THR A 73 -0.98 3.09 11.19
CA THR A 73 -2.06 2.83 12.11
C THR A 73 -3.38 3.13 11.42
N PHE A 74 -4.26 2.16 11.34
CA PHE A 74 -5.53 2.33 10.67
C PHE A 74 -6.57 2.94 11.61
N PRO A 75 -7.21 4.05 11.21
CA PRO A 75 -8.23 4.73 12.03
C PRO A 75 -9.49 3.89 12.25
N GLU A 76 -10.46 4.48 12.94
CA GLU A 76 -11.72 3.81 13.23
C GLU A 76 -12.62 3.78 12.00
N GLU A 77 -12.26 4.55 10.97
CA GLU A 77 -13.06 4.62 9.76
C GLU A 77 -12.69 3.49 8.79
N TYR A 78 -11.40 3.16 8.75
CA TYR A 78 -10.91 2.09 7.88
C TYR A 78 -11.51 0.75 8.29
N HIS A 79 -11.07 0.25 9.43
CA HIS A 79 -11.55 -1.02 9.99
C HIS A 79 -11.87 -2.05 8.91
N ALA A 80 -10.82 -2.57 8.26
CA ALA A 80 -10.99 -3.59 7.23
C ALA A 80 -11.05 -4.99 7.85
N GLU A 81 -11.81 -5.88 7.23
CA GLU A 81 -11.95 -7.24 7.73
C GLU A 81 -10.60 -7.96 7.84
N ASN A 82 -9.56 -7.41 7.22
CA ASN A 82 -8.24 -8.02 7.25
C ASN A 82 -7.36 -7.45 8.36
N LEU A 83 -7.30 -6.13 8.45
CA LEU A 83 -6.45 -5.47 9.46
C LEU A 83 -7.17 -4.31 10.14
N LYS A 84 -8.49 -4.37 10.21
CA LYS A 84 -9.29 -3.31 10.84
C LYS A 84 -8.62 -2.73 12.10
N GLY A 85 -8.43 -1.41 12.09
CA GLY A 85 -7.82 -0.71 13.21
C GLY A 85 -6.52 -1.34 13.69
N LYS A 86 -5.57 -1.52 12.77
CA LYS A 86 -4.29 -2.12 13.12
C LYS A 86 -3.20 -1.06 13.32
N ALA A 87 -3.02 -0.62 14.56
CA ALA A 87 -1.98 0.35 14.88
C ALA A 87 -0.64 -0.37 14.95
N ALA A 88 0.17 -0.26 13.90
CA ALA A 88 1.44 -0.98 13.88
C ALA A 88 2.60 -0.15 13.32
N LYS A 89 3.72 -0.85 13.15
CA LYS A 89 4.95 -0.29 12.61
C LYS A 89 5.36 -1.16 11.43
N PHE A 90 5.84 -0.55 10.35
CA PHE A 90 6.29 -1.33 9.19
C PHE A 90 7.60 -0.80 8.63
N ALA A 91 8.35 -1.68 7.98
CA ALA A 91 9.59 -1.30 7.32
C ALA A 91 9.41 -1.76 5.88
N ILE A 92 9.14 -0.79 5.02
CA ILE A 92 8.81 -1.07 3.64
C ILE A 92 9.91 -0.78 2.63
N ASN A 93 9.72 -1.38 1.44
CA ASN A 93 10.61 -1.21 0.32
C ASN A 93 9.77 -1.00 -0.95
N LEU A 94 9.70 0.25 -1.42
CA LEU A 94 8.90 0.58 -2.60
C LEU A 94 9.47 -0.06 -3.86
N LYS A 95 8.63 -0.18 -4.89
CA LYS A 95 9.07 -0.76 -6.16
C LYS A 95 8.25 -0.20 -7.34
N LYS A 96 7.35 -0.99 -7.90
CA LYS A 96 6.59 -0.55 -9.04
C LYS A 96 5.53 0.49 -8.68
N VAL A 97 5.84 1.75 -9.00
CA VAL A 97 4.92 2.85 -8.76
C VAL A 97 4.41 3.40 -10.09
N GLU A 98 3.14 3.15 -10.38
CA GLU A 98 2.55 3.59 -11.65
C GLU A 98 1.20 4.29 -11.43
N GLU A 99 0.59 4.76 -12.52
CA GLU A 99 -0.70 5.47 -12.44
C GLU A 99 -1.87 4.57 -12.78
N ARG A 100 -2.34 3.82 -11.79
CA ARG A 100 -3.47 2.92 -11.97
C ARG A 100 -4.75 3.68 -12.31
N GLU A 101 -5.66 3.01 -13.02
CA GLU A 101 -6.92 3.61 -13.41
C GLU A 101 -7.82 2.58 -14.08
N LEU A 102 -8.48 1.76 -13.27
CA LEU A 102 -9.37 0.73 -13.79
C LEU A 102 -10.69 1.33 -14.28
N PRO A 103 -11.39 0.63 -15.18
CA PRO A 103 -12.67 1.10 -15.73
C PRO A 103 -13.82 0.93 -14.74
N GLU A 104 -14.32 2.05 -14.23
CA GLU A 104 -15.42 2.03 -13.28
C GLU A 104 -16.73 1.64 -13.96
N LEU A 105 -17.09 2.38 -15.02
CA LEU A 105 -18.31 2.11 -15.75
C LEU A 105 -18.01 1.31 -17.02
N THR A 106 -18.23 0.00 -16.95
CA THR A 106 -17.98 -0.87 -18.08
C THR A 106 -19.23 -1.05 -18.92
N GLY A 1 -19.91 -12.37 -14.71
CA GLY A 1 -18.68 -12.30 -13.88
C GLY A 1 -17.63 -13.29 -14.32
N SER A 2 -17.39 -14.30 -13.49
CA SER A 2 -16.39 -15.33 -13.81
C SER A 2 -15.00 -14.73 -13.94
N HIS A 3 -14.76 -13.63 -13.23
CA HIS A 3 -13.47 -12.95 -13.27
C HIS A 3 -12.47 -13.64 -12.35
N MET A 4 -11.19 -13.36 -12.53
CA MET A 4 -10.14 -13.96 -11.71
C MET A 4 -8.91 -13.06 -11.64
N GLN A 5 -8.46 -12.58 -12.79
CA GLN A 5 -7.29 -11.72 -12.86
C GLN A 5 -7.69 -10.25 -12.92
N ALA A 6 -7.24 -9.49 -11.93
CA ALA A 6 -7.55 -8.06 -11.88
C ALA A 6 -7.05 -7.34 -13.11
N THR A 7 -7.69 -6.21 -13.44
CA THR A 7 -7.31 -5.42 -14.60
C THR A 7 -6.68 -4.10 -14.19
N TRP A 8 -5.68 -3.66 -14.94
CA TRP A 8 -4.99 -2.41 -14.64
C TRP A 8 -4.57 -1.70 -15.94
N LYS A 9 -4.23 -0.43 -15.81
CA LYS A 9 -3.78 0.39 -16.95
C LYS A 9 -2.76 1.41 -16.48
N GLU A 10 -2.05 1.07 -15.40
CA GLU A 10 -1.06 1.98 -14.84
C GLU A 10 0.10 2.25 -15.79
N LYS A 11 0.50 3.52 -15.86
CA LYS A 11 1.60 3.93 -16.73
C LYS A 11 2.93 3.38 -16.20
N ASP A 12 4.03 4.07 -16.47
CA ASP A 12 5.34 3.63 -16.00
C ASP A 12 6.11 4.76 -15.35
N GLY A 13 5.39 5.79 -14.91
CA GLY A 13 6.04 6.93 -14.28
C GLY A 13 5.94 6.90 -12.76
N ALA A 14 6.17 8.05 -12.14
CA ALA A 14 6.12 8.18 -10.68
C ALA A 14 4.70 8.04 -10.15
N VAL A 15 4.54 8.34 -8.85
CA VAL A 15 3.23 8.32 -8.21
C VAL A 15 2.34 9.43 -8.76
N GLU A 16 1.04 9.20 -8.80
CA GLU A 16 0.10 10.21 -9.27
C GLU A 16 -1.12 10.26 -8.35
N ALA A 17 -1.88 11.34 -8.47
CA ALA A 17 -3.07 11.56 -7.63
C ALA A 17 -3.59 10.26 -7.01
N GLU A 18 -4.23 9.40 -7.79
CA GLU A 18 -4.77 8.15 -7.26
C GLU A 18 -4.11 6.93 -7.93
N ASP A 19 -2.85 6.70 -7.60
CA ASP A 19 -2.08 5.60 -8.18
C ASP A 19 -2.01 4.38 -7.26
N ARG A 20 -1.26 3.37 -7.70
CA ARG A 20 -1.07 2.14 -6.93
C ARG A 20 0.38 1.66 -7.04
N VAL A 21 1.10 1.71 -5.92
CA VAL A 21 2.50 1.28 -5.87
C VAL A 21 2.62 -0.18 -5.43
N THR A 22 3.79 -0.78 -5.67
CA THR A 22 4.05 -2.15 -5.25
C THR A 22 5.15 -2.13 -4.20
N ILE A 23 4.80 -2.48 -2.96
CA ILE A 23 5.78 -2.44 -1.89
C ILE A 23 5.87 -3.76 -1.11
N ASP A 24 7.05 -4.01 -0.55
CA ASP A 24 7.31 -5.18 0.28
C ASP A 24 7.80 -4.70 1.65
N PHE A 25 7.12 -5.09 2.73
CA PHE A 25 7.52 -4.61 4.06
C PHE A 25 7.41 -5.67 5.15
N THR A 26 7.94 -5.34 6.31
CA THR A 26 7.91 -6.24 7.47
C THR A 26 7.92 -5.43 8.77
N GLY A 27 6.86 -5.56 9.56
CA GLY A 27 6.78 -4.83 10.81
C GLY A 27 5.82 -5.45 11.82
N SER A 28 5.85 -4.93 13.05
CA SER A 28 4.99 -5.42 14.12
C SER A 28 3.91 -4.41 14.50
N VAL A 29 2.96 -4.85 15.32
CA VAL A 29 1.87 -4.00 15.79
C VAL A 29 2.00 -3.73 17.29
N ASP A 30 1.71 -4.73 18.11
CA ASP A 30 1.81 -4.58 19.56
C ASP A 30 3.15 -5.09 20.04
N GLY A 31 4.19 -4.83 19.26
CA GLY A 31 5.52 -5.30 19.60
C GLY A 31 5.86 -6.61 18.91
N GLU A 32 4.84 -7.26 18.35
CA GLU A 32 5.03 -8.52 17.65
C GLU A 32 4.28 -8.51 16.33
N GLU A 33 5.00 -8.78 15.24
CA GLU A 33 4.43 -8.79 13.92
C GLU A 33 3.28 -9.78 13.83
N PHE A 34 2.12 -9.26 13.47
CA PHE A 34 0.89 -10.04 13.36
C PHE A 34 0.80 -10.76 12.01
N GLU A 35 -0.37 -10.70 11.40
CA GLU A 35 -0.61 -11.31 10.10
C GLU A 35 0.14 -10.56 9.01
N GLY A 36 -0.15 -9.26 8.91
CA GLY A 36 0.49 -8.42 7.91
C GLY A 36 1.90 -7.99 8.31
N GLY A 37 2.43 -8.59 9.37
CA GLY A 37 3.76 -8.24 9.82
C GLY A 37 4.82 -8.40 8.75
N LYS A 38 4.45 -9.01 7.62
CA LYS A 38 5.38 -9.21 6.51
C LYS A 38 4.62 -9.24 5.19
N ALA A 39 5.02 -8.36 4.29
CA ALA A 39 4.41 -8.26 2.98
C ALA A 39 5.48 -8.14 1.90
N SER A 40 5.23 -8.74 0.75
CA SER A 40 6.20 -8.69 -0.35
C SER A 40 5.64 -7.91 -1.53
N ASP A 41 4.52 -8.36 -2.06
CA ASP A 41 3.85 -7.69 -3.15
C ASP A 41 2.64 -6.95 -2.59
N PHE A 42 2.89 -5.89 -1.84
CA PHE A 42 1.79 -5.12 -1.27
C PHE A 42 1.41 -3.98 -2.21
N VAL A 43 0.29 -4.16 -2.90
CA VAL A 43 -0.19 -3.16 -3.84
C VAL A 43 -0.90 -2.04 -3.10
N LEU A 44 -0.18 -0.94 -2.87
CA LEU A 44 -0.73 0.20 -2.18
C LEU A 44 -1.37 1.17 -3.14
N ALA A 45 -2.55 1.68 -2.77
CA ALA A 45 -3.26 2.63 -3.61
C ALA A 45 -3.07 4.05 -3.10
N MET A 46 -2.24 4.82 -3.78
CA MET A 46 -1.97 6.20 -3.39
C MET A 46 -3.19 7.09 -3.59
N GLY A 47 -4.11 7.03 -2.63
CA GLY A 47 -5.32 7.83 -2.69
C GLY A 47 -6.53 7.06 -3.17
N GLN A 48 -6.96 6.07 -2.38
CA GLN A 48 -8.13 5.27 -2.74
C GLN A 48 -9.17 5.35 -1.64
N GLY A 49 -8.83 4.84 -0.46
CA GLY A 49 -9.73 4.88 0.67
C GLY A 49 -9.40 6.01 1.63
N ARG A 50 -8.15 6.06 2.07
CA ARG A 50 -7.69 7.09 2.98
C ARG A 50 -6.24 6.86 3.38
N MET A 51 -5.34 6.96 2.40
CA MET A 51 -3.91 6.76 2.66
C MET A 51 -3.47 7.47 3.94
N ILE A 52 -3.13 6.69 4.96
CA ILE A 52 -2.68 7.25 6.23
C ILE A 52 -1.33 7.92 6.07
N PRO A 53 -1.00 8.88 6.97
CA PRO A 53 0.28 9.58 6.91
C PRO A 53 1.46 8.61 6.90
N GLY A 54 1.22 7.41 7.42
CA GLY A 54 2.24 6.40 7.47
C GLY A 54 2.69 5.95 6.09
N PHE A 55 1.74 5.39 5.33
CA PHE A 55 2.04 4.92 4.00
C PHE A 55 2.26 6.08 3.04
N GLU A 56 1.36 7.05 3.10
CA GLU A 56 1.46 8.24 2.25
C GLU A 56 2.85 8.86 2.34
N ASP A 57 3.54 8.59 3.44
CA ASP A 57 4.89 9.11 3.64
C ASP A 57 5.92 8.30 2.87
N GLY A 58 6.29 7.13 3.40
CA GLY A 58 7.29 6.31 2.75
C GLY A 58 6.84 5.84 1.38
N ILE A 59 5.68 5.22 1.33
CA ILE A 59 5.12 4.71 0.09
C ILE A 59 4.43 5.81 -0.69
N LYS A 60 5.03 6.98 -0.65
CA LYS A 60 4.54 8.10 -1.41
C LYS A 60 4.33 7.60 -2.83
N GLY A 61 5.39 6.98 -3.36
CA GLY A 61 5.40 6.45 -4.69
C GLY A 61 6.30 7.28 -5.57
N HIS A 62 7.45 7.62 -5.01
CA HIS A 62 8.43 8.45 -5.73
C HIS A 62 9.80 7.78 -5.82
N LYS A 63 9.88 6.51 -5.45
CA LYS A 63 11.14 5.79 -5.49
C LYS A 63 10.93 4.33 -5.89
N ALA A 64 10.86 4.08 -7.18
CA ALA A 64 10.70 2.73 -7.70
C ALA A 64 11.86 1.82 -7.28
N GLY A 65 11.69 1.09 -6.18
CA GLY A 65 12.73 0.19 -5.72
C GLY A 65 13.49 0.72 -4.52
N GLU A 66 12.77 1.42 -3.64
CA GLU A 66 13.39 2.00 -2.44
C GLU A 66 13.17 1.12 -1.21
N GLU A 67 13.92 1.42 -0.15
CA GLU A 67 13.83 0.69 1.11
C GLU A 67 13.73 1.68 2.27
N PHE A 68 12.54 1.79 2.88
CA PHE A 68 12.33 2.73 3.97
C PHE A 68 11.43 2.13 5.05
N THR A 69 11.38 2.79 6.20
CA THR A 69 10.55 2.33 7.30
C THR A 69 9.62 3.43 7.78
N ILE A 70 8.33 3.13 7.87
CA ILE A 70 7.36 4.13 8.33
C ILE A 70 6.41 3.54 9.34
N ASP A 71 5.66 4.40 9.99
CA ASP A 71 4.67 3.98 10.96
C ASP A 71 3.33 3.83 10.27
N VAL A 72 2.50 2.93 10.75
CA VAL A 72 1.19 2.75 10.14
C VAL A 72 0.15 2.38 11.19
N THR A 73 -0.98 3.07 11.16
CA THR A 73 -2.06 2.81 12.09
C THR A 73 -3.38 3.15 11.41
N PHE A 74 -4.27 2.17 11.30
CA PHE A 74 -5.54 2.39 10.65
C PHE A 74 -6.58 2.95 11.63
N PRO A 75 -7.29 4.02 11.24
CA PRO A 75 -8.29 4.65 12.10
C PRO A 75 -9.52 3.77 12.32
N GLU A 76 -10.43 4.24 13.17
CA GLU A 76 -11.65 3.51 13.47
C GLU A 76 -12.61 3.52 12.28
N GLU A 77 -12.34 4.39 11.31
CA GLU A 77 -13.18 4.50 10.12
C GLU A 77 -12.76 3.51 9.05
N TYR A 78 -11.47 3.22 8.97
CA TYR A 78 -10.96 2.27 7.98
C TYR A 78 -11.49 0.88 8.26
N HIS A 79 -10.99 0.29 9.34
CA HIS A 79 -11.39 -1.04 9.78
C HIS A 79 -11.63 -2.01 8.62
N ALA A 80 -10.54 -2.47 8.00
CA ALA A 80 -10.62 -3.42 6.90
C ALA A 80 -10.81 -4.84 7.45
N GLU A 81 -11.52 -5.66 6.70
CA GLU A 81 -11.79 -7.04 7.12
C GLU A 81 -10.51 -7.81 7.46
N ASN A 82 -9.39 -7.44 6.85
CA ASN A 82 -8.14 -8.15 7.08
C ASN A 82 -7.26 -7.51 8.16
N LEU A 83 -7.23 -6.17 8.24
CA LEU A 83 -6.38 -5.49 9.21
C LEU A 83 -7.09 -4.37 9.96
N LYS A 84 -8.42 -4.40 9.95
CA LYS A 84 -9.23 -3.37 10.63
C LYS A 84 -8.56 -2.81 11.89
N GLY A 85 -8.41 -1.48 11.91
CA GLY A 85 -7.81 -0.80 13.05
C GLY A 85 -6.51 -1.42 13.53
N LYS A 86 -5.54 -1.55 12.62
CA LYS A 86 -4.26 -2.13 12.97
C LYS A 86 -3.19 -1.07 13.23
N ALA A 87 -3.07 -0.63 14.48
CA ALA A 87 -2.06 0.35 14.85
C ALA A 87 -0.71 -0.36 14.97
N ALA A 88 0.10 -0.30 13.90
CA ALA A 88 1.37 -0.99 13.91
C ALA A 88 2.54 -0.17 13.35
N LYS A 89 3.65 -0.87 13.19
CA LYS A 89 4.88 -0.31 12.65
C LYS A 89 5.32 -1.18 11.49
N PHE A 90 5.80 -0.57 10.40
CA PHE A 90 6.26 -1.34 9.25
C PHE A 90 7.57 -0.79 8.69
N ALA A 91 8.32 -1.66 8.02
CA ALA A 91 9.56 -1.26 7.36
C ALA A 91 9.38 -1.72 5.91
N ILE A 92 9.10 -0.76 5.05
CA ILE A 92 8.78 -1.06 3.65
C ILE A 92 9.89 -0.80 2.64
N ASN A 93 9.70 -1.37 1.46
CA ASN A 93 10.62 -1.21 0.33
C ASN A 93 9.82 -0.97 -0.94
N LEU A 94 9.80 0.27 -1.42
CA LEU A 94 9.03 0.62 -2.62
C LEU A 94 9.57 -0.07 -3.87
N LYS A 95 8.68 -0.27 -4.85
CA LYS A 95 9.07 -0.92 -6.11
C LYS A 95 8.28 -0.32 -7.28
N LYS A 96 7.35 -1.11 -7.84
CA LYS A 96 6.57 -0.66 -8.98
C LYS A 96 5.52 0.37 -8.63
N VAL A 97 5.81 1.63 -8.94
CA VAL A 97 4.88 2.73 -8.70
C VAL A 97 4.37 3.27 -10.04
N GLU A 98 3.10 3.02 -10.35
CA GLU A 98 2.53 3.46 -11.61
C GLU A 98 1.19 4.20 -11.40
N GLU A 99 0.56 4.62 -12.49
CA GLU A 99 -0.71 5.36 -12.40
C GLU A 99 -1.90 4.50 -12.80
N ARG A 100 -2.47 3.81 -11.81
CA ARG A 100 -3.63 2.95 -12.05
C ARG A 100 -4.88 3.80 -12.32
N GLU A 101 -5.89 3.17 -12.90
CA GLU A 101 -7.15 3.84 -13.21
C GLU A 101 -8.16 2.85 -13.76
N LEU A 102 -8.84 2.16 -12.85
CA LEU A 102 -9.84 1.16 -13.24
C LEU A 102 -11.13 1.84 -13.71
N PRO A 103 -11.75 1.32 -14.79
CA PRO A 103 -12.99 1.89 -15.33
C PRO A 103 -14.19 1.66 -14.43
N GLU A 104 -14.73 2.75 -13.88
CA GLU A 104 -15.88 2.67 -12.99
C GLU A 104 -17.16 2.47 -13.79
N LEU A 105 -17.25 3.13 -14.94
CA LEU A 105 -18.43 3.02 -15.80
C LEU A 105 -18.19 2.04 -16.94
N THR A 106 -18.64 0.80 -16.75
CA THR A 106 -18.47 -0.23 -17.76
C THR A 106 -19.53 -1.32 -17.62
N GLY A 1 3.95 -18.69 -22.55
CA GLY A 1 3.65 -19.28 -21.22
C GLY A 1 3.40 -18.21 -20.16
N SER A 2 2.82 -17.10 -20.59
CA SER A 2 2.53 -16.00 -19.67
C SER A 2 1.04 -15.95 -19.35
N HIS A 3 0.70 -16.12 -18.07
CA HIS A 3 -0.69 -16.10 -17.64
C HIS A 3 -0.91 -15.04 -16.56
N MET A 4 -2.05 -14.36 -16.64
CA MET A 4 -2.39 -13.31 -15.68
C MET A 4 -3.90 -13.18 -15.55
N GLN A 5 -4.37 -13.06 -14.31
CA GLN A 5 -5.81 -12.92 -14.07
C GLN A 5 -6.20 -11.44 -13.94
N ALA A 6 -5.44 -10.70 -13.16
CA ALA A 6 -5.70 -9.28 -12.97
C ALA A 6 -4.97 -8.44 -14.01
N THR A 7 -5.57 -7.32 -14.39
CA THR A 7 -4.95 -6.42 -15.36
C THR A 7 -4.94 -5.00 -14.84
N TRP A 8 -3.96 -4.21 -15.28
CA TRP A 8 -3.85 -2.83 -14.85
C TRP A 8 -3.64 -1.89 -16.03
N LYS A 9 -3.98 -0.62 -15.82
CA LYS A 9 -3.84 0.40 -16.86
C LYS A 9 -2.89 1.49 -16.40
N GLU A 10 -2.17 1.23 -15.32
CA GLU A 10 -1.23 2.18 -14.76
C GLU A 10 -0.03 2.40 -15.69
N LYS A 11 0.39 3.66 -15.80
CA LYS A 11 1.52 4.03 -16.64
C LYS A 11 2.81 3.41 -16.11
N ASP A 12 3.96 3.92 -16.57
CA ASP A 12 5.25 3.40 -16.14
C ASP A 12 6.11 4.50 -15.53
N GLY A 13 5.48 5.54 -14.99
CA GLY A 13 6.22 6.63 -14.39
C GLY A 13 6.12 6.67 -12.88
N ALA A 14 6.30 7.84 -12.29
CA ALA A 14 6.25 8.02 -10.85
C ALA A 14 4.82 7.86 -10.33
N VAL A 15 4.62 8.18 -9.05
CA VAL A 15 3.30 8.12 -8.44
C VAL A 15 2.38 9.19 -9.04
N GLU A 16 1.08 8.96 -8.97
CA GLU A 16 0.11 9.93 -9.48
C GLU A 16 -1.02 10.09 -8.47
N ALA A 17 -1.74 11.22 -8.58
CA ALA A 17 -2.84 11.54 -7.66
C ALA A 17 -3.39 10.30 -6.95
N GLU A 18 -4.15 9.48 -7.66
CA GLU A 18 -4.73 8.28 -7.06
C GLU A 18 -4.21 7.02 -7.75
N ASP A 19 -2.93 6.72 -7.53
CA ASP A 19 -2.28 5.56 -8.15
C ASP A 19 -2.17 4.36 -7.21
N ARG A 20 -1.38 3.36 -7.63
CA ARG A 20 -1.16 2.14 -6.84
C ARG A 20 0.28 1.67 -7.02
N VAL A 21 1.06 1.72 -5.95
CA VAL A 21 2.46 1.28 -5.97
C VAL A 21 2.59 -0.18 -5.53
N THR A 22 3.78 -0.75 -5.73
CA THR A 22 4.06 -2.12 -5.30
C THR A 22 5.16 -2.09 -4.26
N ILE A 23 4.83 -2.43 -3.02
CA ILE A 23 5.80 -2.38 -1.93
C ILE A 23 5.85 -3.66 -1.10
N ASP A 24 7.03 -3.91 -0.53
CA ASP A 24 7.26 -5.06 0.35
C ASP A 24 7.68 -4.53 1.73
N PHE A 25 7.04 -4.99 2.80
CA PHE A 25 7.39 -4.48 4.13
C PHE A 25 7.38 -5.54 5.21
N THR A 26 8.04 -5.22 6.33
CA THR A 26 8.12 -6.11 7.48
C THR A 26 8.02 -5.32 8.78
N GLY A 27 6.95 -5.54 9.54
CA GLY A 27 6.77 -4.82 10.79
C GLY A 27 5.76 -5.46 11.72
N SER A 28 5.75 -4.97 12.97
CA SER A 28 4.86 -5.49 14.01
C SER A 28 3.77 -4.47 14.37
N VAL A 29 2.81 -4.92 15.20
CA VAL A 29 1.74 -4.06 15.67
C VAL A 29 1.86 -3.78 17.17
N ASP A 30 1.57 -4.79 17.99
CA ASP A 30 1.68 -4.62 19.44
C ASP A 30 3.03 -5.14 19.93
N GLY A 31 4.07 -4.90 19.14
CA GLY A 31 5.39 -5.37 19.48
C GLY A 31 5.74 -6.69 18.82
N GLU A 32 4.72 -7.34 18.23
CA GLU A 32 4.92 -8.61 17.56
C GLU A 32 4.19 -8.62 16.22
N GLU A 33 4.92 -8.91 15.15
CA GLU A 33 4.36 -8.94 13.82
C GLU A 33 3.19 -9.91 13.75
N PHE A 34 2.04 -9.37 13.41
CA PHE A 34 0.80 -10.15 13.33
C PHE A 34 0.68 -10.87 11.99
N GLU A 35 -0.49 -10.84 11.41
CA GLU A 35 -0.74 -11.46 10.12
C GLU A 35 -0.03 -10.69 9.01
N GLY A 36 -0.40 -9.42 8.88
CA GLY A 36 0.20 -8.56 7.86
C GLY A 36 1.49 -7.92 8.33
N GLY A 37 2.17 -8.53 9.28
CA GLY A 37 3.42 -7.96 9.75
C GLY A 37 4.40 -7.79 8.62
N LYS A 38 4.52 -8.81 7.77
CA LYS A 38 5.44 -8.76 6.65
C LYS A 38 4.70 -8.97 5.32
N ALA A 39 5.12 -8.24 4.30
CA ALA A 39 4.52 -8.33 2.97
C ALA A 39 5.60 -8.17 1.91
N SER A 40 5.34 -8.71 0.72
CA SER A 40 6.29 -8.63 -0.37
C SER A 40 5.73 -7.85 -1.55
N ASP A 41 4.60 -8.33 -2.07
CA ASP A 41 3.92 -7.66 -3.16
C ASP A 41 2.71 -6.91 -2.62
N PHE A 42 2.94 -5.84 -1.89
CA PHE A 42 1.82 -5.08 -1.35
C PHE A 42 1.43 -3.96 -2.29
N VAL A 43 0.30 -4.12 -2.96
CA VAL A 43 -0.19 -3.12 -3.89
C VAL A 43 -0.90 -2.00 -3.15
N LEU A 44 -0.17 -0.91 -2.91
CA LEU A 44 -0.71 0.23 -2.20
C LEU A 44 -1.37 1.19 -3.15
N ALA A 45 -2.49 1.77 -2.73
CA ALA A 45 -3.23 2.72 -3.54
C ALA A 45 -3.05 4.14 -3.02
N MET A 46 -2.24 4.94 -3.72
CA MET A 46 -2.01 6.32 -3.30
C MET A 46 -3.24 7.16 -3.52
N GLY A 47 -4.16 7.09 -2.56
CA GLY A 47 -5.39 7.86 -2.64
C GLY A 47 -6.59 7.02 -3.01
N GLN A 48 -6.85 5.97 -2.22
CA GLN A 48 -7.98 5.09 -2.47
C GLN A 48 -9.03 5.27 -1.40
N GLY A 49 -8.74 4.76 -0.21
CA GLY A 49 -9.68 4.88 0.90
C GLY A 49 -9.32 6.00 1.84
N ARG A 50 -8.05 6.04 2.27
CA ARG A 50 -7.58 7.06 3.19
C ARG A 50 -6.11 6.86 3.54
N MET A 51 -5.24 7.00 2.54
CA MET A 51 -3.80 6.83 2.75
C MET A 51 -3.34 7.59 3.99
N ILE A 52 -3.00 6.84 5.04
CA ILE A 52 -2.53 7.46 6.28
C ILE A 52 -1.17 8.12 6.08
N PRO A 53 -0.76 9.01 6.99
CA PRO A 53 0.53 9.69 6.90
C PRO A 53 1.69 8.71 6.85
N GLY A 54 1.47 7.52 7.39
CA GLY A 54 2.50 6.50 7.41
C GLY A 54 2.86 6.02 6.02
N PHE A 55 1.89 5.47 5.30
CA PHE A 55 2.13 4.98 3.96
C PHE A 55 2.31 6.15 3.00
N GLU A 56 1.47 7.17 3.17
CA GLU A 56 1.54 8.36 2.33
C GLU A 56 2.95 8.96 2.37
N ASP A 57 3.69 8.65 3.42
CA ASP A 57 5.05 9.17 3.58
C ASP A 57 6.05 8.36 2.73
N GLY A 58 6.42 7.18 3.23
CA GLY A 58 7.39 6.36 2.52
C GLY A 58 6.90 5.89 1.18
N ILE A 59 5.74 5.24 1.19
CA ILE A 59 5.12 4.71 -0.02
C ILE A 59 4.43 5.83 -0.80
N LYS A 60 5.08 6.98 -0.79
CA LYS A 60 4.60 8.12 -1.55
C LYS A 60 4.37 7.60 -2.96
N GLY A 61 5.41 6.97 -3.48
CA GLY A 61 5.41 6.43 -4.83
C GLY A 61 6.32 7.24 -5.71
N HIS A 62 7.49 7.53 -5.16
CA HIS A 62 8.49 8.33 -5.86
C HIS A 62 9.84 7.61 -5.98
N LYS A 63 10.03 6.55 -5.21
CA LYS A 63 11.28 5.80 -5.25
C LYS A 63 11.05 4.35 -5.65
N ALA A 64 10.92 4.11 -6.95
CA ALA A 64 10.72 2.76 -7.46
C ALA A 64 11.88 1.84 -7.07
N GLY A 65 11.71 1.09 -6.00
CA GLY A 65 12.76 0.18 -5.55
C GLY A 65 13.56 0.72 -4.38
N GLU A 66 12.87 1.43 -3.49
CA GLU A 66 13.50 2.02 -2.30
C GLU A 66 13.27 1.17 -1.06
N GLU A 67 14.07 1.41 -0.02
CA GLU A 67 13.96 0.69 1.24
C GLU A 67 13.86 1.68 2.40
N PHE A 68 12.67 1.82 2.97
CA PHE A 68 12.43 2.77 4.06
C PHE A 68 11.52 2.16 5.13
N THR A 69 11.46 2.81 6.29
CA THR A 69 10.62 2.34 7.39
C THR A 69 9.68 3.44 7.88
N ILE A 70 8.39 3.14 7.97
CA ILE A 70 7.43 4.13 8.44
C ILE A 70 6.45 3.51 9.43
N ASP A 71 5.75 4.36 10.15
CA ASP A 71 4.74 3.89 11.10
C ASP A 71 3.38 3.92 10.42
N VAL A 72 2.50 2.99 10.78
CA VAL A 72 1.16 2.98 10.18
C VAL A 72 0.13 2.49 11.17
N THR A 73 -1.01 3.17 11.21
CA THR A 73 -2.10 2.80 12.09
C THR A 73 -3.42 3.12 11.40
N PHE A 74 -4.28 2.14 11.28
CA PHE A 74 -5.56 2.34 10.62
C PHE A 74 -6.62 2.89 11.58
N PRO A 75 -7.30 3.98 11.18
CA PRO A 75 -8.33 4.61 12.02
C PRO A 75 -9.56 3.74 12.22
N GLU A 76 -10.53 4.27 12.94
CA GLU A 76 -11.77 3.56 13.22
C GLU A 76 -12.70 3.57 11.99
N GLU A 77 -12.31 4.32 10.97
CA GLU A 77 -13.11 4.41 9.75
C GLU A 77 -12.72 3.31 8.77
N TYR A 78 -11.43 2.99 8.72
CA TYR A 78 -10.92 1.95 7.82
C TYR A 78 -11.51 0.60 8.21
N HIS A 79 -11.05 0.09 9.35
CA HIS A 79 -11.50 -1.19 9.88
C HIS A 79 -11.78 -2.22 8.79
N ALA A 80 -10.73 -2.62 8.07
CA ALA A 80 -10.85 -3.60 7.01
C ALA A 80 -10.89 -5.02 7.58
N GLU A 81 -11.58 -5.91 6.89
CA GLU A 81 -11.71 -7.30 7.34
C GLU A 81 -10.36 -7.99 7.46
N ASN A 82 -9.31 -7.41 6.88
CA ASN A 82 -7.99 -8.01 6.93
C ASN A 82 -7.14 -7.46 8.08
N LEU A 83 -7.10 -6.13 8.21
CA LEU A 83 -6.29 -5.51 9.27
C LEU A 83 -7.03 -4.39 10.01
N LYS A 84 -8.36 -4.46 10.01
CA LYS A 84 -9.17 -3.43 10.68
C LYS A 84 -8.50 -2.85 11.93
N GLY A 85 -8.39 -1.52 11.96
CA GLY A 85 -7.78 -0.83 13.09
C GLY A 85 -6.48 -1.45 13.56
N LYS A 86 -5.51 -1.57 12.64
CA LYS A 86 -4.22 -2.14 12.98
C LYS A 86 -3.16 -1.08 13.22
N ALA A 87 -3.03 -0.64 14.47
CA ALA A 87 -2.02 0.34 14.83
C ALA A 87 -0.67 -0.36 14.91
N ALA A 88 0.11 -0.29 13.85
CA ALA A 88 1.39 -0.99 13.81
C ALA A 88 2.55 -0.15 13.26
N LYS A 89 3.68 -0.84 13.13
CA LYS A 89 4.90 -0.27 12.59
C LYS A 89 5.36 -1.16 11.44
N PHE A 90 5.84 -0.57 10.37
CA PHE A 90 6.35 -1.35 9.24
C PHE A 90 7.64 -0.80 8.68
N ALA A 91 8.40 -1.65 8.00
CA ALA A 91 9.62 -1.26 7.34
C ALA A 91 9.44 -1.69 5.90
N ILE A 92 9.15 -0.70 5.06
CA ILE A 92 8.81 -0.95 3.67
C ILE A 92 9.93 -0.72 2.67
N ASN A 93 9.74 -1.31 1.49
CA ASN A 93 10.64 -1.18 0.36
C ASN A 93 9.82 -0.94 -0.90
N LEU A 94 9.79 0.29 -1.38
CA LEU A 94 9.01 0.65 -2.57
C LEU A 94 9.53 -0.05 -3.82
N LYS A 95 8.65 -0.18 -4.81
CA LYS A 95 9.01 -0.81 -6.07
C LYS A 95 8.20 -0.24 -7.25
N LYS A 96 7.30 -1.03 -7.82
CA LYS A 96 6.52 -0.59 -8.98
C LYS A 96 5.46 0.44 -8.62
N VAL A 97 5.74 1.70 -8.94
CA VAL A 97 4.82 2.80 -8.71
C VAL A 97 4.26 3.29 -10.04
N GLU A 98 2.96 3.11 -10.24
CA GLU A 98 2.31 3.53 -11.49
C GLU A 98 0.91 4.11 -11.22
N GLU A 99 0.34 4.80 -12.23
CA GLU A 99 -0.99 5.42 -12.09
C GLU A 99 -2.11 4.51 -12.54
N ARG A 100 -2.69 3.77 -11.61
CA ARG A 100 -3.81 2.88 -11.92
C ARG A 100 -5.06 3.68 -12.28
N GLU A 101 -5.72 3.28 -13.37
CA GLU A 101 -6.92 3.97 -13.81
C GLU A 101 -7.73 3.10 -14.77
N LEU A 102 -8.41 2.11 -14.22
CA LEU A 102 -9.22 1.20 -15.02
C LEU A 102 -10.52 1.85 -15.50
N PRO A 103 -11.33 2.40 -14.58
CA PRO A 103 -12.59 3.05 -14.94
C PRO A 103 -12.37 4.32 -15.76
N GLU A 104 -13.14 4.48 -16.83
CA GLU A 104 -13.02 5.64 -17.69
C GLU A 104 -13.54 6.88 -16.99
N LEU A 105 -12.68 7.89 -16.86
CA LEU A 105 -13.06 9.15 -16.21
C LEU A 105 -13.33 10.23 -17.24
N THR A 106 -14.41 10.98 -17.03
CA THR A 106 -14.78 12.06 -17.94
C THR A 106 -14.92 13.38 -17.19
N GLY A 1 6.07 -19.82 -17.95
CA GLY A 1 4.76 -20.05 -17.28
C GLY A 1 4.11 -18.77 -16.81
N SER A 2 4.20 -18.49 -15.52
CA SER A 2 3.62 -17.29 -14.95
C SER A 2 2.11 -17.26 -15.16
N HIS A 3 1.46 -16.21 -14.67
CA HIS A 3 0.01 -16.07 -14.80
C HIS A 3 -0.44 -14.69 -14.34
N MET A 4 -1.63 -14.29 -14.79
CA MET A 4 -2.19 -12.99 -14.43
C MET A 4 -3.71 -13.00 -14.57
N GLN A 5 -4.41 -12.77 -13.46
CA GLN A 5 -5.86 -12.74 -13.47
C GLN A 5 -6.39 -11.31 -13.61
N ALA A 6 -5.99 -10.45 -12.69
CA ALA A 6 -6.43 -9.05 -12.72
C ALA A 6 -5.60 -8.24 -13.72
N THR A 7 -6.20 -7.20 -14.27
CA THR A 7 -5.52 -6.35 -15.23
C THR A 7 -5.43 -4.92 -14.72
N TRP A 8 -4.50 -4.16 -15.29
CA TRP A 8 -4.30 -2.76 -14.89
C TRP A 8 -4.04 -1.89 -16.12
N LYS A 9 -3.81 -0.61 -15.89
CA LYS A 9 -3.53 0.33 -16.99
C LYS A 9 -2.55 1.41 -16.52
N GLU A 10 -1.82 1.10 -15.46
CA GLU A 10 -0.86 2.05 -14.89
C GLU A 10 0.30 2.35 -15.84
N LYS A 11 0.67 3.63 -15.92
CA LYS A 11 1.78 4.06 -16.77
C LYS A 11 3.09 3.56 -16.18
N ASP A 12 4.20 4.20 -16.53
CA ASP A 12 5.50 3.79 -16.02
C ASP A 12 6.23 4.94 -15.34
N GLY A 13 5.49 5.96 -14.93
CA GLY A 13 6.09 7.10 -14.28
C GLY A 13 5.98 7.05 -12.76
N ALA A 14 6.18 8.20 -12.13
CA ALA A 14 6.12 8.30 -10.67
C ALA A 14 4.69 8.11 -10.15
N VAL A 15 4.52 8.36 -8.85
CA VAL A 15 3.20 8.30 -8.23
C VAL A 15 2.32 9.43 -8.74
N GLU A 16 1.01 9.19 -8.81
CA GLU A 16 0.08 10.23 -9.24
C GLU A 16 -1.14 10.24 -8.34
N ALA A 17 -1.92 11.32 -8.44
CA ALA A 17 -3.11 11.53 -7.60
C ALA A 17 -3.65 10.22 -7.01
N GLU A 18 -4.26 9.38 -7.84
CA GLU A 18 -4.82 8.12 -7.35
C GLU A 18 -4.16 6.90 -7.99
N ASP A 19 -2.90 6.66 -7.64
CA ASP A 19 -2.13 5.56 -8.22
C ASP A 19 -2.07 4.33 -7.31
N ARG A 20 -1.24 3.36 -7.71
CA ARG A 20 -1.05 2.13 -6.95
C ARG A 20 0.40 1.64 -7.09
N VAL A 21 1.15 1.70 -6.00
CA VAL A 21 2.56 1.27 -5.99
C VAL A 21 2.70 -0.19 -5.56
N THR A 22 3.91 -0.73 -5.70
CA THR A 22 4.21 -2.10 -5.29
C THR A 22 5.35 -2.08 -4.29
N ILE A 23 5.06 -2.46 -3.04
CA ILE A 23 6.08 -2.43 -2.00
C ILE A 23 6.24 -3.78 -1.29
N ASP A 24 7.36 -3.90 -0.58
CA ASP A 24 7.70 -5.09 0.20
C ASP A 24 8.10 -4.60 1.60
N PHE A 25 7.37 -5.02 2.64
CA PHE A 25 7.68 -4.56 3.98
C PHE A 25 7.54 -5.64 5.05
N THR A 26 8.04 -5.33 6.23
CA THR A 26 7.99 -6.26 7.36
C THR A 26 7.94 -5.50 8.69
N GLY A 27 6.85 -5.64 9.43
CA GLY A 27 6.71 -4.95 10.69
C GLY A 27 5.66 -5.56 11.61
N SER A 28 5.67 -5.14 12.87
CA SER A 28 4.72 -5.64 13.86
C SER A 28 3.71 -4.57 14.26
N VAL A 29 2.72 -4.97 15.06
CA VAL A 29 1.70 -4.03 15.53
C VAL A 29 1.87 -3.73 17.02
N ASP A 30 1.44 -4.63 17.90
CA ASP A 30 1.57 -4.42 19.33
C ASP A 30 2.83 -5.09 19.85
N GLY A 31 3.89 -5.05 19.05
CA GLY A 31 5.15 -5.67 19.44
C GLY A 31 5.31 -7.07 18.87
N GLU A 32 4.24 -7.57 18.24
CA GLU A 32 4.27 -8.90 17.64
C GLU A 32 3.70 -8.85 16.22
N GLU A 33 4.56 -9.17 15.26
CA GLU A 33 4.17 -9.16 13.86
C GLU A 33 3.04 -10.14 13.61
N PHE A 34 1.92 -9.62 13.17
CA PHE A 34 0.72 -10.42 12.93
C PHE A 34 0.74 -11.10 11.55
N GLU A 35 -0.39 -11.08 10.87
CA GLU A 35 -0.52 -11.66 9.54
C GLU A 35 0.25 -10.82 8.53
N GLY A 36 -0.05 -9.52 8.51
CA GLY A 36 0.63 -8.61 7.61
C GLY A 36 1.99 -8.20 8.10
N GLY A 37 2.50 -8.92 9.11
CA GLY A 37 3.81 -8.62 9.65
C GLY A 37 4.90 -8.66 8.61
N LYS A 38 4.59 -9.22 7.43
CA LYS A 38 5.55 -9.32 6.36
C LYS A 38 4.84 -9.33 5.01
N ALA A 39 5.22 -8.39 4.15
CA ALA A 39 4.63 -8.29 2.83
C ALA A 39 5.73 -8.11 1.79
N SER A 40 5.51 -8.71 0.62
CA SER A 40 6.49 -8.63 -0.46
C SER A 40 5.96 -7.81 -1.62
N ASP A 41 4.87 -8.27 -2.20
CA ASP A 41 4.20 -7.57 -3.27
C ASP A 41 2.97 -6.87 -2.72
N PHE A 42 3.17 -5.82 -1.93
CA PHE A 42 2.06 -5.09 -1.37
C PHE A 42 1.64 -3.98 -2.31
N VAL A 43 0.48 -4.15 -2.94
CA VAL A 43 -0.03 -3.17 -3.87
C VAL A 43 -0.77 -2.05 -3.14
N LEU A 44 -0.07 -0.96 -2.91
CA LEU A 44 -0.65 0.18 -2.21
C LEU A 44 -1.30 1.14 -3.19
N ALA A 45 -2.53 1.54 -2.88
CA ALA A 45 -3.28 2.46 -3.72
C ALA A 45 -3.17 3.90 -3.22
N MET A 46 -2.38 4.72 -3.89
CA MET A 46 -2.20 6.12 -3.50
C MET A 46 -3.49 6.91 -3.72
N GLY A 47 -4.42 6.76 -2.78
CA GLY A 47 -5.69 7.45 -2.87
C GLY A 47 -6.83 6.55 -3.29
N GLN A 48 -7.17 5.59 -2.42
CA GLN A 48 -8.24 4.66 -2.69
C GLN A 48 -9.33 4.77 -1.61
N GLY A 49 -9.00 4.30 -0.42
CA GLY A 49 -9.93 4.36 0.68
C GLY A 49 -9.63 5.53 1.60
N ARG A 50 -8.38 5.58 2.06
CA ARG A 50 -7.92 6.65 2.94
C ARG A 50 -6.49 6.39 3.38
N MET A 51 -5.56 6.48 2.43
CA MET A 51 -4.16 6.24 2.72
C MET A 51 -3.69 7.12 3.88
N ILE A 52 -3.32 6.47 4.97
CA ILE A 52 -2.86 7.18 6.17
C ILE A 52 -1.51 7.85 5.91
N PRO A 53 -1.13 8.82 6.76
CA PRO A 53 0.14 9.53 6.63
C PRO A 53 1.32 8.56 6.63
N GLY A 54 1.12 7.42 7.30
CA GLY A 54 2.16 6.42 7.38
C GLY A 54 2.59 5.93 6.01
N PHE A 55 1.66 5.36 5.26
CA PHE A 55 1.96 4.86 3.94
C PHE A 55 2.22 6.01 2.98
N GLU A 56 1.35 7.02 3.03
CA GLU A 56 1.50 8.19 2.17
C GLU A 56 2.88 8.82 2.33
N ASP A 57 3.55 8.52 3.44
CA ASP A 57 4.88 9.06 3.69
C ASP A 57 5.93 8.29 2.90
N GLY A 58 6.28 7.08 3.36
CA GLY A 58 7.29 6.31 2.67
C GLY A 58 6.85 5.85 1.31
N ILE A 59 5.67 5.24 1.26
CA ILE A 59 5.10 4.73 0.03
C ILE A 59 4.39 5.83 -0.75
N LYS A 60 5.00 7.01 -0.71
CA LYS A 60 4.49 8.12 -1.48
C LYS A 60 4.31 7.61 -2.91
N GLY A 61 5.38 7.00 -3.40
CA GLY A 61 5.43 6.47 -4.74
C GLY A 61 6.34 7.29 -5.61
N HIS A 62 7.51 7.58 -5.08
CA HIS A 62 8.49 8.41 -5.79
C HIS A 62 9.84 7.71 -5.96
N LYS A 63 10.04 6.60 -5.25
CA LYS A 63 11.31 5.87 -5.35
C LYS A 63 11.08 4.43 -5.78
N ALA A 64 11.00 4.21 -7.09
CA ALA A 64 10.82 2.88 -7.63
C ALA A 64 11.99 1.97 -7.22
N GLY A 65 11.83 1.23 -6.14
CA GLY A 65 12.88 0.34 -5.68
C GLY A 65 13.60 0.87 -4.45
N GLU A 66 12.85 1.49 -3.54
CA GLU A 66 13.43 2.07 -2.33
C GLU A 66 13.28 1.13 -1.13
N GLU A 67 13.99 1.48 -0.05
CA GLU A 67 13.94 0.73 1.20
C GLU A 67 13.84 1.70 2.38
N PHE A 68 12.63 1.89 2.90
CA PHE A 68 12.41 2.83 4.00
C PHE A 68 11.54 2.21 5.09
N THR A 69 11.50 2.87 6.25
CA THR A 69 10.69 2.40 7.36
C THR A 69 9.73 3.49 7.83
N ILE A 70 8.44 3.19 7.85
CA ILE A 70 7.45 4.18 8.30
C ILE A 70 6.49 3.58 9.30
N ASP A 71 5.72 4.43 9.95
CA ASP A 71 4.73 3.98 10.92
C ASP A 71 3.39 3.84 10.22
N VAL A 72 2.55 2.95 10.71
CA VAL A 72 1.23 2.77 10.11
C VAL A 72 0.20 2.44 11.18
N THR A 73 -0.94 3.14 11.13
CA THR A 73 -2.02 2.93 12.09
C THR A 73 -3.34 3.26 11.41
N PHE A 74 -4.25 2.30 11.37
CA PHE A 74 -5.55 2.51 10.74
C PHE A 74 -6.55 3.17 11.68
N PRO A 75 -7.26 4.20 11.20
CA PRO A 75 -8.26 4.92 11.99
C PRO A 75 -9.50 4.08 12.28
N GLU A 76 -10.42 4.66 13.06
CA GLU A 76 -11.66 3.98 13.41
C GLU A 76 -12.61 3.93 12.23
N GLU A 77 -12.34 4.73 11.20
CA GLU A 77 -13.19 4.76 10.01
C GLU A 77 -12.80 3.67 9.01
N TYR A 78 -11.50 3.36 8.96
CA TYR A 78 -11.01 2.32 8.06
C TYR A 78 -11.56 0.97 8.47
N HIS A 79 -11.11 0.51 9.63
CA HIS A 79 -11.54 -0.76 10.21
C HIS A 79 -11.87 -1.83 9.17
N ALA A 80 -10.84 -2.38 8.54
CA ALA A 80 -11.03 -3.43 7.55
C ALA A 80 -11.12 -4.79 8.22
N GLU A 81 -12.01 -5.64 7.73
CA GLU A 81 -12.22 -6.97 8.29
C GLU A 81 -10.93 -7.72 8.62
N ASN A 82 -9.83 -7.39 7.94
CA ASN A 82 -8.57 -8.10 8.17
C ASN A 82 -7.64 -7.41 9.17
N LEU A 83 -7.54 -6.08 9.11
CA LEU A 83 -6.64 -5.36 10.02
C LEU A 83 -7.29 -4.15 10.67
N LYS A 84 -8.61 -4.09 10.64
CA LYS A 84 -9.36 -2.97 11.22
C LYS A 84 -8.64 -2.35 12.43
N GLY A 85 -8.47 -1.03 12.38
CA GLY A 85 -7.81 -0.30 13.46
C GLY A 85 -6.54 -0.96 13.95
N LYS A 86 -5.62 -1.24 13.04
CA LYS A 86 -4.35 -1.88 13.39
C LYS A 86 -3.21 -0.87 13.51
N ALA A 87 -2.96 -0.37 14.72
CA ALA A 87 -1.87 0.57 14.95
C ALA A 87 -0.54 -0.19 14.99
N ALA A 88 0.19 -0.20 13.88
CA ALA A 88 1.44 -0.94 13.81
C ALA A 88 2.61 -0.12 13.26
N LYS A 89 3.72 -0.82 13.08
CA LYS A 89 4.95 -0.26 12.55
C LYS A 89 5.40 -1.14 11.40
N PHE A 90 5.88 -0.54 10.32
CA PHE A 90 6.37 -1.32 9.17
C PHE A 90 7.67 -0.76 8.61
N ALA A 91 8.45 -1.62 7.97
CA ALA A 91 9.67 -1.20 7.31
C ALA A 91 9.52 -1.67 5.87
N ILE A 92 9.21 -0.71 5.00
CA ILE A 92 8.90 -1.02 3.61
C ILE A 92 10.01 -0.75 2.61
N ASN A 93 9.83 -1.33 1.42
CA ASN A 93 10.74 -1.17 0.30
C ASN A 93 9.93 -0.93 -0.98
N LEU A 94 9.91 0.32 -1.44
CA LEU A 94 9.15 0.68 -2.64
C LEU A 94 9.71 0.01 -3.88
N LYS A 95 8.86 -0.14 -4.90
CA LYS A 95 9.27 -0.74 -6.15
C LYS A 95 8.45 -0.19 -7.33
N LYS A 96 7.50 -0.97 -7.83
CA LYS A 96 6.72 -0.56 -8.98
C LYS A 96 5.63 0.47 -8.64
N VAL A 97 5.91 1.73 -8.97
CA VAL A 97 4.99 2.82 -8.74
C VAL A 97 4.47 3.34 -10.09
N GLU A 98 3.21 3.09 -10.39
CA GLU A 98 2.63 3.53 -11.67
C GLU A 98 1.34 4.33 -11.46
N GLU A 99 0.62 4.60 -12.55
CA GLU A 99 -0.63 5.38 -12.47
C GLU A 99 -1.85 4.54 -12.85
N ARG A 100 -2.45 3.90 -11.86
CA ARG A 100 -3.64 3.10 -12.10
C ARG A 100 -4.84 3.97 -12.46
N GLU A 101 -5.81 3.37 -13.15
CA GLU A 101 -7.02 4.08 -13.56
C GLU A 101 -8.13 3.09 -13.84
N LEU A 102 -8.54 2.35 -12.82
CA LEU A 102 -9.59 1.36 -12.95
C LEU A 102 -10.97 2.02 -13.06
N PRO A 103 -11.62 1.94 -14.24
CA PRO A 103 -12.93 2.54 -14.45
C PRO A 103 -14.04 1.75 -13.75
N GLU A 104 -14.50 2.28 -12.61
CA GLU A 104 -15.56 1.63 -11.85
C GLU A 104 -16.93 1.99 -12.42
N LEU A 105 -17.59 1.01 -13.00
CA LEU A 105 -18.92 1.21 -13.58
C LEU A 105 -20.01 1.00 -12.55
N THR A 106 -20.63 2.09 -12.10
CA THR A 106 -21.70 2.02 -11.10
C THR A 106 -23.06 2.09 -11.77
N GLY A 1 -8.16 -18.07 -25.77
CA GLY A 1 -8.32 -16.65 -25.34
C GLY A 1 -7.25 -16.23 -24.34
N SER A 2 -7.68 -15.60 -23.25
CA SER A 2 -6.77 -15.15 -22.21
C SER A 2 -7.40 -15.23 -20.84
N HIS A 3 -6.58 -15.19 -19.80
CA HIS A 3 -7.07 -15.26 -18.43
C HIS A 3 -6.58 -14.07 -17.61
N MET A 4 -7.50 -13.23 -17.18
CA MET A 4 -7.16 -12.06 -16.39
C MET A 4 -8.30 -11.66 -15.47
N GLN A 5 -8.08 -11.82 -14.17
CA GLN A 5 -9.09 -11.47 -13.17
C GLN A 5 -9.12 -9.96 -12.92
N ALA A 6 -8.02 -9.44 -12.40
CA ALA A 6 -7.91 -8.01 -12.11
C ALA A 6 -7.50 -7.24 -13.36
N THR A 7 -7.98 -6.00 -13.47
CA THR A 7 -7.66 -5.16 -14.62
C THR A 7 -6.89 -3.92 -14.20
N TRP A 8 -5.81 -3.63 -14.93
CA TRP A 8 -4.97 -2.48 -14.63
C TRP A 8 -4.55 -1.77 -15.91
N LYS A 9 -4.25 -0.48 -15.79
CA LYS A 9 -3.79 0.33 -16.91
C LYS A 9 -2.81 1.39 -16.41
N GLU A 10 -2.06 1.03 -15.37
CA GLU A 10 -1.11 1.96 -14.77
C GLU A 10 0.04 2.30 -15.72
N LYS A 11 0.41 3.59 -15.72
CA LYS A 11 1.48 4.09 -16.56
C LYS A 11 2.82 3.45 -16.19
N ASP A 12 3.91 4.08 -16.59
CA ASP A 12 5.25 3.57 -16.29
C ASP A 12 6.14 4.65 -15.68
N GLY A 13 5.50 5.66 -15.07
CA GLY A 13 6.26 6.74 -14.46
C GLY A 13 6.14 6.75 -12.94
N ALA A 14 6.32 7.93 -12.35
CA ALA A 14 6.24 8.08 -10.90
C ALA A 14 4.82 7.87 -10.39
N VAL A 15 4.59 8.18 -9.11
CA VAL A 15 3.26 8.07 -8.52
C VAL A 15 2.32 9.12 -9.12
N GLU A 16 1.02 8.85 -9.10
CA GLU A 16 0.06 9.80 -9.62
C GLU A 16 -1.12 9.95 -8.65
N ALA A 17 -1.84 11.05 -8.78
CA ALA A 17 -2.98 11.36 -7.89
C ALA A 17 -3.52 10.12 -7.18
N GLU A 18 -4.25 9.27 -7.92
CA GLU A 18 -4.81 8.06 -7.33
C GLU A 18 -4.24 6.81 -7.99
N ASP A 19 -2.96 6.54 -7.73
CA ASP A 19 -2.28 5.39 -8.32
C ASP A 19 -2.16 4.21 -7.34
N ARG A 20 -1.35 3.22 -7.73
CA ARG A 20 -1.11 2.03 -6.90
C ARG A 20 0.35 1.59 -7.05
N VAL A 21 1.11 1.71 -5.96
CA VAL A 21 2.53 1.31 -5.98
C VAL A 21 2.70 -0.14 -5.50
N THR A 22 3.90 -0.69 -5.73
CA THR A 22 4.20 -2.06 -5.29
C THR A 22 5.28 -1.99 -4.22
N ILE A 23 4.94 -2.36 -2.99
CA ILE A 23 5.90 -2.29 -1.89
C ILE A 23 5.96 -3.58 -1.08
N ASP A 24 7.16 -3.86 -0.53
CA ASP A 24 7.39 -5.02 0.32
C ASP A 24 7.82 -4.53 1.69
N PHE A 25 7.18 -5.01 2.76
CA PHE A 25 7.54 -4.55 4.10
C PHE A 25 7.48 -5.65 5.15
N THR A 26 8.03 -5.33 6.32
CA THR A 26 8.06 -6.27 7.45
C THR A 26 8.00 -5.51 8.78
N GLY A 27 6.93 -5.72 9.55
CA GLY A 27 6.80 -5.05 10.83
C GLY A 27 5.74 -5.66 11.73
N SER A 28 5.70 -5.20 12.98
CA SER A 28 4.74 -5.69 13.96
C SER A 28 3.71 -4.62 14.29
N VAL A 29 2.82 -4.95 15.24
CA VAL A 29 1.78 -4.03 15.67
C VAL A 29 1.92 -3.70 17.17
N ASP A 30 1.52 -4.62 18.03
CA ASP A 30 1.63 -4.41 19.46
C ASP A 30 2.92 -5.04 19.99
N GLY A 31 3.99 -4.92 19.21
CA GLY A 31 5.26 -5.50 19.59
C GLY A 31 5.49 -6.85 18.95
N GLU A 32 4.41 -7.43 18.43
CA GLU A 32 4.47 -8.73 17.78
C GLU A 32 3.86 -8.67 16.38
N GLU A 33 4.63 -9.08 15.39
CA GLU A 33 4.18 -9.07 14.01
C GLU A 33 3.06 -10.07 13.81
N PHE A 34 1.91 -9.57 13.41
CA PHE A 34 0.73 -10.41 13.20
C PHE A 34 0.71 -11.09 11.83
N GLU A 35 -0.44 -11.08 11.18
CA GLU A 35 -0.60 -11.68 9.86
C GLU A 35 0.14 -10.86 8.81
N GLY A 36 -0.16 -9.57 8.75
CA GLY A 36 0.48 -8.69 7.78
C GLY A 36 1.86 -8.26 8.21
N GLY A 37 2.41 -8.92 9.22
CA GLY A 37 3.73 -8.59 9.71
C GLY A 37 4.79 -8.67 8.64
N LYS A 38 4.44 -9.24 7.49
CA LYS A 38 5.38 -9.36 6.38
C LYS A 38 4.65 -9.27 5.05
N ALA A 39 5.17 -8.40 4.18
CA ALA A 39 4.60 -8.21 2.86
C ALA A 39 5.69 -8.06 1.81
N SER A 40 5.46 -8.62 0.63
CA SER A 40 6.43 -8.55 -0.44
C SER A 40 5.87 -7.77 -1.63
N ASP A 41 4.76 -8.25 -2.16
CA ASP A 41 4.08 -7.58 -3.25
C ASP A 41 2.86 -6.89 -2.69
N PHE A 42 3.07 -5.83 -1.93
CA PHE A 42 1.95 -5.09 -1.36
C PHE A 42 1.55 -3.94 -2.26
N VAL A 43 0.45 -4.11 -2.97
CA VAL A 43 -0.03 -3.10 -3.89
C VAL A 43 -0.76 -1.99 -3.14
N LEU A 44 -0.06 -0.88 -2.89
CA LEU A 44 -0.64 0.24 -2.19
C LEU A 44 -1.29 1.20 -3.17
N ALA A 45 -2.45 1.71 -2.79
CA ALA A 45 -3.19 2.65 -3.64
C ALA A 45 -3.05 4.07 -3.13
N MET A 46 -2.26 4.87 -3.83
CA MET A 46 -2.06 6.26 -3.44
C MET A 46 -3.31 7.09 -3.70
N GLY A 47 -4.21 7.06 -2.73
CA GLY A 47 -5.45 7.80 -2.85
C GLY A 47 -6.63 6.92 -3.22
N GLN A 48 -7.00 5.99 -2.34
CA GLN A 48 -8.12 5.09 -2.58
C GLN A 48 -9.13 5.18 -1.45
N GLY A 49 -8.72 4.73 -0.27
CA GLY A 49 -9.60 4.78 0.88
C GLY A 49 -9.29 5.95 1.80
N ARG A 50 -8.04 6.00 2.26
CA ARG A 50 -7.59 7.07 3.15
C ARG A 50 -6.14 6.85 3.56
N MET A 51 -5.23 6.99 2.59
CA MET A 51 -3.80 6.80 2.84
C MET A 51 -3.36 7.57 4.09
N ILE A 52 -2.99 6.84 5.14
CA ILE A 52 -2.54 7.45 6.39
C ILE A 52 -1.19 8.13 6.20
N PRO A 53 -0.80 9.00 7.14
CA PRO A 53 0.49 9.71 7.07
C PRO A 53 1.67 8.74 7.08
N GLY A 54 1.42 7.49 7.42
CA GLY A 54 2.47 6.49 7.46
C GLY A 54 2.84 6.00 6.07
N PHE A 55 1.88 5.36 5.41
CA PHE A 55 2.09 4.84 4.07
C PHE A 55 2.31 5.99 3.09
N GLU A 56 1.40 6.96 3.12
CA GLU A 56 1.49 8.11 2.24
C GLU A 56 2.87 8.76 2.35
N ASP A 57 3.54 8.53 3.48
CA ASP A 57 4.87 9.08 3.70
C ASP A 57 5.91 8.41 2.81
N GLY A 58 6.31 7.20 3.19
CA GLY A 58 7.32 6.50 2.42
C GLY A 58 6.81 6.01 1.08
N ILE A 59 5.67 5.35 1.12
CA ILE A 59 5.04 4.82 -0.08
C ILE A 59 4.33 5.91 -0.87
N LYS A 60 4.93 7.08 -0.84
CA LYS A 60 4.41 8.20 -1.62
C LYS A 60 4.25 7.67 -3.04
N GLY A 61 5.34 7.08 -3.52
CA GLY A 61 5.39 6.54 -4.86
C GLY A 61 6.30 7.37 -5.73
N HIS A 62 7.47 7.67 -5.18
CA HIS A 62 8.46 8.49 -5.89
C HIS A 62 9.80 7.77 -6.02
N LYS A 63 9.99 6.70 -5.26
CA LYS A 63 11.24 5.95 -5.31
C LYS A 63 11.01 4.50 -5.72
N ALA A 64 10.89 4.27 -7.03
CA ALA A 64 10.69 2.92 -7.55
C ALA A 64 11.85 2.02 -7.15
N GLY A 65 11.68 1.26 -6.07
CA GLY A 65 12.73 0.38 -5.61
C GLY A 65 13.46 0.93 -4.40
N GLU A 66 12.71 1.57 -3.51
CA GLU A 66 13.28 2.17 -2.31
C GLU A 66 13.14 1.26 -1.09
N GLU A 67 13.88 1.58 -0.03
CA GLU A 67 13.84 0.84 1.22
C GLU A 67 13.78 1.82 2.40
N PHE A 68 12.61 1.97 3.00
CA PHE A 68 12.43 2.91 4.11
C PHE A 68 11.61 2.30 5.24
N THR A 69 11.61 2.98 6.38
CA THR A 69 10.85 2.52 7.54
C THR A 69 9.89 3.59 8.04
N ILE A 70 8.60 3.30 7.97
CA ILE A 70 7.57 4.24 8.42
C ILE A 70 6.58 3.57 9.36
N ASP A 71 5.82 4.38 10.07
CA ASP A 71 4.79 3.86 10.96
C ASP A 71 3.45 3.86 10.25
N VAL A 72 2.57 2.94 10.61
CA VAL A 72 1.24 2.87 10.00
C VAL A 72 0.21 2.40 11.01
N THR A 73 -0.93 3.07 11.07
CA THR A 73 -1.99 2.71 12.00
C THR A 73 -3.34 3.07 11.36
N PHE A 74 -4.24 2.10 11.27
CA PHE A 74 -5.52 2.34 10.65
C PHE A 74 -6.53 2.93 11.65
N PRO A 75 -7.21 4.03 11.28
CA PRO A 75 -8.19 4.68 12.16
C PRO A 75 -9.42 3.82 12.41
N GLU A 76 -10.33 4.34 13.23
CA GLU A 76 -11.56 3.64 13.54
C GLU A 76 -12.55 3.72 12.38
N GLU A 77 -12.22 4.52 11.38
CA GLU A 77 -13.07 4.68 10.21
C GLU A 77 -12.74 3.63 9.15
N TYR A 78 -11.45 3.31 9.04
CA TYR A 78 -10.99 2.32 8.07
C TYR A 78 -11.57 0.94 8.41
N HIS A 79 -11.06 0.37 9.50
CA HIS A 79 -11.50 -0.93 9.99
C HIS A 79 -11.84 -1.91 8.86
N ALA A 80 -10.80 -2.46 8.22
CA ALA A 80 -11.00 -3.43 7.14
C ALA A 80 -11.10 -4.84 7.72
N GLU A 81 -11.90 -5.68 7.07
CA GLU A 81 -12.12 -7.05 7.51
C GLU A 81 -10.82 -7.81 7.83
N ASN A 82 -9.72 -7.44 7.18
CA ASN A 82 -8.46 -8.15 7.38
C ASN A 82 -7.53 -7.49 8.42
N LEU A 83 -7.49 -6.17 8.46
CA LEU A 83 -6.59 -5.48 9.40
C LEU A 83 -7.26 -4.30 10.12
N LYS A 84 -8.57 -4.30 10.13
CA LYS A 84 -9.34 -3.23 10.79
C LYS A 84 -8.65 -2.68 12.04
N GLY A 85 -8.50 -1.36 12.08
CA GLY A 85 -7.88 -0.70 13.22
C GLY A 85 -6.59 -1.35 13.67
N LYS A 86 -5.68 -1.55 12.73
CA LYS A 86 -4.40 -2.18 13.04
C LYS A 86 -3.28 -1.15 13.22
N ALA A 87 -3.12 -0.65 14.44
CA ALA A 87 -2.08 0.31 14.74
C ALA A 87 -0.74 -0.41 14.87
N ALA A 88 0.09 -0.31 13.83
CA ALA A 88 1.37 -1.01 13.83
C ALA A 88 2.53 -0.18 13.29
N LYS A 89 3.64 -0.87 13.10
CA LYS A 89 4.86 -0.28 12.56
C LYS A 89 5.40 -1.22 11.51
N PHE A 90 5.89 -0.68 10.40
CA PHE A 90 6.50 -1.50 9.36
C PHE A 90 7.75 -0.85 8.79
N ALA A 91 8.54 -1.64 8.07
CA ALA A 91 9.73 -1.16 7.38
C ALA A 91 9.53 -1.59 5.94
N ILE A 92 9.17 -0.62 5.11
CA ILE A 92 8.81 -0.90 3.73
C ILE A 92 9.91 -0.63 2.70
N ASN A 93 9.73 -1.22 1.53
CA ASN A 93 10.63 -1.04 0.40
C ASN A 93 9.82 -0.80 -0.87
N LEU A 94 9.79 0.46 -1.33
CA LEU A 94 9.03 0.83 -2.53
C LEU A 94 9.56 0.14 -3.78
N LYS A 95 8.69 -0.02 -4.77
CA LYS A 95 9.09 -0.66 -6.03
C LYS A 95 8.30 -0.09 -7.22
N LYS A 96 7.43 -0.90 -7.82
CA LYS A 96 6.68 -0.46 -8.98
C LYS A 96 5.57 0.51 -8.64
N VAL A 97 5.83 1.79 -8.93
CA VAL A 97 4.86 2.86 -8.70
C VAL A 97 4.31 3.36 -10.02
N GLU A 98 3.06 3.02 -10.32
CA GLU A 98 2.42 3.43 -11.58
C GLU A 98 1.03 4.00 -11.33
N GLU A 99 0.46 4.67 -12.35
CA GLU A 99 -0.87 5.29 -12.22
C GLU A 99 -1.98 4.36 -12.68
N ARG A 100 -2.56 3.63 -11.74
CA ARG A 100 -3.67 2.71 -12.05
C ARG A 100 -4.96 3.48 -12.30
N GLU A 101 -5.99 2.74 -12.65
CA GLU A 101 -7.31 3.32 -12.92
C GLU A 101 -8.38 2.24 -12.94
N LEU A 102 -9.17 2.16 -11.87
CA LEU A 102 -10.23 1.17 -11.76
C LEU A 102 -11.41 1.53 -12.65
N PRO A 103 -11.76 0.68 -13.63
CA PRO A 103 -12.88 0.93 -14.54
C PRO A 103 -14.15 1.33 -13.80
N GLU A 104 -14.47 2.62 -13.85
CA GLU A 104 -15.67 3.13 -13.19
C GLU A 104 -16.89 2.98 -14.09
N LEU A 105 -16.67 3.03 -15.41
CA LEU A 105 -17.76 2.89 -16.36
C LEU A 105 -17.70 1.54 -17.07
N THR A 106 -18.73 0.73 -16.88
CA THR A 106 -18.79 -0.59 -17.50
C THR A 106 -19.11 -0.49 -18.98
N GLY A 1 -3.63 -19.01 -9.37
CA GLY A 1 -3.92 -20.03 -10.43
C GLY A 1 -2.98 -19.92 -11.62
N SER A 2 -2.77 -18.70 -12.11
CA SER A 2 -1.89 -18.47 -13.24
C SER A 2 -0.80 -17.47 -12.88
N HIS A 3 0.17 -17.31 -13.78
CA HIS A 3 1.28 -16.38 -13.56
C HIS A 3 0.78 -14.95 -13.56
N MET A 4 0.01 -14.59 -14.59
CA MET A 4 -0.52 -13.24 -14.72
C MET A 4 -2.04 -13.27 -14.85
N GLN A 5 -2.71 -13.48 -13.71
CA GLN A 5 -4.18 -13.53 -13.70
C GLN A 5 -4.77 -12.12 -13.79
N ALA A 6 -4.38 -11.27 -12.85
CA ALA A 6 -4.86 -9.89 -12.81
C ALA A 6 -4.10 -9.02 -13.81
N THR A 7 -4.74 -7.95 -14.28
CA THR A 7 -4.12 -7.04 -15.23
C THR A 7 -4.29 -5.60 -14.77
N TRP A 8 -3.41 -4.72 -15.26
CA TRP A 8 -3.46 -3.31 -14.90
C TRP A 8 -3.32 -2.43 -16.13
N LYS A 9 -3.38 -1.11 -15.92
CA LYS A 9 -3.24 -0.15 -17.01
C LYS A 9 -2.39 1.04 -16.57
N GLU A 10 -1.75 0.91 -15.42
CA GLU A 10 -0.93 1.99 -14.88
C GLU A 10 0.19 2.38 -15.83
N LYS A 11 0.55 3.66 -15.81
CA LYS A 11 1.60 4.19 -16.66
C LYS A 11 2.96 3.61 -16.26
N ASP A 12 4.04 4.30 -16.58
CA ASP A 12 5.38 3.84 -16.25
C ASP A 12 6.19 4.94 -15.57
N GLY A 13 5.50 5.95 -15.05
CA GLY A 13 6.18 7.06 -14.40
C GLY A 13 6.06 7.02 -12.89
N ALA A 14 6.24 8.17 -12.26
CA ALA A 14 6.17 8.26 -10.80
C ALA A 14 4.74 8.10 -10.28
N VAL A 15 4.57 8.37 -8.98
CA VAL A 15 3.25 8.31 -8.36
C VAL A 15 2.35 9.43 -8.89
N GLU A 16 1.05 9.19 -8.91
CA GLU A 16 0.10 10.20 -9.36
C GLU A 16 -1.10 10.24 -8.42
N ALA A 17 -1.88 11.32 -8.51
CA ALA A 17 -3.05 11.53 -7.64
C ALA A 17 -3.56 10.22 -7.03
N GLU A 18 -4.21 9.38 -7.82
CA GLU A 18 -4.77 8.12 -7.30
C GLU A 18 -4.15 6.89 -7.98
N ASP A 19 -2.89 6.61 -7.64
CA ASP A 19 -2.17 5.48 -8.23
C ASP A 19 -2.13 4.27 -7.28
N ARG A 20 -1.29 3.28 -7.65
CA ARG A 20 -1.11 2.06 -6.86
C ARG A 20 0.32 1.56 -7.03
N VAL A 21 1.12 1.66 -5.97
CA VAL A 21 2.52 1.22 -6.00
C VAL A 21 2.68 -0.23 -5.52
N THR A 22 3.84 -0.82 -5.77
CA THR A 22 4.13 -2.18 -5.32
C THR A 22 5.23 -2.13 -4.27
N ILE A 23 4.88 -2.48 -3.03
CA ILE A 23 5.86 -2.42 -1.95
C ILE A 23 5.93 -3.70 -1.12
N ASP A 24 7.13 -3.98 -0.60
CA ASP A 24 7.37 -5.12 0.27
C ASP A 24 7.80 -4.58 1.63
N PHE A 25 7.20 -5.06 2.71
CA PHE A 25 7.56 -4.54 4.04
C PHE A 25 7.51 -5.61 5.13
N THR A 26 8.09 -5.28 6.28
CA THR A 26 8.14 -6.19 7.42
C THR A 26 8.08 -5.41 8.74
N GLY A 27 7.00 -5.61 9.50
CA GLY A 27 6.85 -4.92 10.77
C GLY A 27 5.81 -5.54 11.68
N SER A 28 5.79 -5.09 12.94
CA SER A 28 4.83 -5.59 13.93
C SER A 28 3.80 -4.53 14.30
N VAL A 29 2.83 -4.94 15.11
CA VAL A 29 1.78 -4.06 15.58
C VAL A 29 1.99 -3.69 17.05
N ASP A 30 1.57 -4.56 17.97
CA ASP A 30 1.75 -4.30 19.39
C ASP A 30 3.02 -4.98 19.89
N GLY A 31 4.08 -4.96 19.08
CA GLY A 31 5.32 -5.60 19.46
C GLY A 31 5.45 -6.99 18.89
N GLU A 32 4.39 -7.48 18.25
CA GLU A 32 4.39 -8.81 17.65
C GLU A 32 3.78 -8.76 16.25
N GLU A 33 4.62 -8.99 15.24
CA GLU A 33 4.17 -8.95 13.86
C GLU A 33 3.04 -9.93 13.65
N PHE A 34 1.89 -9.40 13.27
CA PHE A 34 0.68 -10.21 13.07
C PHE A 34 0.64 -10.88 11.70
N GLU A 35 -0.52 -10.86 11.07
CA GLU A 35 -0.68 -11.46 9.74
C GLU A 35 0.02 -10.64 8.69
N GLY A 36 -0.35 -9.36 8.58
CA GLY A 36 0.25 -8.47 7.61
C GLY A 36 1.52 -7.82 8.10
N GLY A 37 2.17 -8.42 9.08
CA GLY A 37 3.40 -7.86 9.58
C GLY A 37 4.41 -7.68 8.47
N LYS A 38 4.62 -8.74 7.69
CA LYS A 38 5.56 -8.69 6.58
C LYS A 38 4.88 -9.04 5.26
N ALA A 39 5.13 -8.20 4.25
CA ALA A 39 4.56 -8.38 2.93
C ALA A 39 5.63 -8.20 1.86
N SER A 40 5.41 -8.78 0.69
CA SER A 40 6.37 -8.68 -0.39
C SER A 40 5.81 -7.87 -1.56
N ASP A 41 4.71 -8.34 -2.12
CA ASP A 41 4.03 -7.65 -3.20
C ASP A 41 2.82 -6.94 -2.64
N PHE A 42 3.05 -5.88 -1.89
CA PHE A 42 1.93 -5.13 -1.32
C PHE A 42 1.56 -3.99 -2.25
N VAL A 43 0.45 -4.17 -2.97
CA VAL A 43 -0.01 -3.17 -3.89
C VAL A 43 -0.77 -2.07 -3.17
N LEU A 44 -0.08 -0.98 -2.90
CA LEU A 44 -0.67 0.14 -2.19
C LEU A 44 -1.33 1.10 -3.17
N ALA A 45 -2.49 1.60 -2.78
CA ALA A 45 -3.23 2.53 -3.62
C ALA A 45 -3.07 3.97 -3.12
N MET A 46 -2.26 4.75 -3.83
CA MET A 46 -2.03 6.14 -3.45
C MET A 46 -3.28 6.99 -3.64
N GLY A 47 -4.20 6.86 -2.70
CA GLY A 47 -5.44 7.61 -2.75
C GLY A 47 -6.62 6.77 -3.16
N GLN A 48 -7.06 5.88 -2.26
CA GLN A 48 -8.21 5.02 -2.54
C GLN A 48 -9.24 5.14 -1.42
N GLY A 49 -8.88 4.65 -0.24
CA GLY A 49 -9.77 4.71 0.89
C GLY A 49 -9.43 5.85 1.82
N ARG A 50 -8.18 5.89 2.28
CA ARG A 50 -7.71 6.94 3.16
C ARG A 50 -6.25 6.72 3.54
N MET A 51 -5.36 6.92 2.56
CA MET A 51 -3.93 6.75 2.79
C MET A 51 -3.48 7.47 4.05
N ILE A 52 -3.11 6.68 5.06
CA ILE A 52 -2.66 7.26 6.32
C ILE A 52 -1.30 7.94 6.15
N PRO A 53 -0.97 8.89 7.04
CA PRO A 53 0.30 9.61 6.98
C PRO A 53 1.49 8.67 6.92
N GLY A 54 1.28 7.43 7.35
CA GLY A 54 2.34 6.44 7.35
C GLY A 54 2.73 5.96 5.96
N PHE A 55 1.76 5.38 5.25
CA PHE A 55 2.02 4.86 3.92
C PHE A 55 2.26 6.00 2.93
N GLU A 56 1.37 6.99 2.94
CA GLU A 56 1.50 8.12 2.04
C GLU A 56 2.88 8.75 2.12
N ASP A 57 3.58 8.51 3.23
CA ASP A 57 4.91 9.05 3.44
C ASP A 57 5.96 8.23 2.68
N GLY A 58 6.32 7.08 3.23
CA GLY A 58 7.32 6.24 2.61
C GLY A 58 6.89 5.78 1.24
N ILE A 59 5.71 5.17 1.19
CA ILE A 59 5.14 4.65 -0.03
C ILE A 59 4.44 5.76 -0.79
N LYS A 60 5.07 6.91 -0.79
CA LYS A 60 4.59 8.05 -1.54
C LYS A 60 4.35 7.54 -2.97
N GLY A 61 5.39 6.92 -3.50
CA GLY A 61 5.39 6.40 -4.85
C GLY A 61 6.30 7.23 -5.72
N HIS A 62 7.49 7.49 -5.18
CA HIS A 62 8.48 8.30 -5.88
C HIS A 62 9.82 7.61 -6.05
N LYS A 63 10.08 6.58 -5.24
CA LYS A 63 11.36 5.86 -5.33
C LYS A 63 11.15 4.40 -5.71
N ALA A 64 11.04 4.15 -7.01
CA ALA A 64 10.88 2.79 -7.51
C ALA A 64 12.05 1.90 -7.11
N GLY A 65 11.87 1.10 -6.06
CA GLY A 65 12.92 0.22 -5.59
C GLY A 65 13.67 0.79 -4.39
N GLU A 66 12.94 1.47 -3.52
CA GLU A 66 13.52 2.07 -2.32
C GLU A 66 13.32 1.20 -1.10
N GLU A 67 14.07 1.50 -0.04
CA GLU A 67 13.97 0.76 1.22
C GLU A 67 13.84 1.76 2.37
N PHE A 68 12.65 1.87 2.93
CA PHE A 68 12.40 2.83 4.02
C PHE A 68 11.51 2.22 5.09
N THR A 69 11.43 2.88 6.24
CA THR A 69 10.61 2.41 7.34
C THR A 69 9.68 3.52 7.82
N ILE A 70 8.38 3.21 7.90
CA ILE A 70 7.41 4.20 8.35
C ILE A 70 6.45 3.57 9.34
N ASP A 71 5.71 4.43 10.04
CA ASP A 71 4.73 3.96 10.99
C ASP A 71 3.37 3.89 10.32
N VAL A 72 2.53 2.96 10.74
CA VAL A 72 1.20 2.84 10.16
C VAL A 72 0.18 2.42 11.21
N THR A 73 -0.97 3.09 11.21
CA THR A 73 -2.04 2.78 12.16
C THR A 73 -3.37 3.12 11.50
N PHE A 74 -4.28 2.15 11.45
CA PHE A 74 -5.57 2.35 10.83
C PHE A 74 -6.58 2.97 11.79
N PRO A 75 -7.25 4.07 11.37
CA PRO A 75 -8.24 4.76 12.20
C PRO A 75 -9.52 3.94 12.42
N GLU A 76 -10.49 4.56 13.08
CA GLU A 76 -11.77 3.92 13.37
C GLU A 76 -12.68 3.87 12.14
N GLU A 77 -12.30 4.57 11.07
CA GLU A 77 -13.10 4.59 9.85
C GLU A 77 -12.77 3.40 8.96
N TYR A 78 -11.50 3.01 8.94
CA TYR A 78 -11.07 1.88 8.13
C TYR A 78 -11.69 0.58 8.64
N HIS A 79 -11.21 0.13 9.80
CA HIS A 79 -11.70 -1.09 10.43
C HIS A 79 -12.05 -2.18 9.42
N ALA A 80 -11.09 -2.49 8.54
CA ALA A 80 -11.29 -3.51 7.52
C ALA A 80 -11.25 -4.91 8.14
N GLU A 81 -12.05 -5.82 7.61
CA GLU A 81 -12.10 -7.18 8.13
C GLU A 81 -10.73 -7.86 8.11
N ASN A 82 -9.77 -7.28 7.40
CA ASN A 82 -8.44 -7.86 7.31
C ASN A 82 -7.52 -7.38 8.45
N LEU A 83 -7.41 -6.07 8.62
CA LEU A 83 -6.55 -5.51 9.66
C LEU A 83 -7.25 -4.41 10.46
N LYS A 84 -8.56 -4.35 10.34
CA LYS A 84 -9.37 -3.34 11.05
C LYS A 84 -8.63 -2.71 12.26
N GLY A 85 -8.46 -1.39 12.21
CA GLY A 85 -7.80 -0.68 13.29
C GLY A 85 -6.52 -1.35 13.76
N LYS A 86 -5.59 -1.56 12.83
CA LYS A 86 -4.32 -2.20 13.15
C LYS A 86 -3.21 -1.16 13.32
N ALA A 87 -3.00 -0.70 14.55
CA ALA A 87 -1.95 0.28 14.84
C ALA A 87 -0.61 -0.44 14.90
N ALA A 88 0.21 -0.27 13.87
CA ALA A 88 1.49 -0.97 13.83
C ALA A 88 2.65 -0.12 13.30
N LYS A 89 3.76 -0.81 13.11
CA LYS A 89 4.98 -0.23 12.57
C LYS A 89 5.44 -1.12 11.43
N PHE A 90 5.91 -0.54 10.34
CA PHE A 90 6.41 -1.34 9.21
C PHE A 90 7.69 -0.76 8.65
N ALA A 91 8.46 -1.61 7.96
CA ALA A 91 9.67 -1.20 7.29
C ALA A 91 9.48 -1.65 5.86
N ILE A 92 9.17 -0.67 5.01
CA ILE A 92 8.81 -0.95 3.63
C ILE A 92 9.93 -0.71 2.61
N ASN A 93 9.72 -1.30 1.43
CA ASN A 93 10.63 -1.15 0.30
C ASN A 93 9.81 -0.90 -0.97
N LEU A 94 9.80 0.35 -1.43
CA LEU A 94 9.02 0.71 -2.63
C LEU A 94 9.58 0.05 -3.88
N LYS A 95 8.71 -0.17 -4.87
CA LYS A 95 9.11 -0.79 -6.12
C LYS A 95 8.34 -0.20 -7.30
N LYS A 96 7.46 -1.00 -7.92
CA LYS A 96 6.72 -0.55 -9.08
C LYS A 96 5.65 0.47 -8.75
N VAL A 97 5.94 1.73 -9.03
CA VAL A 97 5.00 2.83 -8.82
C VAL A 97 4.52 3.35 -10.17
N GLU A 98 3.23 3.22 -10.43
CA GLU A 98 2.67 3.68 -11.71
C GLU A 98 1.26 4.25 -11.51
N GLU A 99 0.69 4.82 -12.59
CA GLU A 99 -0.64 5.44 -12.52
C GLU A 99 -1.75 4.47 -12.88
N ARG A 100 -2.19 3.67 -11.90
CA ARG A 100 -3.27 2.72 -12.11
C ARG A 100 -4.58 3.41 -12.47
N GLU A 101 -5.23 2.89 -13.49
CA GLU A 101 -6.51 3.43 -13.95
C GLU A 101 -7.38 2.32 -14.51
N LEU A 102 -7.55 1.28 -13.71
CA LEU A 102 -8.34 0.13 -14.08
C LEU A 102 -9.70 0.14 -13.36
N PRO A 103 -10.82 0.18 -14.11
CA PRO A 103 -12.16 0.20 -13.52
C PRO A 103 -12.54 -1.13 -12.89
N GLU A 104 -12.42 -1.20 -11.56
CA GLU A 104 -12.75 -2.43 -10.83
C GLU A 104 -14.15 -2.32 -10.22
N LEU A 105 -14.34 -1.32 -9.37
CA LEU A 105 -15.63 -1.10 -8.71
C LEU A 105 -16.48 -0.10 -9.49
N THR A 106 -16.37 -0.12 -10.80
CA THR A 106 -17.13 0.78 -11.65
C THR A 106 -16.93 0.46 -13.12
N GLY A 1 -0.05 -18.95 -21.01
CA GLY A 1 -1.08 -18.08 -21.65
C GLY A 1 -2.19 -17.70 -20.69
N SER A 2 -2.50 -16.40 -20.63
CA SER A 2 -3.54 -15.90 -19.75
C SER A 2 -3.22 -16.23 -18.29
N HIS A 3 -1.93 -16.28 -17.97
CA HIS A 3 -1.50 -16.58 -16.61
C HIS A 3 -1.89 -15.47 -15.65
N MET A 4 -1.82 -14.23 -16.12
CA MET A 4 -2.17 -13.08 -15.30
C MET A 4 -3.67 -13.05 -15.01
N GLN A 5 -4.03 -13.08 -13.73
CA GLN A 5 -5.42 -13.04 -13.33
C GLN A 5 -5.97 -11.62 -13.37
N ALA A 6 -5.44 -10.77 -12.50
CA ALA A 6 -5.88 -9.37 -12.44
C ALA A 6 -5.28 -8.58 -13.60
N THR A 7 -5.88 -7.44 -13.91
CA THR A 7 -5.42 -6.59 -15.00
C THR A 7 -5.24 -5.15 -14.53
N TRP A 8 -4.35 -4.42 -15.20
CA TRP A 8 -4.09 -3.03 -14.85
C TRP A 8 -3.87 -2.19 -16.12
N LYS A 9 -3.76 -0.89 -15.93
CA LYS A 9 -3.54 0.04 -17.03
C LYS A 9 -2.63 1.18 -16.60
N GLU A 10 -1.95 0.99 -15.48
CA GLU A 10 -1.07 2.02 -14.95
C GLU A 10 0.14 2.26 -15.84
N LYS A 11 0.51 3.53 -15.98
CA LYS A 11 1.65 3.92 -16.79
C LYS A 11 2.97 3.42 -16.18
N ASP A 12 4.06 4.13 -16.42
CA ASP A 12 5.36 3.74 -15.87
C ASP A 12 6.07 4.93 -15.24
N GLY A 13 5.31 5.96 -14.88
CA GLY A 13 5.90 7.14 -14.27
C GLY A 13 5.82 7.11 -12.75
N ALA A 14 6.04 8.28 -12.14
CA ALA A 14 6.01 8.41 -10.69
C ALA A 14 4.60 8.21 -10.13
N VAL A 15 4.43 8.47 -8.84
CA VAL A 15 3.13 8.39 -8.20
C VAL A 15 2.20 9.49 -8.71
N GLU A 16 0.91 9.21 -8.77
CA GLU A 16 -0.06 10.21 -9.22
C GLU A 16 -1.28 10.20 -8.30
N ALA A 17 -2.09 11.25 -8.41
CA ALA A 17 -3.28 11.42 -7.57
C ALA A 17 -3.76 10.10 -6.96
N GLU A 18 -4.36 9.23 -7.77
CA GLU A 18 -4.87 7.95 -7.26
C GLU A 18 -4.18 6.77 -7.95
N ASP A 19 -2.90 6.56 -7.61
CA ASP A 19 -2.11 5.49 -8.20
C ASP A 19 -2.00 4.26 -7.31
N ARG A 20 -1.21 3.28 -7.77
CA ARG A 20 -0.99 2.04 -7.04
C ARG A 20 0.48 1.62 -7.12
N VAL A 21 1.17 1.65 -5.99
CA VAL A 21 2.58 1.27 -5.92
C VAL A 21 2.75 -0.20 -5.55
N THR A 22 3.98 -0.72 -5.73
CA THR A 22 4.29 -2.09 -5.36
C THR A 22 5.41 -2.08 -4.33
N ILE A 23 5.12 -2.48 -3.09
CA ILE A 23 6.13 -2.46 -2.04
C ILE A 23 6.22 -3.79 -1.27
N ASP A 24 7.41 -4.03 -0.75
CA ASP A 24 7.68 -5.22 0.07
C ASP A 24 8.12 -4.75 1.46
N PHE A 25 7.43 -5.18 2.51
CA PHE A 25 7.77 -4.74 3.86
C PHE A 25 7.65 -5.84 4.89
N THR A 26 8.15 -5.53 6.09
CA THR A 26 8.12 -6.48 7.20
C THR A 26 8.08 -5.76 8.55
N GLY A 27 7.00 -5.96 9.31
CA GLY A 27 6.89 -5.30 10.61
C GLY A 27 5.79 -5.89 11.50
N SER A 28 5.88 -5.61 12.80
CA SER A 28 4.91 -6.09 13.78
C SER A 28 3.90 -4.99 14.08
N VAL A 29 3.11 -5.20 15.14
CA VAL A 29 2.10 -4.24 15.54
C VAL A 29 2.66 -3.31 16.63
N ASP A 30 2.20 -3.42 17.88
CA ASP A 30 2.73 -2.57 18.93
C ASP A 30 3.88 -3.30 19.62
N GLY A 31 4.71 -3.96 18.81
CA GLY A 31 5.82 -4.72 19.37
C GLY A 31 5.47 -6.19 19.52
N GLU A 32 4.28 -6.55 19.05
CA GLU A 32 3.79 -7.92 19.12
C GLU A 32 3.47 -8.45 17.73
N GLU A 33 2.92 -9.64 17.70
CA GLU A 33 2.55 -10.31 16.46
C GLU A 33 1.61 -9.45 15.64
N PHE A 34 1.98 -9.26 14.38
CA PHE A 34 1.17 -8.50 13.43
C PHE A 34 0.58 -9.42 12.37
N GLU A 35 -0.51 -8.99 11.75
CA GLU A 35 -1.15 -9.77 10.70
C GLU A 35 -0.28 -9.82 9.46
N GLY A 36 -0.25 -8.72 8.72
CA GLY A 36 0.59 -8.66 7.54
C GLY A 36 2.02 -8.34 7.92
N GLY A 37 2.55 -9.10 8.90
CA GLY A 37 3.91 -8.86 9.36
C GLY A 37 4.94 -8.93 8.27
N LYS A 38 4.59 -9.49 7.12
CA LYS A 38 5.52 -9.58 6.01
C LYS A 38 4.80 -9.47 4.67
N ALA A 39 5.27 -8.55 3.85
CA ALA A 39 4.70 -8.32 2.54
C ALA A 39 5.81 -8.16 1.51
N SER A 40 5.60 -8.72 0.33
CA SER A 40 6.58 -8.65 -0.74
C SER A 40 6.04 -7.82 -1.89
N ASP A 41 4.94 -8.28 -2.47
CA ASP A 41 4.27 -7.57 -3.53
C ASP A 41 3.05 -6.88 -2.94
N PHE A 42 3.27 -5.85 -2.16
CA PHE A 42 2.16 -5.12 -1.55
C PHE A 42 1.67 -4.05 -2.51
N VAL A 43 0.45 -4.22 -3.02
CA VAL A 43 -0.10 -3.26 -3.95
C VAL A 43 -0.86 -2.17 -3.21
N LEU A 44 -0.20 -1.06 -2.96
CA LEU A 44 -0.80 0.05 -2.25
C LEU A 44 -1.46 1.04 -3.21
N ALA A 45 -2.67 1.44 -2.88
CA ALA A 45 -3.39 2.40 -3.71
C ALA A 45 -3.21 3.82 -3.15
N MET A 46 -2.39 4.61 -3.81
CA MET A 46 -2.14 5.97 -3.36
C MET A 46 -3.37 6.85 -3.56
N GLY A 47 -4.27 6.79 -2.58
CA GLY A 47 -5.49 7.58 -2.63
C GLY A 47 -6.70 6.75 -2.98
N GLN A 48 -6.95 5.71 -2.19
CA GLN A 48 -8.09 4.83 -2.41
C GLN A 48 -9.15 5.05 -1.33
N GLY A 49 -8.85 4.60 -0.12
CA GLY A 49 -9.78 4.77 0.97
C GLY A 49 -9.43 5.95 1.86
N ARG A 50 -8.19 5.97 2.34
CA ARG A 50 -7.71 7.05 3.18
C ARG A 50 -6.26 6.80 3.60
N MET A 51 -5.35 6.91 2.63
CA MET A 51 -3.92 6.69 2.88
C MET A 51 -3.49 7.40 4.17
N ILE A 52 -3.10 6.62 5.16
CA ILE A 52 -2.64 7.17 6.43
C ILE A 52 -1.31 7.89 6.27
N PRO A 53 -0.91 8.72 7.24
CA PRO A 53 0.36 9.43 7.19
C PRO A 53 1.55 8.48 7.18
N GLY A 54 1.28 7.20 7.48
CA GLY A 54 2.34 6.20 7.49
C GLY A 54 2.73 5.76 6.10
N PHE A 55 1.78 5.17 5.37
CA PHE A 55 2.04 4.71 4.03
C PHE A 55 2.24 5.90 3.10
N GLU A 56 1.35 6.87 3.21
CA GLU A 56 1.41 8.07 2.39
C GLU A 56 2.78 8.73 2.49
N ASP A 57 3.52 8.41 3.55
CA ASP A 57 4.85 8.99 3.75
C ASP A 57 5.89 8.26 2.90
N GLY A 58 6.28 7.06 3.33
CA GLY A 58 7.28 6.30 2.62
C GLY A 58 6.81 5.85 1.26
N ILE A 59 5.67 5.18 1.23
CA ILE A 59 5.08 4.68 0.02
C ILE A 59 4.37 5.78 -0.74
N LYS A 60 5.00 6.94 -0.72
CA LYS A 60 4.49 8.08 -1.47
C LYS A 60 4.27 7.58 -2.88
N GLY A 61 5.34 7.01 -3.41
CA GLY A 61 5.37 6.50 -4.77
C GLY A 61 6.25 7.37 -5.62
N HIS A 62 7.41 7.68 -5.05
CA HIS A 62 8.38 8.55 -5.73
C HIS A 62 9.74 7.90 -5.89
N LYS A 63 9.94 6.75 -5.25
CA LYS A 63 11.21 6.04 -5.34
C LYS A 63 11.01 4.60 -5.78
N ALA A 64 10.90 4.41 -7.09
CA ALA A 64 10.74 3.07 -7.65
C ALA A 64 11.92 2.19 -7.28
N GLY A 65 11.79 1.43 -6.20
CA GLY A 65 12.86 0.56 -5.75
C GLY A 65 13.58 1.08 -4.53
N GLU A 66 12.82 1.67 -3.61
CA GLU A 66 13.38 2.23 -2.38
C GLU A 66 13.26 1.27 -1.20
N GLU A 67 13.97 1.59 -0.12
CA GLU A 67 13.93 0.80 1.10
C GLU A 67 13.83 1.75 2.31
N PHE A 68 12.63 1.87 2.87
CA PHE A 68 12.40 2.78 3.99
C PHE A 68 11.54 2.13 5.07
N THR A 69 11.49 2.77 6.24
CA THR A 69 10.69 2.26 7.35
C THR A 69 9.73 3.33 7.84
N ILE A 70 8.43 3.00 7.86
CA ILE A 70 7.43 3.96 8.32
C ILE A 70 6.49 3.32 9.31
N ASP A 71 5.73 4.16 10.02
CA ASP A 71 4.76 3.67 10.97
C ASP A 71 3.41 3.59 10.28
N VAL A 72 2.55 2.68 10.72
CA VAL A 72 1.22 2.56 10.12
C VAL A 72 0.20 2.16 11.16
N THR A 73 -0.94 2.83 11.16
CA THR A 73 -2.02 2.53 12.09
C THR A 73 -3.34 2.92 11.47
N PHE A 74 -4.25 1.96 11.35
CA PHE A 74 -5.54 2.21 10.74
C PHE A 74 -6.54 2.77 11.74
N PRO A 75 -7.19 3.91 11.40
CA PRO A 75 -8.16 4.57 12.28
C PRO A 75 -9.44 3.77 12.46
N GLU A 76 -10.39 4.35 13.21
CA GLU A 76 -11.67 3.71 13.47
C GLU A 76 -12.60 3.80 12.27
N GLU A 77 -12.24 4.62 11.29
CA GLU A 77 -13.06 4.79 10.08
C GLU A 77 -12.72 3.74 9.04
N TYR A 78 -11.44 3.36 8.97
CA TYR A 78 -10.99 2.36 8.02
C TYR A 78 -11.59 1.00 8.35
N HIS A 79 -11.13 0.42 9.45
CA HIS A 79 -11.60 -0.88 9.93
C HIS A 79 -11.94 -1.85 8.79
N ALA A 80 -10.91 -2.36 8.12
CA ALA A 80 -11.11 -3.31 7.03
C ALA A 80 -11.21 -4.74 7.55
N GLU A 81 -12.12 -5.51 6.98
CA GLU A 81 -12.36 -6.89 7.39
C GLU A 81 -11.08 -7.69 7.62
N ASN A 82 -9.99 -7.31 6.94
CA ASN A 82 -8.73 -8.06 7.08
C ASN A 82 -7.77 -7.48 8.11
N LEU A 83 -7.67 -6.16 8.22
CA LEU A 83 -6.73 -5.55 9.18
C LEU A 83 -7.37 -4.40 9.97
N LYS A 84 -8.69 -4.32 9.94
CA LYS A 84 -9.42 -3.25 10.64
C LYS A 84 -8.72 -2.79 11.92
N GLY A 85 -8.43 -1.49 11.98
CA GLY A 85 -7.80 -0.89 13.15
C GLY A 85 -6.52 -1.59 13.57
N LYS A 86 -5.60 -1.78 12.63
CA LYS A 86 -4.33 -2.43 12.93
C LYS A 86 -3.21 -1.40 13.15
N ALA A 87 -3.02 -0.99 14.39
CA ALA A 87 -1.97 -0.03 14.71
C ALA A 87 -0.62 -0.75 14.82
N ALA A 88 0.13 -0.78 13.72
CA ALA A 88 1.40 -1.50 13.72
C ALA A 88 2.56 -0.66 13.17
N LYS A 89 3.70 -1.32 13.04
CA LYS A 89 4.92 -0.73 12.53
C LYS A 89 5.42 -1.56 11.36
N PHE A 90 5.88 -0.91 10.30
CA PHE A 90 6.40 -1.64 9.13
C PHE A 90 7.69 -1.01 8.60
N ALA A 91 8.49 -1.82 7.92
CA ALA A 91 9.70 -1.35 7.28
C ALA A 91 9.55 -1.78 5.82
N ILE A 92 9.23 -0.81 4.97
CA ILE A 92 8.91 -1.09 3.57
C ILE A 92 10.03 -0.77 2.57
N ASN A 93 9.85 -1.33 1.37
CA ASN A 93 10.76 -1.13 0.24
C ASN A 93 9.94 -0.87 -1.03
N LEU A 94 9.90 0.39 -1.47
CA LEU A 94 9.14 0.77 -2.66
C LEU A 94 9.70 0.13 -3.92
N LYS A 95 8.83 -0.08 -4.91
CA LYS A 95 9.24 -0.68 -6.17
C LYS A 95 8.41 -0.11 -7.34
N LYS A 96 7.51 -0.92 -7.89
CA LYS A 96 6.72 -0.49 -9.03
C LYS A 96 5.62 0.52 -8.65
N VAL A 97 5.88 1.78 -8.95
CA VAL A 97 4.92 2.84 -8.71
C VAL A 97 4.41 3.39 -10.04
N GLU A 98 3.17 3.06 -10.39
CA GLU A 98 2.60 3.50 -11.66
C GLU A 98 1.29 4.28 -11.47
N GLU A 99 0.62 4.58 -12.57
CA GLU A 99 -0.63 5.35 -12.53
C GLU A 99 -1.85 4.50 -12.88
N ARG A 100 -2.42 3.85 -11.88
CA ARG A 100 -3.59 3.00 -12.08
C ARG A 100 -4.86 3.85 -12.27
N GLU A 101 -5.88 3.20 -12.79
CA GLU A 101 -7.18 3.86 -13.03
C GLU A 101 -8.15 2.88 -13.69
N LEU A 102 -8.38 1.76 -13.03
CA LEU A 102 -9.28 0.74 -13.54
C LEU A 102 -10.74 1.17 -13.40
N PRO A 103 -11.19 1.51 -12.17
CA PRO A 103 -12.57 1.93 -11.94
C PRO A 103 -12.85 3.30 -12.56
N GLU A 104 -13.77 3.33 -13.52
CA GLU A 104 -14.14 4.57 -14.19
C GLU A 104 -15.27 5.26 -13.46
N LEU A 105 -16.39 4.55 -13.31
CA LEU A 105 -17.56 5.10 -12.63
C LEU A 105 -17.58 4.69 -11.16
N THR A 106 -17.47 5.68 -10.27
CA THR A 106 -17.47 5.43 -8.83
C THR A 106 -18.90 5.43 -8.28
N GLY A 1 -11.56 -23.04 -13.09
CA GLY A 1 -12.56 -22.87 -11.99
C GLY A 1 -13.10 -21.45 -11.92
N SER A 2 -13.14 -20.78 -13.07
CA SER A 2 -13.63 -19.41 -13.15
C SER A 2 -12.82 -18.48 -12.25
N HIS A 3 -11.70 -18.01 -12.77
CA HIS A 3 -10.83 -17.11 -12.02
C HIS A 3 -10.78 -15.72 -12.67
N MET A 4 -11.22 -14.72 -11.93
CA MET A 4 -11.23 -13.34 -12.43
C MET A 4 -10.00 -12.58 -11.96
N GLN A 5 -9.12 -12.26 -12.89
CA GLN A 5 -7.90 -11.53 -12.57
C GLN A 5 -8.14 -10.03 -12.56
N ALA A 6 -7.34 -9.31 -11.78
CA ALA A 6 -7.47 -7.86 -11.67
C ALA A 6 -6.95 -7.17 -12.92
N THR A 7 -7.61 -6.09 -13.31
CA THR A 7 -7.20 -5.32 -14.49
C THR A 7 -6.54 -4.00 -14.10
N TRP A 8 -5.53 -3.60 -14.87
CA TRP A 8 -4.82 -2.36 -14.60
C TRP A 8 -4.43 -1.65 -15.88
N LYS A 9 -4.13 -0.36 -15.77
CA LYS A 9 -3.71 0.44 -16.91
C LYS A 9 -2.72 1.52 -16.47
N GLU A 10 -1.96 1.22 -15.43
CA GLU A 10 -1.00 2.18 -14.88
C GLU A 10 0.16 2.43 -15.85
N LYS A 11 0.59 3.69 -15.92
CA LYS A 11 1.69 4.08 -16.78
C LYS A 11 3.01 3.51 -16.26
N ASP A 12 4.14 4.10 -16.68
CA ASP A 12 5.44 3.62 -16.24
C ASP A 12 6.25 4.73 -15.56
N GLY A 13 5.55 5.72 -15.03
CA GLY A 13 6.22 6.83 -14.37
C GLY A 13 6.08 6.78 -12.85
N ALA A 14 6.23 7.93 -12.21
CA ALA A 14 6.14 8.02 -10.75
C ALA A 14 4.72 7.85 -10.23
N VAL A 15 4.53 8.17 -8.96
CA VAL A 15 3.21 8.11 -8.34
C VAL A 15 2.29 9.17 -8.94
N GLU A 16 0.98 8.93 -8.89
CA GLU A 16 0.02 9.89 -9.40
C GLU A 16 -1.14 10.04 -8.42
N ALA A 17 -1.86 11.16 -8.54
CA ALA A 17 -2.98 11.48 -7.65
C ALA A 17 -3.54 10.22 -6.96
N GLU A 18 -4.26 9.39 -7.70
CA GLU A 18 -4.84 8.18 -7.14
C GLU A 18 -4.27 6.93 -7.82
N ASP A 19 -2.98 6.67 -7.58
CA ASP A 19 -2.30 5.53 -8.19
C ASP A 19 -2.18 4.33 -7.26
N ARG A 20 -1.37 3.35 -7.68
CA ARG A 20 -1.14 2.15 -6.89
C ARG A 20 0.31 1.68 -7.03
N VAL A 21 1.08 1.76 -5.95
CA VAL A 21 2.48 1.34 -5.96
C VAL A 21 2.63 -0.12 -5.49
N THR A 22 3.83 -0.66 -5.68
CA THR A 22 4.12 -2.03 -5.24
C THR A 22 5.23 -1.99 -4.20
N ILE A 23 4.91 -2.37 -2.97
CA ILE A 23 5.91 -2.33 -1.90
C ILE A 23 5.98 -3.65 -1.14
N ASP A 24 7.16 -3.92 -0.59
CA ASP A 24 7.40 -5.11 0.23
C ASP A 24 7.87 -4.65 1.60
N PHE A 25 7.21 -5.09 2.67
CA PHE A 25 7.58 -4.64 4.01
C PHE A 25 7.50 -5.73 5.06
N THR A 26 8.01 -5.42 6.25
CA THR A 26 8.02 -6.36 7.36
C THR A 26 8.04 -5.63 8.70
N GLY A 27 6.97 -5.79 9.48
CA GLY A 27 6.90 -5.14 10.78
C GLY A 27 5.83 -5.71 11.69
N SER A 28 5.81 -5.22 12.92
CA SER A 28 4.84 -5.67 13.93
C SER A 28 3.82 -4.58 14.24
N VAL A 29 2.80 -4.94 15.01
CA VAL A 29 1.77 -4.01 15.41
C VAL A 29 2.07 -3.40 16.78
N ASP A 30 1.60 -4.05 17.84
CA ASP A 30 1.86 -3.58 19.19
C ASP A 30 3.08 -4.29 19.76
N GLY A 31 4.12 -4.43 18.93
CA GLY A 31 5.32 -5.10 19.35
C GLY A 31 5.33 -6.56 18.92
N GLU A 32 4.20 -7.02 18.38
CA GLU A 32 4.07 -8.40 17.93
C GLU A 32 3.58 -8.44 16.49
N GLU A 33 4.46 -8.88 15.58
CA GLU A 33 4.12 -8.98 14.18
C GLU A 33 3.03 -9.99 13.96
N PHE A 34 1.87 -9.51 13.53
CA PHE A 34 0.71 -10.37 13.32
C PHE A 34 0.74 -11.09 11.97
N GLU A 35 -0.40 -11.12 11.30
CA GLU A 35 -0.52 -11.76 10.00
C GLU A 35 0.25 -10.98 8.93
N GLY A 36 -0.02 -9.68 8.87
CA GLY A 36 0.63 -8.82 7.89
C GLY A 36 2.02 -8.39 8.32
N GLY A 37 2.61 -9.10 9.28
CA GLY A 37 3.93 -8.76 9.75
C GLY A 37 4.98 -8.80 8.65
N LYS A 38 4.61 -9.36 7.49
CA LYS A 38 5.54 -9.43 6.37
C LYS A 38 4.79 -9.39 5.04
N ALA A 39 5.20 -8.47 4.18
CA ALA A 39 4.59 -8.31 2.87
C ALA A 39 5.66 -8.15 1.80
N SER A 40 5.40 -8.71 0.63
CA SER A 40 6.35 -8.64 -0.48
C SER A 40 5.78 -7.84 -1.63
N ASP A 41 4.66 -8.30 -2.16
CA ASP A 41 3.97 -7.61 -3.23
C ASP A 41 2.76 -6.90 -2.64
N PHE A 42 3.00 -5.84 -1.89
CA PHE A 42 1.91 -5.09 -1.29
C PHE A 42 1.50 -3.93 -2.20
N VAL A 43 0.40 -4.12 -2.91
CA VAL A 43 -0.09 -3.10 -3.83
C VAL A 43 -0.84 -1.99 -3.10
N LEU A 44 -0.15 -0.89 -2.84
CA LEU A 44 -0.74 0.24 -2.14
C LEU A 44 -1.41 1.19 -3.12
N ALA A 45 -2.57 1.70 -2.73
CA ALA A 45 -3.33 2.63 -3.56
C ALA A 45 -3.17 4.06 -3.06
N MET A 46 -2.38 4.86 -3.77
CA MET A 46 -2.15 6.25 -3.38
C MET A 46 -3.41 7.09 -3.59
N GLY A 47 -4.32 7.03 -2.63
CA GLY A 47 -5.55 7.78 -2.71
C GLY A 47 -6.72 6.93 -3.15
N GLN A 48 -7.08 5.95 -2.32
CA GLN A 48 -8.19 5.06 -2.62
C GLN A 48 -9.26 5.16 -1.53
N GLY A 49 -8.93 4.68 -0.34
CA GLY A 49 -9.86 4.75 0.77
C GLY A 49 -9.55 5.90 1.70
N ARG A 50 -8.31 5.96 2.17
CA ARG A 50 -7.85 7.03 3.06
C ARG A 50 -6.40 6.80 3.47
N MET A 51 -5.50 6.91 2.49
CA MET A 51 -4.08 6.71 2.74
C MET A 51 -3.62 7.48 3.98
N ILE A 52 -3.24 6.75 5.01
CA ILE A 52 -2.77 7.36 6.26
C ILE A 52 -1.42 8.04 6.06
N PRO A 53 -1.03 8.95 6.96
CA PRO A 53 0.25 9.66 6.87
C PRO A 53 1.44 8.69 6.92
N GLY A 54 1.19 7.49 7.44
CA GLY A 54 2.25 6.49 7.53
C GLY A 54 2.68 5.98 6.16
N PHE A 55 1.75 5.34 5.47
CA PHE A 55 2.04 4.83 4.14
C PHE A 55 2.25 5.97 3.17
N GLU A 56 1.41 7.00 3.29
CA GLU A 56 1.49 8.16 2.42
C GLU A 56 2.86 8.84 2.53
N ASP A 57 3.59 8.54 3.60
CA ASP A 57 4.90 9.12 3.81
C ASP A 57 5.95 8.39 2.97
N GLY A 58 6.32 7.18 3.38
CA GLY A 58 7.33 6.43 2.66
C GLY A 58 6.86 5.95 1.30
N ILE A 59 5.69 5.34 1.29
CA ILE A 59 5.09 4.81 0.07
C ILE A 59 4.41 5.90 -0.72
N LYS A 60 5.03 7.07 -0.70
CA LYS A 60 4.52 8.18 -1.50
C LYS A 60 4.35 7.64 -2.92
N GLY A 61 5.41 7.03 -3.41
CA GLY A 61 5.43 6.48 -4.74
C GLY A 61 6.33 7.30 -5.63
N HIS A 62 7.52 7.56 -5.12
CA HIS A 62 8.50 8.36 -5.83
C HIS A 62 9.84 7.65 -6.02
N LYS A 63 10.06 6.59 -5.25
CA LYS A 63 11.31 5.83 -5.37
C LYS A 63 11.04 4.38 -5.73
N ALA A 64 10.90 4.11 -7.03
CA ALA A 64 10.68 2.75 -7.51
C ALA A 64 11.85 1.85 -7.11
N GLY A 65 11.67 1.09 -6.03
CA GLY A 65 12.73 0.21 -5.56
C GLY A 65 13.48 0.78 -4.38
N GLU A 66 12.75 1.42 -3.47
CA GLU A 66 13.35 2.04 -2.29
C GLU A 66 13.24 1.15 -1.06
N GLU A 67 13.99 1.50 -0.02
CA GLU A 67 13.98 0.77 1.24
C GLU A 67 13.92 1.76 2.40
N PHE A 68 12.72 1.93 2.97
CA PHE A 68 12.52 2.88 4.07
C PHE A 68 11.71 2.28 5.20
N THR A 69 11.70 2.96 6.34
CA THR A 69 10.95 2.50 7.51
C THR A 69 9.98 3.57 8.00
N ILE A 70 8.69 3.27 7.94
CA ILE A 70 7.66 4.21 8.38
C ILE A 70 6.66 3.54 9.30
N ASP A 71 5.88 4.34 10.01
CA ASP A 71 4.84 3.83 10.89
C ASP A 71 3.51 3.84 10.16
N VAL A 72 2.61 2.94 10.52
CA VAL A 72 1.29 2.90 9.90
C VAL A 72 0.24 2.46 10.92
N THR A 73 -0.89 3.14 10.96
CA THR A 73 -1.97 2.80 11.88
C THR A 73 -3.30 3.13 11.20
N PHE A 74 -4.19 2.16 11.11
CA PHE A 74 -5.48 2.37 10.48
C PHE A 74 -6.49 2.97 11.45
N PRO A 75 -7.16 4.08 11.07
CA PRO A 75 -8.15 4.74 11.92
C PRO A 75 -9.37 3.87 12.17
N GLU A 76 -10.28 4.38 13.00
CA GLU A 76 -11.51 3.66 13.33
C GLU A 76 -12.49 3.70 12.16
N GLU A 77 -12.18 4.51 11.14
CA GLU A 77 -13.03 4.63 9.97
C GLU A 77 -12.69 3.55 8.94
N TYR A 78 -11.41 3.24 8.83
CA TYR A 78 -10.94 2.22 7.88
C TYR A 78 -11.49 0.85 8.27
N HIS A 79 -10.99 0.33 9.38
CA HIS A 79 -11.41 -0.97 9.90
C HIS A 79 -11.73 -1.98 8.80
N ALA A 80 -10.69 -2.49 8.15
CA ALA A 80 -10.85 -3.50 7.09
C ALA A 80 -11.04 -4.89 7.71
N GLU A 81 -11.75 -5.74 7.01
CA GLU A 81 -12.03 -7.10 7.49
C GLU A 81 -10.76 -7.86 7.89
N ASN A 82 -9.63 -7.57 7.23
CA ASN A 82 -8.39 -8.30 7.52
C ASN A 82 -7.47 -7.60 8.52
N LEU A 83 -7.41 -6.27 8.49
CA LEU A 83 -6.52 -5.55 9.40
C LEU A 83 -7.19 -4.38 10.10
N LYS A 84 -8.51 -4.36 10.11
CA LYS A 84 -9.28 -3.28 10.74
C LYS A 84 -8.57 -2.71 11.98
N GLY A 85 -8.41 -1.38 11.99
CA GLY A 85 -7.78 -0.71 13.10
C GLY A 85 -6.46 -1.35 13.53
N LYS A 86 -5.54 -1.49 12.58
CA LYS A 86 -4.24 -2.09 12.89
C LYS A 86 -3.16 -1.03 13.13
N ALA A 87 -3.06 -0.57 14.36
CA ALA A 87 -2.05 0.42 14.72
C ALA A 87 -0.71 -0.29 14.82
N ALA A 88 0.03 -0.34 13.72
CA ALA A 88 1.29 -1.07 13.70
C ALA A 88 2.47 -0.24 13.16
N LYS A 89 3.59 -0.93 13.03
CA LYS A 89 4.82 -0.34 12.52
C LYS A 89 5.41 -1.29 11.48
N PHE A 90 5.92 -0.75 10.38
CA PHE A 90 6.56 -1.58 9.37
C PHE A 90 7.79 -0.91 8.79
N ALA A 91 8.59 -1.70 8.08
CA ALA A 91 9.78 -1.21 7.40
C ALA A 91 9.58 -1.63 5.95
N ILE A 92 9.22 -0.67 5.13
CA ILE A 92 8.85 -0.94 3.74
C ILE A 92 9.97 -0.71 2.72
N ASN A 93 9.74 -1.31 1.54
CA ASN A 93 10.65 -1.21 0.40
C ASN A 93 9.82 -0.94 -0.87
N LEU A 94 9.83 0.29 -1.36
CA LEU A 94 9.06 0.66 -2.55
C LEU A 94 9.55 -0.04 -3.81
N LYS A 95 8.67 -0.14 -4.81
CA LYS A 95 9.02 -0.78 -6.07
C LYS A 95 8.22 -0.19 -7.24
N LYS A 96 7.33 -0.98 -7.83
CA LYS A 96 6.55 -0.55 -8.98
C LYS A 96 5.48 0.47 -8.61
N VAL A 97 5.75 1.74 -8.92
CA VAL A 97 4.83 2.83 -8.67
C VAL A 97 4.28 3.37 -10.00
N GLU A 98 3.01 3.07 -10.28
CA GLU A 98 2.38 3.52 -11.52
C GLU A 98 1.00 4.13 -11.24
N GLU A 99 0.44 4.86 -12.21
CA GLU A 99 -0.86 5.50 -12.04
C GLU A 99 -2.03 4.65 -12.52
N ARG A 100 -2.70 4.00 -11.58
CA ARG A 100 -3.85 3.15 -11.91
C ARG A 100 -5.08 4.01 -12.17
N GLU A 101 -6.06 3.43 -12.86
CA GLU A 101 -7.30 4.13 -13.17
C GLU A 101 -8.36 3.17 -13.72
N LEU A 102 -8.95 2.40 -12.82
CA LEU A 102 -9.97 1.44 -13.20
C LEU A 102 -11.28 2.14 -13.53
N PRO A 103 -12.13 1.51 -14.38
CA PRO A 103 -13.42 2.09 -14.77
C PRO A 103 -14.27 2.46 -13.56
N GLU A 104 -14.45 3.76 -13.35
CA GLU A 104 -15.25 4.25 -12.22
C GLU A 104 -16.67 4.58 -12.67
N LEU A 105 -17.64 4.22 -11.85
CA LEU A 105 -19.04 4.48 -12.16
C LEU A 105 -19.61 5.57 -11.25
N THR A 106 -20.76 6.10 -11.64
CA THR A 106 -21.42 7.16 -10.87
C THR A 106 -22.93 7.03 -10.95
N GLY A 1 -14.77 -20.56 -4.61
CA GLY A 1 -15.37 -19.60 -5.56
C GLY A 1 -14.61 -19.53 -6.87
N SER A 2 -15.22 -18.92 -7.88
CA SER A 2 -14.59 -18.79 -9.18
C SER A 2 -13.34 -17.92 -9.10
N HIS A 3 -12.18 -18.55 -9.27
CA HIS A 3 -10.91 -17.84 -9.21
C HIS A 3 -10.73 -16.96 -10.44
N MET A 4 -10.19 -15.75 -10.22
CA MET A 4 -9.97 -14.81 -11.31
C MET A 4 -8.84 -13.84 -10.98
N GLN A 5 -8.17 -13.36 -12.01
CA GLN A 5 -7.07 -12.42 -11.81
C GLN A 5 -7.54 -10.97 -11.94
N ALA A 6 -6.93 -10.08 -11.18
CA ALA A 6 -7.30 -8.67 -11.21
C ALA A 6 -6.73 -7.98 -12.44
N THR A 7 -7.45 -6.99 -12.94
CA THR A 7 -7.00 -6.24 -14.12
C THR A 7 -6.46 -4.87 -13.72
N TRP A 8 -5.47 -4.41 -14.47
CA TRP A 8 -4.87 -3.10 -14.21
C TRP A 8 -4.48 -2.41 -15.51
N LYS A 9 -4.25 -1.11 -15.41
CA LYS A 9 -3.85 -0.30 -16.55
C LYS A 9 -2.93 0.82 -16.09
N GLU A 10 -2.17 0.53 -15.03
CA GLU A 10 -1.27 1.52 -14.45
C GLU A 10 -0.18 1.93 -15.43
N LYS A 11 0.07 3.23 -15.50
CA LYS A 11 1.08 3.80 -16.38
C LYS A 11 2.48 3.30 -16.01
N ASP A 12 3.52 4.06 -16.38
CA ASP A 12 4.88 3.66 -16.07
C ASP A 12 5.69 4.82 -15.48
N GLY A 13 4.99 5.83 -14.97
CA GLY A 13 5.67 6.98 -14.40
C GLY A 13 5.63 6.99 -12.88
N ALA A 14 5.88 8.16 -12.29
CA ALA A 14 5.88 8.30 -10.84
C ALA A 14 4.47 8.11 -10.26
N VAL A 15 4.33 8.41 -8.97
CA VAL A 15 3.03 8.32 -8.32
C VAL A 15 2.09 9.40 -8.87
N GLU A 16 0.78 9.11 -8.88
CA GLU A 16 -0.20 10.08 -9.33
C GLU A 16 -1.40 10.08 -8.39
N ALA A 17 -2.22 11.13 -8.50
CA ALA A 17 -3.39 11.33 -7.64
C ALA A 17 -3.85 10.02 -6.97
N GLU A 18 -4.47 9.12 -7.74
CA GLU A 18 -4.95 7.86 -7.19
C GLU A 18 -4.27 6.65 -7.84
N ASP A 19 -2.99 6.45 -7.53
CA ASP A 19 -2.22 5.36 -8.11
C ASP A 19 -2.10 4.15 -7.18
N ARG A 20 -1.33 3.16 -7.61
CA ARG A 20 -1.09 1.95 -6.84
C ARG A 20 0.36 1.51 -7.02
N VAL A 21 1.15 1.60 -5.95
CA VAL A 21 2.55 1.21 -5.98
C VAL A 21 2.75 -0.23 -5.54
N THR A 22 3.95 -0.75 -5.76
CA THR A 22 4.30 -2.10 -5.35
C THR A 22 5.42 -2.03 -4.32
N ILE A 23 5.13 -2.41 -3.08
CA ILE A 23 6.14 -2.35 -2.03
C ILE A 23 6.33 -3.68 -1.31
N ASP A 24 7.49 -3.82 -0.70
CA ASP A 24 7.85 -4.99 0.08
C ASP A 24 8.18 -4.54 1.50
N PHE A 25 7.47 -5.05 2.49
CA PHE A 25 7.74 -4.62 3.86
C PHE A 25 7.64 -5.76 4.86
N THR A 26 8.12 -5.49 6.06
CA THR A 26 8.11 -6.48 7.13
C THR A 26 8.11 -5.82 8.51
N GLY A 27 7.07 -6.10 9.31
CA GLY A 27 6.99 -5.52 10.64
C GLY A 27 5.89 -6.12 11.49
N SER A 28 5.85 -5.71 12.75
CA SER A 28 4.84 -6.17 13.71
C SER A 28 3.86 -5.05 14.03
N VAL A 29 3.04 -5.25 15.05
CA VAL A 29 2.06 -4.26 15.46
C VAL A 29 2.64 -3.38 16.59
N ASP A 30 2.18 -3.54 17.82
CA ASP A 30 2.73 -2.75 18.92
C ASP A 30 3.83 -3.54 19.60
N GLY A 31 4.62 -4.23 18.79
CA GLY A 31 5.69 -5.06 19.32
C GLY A 31 5.25 -6.50 19.44
N GLU A 32 4.05 -6.79 18.92
CA GLU A 32 3.48 -8.12 18.96
C GLU A 32 3.14 -8.60 17.56
N GLU A 33 2.52 -9.77 17.50
CA GLU A 33 2.15 -10.39 16.24
C GLU A 33 1.26 -9.49 15.40
N PHE A 34 1.72 -9.25 14.17
CA PHE A 34 0.98 -8.44 13.20
C PHE A 34 0.41 -9.34 12.12
N GLU A 35 -0.64 -8.87 11.45
CA GLU A 35 -1.27 -9.64 10.39
C GLU A 35 -0.35 -9.74 9.19
N GLY A 36 -0.21 -8.64 8.46
CA GLY A 36 0.67 -8.62 7.32
C GLY A 36 2.10 -8.35 7.76
N GLY A 37 2.56 -9.11 8.76
CA GLY A 37 3.89 -8.92 9.28
C GLY A 37 4.97 -9.03 8.22
N LYS A 38 4.64 -9.65 7.09
CA LYS A 38 5.59 -9.80 6.01
C LYS A 38 4.91 -9.68 4.66
N ALA A 39 5.29 -8.66 3.91
CA ALA A 39 4.73 -8.43 2.58
C ALA A 39 5.83 -8.14 1.57
N SER A 40 5.67 -8.69 0.37
CA SER A 40 6.65 -8.50 -0.67
C SER A 40 6.09 -7.65 -1.79
N ASP A 41 4.98 -8.10 -2.36
CA ASP A 41 4.27 -7.38 -3.38
C ASP A 41 3.05 -6.74 -2.75
N PHE A 42 3.26 -5.71 -1.96
CA PHE A 42 2.15 -5.01 -1.32
C PHE A 42 1.66 -3.92 -2.25
N VAL A 43 0.50 -4.13 -2.84
CA VAL A 43 -0.08 -3.17 -3.75
C VAL A 43 -0.81 -2.08 -2.98
N LEU A 44 -0.12 -0.96 -2.76
CA LEU A 44 -0.69 0.16 -2.04
C LEU A 44 -1.36 1.14 -3.00
N ALA A 45 -2.57 1.56 -2.65
CA ALA A 45 -3.33 2.49 -3.47
C ALA A 45 -3.14 3.94 -2.97
N MET A 46 -2.38 4.72 -3.71
CA MET A 46 -2.12 6.11 -3.33
C MET A 46 -3.34 6.99 -3.53
N GLY A 47 -4.18 7.05 -2.51
CA GLY A 47 -5.38 7.86 -2.57
C GLY A 47 -6.60 7.09 -3.00
N GLN A 48 -6.93 6.04 -2.25
CA GLN A 48 -8.08 5.21 -2.56
C GLN A 48 -9.08 5.25 -1.41
N GLY A 49 -8.67 4.73 -0.26
CA GLY A 49 -9.55 4.73 0.91
C GLY A 49 -9.23 5.86 1.86
N ARG A 50 -7.97 5.92 2.30
CA ARG A 50 -7.52 6.95 3.22
C ARG A 50 -6.07 6.70 3.63
N MET A 51 -5.17 6.72 2.66
CA MET A 51 -3.76 6.49 2.93
C MET A 51 -3.29 7.30 4.14
N ILE A 52 -2.88 6.59 5.18
CA ILE A 52 -2.40 7.21 6.40
C ILE A 52 -1.06 7.89 6.18
N PRO A 53 -0.63 8.75 7.13
CA PRO A 53 0.65 9.45 7.04
C PRO A 53 1.82 8.48 6.92
N GLY A 54 1.69 7.34 7.58
CA GLY A 54 2.73 6.34 7.55
C GLY A 54 3.07 5.90 6.14
N PHE A 55 2.07 5.37 5.44
CA PHE A 55 2.28 4.92 4.07
C PHE A 55 2.48 6.12 3.13
N GLU A 56 1.63 7.13 3.28
CA GLU A 56 1.74 8.33 2.44
C GLU A 56 3.14 8.94 2.54
N ASP A 57 3.87 8.56 3.58
CA ASP A 57 5.22 9.06 3.79
C ASP A 57 6.22 8.34 2.87
N GLY A 58 6.57 7.11 3.25
CA GLY A 58 7.54 6.35 2.47
C GLY A 58 6.98 5.88 1.15
N ILE A 59 5.82 5.24 1.18
CA ILE A 59 5.18 4.73 0.01
C ILE A 59 4.46 5.83 -0.77
N LYS A 60 5.08 6.99 -0.77
CA LYS A 60 4.55 8.11 -1.54
C LYS A 60 4.26 7.57 -2.94
N GLY A 61 5.31 6.99 -3.51
CA GLY A 61 5.28 6.47 -4.85
C GLY A 61 6.14 7.32 -5.74
N HIS A 62 7.33 7.61 -5.23
CA HIS A 62 8.29 8.46 -5.94
C HIS A 62 9.65 7.78 -6.10
N LYS A 63 9.95 6.80 -5.27
CA LYS A 63 11.23 6.10 -5.35
C LYS A 63 11.03 4.64 -5.69
N ALA A 64 10.90 4.35 -6.99
CA ALA A 64 10.73 2.98 -7.46
C ALA A 64 11.94 2.13 -7.05
N GLY A 65 11.79 1.37 -5.95
CA GLY A 65 12.88 0.53 -5.48
C GLY A 65 13.58 1.10 -4.27
N GLU A 66 12.81 1.71 -3.37
CA GLU A 66 13.36 2.32 -2.17
C GLU A 66 13.24 1.41 -0.95
N GLU A 67 13.99 1.74 0.10
CA GLU A 67 13.96 0.99 1.35
C GLU A 67 13.89 1.96 2.53
N PHE A 68 12.72 2.02 3.15
CA PHE A 68 12.48 2.93 4.26
C PHE A 68 11.65 2.26 5.35
N THR A 69 11.60 2.89 6.52
CA THR A 69 10.84 2.35 7.65
C THR A 69 9.83 3.38 8.16
N ILE A 70 8.55 3.03 8.12
CA ILE A 70 7.51 3.94 8.60
C ILE A 70 6.58 3.22 9.57
N ASP A 71 5.93 3.99 10.44
CA ASP A 71 4.94 3.45 11.35
C ASP A 71 3.57 3.71 10.76
N VAL A 72 2.64 2.79 10.86
CA VAL A 72 1.30 3.04 10.32
C VAL A 72 0.23 2.53 11.27
N THR A 73 -0.94 3.17 11.26
CA THR A 73 -2.04 2.77 12.12
C THR A 73 -3.35 3.12 11.44
N PHE A 74 -4.22 2.14 11.29
CA PHE A 74 -5.51 2.35 10.65
C PHE A 74 -6.54 2.91 11.62
N PRO A 75 -7.21 4.02 11.25
CA PRO A 75 -8.23 4.65 12.10
C PRO A 75 -9.45 3.78 12.29
N GLU A 76 -10.40 4.28 13.07
CA GLU A 76 -11.63 3.56 13.34
C GLU A 76 -12.60 3.63 12.14
N GLU A 77 -12.23 4.43 11.14
CA GLU A 77 -13.06 4.59 9.96
C GLU A 77 -12.73 3.51 8.93
N TYR A 78 -11.44 3.18 8.81
CA TYR A 78 -10.99 2.16 7.86
C TYR A 78 -11.62 0.82 8.20
N HIS A 79 -11.18 0.25 9.33
CA HIS A 79 -11.68 -1.02 9.82
C HIS A 79 -12.03 -2.00 8.70
N ALA A 80 -11.03 -2.47 7.96
CA ALA A 80 -11.24 -3.42 6.88
C ALA A 80 -11.24 -4.85 7.41
N GLU A 81 -11.99 -5.72 6.75
CA GLU A 81 -12.08 -7.13 7.15
C GLU A 81 -10.72 -7.82 7.19
N ASN A 82 -9.70 -7.19 6.60
CA ASN A 82 -8.36 -7.78 6.57
C ASN A 82 -7.47 -7.27 7.70
N LEU A 83 -7.40 -5.95 7.87
CA LEU A 83 -6.55 -5.36 8.90
C LEU A 83 -7.24 -4.24 9.68
N LYS A 84 -8.56 -4.29 9.75
CA LYS A 84 -9.34 -3.27 10.46
C LYS A 84 -8.62 -2.70 11.69
N GLY A 85 -8.46 -1.38 11.71
CA GLY A 85 -7.82 -0.69 12.83
C GLY A 85 -6.57 -1.37 13.34
N LYS A 86 -5.61 -1.61 12.43
CA LYS A 86 -4.36 -2.25 12.81
C LYS A 86 -3.24 -1.24 13.03
N ALA A 87 -3.05 -0.83 14.28
CA ALA A 87 -1.98 0.11 14.61
C ALA A 87 -0.66 -0.64 14.76
N ALA A 88 0.08 -0.75 13.66
CA ALA A 88 1.34 -1.49 13.67
C ALA A 88 2.51 -0.70 13.07
N LYS A 89 3.68 -1.32 13.09
CA LYS A 89 4.90 -0.72 12.54
C LYS A 89 5.51 -1.68 11.52
N PHE A 90 5.95 -1.15 10.38
CA PHE A 90 6.66 -1.97 9.38
C PHE A 90 7.80 -1.19 8.76
N ALA A 91 8.58 -1.89 7.94
CA ALA A 91 9.66 -1.28 7.20
C ALA A 91 9.42 -1.65 5.74
N ILE A 92 8.90 -0.69 4.98
CA ILE A 92 8.54 -0.93 3.60
C ILE A 92 9.67 -0.65 2.61
N ASN A 93 9.54 -1.23 1.42
CA ASN A 93 10.49 -1.05 0.34
C ASN A 93 9.72 -0.76 -0.95
N LEU A 94 9.72 0.49 -1.37
CA LEU A 94 9.00 0.90 -2.59
C LEU A 94 9.59 0.24 -3.83
N LYS A 95 8.76 0.07 -4.86
CA LYS A 95 9.21 -0.54 -6.11
C LYS A 95 8.37 -0.03 -7.29
N LYS A 96 7.51 -0.88 -7.84
CA LYS A 96 6.72 -0.50 -8.99
C LYS A 96 5.62 0.49 -8.64
N VAL A 97 5.84 1.76 -8.99
CA VAL A 97 4.87 2.82 -8.75
C VAL A 97 4.32 3.30 -10.09
N GLU A 98 3.07 2.96 -10.37
CA GLU A 98 2.43 3.35 -11.63
C GLU A 98 1.06 3.97 -11.39
N GLU A 99 0.46 4.54 -12.44
CA GLU A 99 -0.84 5.20 -12.33
C GLU A 99 -1.99 4.25 -12.63
N ARG A 100 -2.47 3.58 -11.59
CA ARG A 100 -3.59 2.65 -11.71
C ARG A 100 -4.89 3.37 -12.04
N GLU A 101 -5.92 2.59 -12.31
CA GLU A 101 -7.25 3.14 -12.62
C GLU A 101 -8.24 2.02 -12.93
N LEU A 102 -8.80 1.42 -11.89
CA LEU A 102 -9.76 0.34 -12.04
C LEU A 102 -11.13 0.90 -12.44
N PRO A 103 -11.73 0.39 -13.53
CA PRO A 103 -13.04 0.87 -13.99
C PRO A 103 -14.16 0.45 -13.06
N GLU A 104 -14.67 1.42 -12.28
CA GLU A 104 -15.75 1.15 -11.34
C GLU A 104 -17.09 1.01 -12.08
N LEU A 105 -17.22 1.73 -13.18
CA LEU A 105 -18.44 1.68 -13.98
C LEU A 105 -18.22 0.88 -15.26
N THR A 106 -19.18 0.03 -15.59
CA THR A 106 -19.10 -0.80 -16.78
C THR A 106 -20.47 -1.08 -17.36
N GLY A 1 -18.15 -15.61 -20.98
CA GLY A 1 -16.73 -15.27 -20.65
C GLY A 1 -16.39 -15.56 -19.20
N SER A 2 -15.16 -15.22 -18.81
CA SER A 2 -14.70 -15.44 -17.45
C SER A 2 -13.37 -14.75 -17.20
N HIS A 3 -13.07 -14.47 -15.93
CA HIS A 3 -11.82 -13.81 -15.58
C HIS A 3 -11.36 -14.22 -14.18
N MET A 4 -10.09 -14.61 -14.07
CA MET A 4 -9.52 -15.03 -12.81
C MET A 4 -8.34 -14.15 -12.42
N GLN A 5 -7.52 -13.80 -13.41
CA GLN A 5 -6.34 -12.97 -13.18
C GLN A 5 -6.72 -11.50 -13.13
N ALA A 6 -5.98 -10.73 -12.34
CA ALA A 6 -6.23 -9.30 -12.21
C ALA A 6 -5.53 -8.53 -13.32
N THR A 7 -6.15 -7.45 -13.77
CA THR A 7 -5.58 -6.61 -14.83
C THR A 7 -5.47 -5.16 -14.37
N TRP A 8 -4.59 -4.42 -15.05
CA TRP A 8 -4.38 -3.01 -14.72
C TRP A 8 -4.24 -2.16 -15.98
N LYS A 9 -4.06 -0.85 -15.77
CA LYS A 9 -3.89 0.09 -16.87
C LYS A 9 -2.93 1.21 -16.47
N GLU A 10 -2.19 0.99 -15.38
CA GLU A 10 -1.25 1.97 -14.88
C GLU A 10 -0.02 2.11 -15.78
N LYS A 11 0.40 3.35 -16.00
CA LYS A 11 1.56 3.65 -16.83
C LYS A 11 2.84 3.13 -16.18
N ASP A 12 3.98 3.76 -16.48
CA ASP A 12 5.25 3.33 -15.90
C ASP A 12 6.02 4.52 -15.33
N GLY A 13 5.32 5.60 -15.02
CA GLY A 13 5.95 6.77 -14.48
C GLY A 13 5.90 6.82 -12.96
N ALA A 14 6.14 8.00 -12.39
CA ALA A 14 6.12 8.16 -10.94
C ALA A 14 4.71 8.04 -10.38
N VAL A 15 4.57 8.32 -9.08
CA VAL A 15 3.26 8.29 -8.44
C VAL A 15 2.38 9.41 -8.95
N GLU A 16 1.07 9.20 -8.95
CA GLU A 16 0.13 10.23 -9.40
C GLU A 16 -1.05 10.29 -8.43
N ALA A 17 -1.80 11.38 -8.51
CA ALA A 17 -2.94 11.62 -7.63
C ALA A 17 -3.46 10.33 -6.98
N GLU A 18 -4.16 9.49 -7.74
CA GLU A 18 -4.72 8.25 -7.19
C GLU A 18 -4.14 7.01 -7.87
N ASP A 19 -2.88 6.68 -7.56
CA ASP A 19 -2.20 5.53 -8.16
C ASP A 19 -2.17 4.32 -7.21
N ARG A 20 -1.38 3.30 -7.61
CA ARG A 20 -1.20 2.07 -6.83
C ARG A 20 0.23 1.58 -7.01
N VAL A 21 1.03 1.64 -5.95
CA VAL A 21 2.43 1.18 -6.01
C VAL A 21 2.57 -0.27 -5.56
N THR A 22 3.78 -0.82 -5.72
CA THR A 22 4.07 -2.18 -5.29
C THR A 22 5.18 -2.14 -4.26
N ILE A 23 4.87 -2.47 -3.01
CA ILE A 23 5.86 -2.42 -1.94
C ILE A 23 5.96 -3.72 -1.17
N ASP A 24 7.13 -3.95 -0.59
CA ASP A 24 7.40 -5.12 0.24
C ASP A 24 7.85 -4.62 1.62
N PHE A 25 7.17 -5.03 2.69
CA PHE A 25 7.53 -4.55 4.01
C PHE A 25 7.43 -5.60 5.10
N THR A 26 7.99 -5.28 6.26
CA THR A 26 7.98 -6.18 7.41
C THR A 26 7.99 -5.40 8.72
N GLY A 27 6.92 -5.55 9.51
CA GLY A 27 6.86 -4.85 10.78
C GLY A 27 5.89 -5.47 11.77
N SER A 28 5.91 -4.98 13.00
CA SER A 28 5.04 -5.49 14.06
C SER A 28 3.98 -4.47 14.44
N VAL A 29 3.04 -4.90 15.27
CA VAL A 29 1.97 -4.04 15.75
C VAL A 29 2.07 -3.81 17.25
N ASP A 30 1.79 -4.84 18.04
CA ASP A 30 1.88 -4.73 19.49
C ASP A 30 3.23 -5.26 19.97
N GLY A 31 4.28 -4.97 19.20
CA GLY A 31 5.60 -5.42 19.56
C GLY A 31 5.96 -6.71 18.82
N GLU A 32 4.96 -7.34 18.22
CA GLU A 32 5.17 -8.57 17.48
C GLU A 32 4.42 -8.53 16.15
N GLU A 33 5.12 -8.85 15.06
CA GLU A 33 4.53 -8.85 13.74
C GLU A 33 3.38 -9.82 13.65
N PHE A 34 2.21 -9.30 13.30
CA PHE A 34 0.98 -10.09 13.20
C PHE A 34 0.88 -10.78 11.84
N GLU A 35 -0.30 -10.73 11.25
CA GLU A 35 -0.56 -11.33 9.94
C GLU A 35 0.16 -10.55 8.85
N GLY A 36 -0.16 -9.26 8.77
CA GLY A 36 0.45 -8.39 7.77
C GLY A 36 1.83 -7.91 8.18
N GLY A 37 2.34 -8.45 9.28
CA GLY A 37 3.66 -8.05 9.74
C GLY A 37 4.75 -8.27 8.71
N LYS A 38 4.40 -8.94 7.61
CA LYS A 38 5.37 -9.20 6.55
C LYS A 38 4.67 -9.23 5.19
N ALA A 39 5.06 -8.33 4.31
CA ALA A 39 4.47 -8.25 2.98
C ALA A 39 5.56 -8.11 1.93
N SER A 40 5.33 -8.70 0.76
CA SER A 40 6.29 -8.65 -0.32
C SER A 40 5.74 -7.89 -1.51
N ASP A 41 4.62 -8.35 -2.04
CA ASP A 41 3.95 -7.68 -3.14
C ASP A 41 2.74 -6.94 -2.59
N PHE A 42 2.98 -5.87 -1.86
CA PHE A 42 1.89 -5.09 -1.29
C PHE A 42 1.49 -3.98 -2.26
N VAL A 43 0.32 -4.13 -2.87
CA VAL A 43 -0.17 -3.15 -3.81
C VAL A 43 -0.94 -2.05 -3.10
N LEU A 44 -0.25 -0.95 -2.83
CA LEU A 44 -0.83 0.19 -2.14
C LEU A 44 -1.44 1.17 -3.12
N ALA A 45 -2.57 1.77 -2.73
CA ALA A 45 -3.25 2.74 -3.57
C ALA A 45 -3.02 4.16 -3.08
N MET A 46 -2.18 4.92 -3.78
CA MET A 46 -1.90 6.29 -3.39
C MET A 46 -3.13 7.17 -3.57
N GLY A 47 -4.06 7.05 -2.62
CA GLY A 47 -5.28 7.84 -2.66
C GLY A 47 -6.48 7.04 -3.10
N GLN A 48 -6.97 6.17 -2.22
CA GLN A 48 -8.13 5.35 -2.52
C GLN A 48 -9.16 5.46 -1.39
N GLY A 49 -8.81 4.88 -0.24
CA GLY A 49 -9.69 4.93 0.90
C GLY A 49 -9.34 6.07 1.83
N ARG A 50 -8.07 6.12 2.23
CA ARG A 50 -7.57 7.17 3.12
C ARG A 50 -6.11 6.94 3.48
N MET A 51 -5.23 7.10 2.50
CA MET A 51 -3.80 6.90 2.72
C MET A 51 -3.34 7.64 3.98
N ILE A 52 -3.01 6.88 5.01
CA ILE A 52 -2.56 7.45 6.27
C ILE A 52 -1.20 8.13 6.10
N PRO A 53 -0.82 9.00 7.05
CA PRO A 53 0.46 9.70 7.00
C PRO A 53 1.64 8.73 6.96
N GLY A 54 1.38 7.49 7.37
CA GLY A 54 2.42 6.49 7.37
C GLY A 54 2.78 6.00 5.99
N PHE A 55 1.81 5.44 5.28
CA PHE A 55 2.04 4.95 3.94
C PHE A 55 2.27 6.10 2.97
N GLU A 56 1.42 7.12 3.07
CA GLU A 56 1.53 8.29 2.21
C GLU A 56 2.93 8.90 2.30
N ASP A 57 3.64 8.58 3.39
CA ASP A 57 4.99 9.09 3.60
C ASP A 57 6.01 8.31 2.76
N GLY A 58 6.37 7.12 3.22
CA GLY A 58 7.35 6.32 2.52
C GLY A 58 6.85 5.87 1.17
N ILE A 59 5.67 5.25 1.17
CA ILE A 59 5.06 4.75 -0.04
C ILE A 59 4.37 5.86 -0.82
N LYS A 60 5.02 7.01 -0.82
CA LYS A 60 4.51 8.13 -1.59
C LYS A 60 4.31 7.61 -3.01
N GLY A 61 5.35 6.97 -3.51
CA GLY A 61 5.35 6.42 -4.86
C GLY A 61 6.29 7.21 -5.74
N HIS A 62 7.41 7.59 -5.14
CA HIS A 62 8.42 8.38 -5.84
C HIS A 62 9.80 7.73 -5.78
N LYS A 63 9.85 6.49 -5.32
CA LYS A 63 11.12 5.77 -5.21
C LYS A 63 10.95 4.30 -5.59
N ALA A 64 10.90 4.03 -6.89
CA ALA A 64 10.78 2.66 -7.39
C ALA A 64 11.96 1.80 -6.95
N GLY A 65 11.80 1.06 -5.85
CA GLY A 65 12.86 0.19 -5.37
C GLY A 65 13.62 0.77 -4.18
N GLU A 66 12.93 1.53 -3.34
CA GLU A 66 13.54 2.12 -2.16
C GLU A 66 13.22 1.31 -0.91
N GLU A 67 14.09 1.40 0.10
CA GLU A 67 13.87 0.69 1.35
C GLU A 67 13.74 1.70 2.50
N PHE A 68 12.53 1.83 3.02
CA PHE A 68 12.27 2.79 4.11
C PHE A 68 11.39 2.17 5.19
N THR A 69 11.32 2.84 6.34
CA THR A 69 10.50 2.36 7.44
C THR A 69 9.57 3.46 7.92
N ILE A 70 8.27 3.16 7.98
CA ILE A 70 7.29 4.14 8.43
C ILE A 70 6.34 3.54 9.43
N ASP A 71 5.60 4.40 10.11
CA ASP A 71 4.62 3.95 11.08
C ASP A 71 3.27 3.89 10.39
N VAL A 72 2.42 2.96 10.80
CA VAL A 72 1.10 2.86 10.19
C VAL A 72 0.07 2.41 11.21
N THR A 73 -1.06 3.08 11.23
CA THR A 73 -2.15 2.75 12.14
C THR A 73 -3.47 3.08 11.45
N PHE A 74 -4.34 2.10 11.32
CA PHE A 74 -5.62 2.30 10.66
C PHE A 74 -6.66 2.85 11.63
N PRO A 75 -7.31 3.97 11.26
CA PRO A 75 -8.32 4.61 12.11
C PRO A 75 -9.57 3.74 12.29
N GLU A 76 -10.51 4.23 13.09
CA GLU A 76 -11.76 3.52 13.34
C GLU A 76 -12.68 3.56 12.13
N GLU A 77 -12.37 4.44 11.18
CA GLU A 77 -13.19 4.58 9.98
C GLU A 77 -12.78 3.57 8.90
N TYR A 78 -11.49 3.23 8.88
CA TYR A 78 -10.97 2.26 7.91
C TYR A 78 -11.52 0.87 8.21
N HIS A 79 -11.05 0.31 9.32
CA HIS A 79 -11.47 -1.02 9.77
C HIS A 79 -11.72 -2.00 8.62
N ALA A 80 -10.64 -2.49 8.02
CA ALA A 80 -10.74 -3.46 6.93
C ALA A 80 -10.88 -4.88 7.48
N GLU A 81 -11.65 -5.71 6.79
CA GLU A 81 -11.89 -7.08 7.22
C GLU A 81 -10.60 -7.84 7.55
N ASN A 82 -9.48 -7.47 6.93
CA ASN A 82 -8.23 -8.17 7.15
C ASN A 82 -7.34 -7.53 8.22
N LEU A 83 -7.31 -6.20 8.30
CA LEU A 83 -6.45 -5.52 9.27
C LEU A 83 -7.16 -4.38 10.01
N LYS A 84 -8.48 -4.38 9.96
CA LYS A 84 -9.28 -3.34 10.61
C LYS A 84 -8.66 -2.82 11.91
N GLY A 85 -8.43 -1.51 11.96
CA GLY A 85 -7.86 -0.87 13.14
C GLY A 85 -6.56 -1.50 13.60
N LYS A 86 -5.60 -1.64 12.68
CA LYS A 86 -4.31 -2.22 13.03
C LYS A 86 -3.24 -1.16 13.27
N ALA A 87 -3.12 -0.72 14.53
CA ALA A 87 -2.10 0.26 14.88
C ALA A 87 -0.76 -0.44 14.99
N ALA A 88 0.04 -0.38 13.93
CA ALA A 88 1.33 -1.06 13.91
C ALA A 88 2.47 -0.22 13.35
N LYS A 89 3.60 -0.90 13.19
CA LYS A 89 4.81 -0.33 12.65
C LYS A 89 5.26 -1.20 11.48
N PHE A 90 5.74 -0.60 10.40
CA PHE A 90 6.22 -1.37 9.25
C PHE A 90 7.52 -0.81 8.70
N ALA A 91 8.27 -1.67 8.00
CA ALA A 91 9.49 -1.25 7.34
C ALA A 91 9.30 -1.68 5.90
N ILE A 92 9.01 -0.70 5.06
CA ILE A 92 8.67 -0.96 3.67
C ILE A 92 9.79 -0.68 2.66
N ASN A 93 9.63 -1.30 1.50
CA ASN A 93 10.54 -1.13 0.39
C ASN A 93 9.73 -0.95 -0.89
N LEU A 94 9.65 0.29 -1.38
CA LEU A 94 8.87 0.61 -2.58
C LEU A 94 9.46 -0.03 -3.82
N LYS A 95 8.63 -0.20 -4.85
CA LYS A 95 9.07 -0.79 -6.10
C LYS A 95 8.26 -0.26 -7.29
N LYS A 96 7.35 -1.07 -7.82
CA LYS A 96 6.57 -0.66 -8.98
C LYS A 96 5.50 0.37 -8.64
N VAL A 97 5.79 1.62 -8.98
CA VAL A 97 4.85 2.72 -8.76
C VAL A 97 4.34 3.23 -10.10
N GLU A 98 3.09 2.92 -10.40
CA GLU A 98 2.49 3.33 -11.67
C GLU A 98 1.21 4.14 -11.45
N GLU A 99 0.53 4.52 -12.53
CA GLU A 99 -0.70 5.30 -12.43
C GLU A 99 -1.92 4.48 -12.78
N ARG A 100 -2.48 3.81 -11.78
CA ARG A 100 -3.67 2.99 -11.97
C ARG A 100 -4.90 3.85 -12.19
N GLU A 101 -5.69 3.50 -13.21
CA GLU A 101 -6.90 4.23 -13.52
C GLU A 101 -7.87 3.35 -14.31
N LEU A 102 -8.50 2.40 -13.62
CA LEU A 102 -9.44 1.50 -14.24
C LEU A 102 -10.76 2.21 -14.57
N PRO A 103 -11.38 2.86 -13.57
CA PRO A 103 -12.64 3.57 -13.78
C PRO A 103 -12.46 4.84 -14.61
N GLU A 104 -12.93 4.80 -15.85
CA GLU A 104 -12.82 5.94 -16.75
C GLU A 104 -14.05 6.84 -16.64
N LEU A 105 -13.80 8.13 -16.48
CA LEU A 105 -14.89 9.11 -16.37
C LEU A 105 -15.03 9.93 -17.63
N THR A 106 -16.02 10.82 -17.65
CA THR A 106 -16.26 11.68 -18.81
C THR A 106 -17.10 12.89 -18.41
N GLY A 1 0.51 -17.72 -11.26
CA GLY A 1 0.09 -17.02 -10.02
C GLY A 1 -0.87 -15.87 -10.29
N SER A 2 -0.65 -15.16 -11.39
CA SER A 2 -1.50 -14.04 -11.76
C SER A 2 -2.64 -14.50 -12.67
N HIS A 3 -3.65 -13.64 -12.81
CA HIS A 3 -4.80 -13.94 -13.65
C HIS A 3 -5.36 -12.67 -14.28
N MET A 4 -6.41 -12.81 -15.09
CA MET A 4 -7.03 -11.67 -15.74
C MET A 4 -8.31 -11.25 -15.03
N GLN A 5 -8.30 -11.35 -13.70
CA GLN A 5 -9.46 -10.98 -12.90
C GLN A 5 -9.54 -9.48 -12.71
N ALA A 6 -8.51 -8.91 -12.09
CA ALA A 6 -8.45 -7.48 -11.84
C ALA A 6 -8.02 -6.72 -13.10
N THR A 7 -8.45 -5.48 -13.21
CA THR A 7 -8.11 -4.65 -14.37
C THR A 7 -7.24 -3.47 -13.95
N TRP A 8 -6.20 -3.22 -14.72
CA TRP A 8 -5.29 -2.12 -14.43
C TRP A 8 -4.85 -1.39 -15.71
N LYS A 9 -4.50 -0.12 -15.57
CA LYS A 9 -4.05 0.69 -16.68
C LYS A 9 -3.01 1.70 -16.22
N GLU A 10 -2.22 1.29 -15.24
CA GLU A 10 -1.20 2.16 -14.68
C GLU A 10 -0.05 2.41 -15.65
N LYS A 11 0.34 3.67 -15.77
CA LYS A 11 1.41 4.08 -16.66
C LYS A 11 2.75 3.47 -16.24
N ASP A 12 3.86 4.07 -16.66
CA ASP A 12 5.18 3.57 -16.31
C ASP A 12 6.04 4.65 -15.68
N GLY A 13 5.39 5.69 -15.13
CA GLY A 13 6.12 6.77 -14.51
C GLY A 13 6.04 6.74 -12.99
N ALA A 14 6.26 7.90 -12.36
CA ALA A 14 6.22 7.99 -10.91
C ALA A 14 4.81 7.83 -10.38
N VAL A 15 4.63 8.13 -9.09
CA VAL A 15 3.32 8.08 -8.45
C VAL A 15 2.40 9.15 -9.03
N GLU A 16 1.11 8.91 -8.98
CA GLU A 16 0.15 9.90 -9.49
C GLU A 16 -1.00 10.06 -8.49
N ALA A 17 -1.71 11.17 -8.60
CA ALA A 17 -2.83 11.49 -7.70
C ALA A 17 -3.39 10.24 -7.01
N GLU A 18 -4.13 9.43 -7.74
CA GLU A 18 -4.71 8.21 -7.16
C GLU A 18 -4.17 6.96 -7.86
N ASP A 19 -2.88 6.70 -7.65
CA ASP A 19 -2.23 5.54 -8.27
C ASP A 19 -2.08 4.35 -7.31
N ARG A 20 -1.26 3.38 -7.71
CA ARG A 20 -1.01 2.18 -6.91
C ARG A 20 0.42 1.68 -7.11
N VAL A 21 1.22 1.72 -6.05
CA VAL A 21 2.59 1.25 -6.12
C VAL A 21 2.72 -0.21 -5.68
N THR A 22 3.91 -0.77 -5.78
CA THR A 22 4.18 -2.14 -5.35
C THR A 22 5.27 -2.10 -4.30
N ILE A 23 4.93 -2.47 -3.06
CA ILE A 23 5.90 -2.41 -1.97
C ILE A 23 5.98 -3.71 -1.16
N ASP A 24 7.17 -3.95 -0.60
CA ASP A 24 7.41 -5.11 0.25
C ASP A 24 7.90 -4.62 1.62
N PHE A 25 7.23 -5.03 2.69
CA PHE A 25 7.61 -4.56 4.02
C PHE A 25 7.50 -5.63 5.09
N THR A 26 8.02 -5.31 6.27
CA THR A 26 7.98 -6.21 7.42
C THR A 26 7.96 -5.43 8.73
N GLY A 27 6.88 -5.57 9.49
CA GLY A 27 6.76 -4.85 10.75
C GLY A 27 5.77 -5.48 11.72
N SER A 28 5.79 -5.00 12.96
CA SER A 28 4.90 -5.51 14.00
C SER A 28 3.84 -4.49 14.38
N VAL A 29 2.82 -4.95 15.11
CA VAL A 29 1.75 -4.08 15.57
C VAL A 29 2.01 -3.59 17.00
N ASP A 30 1.59 -4.36 18.00
CA ASP A 30 1.82 -3.98 19.38
C ASP A 30 3.10 -4.63 19.91
N GLY A 31 4.14 -4.60 19.08
CA GLY A 31 5.41 -5.20 19.45
C GLY A 31 5.56 -6.61 18.93
N GLU A 32 4.49 -7.14 18.33
CA GLU A 32 4.51 -8.50 17.78
C GLU A 32 3.90 -8.51 16.37
N GLU A 33 4.71 -8.84 15.38
CA GLU A 33 4.27 -8.87 14.01
C GLU A 33 3.15 -9.88 13.82
N PHE A 34 1.99 -9.37 13.47
CA PHE A 34 0.79 -10.21 13.28
C PHE A 34 0.74 -10.86 11.90
N GLU A 35 -0.41 -10.80 11.27
CA GLU A 35 -0.61 -11.38 9.94
C GLU A 35 0.15 -10.57 8.89
N GLY A 36 -0.14 -9.28 8.82
CA GLY A 36 0.52 -8.42 7.86
C GLY A 36 1.90 -7.98 8.30
N GLY A 37 2.45 -8.68 9.29
CA GLY A 37 3.78 -8.33 9.77
C GLY A 37 4.85 -8.45 8.71
N LYS A 38 4.50 -9.04 7.56
CA LYS A 38 5.45 -9.18 6.47
C LYS A 38 4.72 -9.20 5.12
N ALA A 39 5.11 -8.29 4.25
CA ALA A 39 4.52 -8.18 2.92
C ALA A 39 5.61 -8.06 1.87
N SER A 40 5.37 -8.64 0.70
CA SER A 40 6.33 -8.60 -0.39
C SER A 40 5.78 -7.82 -1.57
N ASP A 41 4.66 -8.30 -2.11
CA ASP A 41 3.99 -7.62 -3.20
C ASP A 41 2.78 -6.89 -2.64
N PHE A 42 3.01 -5.83 -1.90
CA PHE A 42 1.91 -5.06 -1.33
C PHE A 42 1.53 -3.92 -2.26
N VAL A 43 0.43 -4.09 -2.96
CA VAL A 43 -0.05 -3.09 -3.89
C VAL A 43 -0.77 -1.96 -3.14
N LEU A 44 -0.05 -0.87 -2.90
CA LEU A 44 -0.61 0.26 -2.19
C LEU A 44 -1.27 1.25 -3.14
N ALA A 45 -2.46 1.71 -2.77
CA ALA A 45 -3.21 2.66 -3.59
C ALA A 45 -3.04 4.08 -3.08
N MET A 46 -2.23 4.88 -3.79
CA MET A 46 -2.00 6.25 -3.39
C MET A 46 -3.24 7.11 -3.63
N GLY A 47 -4.16 7.04 -2.67
CA GLY A 47 -5.40 7.80 -2.76
C GLY A 47 -6.58 6.94 -3.14
N GLN A 48 -6.97 6.04 -2.25
CA GLN A 48 -8.10 5.15 -2.50
C GLN A 48 -9.14 5.29 -1.39
N GLY A 49 -8.79 4.82 -0.19
CA GLY A 49 -9.69 4.90 0.94
C GLY A 49 -9.35 6.07 1.85
N ARG A 50 -8.11 6.08 2.34
CA ARG A 50 -7.64 7.13 3.23
C ARG A 50 -6.18 6.91 3.58
N MET A 51 -5.30 7.06 2.58
CA MET A 51 -3.87 6.87 2.79
C MET A 51 -3.40 7.62 4.03
N ILE A 52 -3.04 6.87 5.06
CA ILE A 52 -2.55 7.45 6.30
C ILE A 52 -1.19 8.09 6.10
N PRO A 53 -0.77 8.99 7.00
CA PRO A 53 0.54 9.65 6.90
C PRO A 53 1.67 8.65 6.87
N GLY A 54 1.39 7.44 7.37
CA GLY A 54 2.39 6.40 7.39
C GLY A 54 2.77 5.94 6.00
N PHE A 55 1.80 5.36 5.30
CA PHE A 55 2.03 4.87 3.96
C PHE A 55 2.24 6.04 3.00
N GLU A 56 1.37 7.03 3.12
CA GLU A 56 1.43 8.22 2.28
C GLU A 56 2.81 8.85 2.33
N ASP A 57 3.56 8.57 3.39
CA ASP A 57 4.90 9.13 3.55
C ASP A 57 5.94 8.35 2.75
N GLY A 58 6.30 7.16 3.23
CA GLY A 58 7.31 6.36 2.56
C GLY A 58 6.85 5.90 1.20
N ILE A 59 5.72 5.22 1.18
CA ILE A 59 5.13 4.71 -0.03
C ILE A 59 4.45 5.82 -0.81
N LYS A 60 5.11 6.97 -0.80
CA LYS A 60 4.64 8.10 -1.57
C LYS A 60 4.40 7.59 -2.98
N GLY A 61 5.46 6.95 -3.50
CA GLY A 61 5.46 6.42 -4.83
C GLY A 61 6.37 7.24 -5.71
N HIS A 62 7.51 7.59 -5.12
CA HIS A 62 8.51 8.41 -5.81
C HIS A 62 9.91 7.79 -5.76
N LYS A 63 9.97 6.51 -5.39
CA LYS A 63 11.25 5.81 -5.31
C LYS A 63 11.08 4.34 -5.69
N ALA A 64 11.01 4.08 -6.99
CA ALA A 64 10.86 2.72 -7.50
C ALA A 64 12.04 1.83 -7.08
N GLY A 65 11.84 1.05 -6.03
CA GLY A 65 12.89 0.16 -5.55
C GLY A 65 13.65 0.72 -4.37
N GLU A 66 12.94 1.44 -3.50
CA GLU A 66 13.54 2.04 -2.31
C GLU A 66 13.29 1.19 -1.08
N GLU A 67 14.07 1.44 -0.02
CA GLU A 67 13.92 0.73 1.25
C GLU A 67 13.79 1.73 2.40
N PHE A 68 12.57 1.88 2.92
CA PHE A 68 12.31 2.83 4.00
C PHE A 68 11.43 2.23 5.08
N THR A 69 11.36 2.90 6.22
CA THR A 69 10.55 2.43 7.33
C THR A 69 9.60 3.52 7.82
N ILE A 70 8.31 3.20 7.90
CA ILE A 70 7.33 4.17 8.35
C ILE A 70 6.37 3.53 9.35
N ASP A 71 5.63 4.38 10.06
CA ASP A 71 4.65 3.90 11.01
C ASP A 71 3.29 3.85 10.33
N VAL A 72 2.43 2.93 10.73
CA VAL A 72 1.10 2.85 10.15
C VAL A 72 0.08 2.39 11.18
N THR A 73 -1.07 3.07 11.20
CA THR A 73 -2.13 2.72 12.13
C THR A 73 -3.46 3.09 11.49
N PHE A 74 -4.36 2.13 11.36
CA PHE A 74 -5.65 2.38 10.74
C PHE A 74 -6.65 2.93 11.76
N PRO A 75 -7.34 4.04 11.40
CA PRO A 75 -8.32 4.67 12.30
C PRO A 75 -9.53 3.79 12.53
N GLU A 76 -10.46 4.30 13.34
CA GLU A 76 -11.69 3.57 13.65
C GLU A 76 -12.68 3.64 12.49
N GLU A 77 -12.33 4.37 11.43
CA GLU A 77 -13.20 4.51 10.27
C GLU A 77 -12.87 3.45 9.22
N TYR A 78 -11.59 3.13 9.09
CA TYR A 78 -11.13 2.13 8.13
C TYR A 78 -11.69 0.76 8.47
N HIS A 79 -11.17 0.16 9.54
CA HIS A 79 -11.60 -1.15 10.01
C HIS A 79 -11.88 -2.13 8.87
N ALA A 80 -10.82 -2.58 8.19
CA ALA A 80 -10.95 -3.55 7.10
C ALA A 80 -11.06 -4.97 7.64
N GLU A 81 -11.82 -5.80 6.94
CA GLU A 81 -12.03 -7.19 7.35
C GLU A 81 -10.73 -7.93 7.66
N ASN A 82 -9.65 -7.56 7.00
CA ASN A 82 -8.37 -8.25 7.20
C ASN A 82 -7.45 -7.59 8.23
N LEU A 83 -7.48 -6.25 8.31
CA LEU A 83 -6.58 -5.55 9.24
C LEU A 83 -7.28 -4.45 10.02
N LYS A 84 -8.60 -4.45 10.01
CA LYS A 84 -9.39 -3.43 10.72
C LYS A 84 -8.69 -2.91 11.98
N GLY A 85 -8.48 -1.59 12.02
CA GLY A 85 -7.83 -0.96 13.15
C GLY A 85 -6.50 -1.59 13.52
N LYS A 86 -5.58 -1.63 12.57
CA LYS A 86 -4.27 -2.22 12.82
C LYS A 86 -3.21 -1.16 13.12
N ALA A 87 -3.11 -0.78 14.40
CA ALA A 87 -2.11 0.19 14.81
C ALA A 87 -0.76 -0.51 14.89
N ALA A 88 0.07 -0.35 13.85
CA ALA A 88 1.35 -1.05 13.82
C ALA A 88 2.50 -0.20 13.28
N LYS A 89 3.63 -0.88 13.11
CA LYS A 89 4.86 -0.30 12.59
C LYS A 89 5.33 -1.16 11.44
N PHE A 90 5.81 -0.55 10.35
CA PHE A 90 6.32 -1.35 9.22
C PHE A 90 7.61 -0.77 8.66
N ALA A 91 8.38 -1.62 7.99
CA ALA A 91 9.60 -1.21 7.33
C ALA A 91 9.42 -1.67 5.89
N ILE A 92 9.13 -0.70 5.02
CA ILE A 92 8.80 -1.00 3.64
C ILE A 92 9.91 -0.73 2.62
N ASN A 93 9.72 -1.33 1.44
CA ASN A 93 10.63 -1.19 0.32
C ASN A 93 9.80 -0.96 -0.95
N LEU A 94 9.77 0.28 -1.44
CA LEU A 94 8.99 0.62 -2.63
C LEU A 94 9.56 -0.02 -3.89
N LYS A 95 8.70 -0.20 -4.89
CA LYS A 95 9.12 -0.79 -6.16
C LYS A 95 8.31 -0.22 -7.33
N LYS A 96 7.42 -1.02 -7.90
CA LYS A 96 6.64 -0.58 -9.05
C LYS A 96 5.57 0.45 -8.68
N VAL A 97 5.86 1.71 -9.00
CA VAL A 97 4.94 2.81 -8.73
C VAL A 97 4.38 3.35 -10.06
N GLU A 98 3.11 3.09 -10.32
CA GLU A 98 2.47 3.54 -11.56
C GLU A 98 1.09 4.14 -11.28
N GLU A 99 0.48 4.79 -12.29
CA GLU A 99 -0.83 5.43 -12.13
C GLU A 99 -1.99 4.50 -12.50
N ARG A 100 -2.48 3.75 -11.52
CA ARG A 100 -3.61 2.84 -11.71
C ARG A 100 -4.89 3.61 -12.01
N GLU A 101 -5.92 2.88 -12.39
CA GLU A 101 -7.23 3.48 -12.67
C GLU A 101 -8.31 2.41 -12.75
N LEU A 102 -8.74 1.92 -11.59
CA LEU A 102 -9.77 0.89 -11.52
C LEU A 102 -11.16 1.49 -11.78
N PRO A 103 -11.94 0.89 -12.70
CA PRO A 103 -13.28 1.38 -13.02
C PRO A 103 -14.27 1.11 -11.90
N GLU A 104 -14.98 2.15 -11.48
CA GLU A 104 -15.97 2.02 -10.42
C GLU A 104 -17.32 1.57 -10.97
N LEU A 105 -17.85 2.34 -11.91
CA LEU A 105 -19.14 2.02 -12.52
C LEU A 105 -18.93 1.52 -13.95
N THR A 106 -20.03 1.08 -14.58
CA THR A 106 -19.97 0.57 -15.94
C THR A 106 -21.05 1.22 -16.80
N GLY A 1 -17.14 -22.61 -11.76
CA GLY A 1 -17.59 -21.20 -11.61
C GLY A 1 -16.99 -20.28 -12.66
N SER A 2 -16.98 -18.99 -12.37
CA SER A 2 -16.44 -18.00 -13.31
C SER A 2 -15.12 -17.44 -12.78
N HIS A 3 -14.21 -17.15 -13.71
CA HIS A 3 -12.90 -16.61 -13.34
C HIS A 3 -12.99 -15.10 -13.09
N MET A 4 -12.06 -14.60 -12.27
CA MET A 4 -12.03 -13.18 -11.95
C MET A 4 -10.61 -12.74 -11.58
N GLN A 5 -9.85 -12.33 -12.58
CA GLN A 5 -8.47 -11.89 -12.38
C GLN A 5 -8.40 -10.37 -12.25
N ALA A 6 -7.33 -9.89 -11.62
CA ALA A 6 -7.13 -8.45 -11.43
C ALA A 6 -6.74 -7.78 -12.74
N THR A 7 -7.19 -6.54 -12.92
CA THR A 7 -6.89 -5.79 -14.14
C THR A 7 -6.30 -4.43 -13.79
N TRP A 8 -5.34 -3.99 -14.60
CA TRP A 8 -4.68 -2.71 -14.37
C TRP A 8 -4.42 -1.97 -15.68
N LYS A 9 -4.19 -0.67 -15.57
CA LYS A 9 -3.92 0.18 -16.72
C LYS A 9 -2.95 1.29 -16.36
N GLU A 10 -2.23 1.08 -15.27
CA GLU A 10 -1.28 2.07 -14.77
C GLU A 10 -0.12 2.30 -15.73
N LYS A 11 0.31 3.56 -15.82
CA LYS A 11 1.42 3.94 -16.71
C LYS A 11 2.74 3.36 -16.19
N ASP A 12 3.86 4.01 -16.53
CA ASP A 12 5.17 3.53 -16.09
C ASP A 12 6.00 4.66 -15.49
N GLY A 13 5.33 5.71 -15.02
CA GLY A 13 6.03 6.83 -14.43
C GLY A 13 5.96 6.82 -12.91
N ALA A 14 6.21 7.98 -12.30
CA ALA A 14 6.18 8.10 -10.84
C ALA A 14 4.77 7.98 -10.29
N VAL A 15 4.63 8.26 -8.98
CA VAL A 15 3.32 8.25 -8.33
C VAL A 15 2.45 9.38 -8.85
N GLU A 16 1.14 9.18 -8.85
CA GLU A 16 0.21 10.21 -9.28
C GLU A 16 -0.97 10.29 -8.31
N ALA A 17 -1.70 11.40 -8.38
CA ALA A 17 -2.84 11.65 -7.48
C ALA A 17 -3.39 10.37 -6.84
N GLU A 18 -4.08 9.54 -7.62
CA GLU A 18 -4.65 8.30 -7.08
C GLU A 18 -4.06 7.07 -7.77
N ASP A 19 -2.81 6.78 -7.44
CA ASP A 19 -2.09 5.64 -8.03
C ASP A 19 -2.04 4.42 -7.11
N ARG A 20 -1.27 3.40 -7.53
CA ARG A 20 -1.09 2.18 -6.75
C ARG A 20 0.31 1.62 -6.97
N VAL A 21 1.16 1.70 -5.95
CA VAL A 21 2.53 1.20 -6.05
C VAL A 21 2.64 -0.25 -5.55
N THR A 22 3.82 -0.85 -5.74
CA THR A 22 4.08 -2.21 -5.29
C THR A 22 5.18 -2.17 -4.25
N ILE A 23 4.86 -2.53 -3.01
CA ILE A 23 5.85 -2.47 -1.95
C ILE A 23 5.93 -3.75 -1.11
N ASP A 24 7.12 -4.02 -0.57
CA ASP A 24 7.36 -5.17 0.29
C ASP A 24 7.81 -4.65 1.66
N PHE A 25 7.14 -5.06 2.73
CA PHE A 25 7.52 -4.57 4.06
C PHE A 25 7.41 -5.63 5.15
N THR A 26 7.96 -5.29 6.31
CA THR A 26 7.95 -6.20 7.46
C THR A 26 7.96 -5.40 8.77
N GLY A 27 6.88 -5.52 9.54
CA GLY A 27 6.79 -4.79 10.80
C GLY A 27 5.82 -5.42 11.79
N SER A 28 5.85 -4.92 13.02
CA SER A 28 4.99 -5.43 14.09
C SER A 28 3.89 -4.42 14.46
N VAL A 29 3.00 -4.86 15.35
CA VAL A 29 1.91 -4.01 15.81
C VAL A 29 1.99 -3.81 17.32
N ASP A 30 1.75 -4.86 18.09
CA ASP A 30 1.82 -4.78 19.54
C ASP A 30 3.18 -5.24 20.02
N GLY A 31 4.21 -4.90 19.25
CA GLY A 31 5.56 -5.31 19.58
C GLY A 31 5.97 -6.56 18.84
N GLU A 32 4.99 -7.26 18.28
CA GLU A 32 5.24 -8.49 17.54
C GLU A 32 4.45 -8.50 16.23
N GLU A 33 5.15 -8.81 15.14
CA GLU A 33 4.56 -8.84 13.82
C GLU A 33 3.40 -9.82 13.78
N PHE A 34 2.22 -9.30 13.45
CA PHE A 34 1.00 -10.09 13.38
C PHE A 34 0.86 -10.80 12.03
N GLU A 35 -0.32 -10.73 11.46
CA GLU A 35 -0.60 -11.32 10.16
C GLU A 35 0.12 -10.55 9.05
N GLY A 36 -0.13 -9.25 9.01
CA GLY A 36 0.49 -8.40 8.00
C GLY A 36 1.88 -7.97 8.39
N GLY A 37 2.44 -8.61 9.41
CA GLY A 37 3.78 -8.27 9.86
C GLY A 37 4.82 -8.40 8.76
N LYS A 38 4.42 -8.99 7.64
CA LYS A 38 5.33 -9.16 6.51
C LYS A 38 4.57 -9.11 5.19
N ALA A 39 5.10 -8.36 4.24
CA ALA A 39 4.48 -8.21 2.93
C ALA A 39 5.56 -8.11 1.87
N SER A 40 5.29 -8.68 0.70
CA SER A 40 6.24 -8.64 -0.40
C SER A 40 5.70 -7.84 -1.57
N ASP A 41 4.61 -8.29 -2.14
CA ASP A 41 3.96 -7.59 -3.22
C ASP A 41 2.73 -6.89 -2.66
N PHE A 42 2.94 -5.85 -1.88
CA PHE A 42 1.82 -5.11 -1.31
C PHE A 42 1.46 -3.95 -2.22
N VAL A 43 0.34 -4.10 -2.92
CA VAL A 43 -0.14 -3.07 -3.83
C VAL A 43 -0.84 -1.96 -3.07
N LEU A 44 -0.12 -0.86 -2.85
CA LEU A 44 -0.66 0.27 -2.11
C LEU A 44 -1.30 1.28 -3.04
N ALA A 45 -2.48 1.76 -2.66
CA ALA A 45 -3.20 2.74 -3.46
C ALA A 45 -3.00 4.16 -2.94
N MET A 46 -2.19 4.94 -3.64
CA MET A 46 -1.92 6.31 -3.24
C MET A 46 -3.16 7.19 -3.41
N GLY A 47 -4.08 7.09 -2.47
CA GLY A 47 -5.29 7.88 -2.52
C GLY A 47 -6.49 7.11 -3.06
N GLN A 48 -6.99 6.17 -2.27
CA GLN A 48 -8.15 5.38 -2.67
C GLN A 48 -9.23 5.44 -1.59
N GLY A 49 -8.93 4.89 -0.42
CA GLY A 49 -9.87 4.92 0.68
C GLY A 49 -9.57 6.02 1.67
N ARG A 50 -8.35 6.01 2.19
CA ARG A 50 -7.91 7.02 3.15
C ARG A 50 -6.46 6.76 3.56
N MET A 51 -5.55 6.86 2.58
CA MET A 51 -4.13 6.64 2.83
C MET A 51 -3.67 7.34 4.10
N ILE A 52 -3.29 6.56 5.10
CA ILE A 52 -2.83 7.12 6.37
C ILE A 52 -1.48 7.82 6.21
N PRO A 53 -1.17 8.78 7.10
CA PRO A 53 0.08 9.53 7.06
C PRO A 53 1.31 8.63 7.03
N GLY A 54 1.12 7.38 7.43
CA GLY A 54 2.23 6.43 7.44
C GLY A 54 2.62 5.95 6.06
N PHE A 55 1.67 5.37 5.35
CA PHE A 55 1.93 4.86 4.02
C PHE A 55 2.16 6.00 3.04
N GLU A 56 1.26 6.99 3.06
CA GLU A 56 1.37 8.13 2.17
C GLU A 56 2.74 8.79 2.29
N ASP A 57 3.45 8.51 3.37
CA ASP A 57 4.77 9.08 3.59
C ASP A 57 5.84 8.31 2.80
N GLY A 58 6.19 7.13 3.28
CA GLY A 58 7.20 6.33 2.61
C GLY A 58 6.77 5.86 1.25
N ILE A 59 5.63 5.19 1.22
CA ILE A 59 5.05 4.65 0.01
C ILE A 59 4.37 5.76 -0.78
N LYS A 60 5.02 6.90 -0.78
CA LYS A 60 4.58 8.03 -1.55
C LYS A 60 4.37 7.52 -2.97
N GLY A 61 5.43 6.90 -3.47
CA GLY A 61 5.46 6.37 -4.81
C GLY A 61 6.37 7.21 -5.66
N HIS A 62 7.51 7.55 -5.07
CA HIS A 62 8.51 8.39 -5.73
C HIS A 62 9.89 7.75 -5.73
N LYS A 63 9.96 6.48 -5.38
CA LYS A 63 11.23 5.76 -5.35
C LYS A 63 11.03 4.31 -5.77
N ALA A 64 10.98 4.08 -7.08
CA ALA A 64 10.81 2.73 -7.62
C ALA A 64 11.96 1.82 -7.19
N GLY A 65 11.73 1.02 -6.15
CA GLY A 65 12.76 0.11 -5.69
C GLY A 65 13.52 0.64 -4.48
N GLU A 66 12.81 1.32 -3.60
CA GLU A 66 13.40 1.90 -2.40
C GLU A 66 13.19 1.03 -1.17
N GLU A 67 13.89 1.37 -0.09
CA GLU A 67 13.79 0.64 1.18
C GLU A 67 13.70 1.64 2.33
N PHE A 68 12.49 1.82 2.87
CA PHE A 68 12.28 2.77 3.96
C PHE A 68 11.38 2.18 5.03
N THR A 69 11.32 2.84 6.18
CA THR A 69 10.49 2.37 7.28
C THR A 69 9.56 3.48 7.76
N ILE A 70 8.27 3.18 7.86
CA ILE A 70 7.30 4.17 8.30
C ILE A 70 6.38 3.58 9.34
N ASP A 71 5.63 4.45 10.01
CA ASP A 71 4.67 4.02 11.00
C ASP A 71 3.32 3.87 10.32
N VAL A 72 2.49 2.96 10.79
CA VAL A 72 1.18 2.76 10.18
C VAL A 72 0.15 2.37 11.22
N THR A 73 -0.98 3.06 11.19
CA THR A 73 -2.08 2.78 12.11
C THR A 73 -3.38 3.09 11.39
N PHE A 74 -4.25 2.10 11.30
CA PHE A 74 -5.52 2.27 10.62
C PHE A 74 -6.58 2.87 11.55
N PRO A 75 -7.25 3.95 11.11
CA PRO A 75 -8.28 4.62 11.91
C PRO A 75 -9.56 3.79 12.06
N GLU A 76 -10.54 4.36 12.75
CA GLU A 76 -11.82 3.70 12.97
C GLU A 76 -12.68 3.74 11.71
N GLU A 77 -12.23 4.51 10.72
CA GLU A 77 -12.98 4.64 9.46
C GLU A 77 -12.57 3.53 8.48
N TYR A 78 -11.29 3.19 8.50
CA TYR A 78 -10.76 2.14 7.62
C TYR A 78 -11.33 0.79 8.02
N HIS A 79 -10.90 0.30 9.18
CA HIS A 79 -11.35 -0.98 9.72
C HIS A 79 -11.59 -2.03 8.62
N ALA A 80 -10.52 -2.45 7.95
CA ALA A 80 -10.62 -3.45 6.90
C ALA A 80 -10.81 -4.84 7.50
N GLU A 81 -11.66 -5.64 6.88
CA GLU A 81 -11.95 -6.98 7.36
C GLU A 81 -10.68 -7.79 7.66
N ASN A 82 -9.57 -7.44 7.03
CA ASN A 82 -8.32 -8.17 7.23
C ASN A 82 -7.40 -7.55 8.28
N LEU A 83 -7.31 -6.22 8.33
CA LEU A 83 -6.42 -5.56 9.29
C LEU A 83 -7.09 -4.40 10.02
N LYS A 84 -8.41 -4.37 9.98
CA LYS A 84 -9.19 -3.31 10.63
C LYS A 84 -8.55 -2.77 11.92
N GLY A 85 -8.39 -1.45 11.96
CA GLY A 85 -7.82 -0.78 13.13
C GLY A 85 -6.51 -1.41 13.62
N LYS A 86 -5.55 -1.58 12.72
CA LYS A 86 -4.26 -2.16 13.10
C LYS A 86 -3.19 -1.09 13.32
N ALA A 87 -3.04 -0.63 14.56
CA ALA A 87 -2.02 0.35 14.89
C ALA A 87 -0.66 -0.35 15.01
N ALA A 88 0.13 -0.30 13.93
CA ALA A 88 1.42 -0.99 13.92
C ALA A 88 2.58 -0.15 13.37
N LYS A 89 3.70 -0.84 13.18
CA LYS A 89 4.92 -0.26 12.62
C LYS A 89 5.35 -1.14 11.46
N PHE A 90 5.82 -0.54 10.37
CA PHE A 90 6.27 -1.31 9.21
C PHE A 90 7.57 -0.77 8.64
N ALA A 91 8.34 -1.63 8.00
CA ALA A 91 9.56 -1.22 7.33
C ALA A 91 9.39 -1.69 5.89
N ILE A 92 9.09 -0.73 5.03
CA ILE A 92 8.75 -1.01 3.64
C ILE A 92 9.87 -0.76 2.63
N ASN A 93 9.67 -1.36 1.45
CA ASN A 93 10.58 -1.21 0.32
C ASN A 93 9.78 -0.98 -0.96
N LEU A 94 9.75 0.26 -1.44
CA LEU A 94 8.99 0.61 -2.64
C LEU A 94 9.55 -0.05 -3.89
N LYS A 95 8.68 -0.27 -4.89
CA LYS A 95 9.09 -0.89 -6.14
C LYS A 95 8.31 -0.32 -7.32
N LYS A 96 7.40 -1.10 -7.89
CA LYS A 96 6.64 -0.65 -9.05
C LYS A 96 5.57 0.37 -8.68
N VAL A 97 5.86 1.62 -8.99
CA VAL A 97 4.93 2.72 -8.74
C VAL A 97 4.38 3.24 -10.06
N GLU A 98 3.11 2.98 -10.34
CA GLU A 98 2.49 3.41 -11.59
C GLU A 98 1.14 4.11 -11.33
N GLU A 99 0.56 4.69 -12.40
CA GLU A 99 -0.71 5.40 -12.28
C GLU A 99 -1.91 4.51 -12.59
N ARG A 100 -2.39 3.82 -11.59
CA ARG A 100 -3.55 2.94 -11.72
C ARG A 100 -4.80 3.75 -12.05
N GLU A 101 -5.78 3.08 -12.64
CA GLU A 101 -7.04 3.71 -13.00
C GLU A 101 -8.08 2.66 -13.38
N LEU A 102 -8.56 1.93 -12.39
CA LEU A 102 -9.55 0.88 -12.63
C LEU A 102 -10.94 1.48 -12.82
N PRO A 103 -11.41 2.32 -11.90
CA PRO A 103 -12.74 2.94 -11.98
C PRO A 103 -12.86 3.87 -13.19
N GLU A 104 -13.74 3.51 -14.13
CA GLU A 104 -13.95 4.31 -15.32
C GLU A 104 -14.93 5.44 -15.07
N LEU A 105 -14.50 6.67 -15.30
CA LEU A 105 -15.34 7.85 -15.10
C LEU A 105 -15.81 8.42 -16.43
N THR A 106 -17.03 8.08 -16.82
CA THR A 106 -17.60 8.56 -18.07
C THR A 106 -18.77 9.50 -17.81
N GLY A 1 -21.66 -13.14 -13.26
CA GLY A 1 -20.82 -13.73 -12.19
C GLY A 1 -19.74 -12.78 -11.71
N SER A 2 -18.56 -13.32 -11.42
CA SER A 2 -17.45 -12.51 -10.95
C SER A 2 -16.12 -13.01 -11.52
N HIS A 3 -15.28 -12.09 -11.97
CA HIS A 3 -13.99 -12.45 -12.54
C HIS A 3 -13.04 -12.97 -11.46
N MET A 4 -11.86 -13.40 -11.87
CA MET A 4 -10.87 -13.92 -10.95
C MET A 4 -9.63 -13.02 -10.91
N GLN A 5 -9.04 -12.79 -12.07
CA GLN A 5 -7.85 -11.96 -12.17
C GLN A 5 -8.23 -10.48 -12.15
N ALA A 6 -7.40 -9.69 -11.48
CA ALA A 6 -7.65 -8.24 -11.39
C ALA A 6 -7.19 -7.53 -12.65
N THR A 7 -7.81 -6.40 -12.94
CA THR A 7 -7.47 -5.60 -14.13
C THR A 7 -6.80 -4.31 -13.73
N TRP A 8 -5.80 -3.89 -14.51
CA TRP A 8 -5.08 -2.67 -14.23
C TRP A 8 -4.72 -1.93 -15.53
N LYS A 9 -4.42 -0.64 -15.40
CA LYS A 9 -4.04 0.19 -16.53
C LYS A 9 -3.05 1.25 -16.10
N GLU A 10 -2.29 0.94 -15.05
CA GLU A 10 -1.32 1.88 -14.51
C GLU A 10 -0.19 2.17 -15.51
N LYS A 11 0.22 3.44 -15.58
CA LYS A 11 1.28 3.87 -16.48
C LYS A 11 2.62 3.24 -16.10
N ASP A 12 3.71 3.89 -16.52
CA ASP A 12 5.04 3.41 -16.21
C ASP A 12 5.91 4.52 -15.62
N GLY A 13 5.27 5.56 -15.10
CA GLY A 13 6.00 6.66 -14.51
C GLY A 13 5.90 6.69 -13.00
N ALA A 14 6.10 7.86 -12.42
CA ALA A 14 6.04 8.03 -10.96
C ALA A 14 4.63 7.86 -10.43
N VAL A 15 4.46 8.15 -9.14
CA VAL A 15 3.16 8.08 -8.49
C VAL A 15 2.24 9.17 -9.03
N GLU A 16 0.92 8.94 -8.98
CA GLU A 16 -0.04 9.94 -9.43
C GLU A 16 -1.18 10.05 -8.43
N ALA A 17 -1.89 11.18 -8.50
CA ALA A 17 -3.01 11.45 -7.58
C ALA A 17 -3.56 10.17 -6.96
N GLU A 18 -4.25 9.34 -7.75
CA GLU A 18 -4.82 8.10 -7.24
C GLU A 18 -4.24 6.87 -7.93
N ASP A 19 -2.95 6.62 -7.70
CA ASP A 19 -2.27 5.48 -8.32
C ASP A 19 -2.13 4.29 -7.36
N ARG A 20 -1.29 3.32 -7.75
CA ARG A 20 -1.04 2.13 -6.93
C ARG A 20 0.40 1.67 -7.09
N VAL A 21 1.16 1.72 -6.00
CA VAL A 21 2.55 1.29 -6.01
C VAL A 21 2.69 -0.17 -5.56
N THR A 22 3.91 -0.70 -5.68
CA THR A 22 4.20 -2.07 -5.24
C THR A 22 5.29 -2.02 -4.19
N ILE A 23 4.97 -2.38 -2.95
CA ILE A 23 5.95 -2.31 -1.88
C ILE A 23 6.06 -3.60 -1.08
N ASP A 24 7.25 -3.83 -0.54
CA ASP A 24 7.55 -4.99 0.29
C ASP A 24 7.91 -4.50 1.69
N PHE A 25 7.21 -4.97 2.72
CA PHE A 25 7.50 -4.52 4.07
C PHE A 25 7.39 -5.63 5.11
N THR A 26 7.92 -5.34 6.29
CA THR A 26 7.89 -6.29 7.40
C THR A 26 7.89 -5.56 8.74
N GLY A 27 6.80 -5.70 9.50
CA GLY A 27 6.71 -5.03 10.79
C GLY A 27 5.66 -5.63 11.71
N SER A 28 5.65 -5.16 12.95
CA SER A 28 4.72 -5.63 13.97
C SER A 28 3.68 -4.56 14.31
N VAL A 29 2.71 -4.95 15.13
CA VAL A 29 1.65 -4.05 15.58
C VAL A 29 1.79 -3.78 17.08
N ASP A 30 1.47 -4.77 17.90
CA ASP A 30 1.60 -4.64 19.35
C ASP A 30 2.94 -5.18 19.83
N GLY A 31 3.96 -5.02 18.99
CA GLY A 31 5.28 -5.52 19.33
C GLY A 31 5.56 -6.88 18.70
N GLU A 32 4.51 -7.49 18.16
CA GLU A 32 4.63 -8.80 17.52
C GLU A 32 3.92 -8.79 16.17
N GLU A 33 4.69 -9.04 15.10
CA GLU A 33 4.17 -9.04 13.75
C GLU A 33 3.04 -10.05 13.63
N PHE A 34 1.86 -9.54 13.29
CA PHE A 34 0.67 -10.36 13.16
C PHE A 34 0.58 -11.03 11.78
N GLU A 35 -0.59 -10.96 11.17
CA GLU A 35 -0.81 -11.54 9.85
C GLU A 35 -0.06 -10.76 8.78
N GLY A 36 -0.32 -9.45 8.72
CA GLY A 36 0.35 -8.60 7.76
C GLY A 36 1.73 -8.17 8.19
N GLY A 37 2.26 -8.82 9.22
CA GLY A 37 3.57 -8.49 9.72
C GLY A 37 4.66 -8.61 8.67
N LYS A 38 4.35 -9.22 7.53
CA LYS A 38 5.32 -9.37 6.46
C LYS A 38 4.64 -9.34 5.09
N ALA A 39 5.07 -8.41 4.26
CA ALA A 39 4.53 -8.27 2.92
C ALA A 39 5.66 -8.11 1.91
N SER A 40 5.49 -8.69 0.74
CA SER A 40 6.50 -8.61 -0.30
C SER A 40 5.98 -7.80 -1.49
N ASP A 41 4.89 -8.26 -2.07
CA ASP A 41 4.24 -7.57 -3.17
C ASP A 41 3.02 -6.85 -2.64
N PHE A 42 3.22 -5.80 -1.87
CA PHE A 42 2.10 -5.06 -1.32
C PHE A 42 1.70 -3.94 -2.26
N VAL A 43 0.55 -4.10 -2.90
CA VAL A 43 0.03 -3.12 -3.83
C VAL A 43 -0.72 -2.01 -3.09
N LEU A 44 -0.02 -0.90 -2.85
CA LEU A 44 -0.60 0.23 -2.14
C LEU A 44 -1.28 1.19 -3.11
N ALA A 45 -2.49 1.61 -2.77
CA ALA A 45 -3.26 2.53 -3.59
C ALA A 45 -3.10 3.97 -3.09
N MET A 46 -2.32 4.77 -3.80
CA MET A 46 -2.12 6.16 -3.41
C MET A 46 -3.38 6.97 -3.66
N GLY A 47 -4.31 6.89 -2.71
CA GLY A 47 -5.57 7.61 -2.81
C GLY A 47 -6.73 6.71 -3.17
N GLN A 48 -7.10 5.85 -2.23
CA GLN A 48 -8.22 4.93 -2.43
C GLN A 48 -9.25 5.09 -1.32
N GLY A 49 -8.88 4.67 -0.12
CA GLY A 49 -9.78 4.79 1.02
C GLY A 49 -9.43 5.99 1.88
N ARG A 50 -8.17 6.04 2.31
CA ARG A 50 -7.67 7.13 3.15
C ARG A 50 -6.22 6.88 3.53
N MET A 51 -5.32 7.01 2.57
CA MET A 51 -3.91 6.79 2.81
C MET A 51 -3.44 7.56 4.05
N ILE A 52 -3.06 6.82 5.09
CA ILE A 52 -2.59 7.41 6.33
C ILE A 52 -1.23 8.09 6.13
N PRO A 53 -0.84 8.98 7.07
CA PRO A 53 0.44 9.68 6.98
C PRO A 53 1.63 8.72 7.02
N GLY A 54 1.37 7.48 7.40
CA GLY A 54 2.43 6.48 7.46
C GLY A 54 2.81 5.97 6.09
N PHE A 55 1.86 5.33 5.43
CA PHE A 55 2.07 4.80 4.10
C PHE A 55 2.26 5.94 3.11
N GLU A 56 1.42 6.96 3.23
CA GLU A 56 1.49 8.11 2.37
C GLU A 56 2.84 8.82 2.51
N ASP A 57 3.58 8.49 3.56
CA ASP A 57 4.88 9.10 3.79
C ASP A 57 5.94 8.46 2.90
N GLY A 58 6.34 7.24 3.23
CA GLY A 58 7.37 6.56 2.46
C GLY A 58 6.85 6.06 1.13
N ILE A 59 5.72 5.39 1.17
CA ILE A 59 5.09 4.85 -0.01
C ILE A 59 4.39 5.93 -0.80
N LYS A 60 5.04 7.08 -0.83
CA LYS A 60 4.55 8.21 -1.61
C LYS A 60 4.30 7.67 -3.01
N GLY A 61 5.35 7.05 -3.53
CA GLY A 61 5.34 6.50 -4.88
C GLY A 61 6.23 7.31 -5.76
N HIS A 62 7.39 7.64 -5.20
CA HIS A 62 8.38 8.44 -5.92
C HIS A 62 9.74 7.76 -5.99
N LYS A 63 9.94 6.72 -5.19
CA LYS A 63 11.21 6.00 -5.18
C LYS A 63 10.99 4.55 -5.62
N ALA A 64 10.90 4.33 -6.92
CA ALA A 64 10.71 2.99 -7.48
C ALA A 64 11.88 2.08 -7.10
N GLY A 65 11.70 1.29 -6.04
CA GLY A 65 12.75 0.38 -5.60
C GLY A 65 13.50 0.90 -4.39
N GLU A 66 12.78 1.54 -3.48
CA GLU A 66 13.37 2.12 -2.28
C GLU A 66 13.21 1.21 -1.06
N GLU A 67 13.94 1.56 0.00
CA GLU A 67 13.89 0.84 1.26
C GLU A 67 13.81 1.83 2.41
N PHE A 68 12.64 1.97 3.02
CA PHE A 68 12.46 2.92 4.11
C PHE A 68 11.64 2.32 5.25
N THR A 69 11.65 3.00 6.40
CA THR A 69 10.92 2.55 7.57
C THR A 69 9.95 3.62 8.06
N ILE A 70 8.65 3.33 7.97
CA ILE A 70 7.63 4.27 8.42
C ILE A 70 6.64 3.59 9.34
N ASP A 71 5.86 4.39 10.06
CA ASP A 71 4.84 3.87 10.96
C ASP A 71 3.50 3.86 10.24
N VAL A 72 2.61 2.95 10.60
CA VAL A 72 1.30 2.88 9.98
C VAL A 72 0.26 2.42 11.00
N THR A 73 -0.87 3.11 11.05
CA THR A 73 -1.95 2.77 11.95
C THR A 73 -3.27 3.13 11.29
N PHE A 74 -4.17 2.16 11.18
CA PHE A 74 -5.45 2.39 10.54
C PHE A 74 -6.46 2.98 11.53
N PRO A 75 -7.15 4.07 11.14
CA PRO A 75 -8.14 4.74 11.99
C PRO A 75 -9.40 3.90 12.17
N GLU A 76 -10.29 4.39 13.03
CA GLU A 76 -11.56 3.70 13.30
C GLU A 76 -12.50 3.76 12.11
N GLU A 77 -12.19 4.61 11.14
CA GLU A 77 -13.02 4.76 9.95
C GLU A 77 -12.63 3.74 8.88
N TYR A 78 -11.36 3.36 8.85
CA TYR A 78 -10.88 2.38 7.88
C TYR A 78 -11.42 0.99 8.22
N HIS A 79 -10.93 0.44 9.33
CA HIS A 79 -11.34 -0.87 9.82
C HIS A 79 -11.68 -1.86 8.70
N ALA A 80 -10.65 -2.45 8.09
CA ALA A 80 -10.86 -3.44 7.03
C ALA A 80 -11.00 -4.84 7.62
N GLU A 81 -11.81 -5.66 6.97
CA GLU A 81 -12.05 -7.04 7.44
C GLU A 81 -10.77 -7.80 7.77
N ASN A 82 -9.65 -7.44 7.13
CA ASN A 82 -8.40 -8.16 7.36
C ASN A 82 -7.49 -7.52 8.41
N LEU A 83 -7.41 -6.19 8.43
CA LEU A 83 -6.52 -5.50 9.39
C LEU A 83 -7.19 -4.32 10.10
N LYS A 84 -8.51 -4.28 10.06
CA LYS A 84 -9.27 -3.21 10.71
C LYS A 84 -8.58 -2.66 11.97
N GLY A 85 -8.42 -1.34 12.02
CA GLY A 85 -7.78 -0.69 13.16
C GLY A 85 -6.49 -1.34 13.59
N LYS A 86 -5.54 -1.47 12.66
CA LYS A 86 -4.25 -2.08 12.96
C LYS A 86 -3.17 -1.02 13.21
N ALA A 87 -3.08 -0.55 14.45
CA ALA A 87 -2.06 0.43 14.80
C ALA A 87 -0.73 -0.29 14.93
N ALA A 88 0.06 -0.26 13.85
CA ALA A 88 1.34 -0.97 13.85
C ALA A 88 2.51 -0.15 13.32
N LYS A 89 3.63 -0.84 13.12
CA LYS A 89 4.86 -0.25 12.60
C LYS A 89 5.42 -1.19 11.54
N PHE A 90 5.92 -0.65 10.43
CA PHE A 90 6.53 -1.48 9.40
C PHE A 90 7.79 -0.83 8.82
N ALA A 91 8.56 -1.63 8.09
CA ALA A 91 9.75 -1.17 7.39
C ALA A 91 9.53 -1.59 5.95
N ILE A 92 9.19 -0.63 5.13
CA ILE A 92 8.82 -0.89 3.75
C ILE A 92 9.93 -0.66 2.72
N ASN A 93 9.72 -1.24 1.54
CA ASN A 93 10.62 -1.10 0.40
C ASN A 93 9.81 -0.81 -0.86
N LEU A 94 9.82 0.43 -1.32
CA LEU A 94 9.06 0.81 -2.51
C LEU A 94 9.63 0.15 -3.77
N LYS A 95 8.78 -0.05 -4.76
CA LYS A 95 9.21 -0.68 -6.01
C LYS A 95 8.40 -0.15 -7.20
N LYS A 96 7.49 -0.97 -7.73
CA LYS A 96 6.72 -0.57 -8.90
C LYS A 96 5.63 0.43 -8.55
N VAL A 97 5.88 1.69 -8.90
CA VAL A 97 4.92 2.77 -8.67
C VAL A 97 4.39 3.26 -10.02
N GLU A 98 3.14 2.88 -10.33
CA GLU A 98 2.51 3.27 -11.58
C GLU A 98 1.18 3.98 -11.34
N GLU A 99 0.61 4.56 -12.40
CA GLU A 99 -0.66 5.29 -12.29
C GLU A 99 -1.87 4.44 -12.62
N ARG A 100 -2.39 3.74 -11.61
CA ARG A 100 -3.56 2.89 -11.78
C ARG A 100 -4.80 3.76 -11.99
N GLU A 101 -5.85 3.16 -12.55
CA GLU A 101 -7.10 3.86 -12.78
C GLU A 101 -8.23 2.90 -13.08
N LEU A 102 -8.61 2.12 -12.07
CA LEU A 102 -9.67 1.14 -12.22
C LEU A 102 -11.03 1.84 -12.27
N PRO A 103 -11.93 1.39 -13.17
CA PRO A 103 -13.26 1.97 -13.31
C PRO A 103 -14.17 1.66 -12.11
N GLU A 104 -14.59 2.69 -11.41
CA GLU A 104 -15.46 2.52 -10.25
C GLU A 104 -16.86 2.07 -10.67
N LEU A 105 -17.54 2.92 -11.43
CA LEU A 105 -18.88 2.61 -11.90
C LEU A 105 -18.83 1.82 -13.20
N THR A 106 -19.19 0.54 -13.13
CA THR A 106 -19.19 -0.32 -14.30
C THR A 106 -20.62 -0.61 -14.77
N GLY A 1 -16.70 -16.94 -5.72
CA GLY A 1 -15.75 -16.08 -6.49
C GLY A 1 -16.43 -15.40 -7.67
N SER A 2 -15.65 -14.63 -8.43
CA SER A 2 -16.18 -13.92 -9.58
C SER A 2 -15.05 -13.52 -10.54
N HIS A 3 -13.98 -12.97 -9.98
CA HIS A 3 -12.83 -12.56 -10.78
C HIS A 3 -11.53 -12.96 -10.11
N MET A 4 -10.56 -13.38 -10.91
CA MET A 4 -9.26 -13.81 -10.39
C MET A 4 -8.12 -13.05 -11.04
N GLN A 5 -8.16 -12.90 -12.36
CA GLN A 5 -7.12 -12.19 -13.09
C GLN A 5 -7.34 -10.69 -13.03
N ALA A 6 -6.54 -10.01 -12.21
CA ALA A 6 -6.64 -8.57 -12.06
C ALA A 6 -6.16 -7.85 -13.32
N THR A 7 -6.76 -6.71 -13.60
CA THR A 7 -6.42 -5.92 -14.77
C THR A 7 -5.90 -4.53 -14.36
N TRP A 8 -4.97 -4.00 -15.14
CA TRP A 8 -4.41 -2.68 -14.86
C TRP A 8 -4.12 -1.92 -16.15
N LYS A 9 -3.91 -0.62 -16.01
CA LYS A 9 -3.60 0.25 -17.14
C LYS A 9 -2.66 1.36 -16.72
N GLU A 10 -1.96 1.12 -15.61
CA GLU A 10 -1.04 2.11 -15.07
C GLU A 10 0.21 2.25 -15.91
N LYS A 11 0.65 3.49 -16.10
CA LYS A 11 1.83 3.81 -16.89
C LYS A 11 3.09 3.27 -16.21
N ASP A 12 4.25 3.89 -16.48
CA ASP A 12 5.50 3.45 -15.89
C ASP A 12 6.28 4.62 -15.28
N GLY A 13 5.57 5.68 -14.91
CA GLY A 13 6.22 6.84 -14.32
C GLY A 13 6.09 6.87 -12.80
N ALA A 14 6.28 8.05 -12.23
CA ALA A 14 6.21 8.22 -10.78
C ALA A 14 4.77 8.08 -10.26
N VAL A 15 4.59 8.37 -8.98
CA VAL A 15 3.26 8.34 -8.36
C VAL A 15 2.39 9.46 -8.90
N GLU A 16 1.08 9.23 -8.96
CA GLU A 16 0.15 10.24 -9.40
C GLU A 16 -1.08 10.27 -8.47
N ALA A 17 -1.84 11.35 -8.56
CA ALA A 17 -3.02 11.57 -7.70
C ALA A 17 -3.54 10.25 -7.09
N GLU A 18 -4.19 9.41 -7.88
CA GLU A 18 -4.73 8.15 -7.36
C GLU A 18 -4.10 6.93 -8.04
N ASP A 19 -2.84 6.67 -7.71
CA ASP A 19 -2.10 5.55 -8.30
C ASP A 19 -2.03 4.33 -7.38
N ARG A 20 -1.24 3.34 -7.79
CA ARG A 20 -1.05 2.11 -7.02
C ARG A 20 0.41 1.64 -7.12
N VAL A 21 1.13 1.65 -5.99
CA VAL A 21 2.53 1.22 -5.94
C VAL A 21 2.66 -0.25 -5.55
N THR A 22 3.87 -0.80 -5.70
CA THR A 22 4.14 -2.17 -5.29
C THR A 22 5.27 -2.14 -4.28
N ILE A 23 4.98 -2.50 -3.03
CA ILE A 23 5.99 -2.46 -1.98
C ILE A 23 6.07 -3.76 -1.16
N ASP A 24 7.25 -4.00 -0.60
CA ASP A 24 7.50 -5.16 0.27
C ASP A 24 7.93 -4.64 1.64
N PHE A 25 7.24 -5.04 2.70
CA PHE A 25 7.59 -4.55 4.03
C PHE A 25 7.45 -5.61 5.11
N THR A 26 7.98 -5.28 6.30
CA THR A 26 7.93 -6.18 7.44
C THR A 26 7.89 -5.39 8.76
N GLY A 27 6.80 -5.53 9.50
CA GLY A 27 6.66 -4.83 10.76
C GLY A 27 5.62 -5.43 11.67
N SER A 28 5.69 -5.09 12.95
CA SER A 28 4.74 -5.59 13.95
C SER A 28 3.78 -4.50 14.40
N VAL A 29 2.81 -4.88 15.22
CA VAL A 29 1.83 -3.93 15.74
C VAL A 29 2.05 -3.69 17.23
N ASP A 30 1.66 -4.63 18.08
CA ASP A 30 1.83 -4.50 19.51
C ASP A 30 3.12 -5.20 19.95
N GLY A 31 4.14 -5.13 19.10
CA GLY A 31 5.40 -5.79 19.41
C GLY A 31 5.52 -7.17 18.80
N GLU A 32 4.42 -7.65 18.21
CA GLU A 32 4.41 -8.96 17.58
C GLU A 32 3.78 -8.90 16.19
N GLU A 33 4.60 -9.12 15.17
CA GLU A 33 4.15 -9.07 13.79
C GLU A 33 3.03 -10.05 13.56
N PHE A 34 1.89 -9.52 13.16
CA PHE A 34 0.68 -10.32 12.92
C PHE A 34 0.67 -10.98 11.53
N GLU A 35 -0.48 -10.94 10.88
CA GLU A 35 -0.63 -11.51 9.54
C GLU A 35 0.11 -10.65 8.52
N GLY A 36 -0.21 -9.35 8.51
CA GLY A 36 0.45 -8.44 7.60
C GLY A 36 1.80 -7.99 8.10
N GLY A 37 2.31 -8.67 9.13
CA GLY A 37 3.60 -8.32 9.67
C GLY A 37 4.72 -8.42 8.65
N LYS A 38 4.42 -9.01 7.50
CA LYS A 38 5.41 -9.16 6.44
C LYS A 38 4.71 -9.22 5.08
N ALA A 39 5.10 -8.31 4.20
CA ALA A 39 4.53 -8.25 2.86
C ALA A 39 5.63 -8.11 1.82
N SER A 40 5.41 -8.71 0.65
CA SER A 40 6.39 -8.65 -0.43
C SER A 40 5.85 -7.85 -1.60
N ASP A 41 4.74 -8.31 -2.16
CA ASP A 41 4.09 -7.63 -3.25
C ASP A 41 2.88 -6.89 -2.72
N PHE A 42 3.11 -5.82 -1.96
CA PHE A 42 2.01 -5.06 -1.41
C PHE A 42 1.57 -4.00 -2.40
N VAL A 43 0.35 -4.14 -2.91
CA VAL A 43 -0.18 -3.19 -3.87
C VAL A 43 -0.90 -2.07 -3.15
N LEU A 44 -0.18 -0.97 -2.92
CA LEU A 44 -0.76 0.18 -2.23
C LEU A 44 -1.40 1.14 -3.21
N ALA A 45 -2.62 1.55 -2.90
CA ALA A 45 -3.35 2.49 -3.74
C ALA A 45 -3.17 3.91 -3.22
N MET A 46 -2.34 4.69 -3.90
CA MET A 46 -2.07 6.07 -3.49
C MET A 46 -3.28 6.96 -3.68
N GLY A 47 -4.15 7.00 -2.67
CA GLY A 47 -5.34 7.82 -2.73
C GLY A 47 -6.58 7.02 -3.08
N GLN A 48 -6.84 5.97 -2.30
CA GLN A 48 -8.00 5.13 -2.52
C GLN A 48 -8.74 4.90 -1.20
N GLY A 49 -8.09 4.17 -0.30
CA GLY A 49 -8.67 3.90 0.99
C GLY A 49 -8.11 4.82 2.06
N ARG A 50 -8.40 6.12 1.94
CA ARG A 50 -7.91 7.12 2.88
C ARG A 50 -6.47 6.84 3.32
N MET A 51 -5.53 6.97 2.38
CA MET A 51 -4.13 6.74 2.66
C MET A 51 -3.69 7.49 3.91
N ILE A 52 -3.34 6.74 4.96
CA ILE A 52 -2.90 7.34 6.22
C ILE A 52 -1.54 8.02 6.04
N PRO A 53 -1.16 8.91 6.97
CA PRO A 53 0.13 9.61 6.90
C PRO A 53 1.30 8.63 6.91
N GLY A 54 1.04 7.41 7.37
CA GLY A 54 2.07 6.39 7.43
C GLY A 54 2.50 5.93 6.05
N PHE A 55 1.57 5.36 5.29
CA PHE A 55 1.86 4.88 3.96
C PHE A 55 2.07 6.05 3.02
N GLU A 56 1.18 7.03 3.10
CA GLU A 56 1.25 8.22 2.26
C GLU A 56 2.63 8.85 2.34
N ASP A 57 3.35 8.60 3.43
CA ASP A 57 4.68 9.16 3.62
C ASP A 57 5.73 8.37 2.85
N GLY A 58 6.09 7.19 3.36
CA GLY A 58 7.11 6.39 2.72
C GLY A 58 6.68 5.93 1.34
N ILE A 59 5.55 5.24 1.29
CA ILE A 59 5.00 4.73 0.05
C ILE A 59 4.31 5.83 -0.73
N LYS A 60 4.95 7.00 -0.72
CA LYS A 60 4.47 8.13 -1.48
C LYS A 60 4.26 7.61 -2.91
N GLY A 61 5.32 6.99 -3.42
CA GLY A 61 5.34 6.46 -4.77
C GLY A 61 6.26 7.28 -5.63
N HIS A 62 7.38 7.66 -5.02
CA HIS A 62 8.38 8.48 -5.71
C HIS A 62 9.77 7.83 -5.68
N LYS A 63 9.82 6.54 -5.40
CA LYS A 63 11.09 5.83 -5.35
C LYS A 63 10.93 4.38 -5.82
N ALA A 64 10.91 4.20 -7.14
CA ALA A 64 10.78 2.86 -7.71
C ALA A 64 11.94 1.96 -7.28
N GLY A 65 11.74 1.20 -6.20
CA GLY A 65 12.79 0.30 -5.73
C GLY A 65 13.52 0.82 -4.50
N GLU A 66 12.77 1.45 -3.60
CA GLU A 66 13.35 2.02 -2.38
C GLU A 66 13.18 1.11 -1.18
N GLU A 67 13.89 1.44 -0.10
CA GLU A 67 13.82 0.71 1.16
C GLU A 67 13.72 1.68 2.32
N PHE A 68 12.51 1.87 2.84
CA PHE A 68 12.28 2.82 3.94
C PHE A 68 11.40 2.21 5.04
N THR A 69 11.37 2.88 6.18
CA THR A 69 10.57 2.42 7.31
C THR A 69 9.61 3.51 7.78
N ILE A 70 8.32 3.20 7.86
CA ILE A 70 7.35 4.18 8.30
C ILE A 70 6.39 3.60 9.32
N ASP A 71 5.65 4.49 9.97
CA ASP A 71 4.67 4.07 10.95
C ASP A 71 3.31 3.95 10.27
N VAL A 72 2.48 3.02 10.73
CA VAL A 72 1.16 2.85 10.14
C VAL A 72 0.14 2.47 11.19
N THR A 73 -0.99 3.16 11.19
CA THR A 73 -2.06 2.88 12.13
C THR A 73 -3.38 3.25 11.48
N PHE A 74 -4.29 2.29 11.39
CA PHE A 74 -5.57 2.54 10.76
C PHE A 74 -6.58 3.13 11.75
N PRO A 75 -7.29 4.19 11.33
CA PRO A 75 -8.29 4.85 12.18
C PRO A 75 -9.50 3.98 12.48
N GLU A 76 -10.45 4.54 13.21
CA GLU A 76 -11.67 3.83 13.58
C GLU A 76 -12.64 3.79 12.40
N GLU A 77 -12.39 4.60 11.38
CA GLU A 77 -13.26 4.65 10.21
C GLU A 77 -12.85 3.59 9.17
N TYR A 78 -11.56 3.30 9.09
CA TYR A 78 -11.06 2.30 8.16
C TYR A 78 -11.57 0.91 8.52
N HIS A 79 -11.05 0.38 9.61
CA HIS A 79 -11.44 -0.93 10.11
C HIS A 79 -11.70 -1.95 9.01
N ALA A 80 -10.62 -2.46 8.41
CA ALA A 80 -10.73 -3.46 7.35
C ALA A 80 -10.88 -4.86 7.93
N GLU A 81 -11.63 -5.71 7.25
CA GLU A 81 -11.87 -7.08 7.71
C GLU A 81 -10.59 -7.82 8.10
N ASN A 82 -9.47 -7.49 7.45
CA ASN A 82 -8.21 -8.17 7.74
C ASN A 82 -7.32 -7.46 8.76
N LEU A 83 -7.30 -6.12 8.75
CA LEU A 83 -6.43 -5.37 9.65
C LEU A 83 -7.13 -4.21 10.35
N LYS A 84 -8.45 -4.23 10.35
CA LYS A 84 -9.25 -3.16 10.98
C LYS A 84 -8.59 -2.58 12.23
N GLY A 85 -8.43 -1.25 12.22
CA GLY A 85 -7.82 -0.56 13.35
C GLY A 85 -6.51 -1.17 13.80
N LYS A 86 -5.58 -1.33 12.87
CA LYS A 86 -4.28 -1.91 13.20
C LYS A 86 -3.20 -0.85 13.38
N ALA A 87 -2.97 -0.45 14.63
CA ALA A 87 -1.94 0.53 14.93
C ALA A 87 -0.60 -0.19 15.03
N ALA A 88 0.14 -0.22 13.91
CA ALA A 88 1.41 -0.94 13.89
C ALA A 88 2.57 -0.12 13.32
N LYS A 89 3.69 -0.82 13.19
CA LYS A 89 4.92 -0.26 12.64
C LYS A 89 5.35 -1.13 11.47
N PHE A 90 5.80 -0.52 10.38
CA PHE A 90 6.27 -1.28 9.22
C PHE A 90 7.56 -0.72 8.64
N ALA A 91 8.32 -1.58 7.99
CA ALA A 91 9.53 -1.18 7.31
C ALA A 91 9.37 -1.64 5.87
N ILE A 92 9.07 -0.69 4.99
CA ILE A 92 8.75 -1.00 3.62
C ILE A 92 9.87 -0.72 2.61
N ASN A 93 9.71 -1.31 1.43
CA ASN A 93 10.64 -1.13 0.33
C ASN A 93 9.85 -0.91 -0.96
N LEU A 94 9.81 0.33 -1.42
CA LEU A 94 9.06 0.68 -2.63
C LEU A 94 9.64 0.01 -3.88
N LYS A 95 8.78 -0.18 -4.88
CA LYS A 95 9.21 -0.80 -6.13
C LYS A 95 8.39 -0.25 -7.31
N LYS A 96 7.46 -1.04 -7.83
CA LYS A 96 6.69 -0.63 -8.99
C LYS A 96 5.61 0.39 -8.64
N VAL A 97 5.88 1.65 -8.96
CA VAL A 97 4.94 2.74 -8.73
C VAL A 97 4.43 3.27 -10.07
N GLU A 98 3.18 2.95 -10.41
CA GLU A 98 2.61 3.38 -11.68
C GLU A 98 1.35 4.21 -11.47
N GLU A 99 0.62 4.52 -12.56
CA GLU A 99 -0.60 5.32 -12.49
C GLU A 99 -1.83 4.51 -12.88
N ARG A 100 -2.41 3.84 -11.90
CA ARG A 100 -3.61 3.03 -12.12
C ARG A 100 -4.82 3.93 -12.38
N GLU A 101 -5.79 3.40 -13.10
CA GLU A 101 -7.02 4.14 -13.43
C GLU A 101 -8.06 3.22 -14.04
N LEU A 102 -8.52 2.25 -13.26
CA LEU A 102 -9.52 1.29 -13.72
C LEU A 102 -10.91 1.93 -13.79
N PRO A 103 -11.40 2.51 -12.69
CA PRO A 103 -12.72 3.15 -12.65
C PRO A 103 -12.76 4.45 -13.44
N GLU A 104 -13.64 4.50 -14.43
CA GLU A 104 -13.78 5.70 -15.26
C GLU A 104 -14.95 6.55 -14.79
N LEU A 105 -16.15 5.97 -14.82
CA LEU A 105 -17.34 6.69 -14.39
C LEU A 105 -17.62 6.45 -12.91
N THR A 106 -17.05 7.29 -12.06
CA THR A 106 -17.24 7.17 -10.62
C THR A 106 -17.90 8.43 -10.05
#